data_4HYT
#
_entry.id   4HYT
#
_cell.length_a   117.470
_cell.length_b   118.080
_cell.length_c   494.660
_cell.angle_alpha   90.00
_cell.angle_beta   90.00
_cell.angle_gamma   90.00
#
_symmetry.space_group_name_H-M   'P 21 21 21'
#
loop_
_entity.id
_entity.type
_entity.pdbx_description
1 polymer 'Sodium/potassium-transporting ATPase subunit alpha-1'
2 polymer 'Sodium/potassium-transporting ATPase subunit beta-1'
3 polymer 'Na+/K+ ATPase gamma subunit transcript variant a'
4 branched 2-acetamido-2-deoxy-beta-D-glucopyranose-(1-4)-2-acetamido-2-deoxy-beta-D-glucopyranose
5 non-polymer 'MAGNESIUM ION'
6 non-polymer OUABAIN
7 non-polymer CHOLESTEROL
8 non-polymer 'beta-D-fructofuranosyl 6-O-decanoyl-alpha-D-glucopyranoside'
9 non-polymer '1-O-decanoyl-beta-D-tagatofuranosyl beta-D-allopyranoside'
10 non-polymer O-[(S)-({(2R)-2,3-bis[(9Z)-octadec-9-enoyloxy]propyl}oxy)(hydroxy)phosphoryl]-L-serine
11 non-polymer 'O-DODECANYL OCTAETHYLENE GLYCOL'
12 non-polymer 2-acetamido-2-deoxy-beta-D-glucopyranose
13 water water
#
loop_
_entity_poly.entity_id
_entity_poly.type
_entity_poly.pdbx_seq_one_letter_code
_entity_poly.pdbx_strand_id
1 'polypeptide(L)'
;MGKGVGRDKYEPAAVSEHGDKKKAKKERDMDELKKEVSMDDHKLSLDELHRKYGTDLSRGLTPARAAEILARDGPNALTP
PPTTPEWVKFCRQLFGGFSMLLWIGAILCFLAYGIQAATEEEPQNDNLYLGVVLSAVVIITGCFSYYQEAKSSKIMESFK
NMVPQQALVIRNGEKMSINAEEVVVGDLVEVKGGDRIPADLRIISANGCKVDNSSLTGESEPQTRSPDFTNENPLETRNI
AFFSTNCVEGTARGIVVYTGDRTVMGRIATLASGLEGGQTPIAAEIEHFIHIITGVAVFLGVSFFILSLILEYTWLEAVI
FLIGIIVANVPEGLLATVTVCLTLTAKRMARKNCLVKNLEAVETLGSTSTICS(PHD)KTGTLTQNRMTVAHMWSDNQIH
EADTTENQSGVSFDKTSATWLALSRIAGLCNRAVFQANQENLPILKRAVAGDASESALLKCIELCCGSVKEMRERYTKIV
EIPFNSTNKYQLSIHKNPNTAEPRHLLVMKGAPERILDRCSSILIHGKEQPLDEELKDAFQNAYLELGGLGERVLGFCHL
FLPDEQFPEGFQFDTDDVNFPLDNLCFVGLISMIDPPRAAVPDAVGKCRSAGIKVIMVTGDHPITAKAIAKGVGIISEGN
ETVEDIAARLNIPVSQVNPRDAKACVVHGSDLKDMTSEQLDDILKYHTEIVFARTSPQQKLIIVEGCQRQGAIVAVTGDG
VNDSPASKKADIGVAMGIAGSDVSKQAADMILLDDNFASIVTGVEEGRLIFDNLKKSIAYTLTSNIPEITPFLIFIIANI
PLPLGTVTILCIDLGTDMVPAISLAYEQAESDIMKRQPRNPKTDKLVNEQLISMAYGQIGMIQALGGFFTYFVILAENGF
LPIHLLGLRVNWDDRWINDVEDSYGQQWTYEQRKIVEFTCHTPFFVTIVVVQWADLVICKTRRNSVFQQGMKNKILIFGL
FEETALAAFLSYCPGMGVALRMYPLKPTWWFCAFPYSLLIFVYDEVRKLIIRRRPGGWVEKETYY
;
A,C
2 'polypeptide(L)'
;MARGKAKEEGSWKKFIWNSEKKEFLGRTGGSWFKILLFYVIFYGCLAGIFIGTIQVMLLTISEFKPTYQDRVAPPGLTQI
PQSQKTEISFRPNDPQSYESYVVSIVRFLEKYKDLAQKDDMIFEDCGNVPSELKERGEYNNERGERKVCRFRLEWLGNCS
GLNDETYGYKDGKPCVIIKLNRVLGFKPKPPKNESLETYPVMKYNPYVLPVHCTGKRDEDKEKVGTMEYFGLGGYPGFPL
QYYPYYGKLLQPKYLQPLMAVQFTNLTMDTEIRIECKAYGENIGYSEKDRFQGRFDVKIEVKS
;
B,D
3 'polypeptide(L)' MAGLSTDDGGSPKGDVDPFYYDYETVRNGGLIFAALAFIVGLIIILSKRLRCGGKKHRPINEDEL G,E
#
# COMPACT_ATOMS: atom_id res chain seq x y z
N LYS A 26 28.01 9.96 -63.08
CA LYS A 26 27.99 11.39 -63.35
C LYS A 26 26.62 11.98 -62.98
N GLU A 27 25.96 11.40 -61.98
CA GLU A 27 24.63 11.88 -61.62
C GLU A 27 24.67 13.15 -60.77
N ARG A 28 25.82 13.43 -60.19
CA ARG A 28 26.05 14.71 -59.51
C ARG A 28 25.66 15.81 -60.47
N ASP A 29 26.29 15.80 -61.65
CA ASP A 29 26.05 16.78 -62.69
C ASP A 29 24.57 16.85 -63.06
N MET A 30 23.92 15.70 -63.12
CA MET A 30 22.50 15.66 -63.48
C MET A 30 21.69 16.52 -62.50
N ASP A 31 21.86 16.25 -61.20
CA ASP A 31 21.18 17.04 -60.19
C ASP A 31 21.64 18.50 -60.19
N GLU A 32 22.89 18.73 -60.61
CA GLU A 32 23.42 20.08 -60.72
C GLU A 32 22.67 20.87 -61.78
N LEU A 33 22.21 20.18 -62.82
CA LEU A 33 21.41 20.83 -63.84
C LEU A 33 19.94 20.88 -63.42
N LYS A 34 19.60 20.09 -62.41
CA LYS A 34 18.24 20.13 -61.88
C LYS A 34 17.96 21.20 -60.82
N LYS A 35 19.01 21.69 -60.17
CA LYS A 35 18.85 22.73 -59.15
C LYS A 35 18.92 24.11 -59.80
N GLU A 36 19.15 24.12 -61.11
CA GLU A 36 19.17 25.36 -61.89
C GLU A 36 17.79 25.63 -62.47
N VAL A 37 17.35 26.87 -62.40
CA VAL A 37 16.05 27.24 -62.95
C VAL A 37 16.08 27.13 -64.48
N SER A 38 14.92 26.98 -65.10
CA SER A 38 14.83 26.50 -66.48
C SER A 38 15.02 27.54 -67.60
N MET A 39 15.02 27.06 -68.84
CA MET A 39 15.04 27.91 -70.02
C MET A 39 13.96 27.47 -71.01
N ASP A 40 13.82 28.21 -72.11
CA ASP A 40 12.86 27.83 -73.16
C ASP A 40 13.04 28.53 -74.51
N ASP A 41 12.26 28.07 -75.49
CA ASP A 41 12.20 28.65 -76.83
C ASP A 41 10.97 29.53 -77.04
N HIS A 42 10.22 29.76 -75.97
CA HIS A 42 8.87 30.33 -76.03
C HIS A 42 8.69 31.60 -76.85
N LYS A 43 9.75 32.38 -77.00
CA LYS A 43 9.63 33.62 -77.73
C LYS A 43 10.15 33.38 -79.14
N LEU A 44 9.20 33.16 -80.05
CA LEU A 44 9.51 32.81 -81.43
C LEU A 44 8.34 33.23 -82.30
N SER A 45 8.62 33.65 -83.52
CA SER A 45 7.54 33.85 -84.47
C SER A 45 6.99 32.47 -84.71
N LEU A 46 5.67 32.36 -84.81
CA LEU A 46 5.02 31.08 -85.02
C LEU A 46 5.60 30.41 -86.26
N ASP A 47 5.92 31.25 -87.25
CA ASP A 47 6.65 30.83 -88.43
C ASP A 47 7.92 30.10 -88.02
N GLU A 48 8.72 30.74 -87.17
CA GLU A 48 9.99 30.16 -86.72
C GLU A 48 9.78 28.98 -85.78
N LEU A 49 8.71 29.03 -84.98
CA LEU A 49 8.35 27.94 -84.09
C LEU A 49 8.16 26.65 -84.89
N HIS A 50 7.23 26.70 -85.83
CA HIS A 50 6.91 25.51 -86.62
C HIS A 50 8.07 25.14 -87.52
N ARG A 51 8.79 26.16 -88.00
CA ARG A 51 9.97 25.93 -88.82
C ARG A 51 10.93 25.04 -88.04
N LYS A 52 11.05 25.32 -86.74
CA LYS A 52 11.93 24.55 -85.86
C LYS A 52 11.39 23.17 -85.56
N TYR A 53 10.10 23.09 -85.22
CA TYR A 53 9.51 21.83 -84.77
C TYR A 53 9.00 20.95 -85.92
N GLY A 54 9.03 21.48 -87.14
CA GLY A 54 8.60 20.74 -88.31
C GLY A 54 7.14 20.35 -88.25
N THR A 55 6.27 21.34 -88.10
CA THR A 55 4.85 21.08 -87.86
C THR A 55 3.96 22.11 -88.53
N ASP A 56 2.73 21.72 -88.88
CA ASP A 56 1.73 22.67 -89.35
C ASP A 56 0.92 23.19 -88.17
N LEU A 57 0.69 24.50 -88.14
CA LEU A 57 0.01 25.13 -86.99
C LEU A 57 -1.50 24.93 -87.04
N SER A 58 -2.07 24.91 -88.24
CA SER A 58 -3.49 24.63 -88.41
C SER A 58 -3.78 23.15 -88.40
N ARG A 59 -2.91 22.37 -89.02
CA ARG A 59 -3.15 20.94 -89.23
C ARG A 59 -2.44 19.98 -88.27
N GLY A 60 -1.62 20.50 -87.37
CA GLY A 60 -0.80 19.63 -86.53
C GLY A 60 0.23 18.91 -87.39
N LEU A 61 0.54 17.67 -87.03
CA LEU A 61 1.44 16.86 -87.87
C LEU A 61 0.80 15.54 -88.30
N THR A 62 1.53 14.76 -89.08
CA THR A 62 0.99 13.54 -89.67
C THR A 62 1.05 12.37 -88.70
N PRO A 63 0.00 11.53 -88.70
CA PRO A 63 -0.13 10.36 -87.83
C PRO A 63 1.07 9.44 -87.86
N ALA A 64 1.66 9.26 -89.04
CA ALA A 64 2.88 8.49 -89.18
C ALA A 64 3.99 9.14 -88.35
N ARG A 65 4.17 10.44 -88.55
CA ARG A 65 5.15 11.22 -87.80
C ARG A 65 4.93 11.10 -86.29
N ALA A 66 3.67 11.25 -85.88
CA ALA A 66 3.28 11.21 -84.47
C ALA A 66 3.66 9.88 -83.84
N ALA A 67 3.33 8.76 -84.49
CA ALA A 67 3.68 7.47 -83.92
C ALA A 67 5.18 7.19 -84.08
N GLU A 68 5.81 7.93 -84.99
CA GLU A 68 7.25 7.79 -85.23
C GLU A 68 8.03 8.38 -84.06
N ILE A 69 7.56 9.52 -83.57
CA ILE A 69 8.16 10.19 -82.42
C ILE A 69 7.79 9.48 -81.11
N LEU A 70 6.52 9.10 -81.00
CA LEU A 70 6.00 8.43 -79.82
C LEU A 70 6.86 7.25 -79.43
N ALA A 71 7.33 6.51 -80.44
CA ALA A 71 8.20 5.36 -80.23
C ALA A 71 9.67 5.72 -80.44
N ARG A 72 9.93 7.00 -80.68
CA ARG A 72 11.29 7.50 -80.85
C ARG A 72 11.93 7.76 -79.50
N ASP A 73 11.15 8.29 -78.56
CA ASP A 73 11.65 8.56 -77.22
C ASP A 73 10.91 7.75 -76.16
N GLY A 74 9.82 8.29 -75.63
CA GLY A 74 9.02 7.70 -74.60
C GLY A 74 7.69 8.39 -74.46
N PRO A 75 6.65 7.60 -74.21
CA PRO A 75 5.28 8.11 -74.07
C PRO A 75 5.20 9.28 -73.11
N ASN A 76 4.15 10.07 -73.23
CA ASN A 76 4.00 11.24 -72.36
C ASN A 76 3.57 10.88 -70.96
N ALA A 77 4.54 10.67 -70.10
CA ALA A 77 4.29 10.33 -68.70
C ALA A 77 5.60 10.32 -67.96
N LEU A 78 5.50 10.56 -66.66
CA LEU A 78 6.69 10.57 -65.83
C LEU A 78 7.06 9.14 -65.50
N THR A 79 8.37 8.86 -65.55
CA THR A 79 8.89 7.59 -65.09
C THR A 79 8.47 7.43 -63.65
N PRO A 80 7.78 6.32 -63.33
CA PRO A 80 7.20 6.03 -62.01
C PRO A 80 8.27 6.23 -60.96
N PRO A 81 7.88 6.54 -59.71
CA PRO A 81 8.89 6.93 -58.73
C PRO A 81 9.99 5.88 -58.69
N PRO A 82 11.25 6.30 -58.90
CA PRO A 82 12.41 5.42 -59.06
C PRO A 82 12.55 4.50 -57.87
N THR A 83 11.88 4.86 -56.79
CA THR A 83 11.87 4.09 -55.57
C THR A 83 10.76 3.05 -55.56
N THR A 84 11.15 1.79 -55.43
CA THR A 84 10.22 0.72 -55.08
C THR A 84 10.96 -0.24 -54.18
N PRO A 85 11.32 0.21 -52.96
CA PRO A 85 12.07 -0.67 -52.07
C PRO A 85 11.20 -1.83 -51.73
N GLU A 86 11.75 -2.99 -51.89
CA GLU A 86 10.98 -4.18 -51.60
C GLU A 86 10.82 -4.30 -50.09
N TRP A 87 9.89 -5.15 -49.68
CA TRP A 87 9.65 -5.43 -48.28
C TRP A 87 10.92 -5.91 -47.57
N VAL A 88 11.96 -6.23 -48.35
CA VAL A 88 13.31 -6.46 -47.81
C VAL A 88 13.78 -5.23 -47.01
N LYS A 89 13.11 -4.09 -47.22
CA LYS A 89 13.35 -2.87 -46.44
C LYS A 89 13.01 -3.01 -44.95
N PHE A 90 12.36 -4.11 -44.60
CA PHE A 90 12.22 -4.53 -43.20
C PHE A 90 13.61 -4.47 -42.57
N CYS A 91 14.58 -4.97 -43.32
CA CYS A 91 15.98 -4.98 -42.90
C CYS A 91 16.45 -3.62 -42.39
N ARG A 92 15.94 -2.54 -42.99
CA ARG A 92 16.32 -1.19 -42.57
C ARG A 92 16.10 -1.02 -41.08
N GLN A 93 14.90 -1.37 -40.61
CA GLN A 93 14.54 -1.22 -39.21
C GLN A 93 15.44 -2.02 -38.29
N LEU A 94 16.09 -3.02 -38.84
CA LEU A 94 16.91 -3.92 -38.04
C LEU A 94 18.28 -3.38 -37.77
N PHE A 95 18.68 -2.29 -38.42
CA PHE A 95 20.01 -1.76 -38.14
C PHE A 95 20.04 -0.38 -37.51
N GLY A 96 19.87 0.68 -38.30
CA GLY A 96 20.03 2.02 -37.77
C GLY A 96 21.32 2.10 -36.98
N GLY A 97 21.35 2.86 -35.90
CA GLY A 97 22.46 2.79 -34.96
C GLY A 97 22.26 2.18 -33.58
N PHE A 98 21.02 2.12 -33.10
CA PHE A 98 20.76 1.61 -31.75
C PHE A 98 20.67 0.09 -31.81
N SER A 99 19.95 -0.40 -32.81
CA SER A 99 19.85 -1.83 -33.04
C SER A 99 21.24 -2.37 -33.37
N MET A 100 22.11 -1.47 -33.83
CA MET A 100 23.51 -1.80 -34.01
C MET A 100 24.19 -2.07 -32.67
N LEU A 101 23.94 -1.20 -31.69
CA LEU A 101 24.48 -1.37 -30.36
C LEU A 101 24.07 -2.73 -29.82
N LEU A 102 22.78 -3.03 -29.92
CA LEU A 102 22.32 -4.33 -29.44
C LEU A 102 22.88 -5.50 -30.26
N TRP A 103 23.16 -5.25 -31.53
CA TRP A 103 23.76 -6.29 -32.39
C TRP A 103 25.17 -6.63 -31.95
N ILE A 104 26.02 -5.61 -31.84
CA ILE A 104 27.39 -5.83 -31.41
C ILE A 104 27.41 -6.40 -30.00
N GLY A 105 26.41 -6.05 -29.20
CA GLY A 105 26.27 -6.66 -27.89
C GLY A 105 26.06 -8.15 -28.03
N ALA A 106 25.04 -8.53 -28.80
CA ALA A 106 24.70 -9.94 -29.00
C ALA A 106 25.91 -10.72 -29.51
N ILE A 107 26.60 -10.14 -30.49
CA ILE A 107 27.78 -10.74 -31.06
C ILE A 107 28.87 -10.94 -30.01
N LEU A 108 29.11 -9.92 -29.19
CA LEU A 108 30.10 -10.05 -28.14
C LEU A 108 29.76 -11.19 -27.17
N CYS A 109 28.48 -11.32 -26.80
CA CYS A 109 28.08 -12.42 -25.91
C CYS A 109 28.31 -13.77 -26.56
N PHE A 110 27.94 -13.88 -27.83
CA PHE A 110 28.11 -15.12 -28.57
C PHE A 110 29.60 -15.51 -28.65
N LEU A 111 30.44 -14.51 -28.84
CA LEU A 111 31.87 -14.72 -28.88
C LEU A 111 32.36 -15.19 -27.51
N ALA A 112 31.85 -14.56 -26.47
CA ALA A 112 32.21 -14.91 -25.10
C ALA A 112 31.90 -16.37 -24.80
N TYR A 113 30.67 -16.80 -25.12
CA TYR A 113 30.27 -18.19 -24.94
C TYR A 113 31.14 -19.12 -25.78
N GLY A 114 31.44 -18.67 -27.00
CA GLY A 114 32.37 -19.40 -27.85
C GLY A 114 33.69 -19.64 -27.14
N ILE A 115 34.18 -18.61 -26.45
CA ILE A 115 35.41 -18.70 -25.70
C ILE A 115 35.21 -19.61 -24.49
N GLN A 116 33.96 -19.70 -24.04
CA GLN A 116 33.61 -20.54 -22.91
C GLN A 116 33.37 -21.98 -23.38
N ALA A 117 33.59 -22.20 -24.67
CA ALA A 117 33.69 -23.55 -25.21
C ALA A 117 35.14 -24.05 -25.04
N ALA A 118 35.94 -23.26 -24.34
CA ALA A 118 37.26 -23.69 -23.89
C ALA A 118 37.16 -24.71 -22.77
N THR A 119 35.95 -24.97 -22.30
CA THR A 119 35.74 -25.85 -21.16
C THR A 119 34.32 -26.44 -21.09
N GLU A 120 34.02 -27.16 -20.02
CA GLU A 120 32.66 -27.59 -19.73
C GLU A 120 32.00 -26.45 -18.95
N GLU A 121 30.97 -25.84 -19.53
CA GLU A 121 30.61 -24.49 -19.13
C GLU A 121 29.10 -24.20 -18.99
N GLU A 122 28.76 -23.61 -17.85
CA GLU A 122 27.39 -23.22 -17.47
C GLU A 122 26.52 -22.37 -18.44
N PRO A 123 27.12 -21.46 -19.23
CA PRO A 123 26.35 -20.54 -20.06
C PRO A 123 25.24 -21.12 -20.93
N GLN A 124 25.11 -22.44 -20.99
CA GLN A 124 23.93 -23.06 -21.57
C GLN A 124 22.69 -22.36 -21.00
N ASN A 125 22.78 -21.92 -19.74
CA ASN A 125 21.81 -20.97 -19.18
C ASN A 125 22.25 -19.49 -19.08
N ASP A 126 23.46 -19.15 -19.53
CA ASP A 126 23.98 -17.78 -19.29
C ASP A 126 24.29 -16.91 -20.51
N ASN A 127 25.42 -17.15 -21.17
CA ASN A 127 25.89 -16.23 -22.22
C ASN A 127 25.15 -16.34 -23.56
N LEU A 128 24.87 -17.57 -23.96
CA LEU A 128 24.08 -17.83 -25.15
C LEU A 128 22.65 -17.35 -24.93
N TYR A 129 22.11 -17.61 -23.73
CA TYR A 129 20.82 -17.09 -23.31
C TYR A 129 20.77 -15.57 -23.59
N LEU A 130 21.81 -14.89 -23.13
CA LEU A 130 21.88 -13.44 -23.19
C LEU A 130 21.98 -12.93 -24.62
N GLY A 131 22.94 -13.46 -25.38
CA GLY A 131 23.14 -13.01 -26.74
C GLY A 131 21.90 -13.22 -27.59
N VAL A 132 21.28 -14.38 -27.40
CA VAL A 132 20.03 -14.68 -28.08
C VAL A 132 18.96 -13.67 -27.68
N VAL A 133 18.89 -13.31 -26.40
CA VAL A 133 17.93 -12.29 -25.97
C VAL A 133 18.15 -10.92 -26.63
N LEU A 134 19.39 -10.45 -26.64
CA LEU A 134 19.74 -9.21 -27.35
C LEU A 134 19.24 -9.26 -28.79
N SER A 135 19.53 -10.37 -29.47
CA SER A 135 19.06 -10.57 -30.84
C SER A 135 17.54 -10.45 -30.92
N ALA A 136 16.86 -11.10 -29.98
CA ALA A 136 15.40 -11.09 -29.93
C ALA A 136 14.86 -9.67 -29.81
N VAL A 137 15.50 -8.86 -28.99
CA VAL A 137 15.07 -7.47 -28.81
C VAL A 137 15.26 -6.66 -30.08
N VAL A 138 16.42 -6.81 -30.72
CA VAL A 138 16.64 -6.10 -31.99
C VAL A 138 15.55 -6.46 -32.99
N ILE A 139 15.35 -7.76 -33.17
CA ILE A 139 14.41 -8.25 -34.17
C ILE A 139 12.98 -7.83 -33.87
N ILE A 140 12.56 -7.95 -32.61
CA ILE A 140 11.19 -7.62 -32.23
C ILE A 140 10.90 -6.12 -32.32
N THR A 141 11.77 -5.29 -31.75
CA THR A 141 11.59 -3.85 -31.85
C THR A 141 11.59 -3.46 -33.33
N GLY A 142 12.47 -4.11 -34.09
CA GLY A 142 12.51 -3.94 -35.53
C GLY A 142 11.15 -4.21 -36.17
N CYS A 143 10.56 -5.35 -35.85
CA CYS A 143 9.27 -5.74 -36.40
C CYS A 143 8.20 -4.73 -36.03
N PHE A 144 8.23 -4.25 -34.79
CA PHE A 144 7.21 -3.33 -34.33
C PHE A 144 7.27 -2.00 -35.10
N SER A 145 8.45 -1.40 -35.11
CA SER A 145 8.64 -0.13 -35.81
C SER A 145 8.31 -0.29 -37.29
N TYR A 146 8.74 -1.42 -37.85
CA TYR A 146 8.46 -1.73 -39.24
C TYR A 146 6.97 -1.74 -39.50
N TYR A 147 6.23 -2.47 -38.67
CA TYR A 147 4.79 -2.57 -38.82
C TYR A 147 4.14 -1.19 -38.76
N GLN A 148 4.64 -0.34 -37.87
CA GLN A 148 4.09 1.01 -37.75
C GLN A 148 4.27 1.82 -39.05
N GLU A 149 5.51 1.94 -39.51
CA GLU A 149 5.77 2.70 -40.73
C GLU A 149 5.00 2.11 -41.91
N ALA A 150 4.92 0.79 -41.95
CA ALA A 150 4.14 0.08 -42.96
C ALA A 150 2.69 0.55 -42.94
N LYS A 151 2.08 0.51 -41.76
CA LYS A 151 0.69 0.92 -41.57
C LYS A 151 0.45 2.32 -42.13
N SER A 152 1.37 3.24 -41.83
CA SER A 152 1.26 4.59 -42.39
C SER A 152 1.31 4.57 -43.91
N SER A 153 2.24 3.79 -44.47
CA SER A 153 2.33 3.68 -45.92
C SER A 153 1.04 3.15 -46.55
N LYS A 154 0.42 2.17 -45.92
CA LYS A 154 -0.86 1.61 -46.38
C LYS A 154 -1.92 2.70 -46.43
N ILE A 155 -2.12 3.38 -45.30
CA ILE A 155 -3.13 4.45 -45.26
C ILE A 155 -2.84 5.56 -46.27
N MET A 156 -1.57 5.73 -46.64
CA MET A 156 -1.24 6.65 -47.73
C MET A 156 -1.60 6.10 -49.11
N GLU A 157 -1.43 4.79 -49.30
CA GLU A 157 -1.78 4.17 -50.57
C GLU A 157 -3.26 4.33 -50.84
N SER A 158 -4.07 4.22 -49.79
CA SER A 158 -5.52 4.36 -49.97
C SER A 158 -5.95 5.71 -50.57
N PHE A 159 -5.08 6.71 -50.45
CA PHE A 159 -5.36 8.04 -50.98
C PHE A 159 -5.09 8.18 -52.50
N LYS A 160 -4.52 7.13 -53.15
CA LYS A 160 -4.03 7.25 -54.53
C LYS A 160 -5.11 6.91 -55.55
N ASN A 161 -5.60 7.95 -56.23
CA ASN A 161 -6.56 7.78 -57.30
C ASN A 161 -6.09 8.54 -58.52
N MET A 162 -5.70 7.82 -59.57
CA MET A 162 -5.24 8.47 -60.78
C MET A 162 -6.21 8.15 -61.91
N VAL A 163 -6.97 9.15 -62.33
CA VAL A 163 -7.89 8.97 -63.45
C VAL A 163 -7.18 9.32 -64.75
N PRO A 164 -7.32 8.45 -65.76
CA PRO A 164 -6.77 8.79 -67.07
C PRO A 164 -7.55 9.96 -67.66
N GLN A 165 -6.83 10.95 -68.17
CA GLN A 165 -7.45 12.07 -68.87
C GLN A 165 -6.93 12.12 -70.29
N GLN A 166 -7.80 11.89 -71.27
CA GLN A 166 -7.35 11.83 -72.65
C GLN A 166 -7.21 13.20 -73.29
N ALA A 167 -6.04 13.44 -73.89
CA ALA A 167 -5.72 14.72 -74.49
C ALA A 167 -6.39 14.89 -75.84
N LEU A 168 -6.67 16.13 -76.22
CA LEU A 168 -7.28 16.41 -77.52
C LEU A 168 -6.25 16.95 -78.50
N VAL A 169 -5.88 16.12 -79.48
CA VAL A 169 -4.86 16.52 -80.43
C VAL A 169 -5.52 16.89 -81.75
N ILE A 170 -4.71 17.43 -82.65
CA ILE A 170 -5.12 17.75 -84.00
C ILE A 170 -4.02 17.26 -84.92
N ARG A 171 -4.35 16.27 -85.74
CA ARG A 171 -3.37 15.68 -86.63
C ARG A 171 -3.96 15.50 -88.01
N ASN A 172 -3.18 15.86 -89.02
CA ASN A 172 -3.65 15.89 -90.39
C ASN A 172 -4.94 16.71 -90.50
N GLY A 173 -5.01 17.78 -89.73
CA GLY A 173 -6.16 18.68 -89.75
C GLY A 173 -7.37 18.17 -88.98
N GLU A 174 -7.34 16.91 -88.56
CA GLU A 174 -8.50 16.33 -87.86
C GLU A 174 -8.33 16.31 -86.34
N LYS A 175 -9.38 16.71 -85.61
CA LYS A 175 -9.36 16.64 -84.16
C LYS A 175 -9.57 15.20 -83.71
N MET A 176 -8.61 14.66 -82.96
CA MET A 176 -8.72 13.31 -82.44
C MET A 176 -8.41 13.29 -80.94
N SER A 177 -9.26 12.62 -80.17
CA SER A 177 -9.07 12.55 -78.73
C SER A 177 -8.40 11.24 -78.40
N ILE A 178 -7.15 11.32 -77.95
CA ILE A 178 -6.34 10.13 -77.69
C ILE A 178 -5.87 10.12 -76.25
N ASN A 179 -5.45 8.94 -75.78
CA ASN A 179 -4.83 8.79 -74.48
C ASN A 179 -3.63 9.72 -74.34
N ALA A 180 -3.59 10.47 -73.24
CA ALA A 180 -2.62 11.54 -73.06
C ALA A 180 -1.17 11.07 -73.14
N GLU A 181 -0.96 9.79 -72.81
CA GLU A 181 0.38 9.21 -72.83
C GLU A 181 0.89 9.06 -74.27
N GLU A 182 0.00 9.19 -75.23
CA GLU A 182 0.36 9.00 -76.63
C GLU A 182 0.73 10.31 -77.33
N VAL A 183 0.74 11.40 -76.56
CA VAL A 183 1.07 12.71 -77.12
C VAL A 183 2.57 12.88 -77.31
N VAL A 184 2.97 13.46 -78.43
CA VAL A 184 4.38 13.60 -78.76
C VAL A 184 4.81 15.05 -78.76
N VAL A 185 6.06 15.28 -79.10
CA VAL A 185 6.58 16.65 -79.18
C VAL A 185 6.17 17.34 -80.49
N GLY A 186 5.66 18.55 -80.35
CA GLY A 186 5.37 19.39 -81.49
C GLY A 186 4.14 19.06 -82.29
N ASP A 187 3.07 18.58 -81.65
CA ASP A 187 1.79 18.52 -82.33
C ASP A 187 0.74 19.42 -81.69
N LEU A 188 -0.16 19.92 -82.54
CA LEU A 188 -1.23 20.82 -82.13
C LEU A 188 -2.14 20.15 -81.10
N VAL A 189 -2.44 20.87 -80.03
CA VAL A 189 -3.31 20.38 -78.96
C VAL A 189 -4.35 21.44 -78.68
N GLU A 190 -5.59 21.01 -78.44
CA GLU A 190 -6.61 21.96 -78.01
C GLU A 190 -7.02 21.72 -76.56
N VAL A 191 -7.04 22.78 -75.77
CA VAL A 191 -7.51 22.71 -74.40
C VAL A 191 -8.72 23.63 -74.20
N LYS A 192 -9.61 23.21 -73.32
CA LYS A 192 -10.93 23.81 -73.17
C LYS A 192 -11.18 24.07 -71.71
N GLY A 193 -12.32 24.65 -71.37
CA GLY A 193 -12.69 24.85 -69.99
C GLY A 193 -12.75 23.52 -69.27
N GLY A 194 -11.94 23.40 -68.21
CA GLY A 194 -11.90 22.20 -67.41
C GLY A 194 -10.82 21.20 -67.79
N ASP A 195 -10.36 21.26 -69.04
CA ASP A 195 -9.34 20.32 -69.51
C ASP A 195 -8.03 20.51 -68.77
N ARG A 196 -7.32 19.39 -68.48
CA ARG A 196 -6.01 19.48 -67.85
C ARG A 196 -4.98 19.57 -68.95
N ILE A 197 -3.94 20.38 -68.75
CA ILE A 197 -2.94 20.57 -69.79
C ILE A 197 -2.07 19.32 -69.89
N PRO A 198 -2.19 18.58 -71.01
CA PRO A 198 -1.57 17.25 -71.17
C PRO A 198 -0.05 17.24 -71.11
N ALA A 199 0.59 18.17 -71.80
CA ALA A 199 2.04 18.34 -71.73
C ALA A 199 2.35 19.80 -71.92
N ASP A 200 3.62 20.19 -71.79
CA ASP A 200 4.01 21.60 -71.90
C ASP A 200 3.75 22.16 -73.31
N LEU A 201 2.95 23.22 -73.39
CA LEU A 201 2.54 23.77 -74.67
C LEU A 201 3.11 25.15 -74.89
N ARG A 202 3.26 25.52 -76.15
CA ARG A 202 3.54 26.89 -76.53
C ARG A 202 2.28 27.42 -77.20
N ILE A 203 1.48 28.17 -76.46
CA ILE A 203 0.20 28.66 -76.98
C ILE A 203 0.38 29.42 -78.29
N ILE A 204 -0.25 28.95 -79.36
CA ILE A 204 -0.29 29.68 -80.62
C ILE A 204 -1.55 30.51 -80.77
N SER A 205 -2.66 30.05 -80.19
CA SER A 205 -3.90 30.81 -80.25
C SER A 205 -4.74 30.59 -79.00
N ALA A 206 -5.53 31.60 -78.64
CA ALA A 206 -6.37 31.48 -77.45
C ALA A 206 -7.57 32.40 -77.51
N ASN A 207 -8.64 31.99 -76.83
CA ASN A 207 -9.81 32.82 -76.61
C ASN A 207 -10.27 32.75 -75.16
N GLY A 208 -10.18 33.88 -74.47
CA GLY A 208 -10.59 34.02 -73.07
C GLY A 208 -10.01 32.96 -72.16
N CYS A 209 -8.79 32.52 -72.44
CA CYS A 209 -8.27 31.30 -71.84
C CYS A 209 -7.51 31.57 -70.56
N LYS A 210 -8.07 31.13 -69.44
CA LYS A 210 -7.40 31.22 -68.16
C LYS A 210 -7.08 29.82 -67.63
N VAL A 211 -5.78 29.50 -67.63
CA VAL A 211 -5.26 28.26 -67.07
C VAL A 211 -5.02 28.42 -65.56
N ASP A 212 -5.13 27.32 -64.81
CA ASP A 212 -4.83 27.39 -63.37
C ASP A 212 -3.43 26.88 -63.06
N ASN A 213 -2.55 27.82 -62.76
CA ASN A 213 -1.15 27.52 -62.50
C ASN A 213 -0.87 27.33 -61.01
N SER A 214 -1.94 27.27 -60.23
CA SER A 214 -1.87 27.37 -58.77
C SER A 214 -0.80 26.50 -58.07
N SER A 215 -0.75 25.22 -58.39
CA SER A 215 0.20 24.33 -57.74
C SER A 215 1.63 24.35 -58.33
N LEU A 216 1.75 24.57 -59.63
CA LEU A 216 3.06 24.54 -60.27
C LEU A 216 3.94 25.79 -60.02
N THR A 217 3.43 26.97 -60.36
CA THR A 217 4.20 28.19 -60.11
C THR A 217 3.83 28.86 -58.81
N GLY A 218 2.70 28.47 -58.25
CA GLY A 218 2.20 29.13 -57.05
C GLY A 218 1.26 30.31 -57.28
N GLU A 219 1.06 30.70 -58.53
CA GLU A 219 0.19 31.83 -58.82
C GLU A 219 -1.24 31.55 -58.34
N SER A 220 -1.77 32.43 -57.49
CA SER A 220 -3.06 32.19 -56.85
C SER A 220 -4.26 32.25 -57.78
N GLU A 221 -4.42 33.39 -58.45
CA GLU A 221 -5.55 33.57 -59.35
C GLU A 221 -5.21 32.97 -60.70
N PRO A 222 -6.22 32.48 -61.43
CA PRO A 222 -5.94 31.85 -62.72
C PRO A 222 -5.29 32.84 -63.67
N GLN A 223 -4.15 32.45 -64.24
CA GLN A 223 -3.46 33.29 -65.19
C GLN A 223 -4.00 33.03 -66.58
N THR A 224 -4.23 34.09 -67.33
CA THR A 224 -4.69 33.96 -68.70
C THR A 224 -3.53 33.59 -69.62
N ARG A 225 -3.84 32.95 -70.75
CA ARG A 225 -2.81 32.55 -71.70
C ARG A 225 -3.12 33.07 -73.11
N SER A 226 -2.08 33.53 -73.80
CA SER A 226 -2.22 34.12 -75.13
C SER A 226 -1.08 33.69 -76.05
N PRO A 227 -1.24 33.90 -77.36
CA PRO A 227 -0.12 33.70 -78.29
C PRO A 227 1.09 34.59 -77.97
N ASP A 228 0.84 35.82 -77.51
CA ASP A 228 1.89 36.82 -77.37
C ASP A 228 2.90 36.56 -76.25
N PHE A 229 4.16 36.88 -76.51
CA PHE A 229 5.23 36.80 -75.52
C PHE A 229 5.13 37.95 -74.51
N THR A 230 5.15 37.62 -73.23
CA THR A 230 4.97 38.62 -72.19
C THR A 230 6.21 38.75 -71.30
N ASN A 231 6.57 37.68 -70.61
CA ASN A 231 7.70 37.74 -69.67
C ASN A 231 8.87 36.86 -70.08
N GLU A 232 10.08 37.39 -69.95
CA GLU A 232 11.31 36.67 -70.29
C GLU A 232 11.41 35.32 -69.60
N ASN A 233 10.97 35.28 -68.35
CA ASN A 233 10.96 34.04 -67.58
C ASN A 233 9.76 33.19 -67.96
N PRO A 234 10.01 32.05 -68.62
CA PRO A 234 8.98 31.21 -69.24
C PRO A 234 7.90 30.79 -68.26
N LEU A 235 8.20 30.82 -66.97
CA LEU A 235 7.20 30.45 -65.98
C LEU A 235 6.12 31.53 -65.83
N GLU A 236 6.51 32.79 -65.98
CA GLU A 236 5.54 33.88 -65.85
C GLU A 236 4.91 34.31 -67.17
N THR A 237 5.43 33.82 -68.29
CA THR A 237 4.91 34.25 -69.59
C THR A 237 3.55 33.66 -69.89
N ARG A 238 2.79 34.33 -70.76
CA ARG A 238 1.45 33.89 -71.08
C ARG A 238 1.41 32.97 -72.30
N ASN A 239 2.52 32.86 -73.02
CA ASN A 239 2.54 32.03 -74.23
C ASN A 239 2.94 30.57 -74.02
N ILE A 240 3.07 30.16 -72.76
CA ILE A 240 3.33 28.76 -72.41
C ILE A 240 2.29 28.21 -71.44
N ALA A 241 1.80 27.01 -71.69
CA ALA A 241 0.91 26.31 -70.76
C ALA A 241 1.63 25.10 -70.17
N PHE A 242 1.25 24.71 -68.96
CA PHE A 242 2.04 23.72 -68.21
C PHE A 242 1.35 22.39 -67.87
N PHE A 243 2.12 21.32 -67.98
CA PHE A 243 1.72 19.99 -67.56
C PHE A 243 1.20 20.04 -66.12
N SER A 244 0.06 19.37 -65.88
CA SER A 244 -0.55 19.18 -64.55
C SER A 244 -1.41 20.35 -64.10
N THR A 245 -1.44 21.40 -64.91
CA THR A 245 -2.31 22.54 -64.63
C THR A 245 -3.63 22.38 -65.39
N ASN A 246 -4.75 22.60 -64.70
CA ASN A 246 -6.04 22.57 -65.35
C ASN A 246 -6.36 23.91 -65.98
N CYS A 247 -6.94 23.91 -67.17
CA CYS A 247 -7.39 25.15 -67.73
C CYS A 247 -8.74 25.48 -67.09
N VAL A 248 -8.80 26.61 -66.38
CA VAL A 248 -10.01 27.01 -65.68
C VAL A 248 -11.12 27.36 -66.66
N GLU A 249 -10.79 28.13 -67.69
CA GLU A 249 -11.80 28.54 -68.66
C GLU A 249 -11.25 28.96 -70.02
N GLY A 250 -12.15 29.09 -70.98
CA GLY A 250 -11.81 29.54 -72.31
C GLY A 250 -11.27 28.40 -73.13
N THR A 251 -10.65 28.72 -74.26
CA THR A 251 -10.00 27.67 -75.05
C THR A 251 -8.67 28.14 -75.63
N ALA A 252 -7.78 27.21 -75.91
CA ALA A 252 -6.50 27.56 -76.50
C ALA A 252 -5.90 26.41 -77.29
N ARG A 253 -5.09 26.76 -78.28
CA ARG A 253 -4.37 25.77 -79.08
C ARG A 253 -2.88 25.95 -78.81
N GLY A 254 -2.12 24.86 -78.92
CA GLY A 254 -0.69 24.97 -78.72
C GLY A 254 0.14 23.85 -79.28
N ILE A 255 1.39 24.13 -79.58
CA ILE A 255 2.33 23.12 -80.02
C ILE A 255 3.09 22.56 -78.82
N VAL A 256 3.25 21.25 -78.75
CA VAL A 256 3.84 20.66 -77.56
C VAL A 256 5.34 20.86 -77.57
N VAL A 257 5.83 21.65 -76.62
CA VAL A 257 7.26 21.88 -76.46
C VAL A 257 7.91 20.75 -75.69
N TYR A 258 7.26 20.32 -74.61
CA TYR A 258 7.84 19.30 -73.74
C TYR A 258 6.93 18.11 -73.44
N THR A 259 7.49 16.91 -73.55
CA THR A 259 6.75 15.68 -73.32
C THR A 259 7.36 14.87 -72.19
N GLY A 260 6.51 14.40 -71.28
CA GLY A 260 6.91 13.47 -70.23
C GLY A 260 7.81 13.99 -69.11
N ASP A 261 8.90 13.27 -68.87
CA ASP A 261 9.87 13.63 -67.83
C ASP A 261 10.56 14.95 -68.14
N ARG A 262 10.60 15.28 -69.43
CA ARG A 262 11.29 16.46 -69.91
C ARG A 262 10.50 17.73 -69.60
N THR A 263 9.28 17.56 -69.13
CA THR A 263 8.43 18.70 -68.82
C THR A 263 8.88 19.39 -67.54
N VAL A 264 8.21 20.48 -67.19
CA VAL A 264 8.61 21.29 -66.05
C VAL A 264 8.35 20.56 -64.73
N MET A 265 7.11 20.12 -64.54
CA MET A 265 6.73 19.45 -63.29
C MET A 265 7.48 18.13 -63.15
N GLY A 266 7.96 17.60 -64.27
CA GLY A 266 8.71 16.37 -64.26
C GLY A 266 10.14 16.59 -63.82
N ARG A 267 10.71 17.71 -64.25
CA ARG A 267 12.03 18.10 -63.79
C ARG A 267 11.98 18.37 -62.28
N ILE A 268 10.95 19.08 -61.84
CA ILE A 268 10.75 19.29 -60.41
C ILE A 268 10.64 17.95 -59.69
N ALA A 269 9.81 17.07 -60.22
CA ALA A 269 9.52 15.79 -59.58
C ALA A 269 10.76 14.93 -59.45
N THR A 270 11.61 14.98 -60.47
CA THR A 270 12.82 14.16 -60.50
C THR A 270 13.89 14.74 -59.59
N LEU A 271 13.92 16.07 -59.49
CA LEU A 271 14.78 16.70 -58.50
C LEU A 271 14.36 16.23 -57.12
N ALA A 272 13.05 16.27 -56.87
CA ALA A 272 12.48 15.87 -55.59
C ALA A 272 12.78 14.41 -55.25
N SER A 273 12.67 13.54 -56.24
CA SER A 273 13.00 12.14 -56.04
C SER A 273 14.49 12.01 -55.74
N GLY A 274 15.28 12.90 -56.33
CA GLY A 274 16.72 12.80 -56.24
C GLY A 274 17.40 13.40 -55.02
N LEU A 275 16.64 13.94 -54.08
CA LEU A 275 17.28 14.61 -52.93
C LEU A 275 17.50 13.68 -51.75
N GLU A 276 18.17 14.21 -50.71
CA GLU A 276 18.56 13.41 -49.56
C GLU A 276 17.75 13.79 -48.33
N GLY A 277 17.44 12.80 -47.50
CA GLY A 277 16.65 13.04 -46.31
C GLY A 277 17.38 13.84 -45.25
N GLY A 278 18.61 13.47 -44.98
CA GLY A 278 19.38 14.07 -43.89
C GLY A 278 19.03 13.39 -42.59
N GLN A 279 19.97 13.39 -41.64
CA GLN A 279 19.72 12.73 -40.37
C GLN A 279 18.75 13.56 -39.51
N THR A 280 17.65 12.94 -39.09
CA THR A 280 16.67 13.60 -38.22
C THR A 280 17.32 14.03 -36.90
N PRO A 281 16.89 15.17 -36.29
CA PRO A 281 17.53 15.67 -35.05
C PRO A 281 17.53 14.65 -33.90
N ILE A 282 16.39 13.98 -33.72
CA ILE A 282 16.22 12.99 -32.66
C ILE A 282 17.20 11.84 -32.85
N ALA A 283 17.35 11.41 -34.10
CA ALA A 283 18.25 10.32 -34.43
C ALA A 283 19.67 10.68 -34.04
N ALA A 284 20.05 11.93 -34.31
CA ALA A 284 21.38 12.41 -33.96
C ALA A 284 21.55 12.39 -32.46
N GLU A 285 20.57 12.94 -31.74
CA GLU A 285 20.62 12.95 -30.28
C GLU A 285 20.85 11.54 -29.72
N ILE A 286 20.20 10.57 -30.34
CA ILE A 286 20.39 9.17 -29.97
C ILE A 286 21.79 8.66 -30.32
N GLU A 287 22.32 9.10 -31.45
CA GLU A 287 23.68 8.73 -31.84
C GLU A 287 24.65 9.16 -30.74
N HIS A 288 24.57 10.43 -30.36
CA HIS A 288 25.39 10.99 -29.29
C HIS A 288 25.21 10.21 -27.98
N PHE A 289 23.95 9.93 -27.67
CA PHE A 289 23.59 9.10 -26.51
C PHE A 289 24.38 7.80 -26.49
N ILE A 290 24.37 7.11 -27.63
CA ILE A 290 25.08 5.86 -27.78
C ILE A 290 26.56 6.08 -27.53
N HIS A 291 27.12 7.15 -28.09
CA HIS A 291 28.52 7.47 -27.86
C HIS A 291 28.87 7.58 -26.37
N ILE A 292 28.00 8.23 -25.60
CA ILE A 292 28.20 8.26 -24.15
C ILE A 292 28.19 6.86 -23.55
N ILE A 293 27.11 6.12 -23.81
CA ILE A 293 26.94 4.79 -23.22
C ILE A 293 28.12 3.85 -23.51
N THR A 294 28.50 3.76 -24.78
CA THR A 294 29.63 2.92 -25.16
C THR A 294 30.95 3.48 -24.62
N GLY A 295 31.01 4.79 -24.44
CA GLY A 295 32.18 5.39 -23.82
C GLY A 295 32.41 4.83 -22.44
N VAL A 296 31.43 4.97 -21.56
CA VAL A 296 31.61 4.41 -20.23
C VAL A 296 31.78 2.89 -20.30
N ALA A 297 31.16 2.28 -21.31
CA ALA A 297 31.23 0.84 -21.49
C ALA A 297 32.67 0.34 -21.67
N VAL A 298 33.39 0.95 -22.61
CA VAL A 298 34.76 0.53 -22.85
C VAL A 298 35.72 1.06 -21.81
N PHE A 299 35.39 2.17 -21.15
CA PHE A 299 36.25 2.63 -20.08
C PHE A 299 36.23 1.63 -18.92
N LEU A 300 35.04 1.21 -18.53
CA LEU A 300 34.90 0.19 -17.50
C LEU A 300 35.52 -1.13 -17.93
N GLY A 301 35.14 -1.60 -19.12
CA GLY A 301 35.66 -2.85 -19.64
C GLY A 301 37.17 -2.94 -19.68
N VAL A 302 37.80 -1.90 -20.22
CA VAL A 302 39.26 -1.87 -20.32
C VAL A 302 39.93 -1.70 -18.96
N SER A 303 39.54 -0.67 -18.20
CA SER A 303 40.17 -0.41 -16.91
C SER A 303 40.09 -1.65 -16.02
N PHE A 304 38.95 -2.33 -16.05
CA PHE A 304 38.79 -3.55 -15.28
C PHE A 304 39.49 -4.75 -15.89
N PHE A 305 39.72 -4.72 -17.20
CA PHE A 305 40.49 -5.79 -17.84
C PHE A 305 41.91 -5.74 -17.29
N ILE A 306 42.49 -4.56 -17.39
CA ILE A 306 43.79 -4.30 -16.77
C ILE A 306 43.80 -4.71 -15.31
N LEU A 307 42.83 -4.22 -14.54
CA LEU A 307 42.76 -4.50 -13.10
C LEU A 307 42.70 -6.00 -12.81
N SER A 308 41.96 -6.74 -13.62
CA SER A 308 41.81 -8.17 -13.42
C SER A 308 43.13 -8.88 -13.69
N LEU A 309 43.83 -8.45 -14.73
CA LEU A 309 45.16 -8.99 -15.00
C LEU A 309 46.14 -8.68 -13.87
N ILE A 310 45.99 -7.48 -13.28
CA ILE A 310 46.86 -7.04 -12.19
C ILE A 310 46.70 -7.93 -10.96
N LEU A 311 45.69 -8.80 -10.96
CA LEU A 311 45.52 -9.63 -9.77
C LEU A 311 45.97 -11.08 -9.97
N GLU A 312 45.10 -11.88 -10.57
CA GLU A 312 45.43 -13.27 -10.86
C GLU A 312 44.99 -13.67 -12.25
N TYR A 313 43.68 -13.53 -12.46
CA TYR A 313 42.95 -14.25 -13.49
C TYR A 313 43.66 -14.23 -14.84
N THR A 314 43.72 -15.40 -15.46
CA THR A 314 44.40 -15.55 -16.74
C THR A 314 43.68 -14.76 -17.81
N TRP A 315 44.37 -14.47 -18.90
CA TRP A 315 43.84 -13.65 -19.99
C TRP A 315 42.46 -14.13 -20.42
N LEU A 316 42.26 -15.45 -20.38
CA LEU A 316 40.96 -16.05 -20.65
C LEU A 316 39.89 -15.37 -19.80
N GLU A 317 40.03 -15.52 -18.49
CA GLU A 317 39.08 -14.96 -17.54
C GLU A 317 38.98 -13.42 -17.66
N ALA A 318 40.09 -12.76 -17.92
CA ALA A 318 40.11 -11.31 -18.04
C ALA A 318 39.33 -10.83 -19.27
N VAL A 319 39.42 -11.60 -20.35
CA VAL A 319 38.69 -11.30 -21.57
C VAL A 319 37.20 -11.56 -21.37
N ILE A 320 36.90 -12.67 -20.68
CA ILE A 320 35.50 -12.95 -20.38
C ILE A 320 34.90 -11.82 -19.54
N PHE A 321 35.68 -11.32 -18.58
CA PHE A 321 35.27 -10.18 -17.76
C PHE A 321 35.11 -8.93 -18.59
N LEU A 322 36.00 -8.75 -19.57
CA LEU A 322 35.94 -7.58 -20.44
C LEU A 322 34.65 -7.55 -21.25
N ILE A 323 34.40 -8.64 -21.98
CA ILE A 323 33.15 -8.78 -22.72
C ILE A 323 31.98 -8.64 -21.76
N GLY A 324 32.08 -9.30 -20.61
CA GLY A 324 31.05 -9.20 -19.58
C GLY A 324 30.66 -7.79 -19.21
N ILE A 325 31.63 -6.99 -18.75
CA ILE A 325 31.36 -5.62 -18.30
C ILE A 325 30.82 -4.73 -19.42
N ILE A 326 31.32 -4.93 -20.63
CA ILE A 326 30.87 -4.11 -21.73
C ILE A 326 29.43 -4.42 -22.11
N VAL A 327 29.17 -5.67 -22.44
CA VAL A 327 27.82 -6.13 -22.75
C VAL A 327 26.81 -5.75 -21.65
N ALA A 328 27.26 -5.74 -20.41
CA ALA A 328 26.39 -5.40 -19.27
C ALA A 328 25.99 -3.93 -19.27
N ASN A 329 26.83 -3.11 -19.88
CA ASN A 329 26.60 -1.69 -19.92
C ASN A 329 25.53 -1.32 -20.92
N VAL A 330 25.18 -2.27 -21.78
CA VAL A 330 24.21 -2.04 -22.85
C VAL A 330 22.78 -2.19 -22.36
N PRO A 331 21.97 -1.13 -22.51
CA PRO A 331 20.52 -1.12 -22.22
C PRO A 331 19.66 -1.79 -23.28
N GLU A 332 19.27 -3.03 -23.02
CA GLU A 332 18.53 -3.81 -23.99
C GLU A 332 17.10 -3.35 -23.99
N GLY A 333 16.60 -2.96 -22.83
CA GLY A 333 15.21 -2.59 -22.67
C GLY A 333 14.92 -1.24 -23.30
N LEU A 334 15.87 -0.32 -23.16
CA LEU A 334 15.66 1.06 -23.56
C LEU A 334 15.47 1.25 -25.07
N LEU A 335 15.77 0.23 -25.86
CA LEU A 335 15.48 0.29 -27.28
C LEU A 335 13.98 0.10 -27.52
N ALA A 336 13.39 -0.82 -26.76
CA ALA A 336 11.96 -1.02 -26.78
C ALA A 336 11.27 0.22 -26.22
N THR A 337 11.63 0.61 -25.00
CA THR A 337 10.99 1.76 -24.35
C THR A 337 11.09 3.09 -25.11
N VAL A 338 12.14 3.29 -25.90
CA VAL A 338 12.17 4.46 -26.79
C VAL A 338 11.20 4.28 -27.95
N THR A 339 11.26 3.12 -28.62
CA THR A 339 10.40 2.89 -29.78
C THR A 339 8.92 3.01 -29.42
N VAL A 340 8.52 2.39 -28.34
CA VAL A 340 7.16 2.50 -27.83
C VAL A 340 6.80 3.94 -27.52
N CYS A 341 7.71 4.66 -26.86
CA CYS A 341 7.53 6.07 -26.50
C CYS A 341 7.11 6.89 -27.75
N LEU A 342 7.96 6.82 -28.75
CA LEU A 342 7.73 7.51 -30.02
C LEU A 342 6.41 7.10 -30.64
N THR A 343 6.15 5.79 -30.65
CA THR A 343 4.92 5.27 -31.22
C THR A 343 3.67 5.84 -30.54
N LEU A 344 3.70 5.95 -29.21
CA LEU A 344 2.60 6.55 -28.47
C LEU A 344 2.33 7.97 -28.95
N THR A 345 3.38 8.80 -28.92
CA THR A 345 3.21 10.18 -29.39
C THR A 345 2.63 10.23 -30.82
N ALA A 346 3.17 9.39 -31.69
CA ALA A 346 2.69 9.29 -33.07
C ALA A 346 1.21 8.88 -33.15
N LYS A 347 0.78 8.02 -32.23
CA LYS A 347 -0.61 7.62 -32.16
C LYS A 347 -1.48 8.85 -31.90
N ARG A 348 -1.10 9.65 -30.92
CA ARG A 348 -1.87 10.88 -30.67
C ARG A 348 -1.91 11.78 -31.91
N MET A 349 -0.75 11.90 -32.56
CA MET A 349 -0.67 12.66 -33.82
C MET A 349 -1.75 12.18 -34.79
N ALA A 350 -1.82 10.86 -35.00
CA ALA A 350 -2.78 10.29 -35.94
C ALA A 350 -4.21 10.53 -35.50
N ARG A 351 -4.44 10.51 -34.19
CA ARG A 351 -5.76 10.81 -33.66
C ARG A 351 -6.18 12.21 -34.06
N LYS A 352 -5.21 13.10 -34.18
CA LYS A 352 -5.52 14.47 -34.59
C LYS A 352 -5.51 14.68 -36.11
N ASN A 353 -5.43 13.59 -36.85
CA ASN A 353 -5.34 13.62 -38.33
C ASN A 353 -4.04 14.24 -38.78
N CYS A 354 -3.01 13.96 -38.00
CA CYS A 354 -1.67 14.33 -38.38
C CYS A 354 -0.84 13.05 -38.47
N LEU A 355 -0.50 12.66 -39.68
CA LEU A 355 0.14 11.38 -39.92
C LEU A 355 1.64 11.52 -40.15
N VAL A 356 2.42 10.66 -39.52
CA VAL A 356 3.87 10.70 -39.74
C VAL A 356 4.34 9.50 -40.55
N LYS A 357 4.83 9.77 -41.75
CA LYS A 357 5.36 8.72 -42.63
C LYS A 357 6.40 7.89 -41.90
N ASN A 358 7.24 8.58 -41.15
CA ASN A 358 8.41 8.00 -40.50
C ASN A 358 8.22 8.12 -39.00
N LEU A 359 8.83 7.22 -38.24
CA LEU A 359 8.57 7.16 -36.79
C LEU A 359 9.31 8.19 -35.93
N GLU A 360 10.54 8.53 -36.32
CA GLU A 360 11.31 9.49 -35.57
C GLU A 360 10.97 10.91 -36.00
N ALA A 361 10.03 11.00 -36.94
CA ALA A 361 9.65 12.30 -37.48
C ALA A 361 8.67 13.00 -36.55
N VAL A 362 8.38 12.36 -35.42
CA VAL A 362 7.44 12.92 -34.46
C VAL A 362 8.06 14.05 -33.64
N GLU A 363 9.37 13.96 -33.38
CA GLU A 363 10.02 14.93 -32.52
C GLU A 363 10.38 16.24 -33.22
N THR A 364 10.66 16.15 -34.52
CA THR A 364 11.34 17.23 -35.25
C THR A 364 10.77 18.64 -35.07
N LEU A 365 9.45 18.78 -35.05
CA LEU A 365 8.85 20.10 -34.85
C LEU A 365 9.34 20.76 -33.57
N GLY A 366 9.45 19.97 -32.51
CA GLY A 366 9.91 20.45 -31.22
C GLY A 366 11.29 21.09 -31.30
N SER A 367 12.11 20.64 -32.24
CA SER A 367 13.46 21.14 -32.38
C SER A 367 13.59 22.24 -33.42
N THR A 368 12.47 22.65 -34.01
CA THR A 368 12.49 23.56 -35.15
C THR A 368 12.54 25.04 -34.80
N SER A 369 13.56 25.73 -35.29
CA SER A 369 13.66 27.19 -35.11
C SER A 369 13.21 28.02 -36.31
N THR A 370 12.93 27.37 -37.43
CA THR A 370 12.47 28.08 -38.63
C THR A 370 11.42 27.31 -39.42
N ILE A 371 10.29 27.93 -39.68
CA ILE A 371 9.29 27.35 -40.55
C ILE A 371 9.23 28.11 -41.86
N CYS A 372 9.61 27.46 -42.95
CA CYS A 372 9.39 27.99 -44.27
C CYS A 372 8.05 27.46 -44.77
N SER A 373 7.12 28.38 -45.02
CA SER A 373 5.76 27.99 -45.39
C SER A 373 5.40 28.45 -46.79
N LYS A 375 2.49 29.66 -49.65
CA LYS A 375 1.35 30.57 -49.51
C LYS A 375 0.02 29.95 -49.90
N THR A 376 -0.20 29.75 -51.21
CA THR A 376 -1.48 29.24 -51.70
C THR A 376 -1.64 27.75 -51.43
N GLY A 377 -2.77 27.38 -50.86
CA GLY A 377 -3.07 25.98 -50.59
C GLY A 377 -2.50 25.52 -49.27
N THR A 378 -1.52 26.25 -48.77
CA THR A 378 -0.93 25.95 -47.48
C THR A 378 -1.42 26.97 -46.46
N LEU A 379 -0.90 28.19 -46.55
CA LEU A 379 -1.35 29.27 -45.68
C LEU A 379 -2.76 29.71 -46.06
N THR A 380 -3.11 29.60 -47.34
CA THR A 380 -4.42 30.03 -47.79
C THR A 380 -5.26 28.85 -48.27
N GLN A 381 -6.50 29.13 -48.66
CA GLN A 381 -7.42 28.09 -49.12
C GLN A 381 -7.29 27.81 -50.62
N ASN A 382 -6.57 28.68 -51.33
CA ASN A 382 -6.40 28.58 -52.78
C ASN A 382 -7.76 28.55 -53.47
N ARG A 383 -8.72 29.26 -52.89
CA ARG A 383 -10.07 29.34 -53.43
C ARG A 383 -10.52 30.79 -53.40
N MET A 384 -10.77 31.34 -54.59
CA MET A 384 -11.21 32.72 -54.71
C MET A 384 -12.47 32.93 -53.87
N THR A 385 -12.43 33.91 -52.97
CA THR A 385 -13.55 34.11 -52.08
C THR A 385 -13.82 35.59 -51.84
N VAL A 386 -15.10 35.94 -51.70
CA VAL A 386 -15.51 37.31 -51.43
C VAL A 386 -14.93 37.81 -50.11
N ALA A 387 -14.24 38.93 -50.17
CA ALA A 387 -13.49 39.46 -49.04
C ALA A 387 -14.16 40.69 -48.43
N HIS A 388 -14.25 41.77 -49.21
CA HIS A 388 -14.88 43.01 -48.76
C HIS A 388 -15.93 43.52 -49.75
N MET A 389 -16.92 44.25 -49.24
CA MET A 389 -17.94 44.82 -50.10
C MET A 389 -18.17 46.30 -49.80
N TRP A 390 -18.59 47.03 -50.84
CA TRP A 390 -18.77 48.48 -50.75
C TRP A 390 -20.26 48.82 -50.70
N SER A 391 -20.73 49.26 -49.53
CA SER A 391 -22.12 49.69 -49.38
C SER A 391 -22.18 51.02 -48.65
N ASP A 392 -22.93 51.96 -49.23
CA ASP A 392 -23.14 53.29 -48.64
C ASP A 392 -21.82 54.00 -48.34
N ASN A 393 -20.90 53.96 -49.31
CA ASN A 393 -19.54 54.45 -49.14
C ASN A 393 -18.90 53.93 -47.85
N GLN A 394 -18.99 52.62 -47.64
CA GLN A 394 -18.40 51.99 -46.47
C GLN A 394 -17.95 50.59 -46.84
N ILE A 395 -16.87 50.14 -46.21
CA ILE A 395 -16.35 48.82 -46.49
C ILE A 395 -16.78 47.84 -45.41
N HIS A 396 -17.44 46.77 -45.81
CA HIS A 396 -17.85 45.73 -44.88
C HIS A 396 -17.13 44.44 -45.23
N GLU A 397 -16.39 43.88 -44.27
CA GLU A 397 -15.65 42.65 -44.51
C GLU A 397 -16.55 41.45 -44.31
N ALA A 398 -16.50 40.52 -45.26
CA ALA A 398 -17.29 39.30 -45.18
C ALA A 398 -16.53 38.26 -44.39
N ASP A 399 -17.13 37.10 -44.19
CA ASP A 399 -16.47 36.03 -43.47
C ASP A 399 -15.73 35.15 -44.47
N THR A 400 -14.41 35.21 -44.42
CA THR A 400 -13.58 34.58 -45.44
C THR A 400 -13.14 33.18 -45.02
N THR A 401 -13.64 32.70 -43.89
CA THR A 401 -13.21 31.41 -43.35
C THR A 401 -13.94 30.21 -43.93
N GLU A 402 -13.17 29.14 -44.13
CA GLU A 402 -13.65 27.86 -44.63
C GLU A 402 -14.84 27.33 -43.83
N ASN A 403 -14.81 27.52 -42.52
CA ASN A 403 -15.83 26.98 -41.63
C ASN A 403 -16.91 27.99 -41.23
N GLN A 404 -16.78 29.23 -41.71
CA GLN A 404 -17.65 30.34 -41.29
C GLN A 404 -17.58 30.63 -39.79
N SER A 405 -16.36 30.77 -39.28
CA SER A 405 -16.14 31.05 -37.86
C SER A 405 -16.00 32.55 -37.58
N GLY A 406 -16.19 33.37 -38.60
CA GLY A 406 -15.99 34.81 -38.47
C GLY A 406 -17.24 35.61 -38.14
N VAL A 407 -17.21 36.89 -38.48
CA VAL A 407 -18.31 37.80 -38.19
C VAL A 407 -19.11 38.15 -39.44
N SER A 408 -20.43 37.96 -39.39
CA SER A 408 -21.30 38.34 -40.49
C SER A 408 -21.54 39.84 -40.47
N PHE A 409 -21.65 40.43 -41.65
CA PHE A 409 -21.93 41.86 -41.76
C PHE A 409 -23.40 42.13 -41.43
N ASP A 410 -23.79 43.40 -41.50
CA ASP A 410 -25.17 43.76 -41.24
C ASP A 410 -25.90 43.75 -42.57
N LYS A 411 -26.77 42.76 -42.74
CA LYS A 411 -27.46 42.54 -44.01
C LYS A 411 -28.83 43.20 -44.04
N THR A 412 -29.16 43.94 -42.98
CA THR A 412 -30.44 44.60 -42.86
C THR A 412 -30.66 45.67 -43.94
N SER A 413 -29.61 46.40 -44.28
CA SER A 413 -29.70 47.49 -45.26
C SER A 413 -30.20 46.99 -46.61
N ALA A 414 -30.98 47.83 -47.30
CA ALA A 414 -31.56 47.46 -48.58
C ALA A 414 -30.55 47.55 -49.72
N THR A 415 -29.53 48.37 -49.53
CA THR A 415 -28.46 48.52 -50.51
C THR A 415 -27.77 47.19 -50.74
N TRP A 416 -27.50 46.48 -49.64
CA TRP A 416 -26.93 45.13 -49.71
C TRP A 416 -27.87 44.17 -50.43
N LEU A 417 -29.17 44.35 -50.24
CA LEU A 417 -30.15 43.49 -50.88
C LEU A 417 -30.08 43.65 -52.39
N ALA A 418 -30.12 44.91 -52.83
CA ALA A 418 -29.98 45.23 -54.26
C ALA A 418 -28.70 44.66 -54.83
N LEU A 419 -27.59 44.93 -54.15
CA LEU A 419 -26.28 44.44 -54.56
C LEU A 419 -26.26 42.92 -54.71
N SER A 420 -26.75 42.24 -53.69
CA SER A 420 -26.76 40.78 -53.63
C SER A 420 -27.57 40.19 -54.77
N ARG A 421 -28.69 40.84 -55.09
CA ARG A 421 -29.47 40.41 -56.23
C ARG A 421 -28.70 40.62 -57.54
N ILE A 422 -27.97 41.74 -57.65
CA ILE A 422 -27.13 41.98 -58.83
C ILE A 422 -26.10 40.87 -59.03
N ALA A 423 -25.38 40.55 -57.96
CA ALA A 423 -24.32 39.54 -58.03
C ALA A 423 -24.86 38.14 -58.27
N GLY A 424 -25.98 37.82 -57.63
CA GLY A 424 -26.59 36.51 -57.76
C GLY A 424 -27.18 36.28 -59.14
N LEU A 425 -27.77 37.33 -59.69
CA LEU A 425 -28.47 37.21 -60.97
C LEU A 425 -27.60 37.27 -62.22
N CYS A 426 -26.62 38.17 -62.25
CA CYS A 426 -25.75 38.20 -63.41
C CYS A 426 -24.56 37.30 -63.09
N ASN A 427 -24.63 36.08 -63.60
CA ASN A 427 -23.56 35.09 -63.50
C ASN A 427 -23.78 33.93 -64.45
N ARG A 428 -22.69 33.23 -64.76
CA ARG A 428 -22.81 31.93 -65.42
C ARG A 428 -22.66 30.84 -64.37
N ALA A 429 -22.48 31.26 -63.12
CA ALA A 429 -22.23 30.35 -62.02
C ALA A 429 -23.49 29.66 -61.54
N VAL A 430 -23.44 28.33 -61.52
CA VAL A 430 -24.53 27.52 -60.98
C VAL A 430 -23.93 26.30 -60.27
N PHE A 431 -24.56 25.87 -59.19
CA PHE A 431 -24.09 24.69 -58.46
C PHE A 431 -24.26 23.45 -59.32
N GLN A 432 -23.36 22.48 -59.15
CA GLN A 432 -23.45 21.26 -59.95
C GLN A 432 -24.44 20.25 -59.38
N ALA A 433 -24.62 19.14 -60.08
CA ALA A 433 -25.68 18.19 -59.80
C ALA A 433 -25.65 17.64 -58.37
N ASN A 434 -24.47 17.24 -57.92
CA ASN A 434 -24.35 16.58 -56.62
C ASN A 434 -24.00 17.44 -55.40
N GLN A 435 -24.01 18.77 -55.53
CA GLN A 435 -23.70 19.58 -54.38
C GLN A 435 -25.00 20.05 -53.73
N GLU A 436 -25.38 19.35 -52.67
CA GLU A 436 -26.50 19.71 -51.83
C GLU A 436 -26.10 19.57 -50.35
N ASN A 437 -25.81 18.33 -49.97
CA ASN A 437 -25.39 17.98 -48.62
C ASN A 437 -24.07 18.64 -48.23
N LEU A 438 -23.21 18.86 -49.22
CA LEU A 438 -21.91 19.50 -49.00
C LEU A 438 -22.08 20.89 -48.40
N PRO A 439 -21.08 21.34 -47.62
CA PRO A 439 -21.06 22.73 -47.18
C PRO A 439 -20.91 23.66 -48.38
N ILE A 440 -21.61 24.79 -48.35
CA ILE A 440 -21.71 25.69 -49.50
C ILE A 440 -20.34 26.15 -50.04
N LEU A 441 -19.34 26.21 -49.16
CA LEU A 441 -18.01 26.65 -49.58
C LEU A 441 -17.20 25.57 -50.29
N LYS A 442 -16.93 24.46 -49.60
CA LYS A 442 -16.11 23.38 -50.15
C LYS A 442 -16.78 22.62 -51.30
N ARG A 443 -18.03 22.96 -51.58
CA ARG A 443 -18.77 22.31 -52.66
C ARG A 443 -18.37 22.87 -54.03
N ALA A 444 -18.37 22.00 -55.04
CA ALA A 444 -17.93 22.38 -56.38
C ALA A 444 -18.93 23.29 -57.08
N VAL A 445 -18.42 24.07 -58.02
CA VAL A 445 -19.24 25.01 -58.79
C VAL A 445 -18.74 25.09 -60.23
N ALA A 446 -19.65 25.07 -61.19
CA ALA A 446 -19.26 25.24 -62.58
C ALA A 446 -19.36 26.72 -62.96
N GLY A 447 -18.22 27.36 -63.18
CA GLY A 447 -18.18 28.76 -63.53
C GLY A 447 -16.79 29.38 -63.45
N ASP A 448 -16.76 30.71 -63.52
CA ASP A 448 -15.50 31.45 -63.46
C ASP A 448 -14.98 31.44 -62.03
N ALA A 449 -13.80 32.01 -61.81
CA ALA A 449 -13.26 32.23 -60.47
C ALA A 449 -14.18 33.14 -59.65
N SER A 450 -14.28 34.39 -60.12
CA SER A 450 -15.05 35.42 -59.44
C SER A 450 -16.52 35.03 -59.33
N GLU A 451 -17.05 34.44 -60.40
CA GLU A 451 -18.44 34.02 -60.43
C GLU A 451 -18.71 32.95 -59.38
N SER A 452 -17.73 32.08 -59.16
CA SER A 452 -17.84 31.04 -58.14
C SER A 452 -17.87 31.69 -56.76
N ALA A 453 -16.91 32.58 -56.52
CA ALA A 453 -16.84 33.28 -55.24
C ALA A 453 -18.16 34.01 -54.93
N LEU A 454 -18.66 34.74 -55.91
CA LEU A 454 -19.89 35.51 -55.77
C LEU A 454 -21.10 34.62 -55.55
N LEU A 455 -21.20 33.56 -56.34
CA LEU A 455 -22.30 32.60 -56.21
C LEU A 455 -22.35 32.03 -54.80
N LYS A 456 -21.22 31.52 -54.33
CA LYS A 456 -21.15 30.96 -52.99
C LYS A 456 -21.52 32.02 -51.94
N CYS A 457 -21.06 33.24 -52.16
CA CYS A 457 -21.34 34.34 -51.22
C CYS A 457 -22.81 34.66 -51.09
N ILE A 458 -23.50 34.77 -52.22
CA ILE A 458 -24.93 35.07 -52.20
C ILE A 458 -25.72 33.88 -51.64
N GLU A 459 -25.37 32.68 -52.07
CA GLU A 459 -26.04 31.47 -51.59
C GLU A 459 -25.86 31.32 -50.07
N LEU A 460 -24.79 31.92 -49.56
CA LEU A 460 -24.54 31.90 -48.12
C LEU A 460 -25.33 32.99 -47.39
N CYS A 461 -24.98 34.24 -47.64
CA CYS A 461 -25.49 35.36 -46.86
C CYS A 461 -26.96 35.71 -47.11
N CYS A 462 -27.36 35.69 -48.37
CA CYS A 462 -28.69 36.17 -48.74
C CYS A 462 -29.73 35.05 -48.86
N GLY A 463 -29.33 33.82 -48.56
CA GLY A 463 -30.21 32.69 -48.80
C GLY A 463 -29.92 32.13 -50.18
N SER A 464 -30.85 31.33 -50.72
CA SER A 464 -30.59 30.62 -51.97
C SER A 464 -30.64 31.49 -53.23
N VAL A 465 -29.79 31.17 -54.20
CA VAL A 465 -29.76 31.86 -55.48
C VAL A 465 -30.54 31.08 -56.54
N LYS A 466 -31.15 29.96 -56.14
CA LYS A 466 -31.85 29.11 -57.08
C LYS A 466 -33.17 29.77 -57.49
N GLU A 467 -34.09 29.82 -56.53
CA GLU A 467 -35.37 30.48 -56.72
C GLU A 467 -35.15 31.97 -56.95
N MET A 468 -34.03 32.47 -56.46
CA MET A 468 -33.71 33.89 -56.60
C MET A 468 -33.32 34.23 -58.04
N ARG A 469 -32.52 33.38 -58.66
CA ARG A 469 -32.11 33.61 -60.05
C ARG A 469 -33.22 33.25 -61.03
N GLU A 470 -34.07 32.29 -60.67
CA GLU A 470 -35.19 31.97 -61.55
C GLU A 470 -36.42 32.85 -61.27
N ARG A 471 -36.34 33.67 -60.24
CA ARG A 471 -37.40 34.62 -59.92
C ARG A 471 -37.48 35.65 -61.04
N TYR A 472 -36.34 36.26 -61.34
CA TYR A 472 -36.23 37.19 -62.45
C TYR A 472 -35.85 36.39 -63.68
N THR A 473 -36.55 36.60 -64.79
CA THR A 473 -36.26 35.86 -66.01
C THR A 473 -35.34 36.63 -66.95
N LYS A 474 -34.20 36.04 -67.27
CA LYS A 474 -33.21 36.68 -68.13
C LYS A 474 -33.69 36.73 -69.58
N ILE A 475 -33.71 37.93 -70.14
CA ILE A 475 -34.16 38.11 -71.52
C ILE A 475 -33.01 37.95 -72.50
N VAL A 476 -32.11 38.93 -72.53
CA VAL A 476 -30.90 38.84 -73.35
C VAL A 476 -29.70 39.34 -72.55
N GLU A 477 -28.59 38.62 -72.66
CA GLU A 477 -27.40 38.95 -71.89
C GLU A 477 -26.17 39.16 -72.76
N ILE A 478 -25.28 40.04 -72.32
CA ILE A 478 -23.99 40.24 -72.98
C ILE A 478 -22.88 39.68 -72.10
N PRO A 479 -22.30 38.54 -72.52
CA PRO A 479 -21.17 37.91 -71.84
C PRO A 479 -19.95 38.82 -71.88
N PHE A 480 -18.93 38.51 -71.08
CA PHE A 480 -17.76 39.37 -71.03
C PHE A 480 -17.18 39.56 -72.42
N ASN A 481 -17.10 40.82 -72.83
CA ASN A 481 -16.58 41.19 -74.13
C ASN A 481 -15.07 41.01 -74.07
N SER A 482 -14.45 40.72 -75.20
CA SER A 482 -13.01 40.56 -75.26
C SER A 482 -12.32 41.86 -74.85
N THR A 483 -13.00 42.97 -75.12
CA THR A 483 -12.53 44.29 -74.74
C THR A 483 -13.56 44.99 -73.85
N ASN A 484 -13.06 45.74 -72.88
CA ASN A 484 -13.85 46.48 -71.88
C ASN A 484 -14.46 45.59 -70.79
N LYS A 485 -14.52 44.28 -71.07
CA LYS A 485 -14.97 43.26 -70.13
C LYS A 485 -16.20 43.63 -69.28
N TYR A 486 -17.17 44.31 -69.89
CA TYR A 486 -18.44 44.50 -69.20
C TYR A 486 -19.38 43.35 -69.49
N GLN A 487 -20.15 42.95 -68.48
CA GLN A 487 -21.11 41.87 -68.63
C GLN A 487 -22.47 42.31 -68.11
N LEU A 488 -23.47 42.40 -69.03
CA LEU A 488 -24.80 42.86 -68.64
C LEU A 488 -25.87 41.82 -68.99
N SER A 489 -27.01 41.94 -68.31
CA SER A 489 -28.16 41.08 -68.57
C SER A 489 -29.42 41.80 -68.10
N ILE A 490 -30.55 41.52 -68.74
CA ILE A 490 -31.79 42.20 -68.37
C ILE A 490 -32.92 41.23 -68.01
N HIS A 491 -33.60 41.51 -66.91
CA HIS A 491 -34.62 40.62 -66.40
C HIS A 491 -35.95 41.33 -66.17
N LYS A 492 -37.01 40.55 -65.95
CA LYS A 492 -38.32 41.11 -65.66
C LYS A 492 -38.48 41.36 -64.17
N ASN A 493 -39.53 42.09 -63.80
CA ASN A 493 -39.76 42.45 -62.40
C ASN A 493 -40.55 41.41 -61.62
N PRO A 494 -40.05 41.07 -60.43
CA PRO A 494 -40.70 40.12 -59.52
C PRO A 494 -41.46 40.82 -58.39
N ASN A 495 -41.12 42.08 -58.09
CA ASN A 495 -41.84 42.80 -57.05
C ASN A 495 -43.26 43.08 -57.50
N THR A 496 -44.07 43.55 -56.57
CA THR A 496 -45.49 43.71 -56.84
C THR A 496 -45.86 45.16 -57.14
N ALA A 497 -44.99 46.09 -56.74
CA ALA A 497 -45.29 47.51 -56.84
C ALA A 497 -45.14 48.05 -58.26
N GLU A 498 -43.90 48.09 -58.72
CA GLU A 498 -43.49 48.73 -59.95
C GLU A 498 -43.10 47.58 -60.89
N PRO A 499 -43.72 47.51 -62.07
CA PRO A 499 -43.40 46.41 -62.99
C PRO A 499 -42.39 46.72 -64.10
N ARG A 500 -41.40 47.58 -63.85
CA ARG A 500 -40.43 47.89 -64.90
C ARG A 500 -39.35 46.82 -65.01
N HIS A 501 -38.71 46.75 -66.17
CA HIS A 501 -37.65 45.79 -66.41
C HIS A 501 -36.38 46.16 -65.63
N LEU A 502 -35.73 45.14 -65.05
CA LEU A 502 -34.49 45.35 -64.30
C LEU A 502 -33.25 45.02 -65.12
N LEU A 503 -32.32 45.96 -65.17
CA LEU A 503 -31.07 45.78 -65.89
C LEU A 503 -29.91 45.69 -64.91
N VAL A 504 -28.96 44.79 -65.17
CA VAL A 504 -27.79 44.61 -64.30
C VAL A 504 -26.50 44.42 -65.08
N MET A 505 -25.42 45.01 -64.53
CA MET A 505 -24.11 44.88 -65.16
C MET A 505 -22.94 44.89 -64.15
N LYS A 506 -21.94 44.06 -64.42
CA LYS A 506 -20.71 44.06 -63.64
C LYS A 506 -19.48 44.22 -64.53
N GLY A 507 -18.44 44.87 -64.00
CA GLY A 507 -17.22 45.05 -64.76
C GLY A 507 -16.15 45.82 -64.00
N ALA A 508 -14.97 45.95 -64.59
CA ALA A 508 -13.85 46.65 -63.96
C ALA A 508 -14.26 48.06 -63.53
N PRO A 509 -13.86 48.47 -62.32
CA PRO A 509 -14.27 49.73 -61.68
C PRO A 509 -14.11 50.98 -62.55
N GLU A 510 -13.00 51.10 -63.29
CA GLU A 510 -12.78 52.29 -64.10
C GLU A 510 -13.72 52.37 -65.30
N ARG A 511 -13.92 51.23 -65.97
CA ARG A 511 -14.81 51.17 -67.12
C ARG A 511 -16.27 51.42 -66.74
N ILE A 512 -16.69 50.80 -65.65
CA ILE A 512 -18.06 50.95 -65.17
C ILE A 512 -18.25 52.35 -64.58
N LEU A 513 -17.17 52.92 -64.06
CA LEU A 513 -17.19 54.32 -63.61
C LEU A 513 -17.38 55.23 -64.83
N ASP A 514 -16.82 54.82 -65.95
CA ASP A 514 -17.01 55.55 -67.20
C ASP A 514 -18.48 55.53 -67.62
N ARG A 515 -19.15 54.41 -67.41
CA ARG A 515 -20.55 54.26 -67.84
C ARG A 515 -21.62 54.55 -66.77
N CYS A 516 -21.21 54.96 -65.57
CA CYS A 516 -22.18 55.16 -64.49
C CYS A 516 -22.35 56.61 -64.05
N SER A 517 -23.57 56.98 -63.70
CA SER A 517 -23.84 58.34 -63.25
C SER A 517 -24.46 58.36 -61.86
N SER A 518 -25.65 57.78 -61.76
CA SER A 518 -26.37 57.72 -60.50
C SER A 518 -25.70 56.77 -59.50
N ILE A 519 -25.77 57.11 -58.23
CA ILE A 519 -25.31 56.27 -57.14
C ILE A 519 -26.46 56.07 -56.16
N LEU A 520 -26.52 54.87 -55.57
CA LEU A 520 -27.60 54.52 -54.64
C LEU A 520 -27.13 54.53 -53.19
N ILE A 521 -27.98 55.05 -52.29
CA ILE A 521 -27.69 54.98 -50.87
C ILE A 521 -28.94 54.68 -50.03
N HIS A 522 -28.86 53.64 -49.20
CA HIS A 522 -29.91 53.29 -48.25
C HIS A 522 -31.29 53.09 -48.87
N GLY A 523 -31.34 52.78 -50.17
CA GLY A 523 -32.60 52.57 -50.85
C GLY A 523 -33.14 53.75 -51.63
N LYS A 524 -32.40 54.85 -51.67
CA LYS A 524 -32.79 55.99 -52.52
C LYS A 524 -31.61 56.56 -53.30
N GLU A 525 -31.88 57.04 -54.51
CA GLU A 525 -30.83 57.39 -55.46
C GLU A 525 -30.19 58.77 -55.25
N GLN A 526 -29.26 59.11 -56.14
CA GLN A 526 -28.44 60.32 -56.07
C GLN A 526 -27.60 60.38 -57.33
N PRO A 527 -27.16 61.59 -57.72
CA PRO A 527 -26.15 61.66 -58.79
C PRO A 527 -24.74 61.58 -58.20
N LEU A 528 -23.70 61.64 -59.03
CA LEU A 528 -22.33 61.54 -58.52
C LEU A 528 -21.66 62.90 -58.27
N ASP A 529 -21.21 63.11 -57.05
CA ASP A 529 -20.42 64.28 -56.70
C ASP A 529 -18.98 63.81 -56.47
N GLU A 530 -18.02 64.63 -56.91
CA GLU A 530 -16.61 64.23 -56.89
C GLU A 530 -16.07 63.92 -55.50
N GLU A 531 -16.75 64.42 -54.47
CA GLU A 531 -16.38 64.11 -53.09
C GLU A 531 -16.51 62.61 -52.84
N LEU A 532 -17.73 62.11 -53.03
CA LEU A 532 -18.01 60.69 -52.81
C LEU A 532 -17.60 59.84 -54.01
N LYS A 533 -17.49 60.48 -55.17
CA LYS A 533 -16.98 59.80 -56.36
C LYS A 533 -15.52 59.41 -56.13
N ASP A 534 -14.76 60.35 -55.55
CA ASP A 534 -13.36 60.08 -55.22
C ASP A 534 -13.24 59.32 -53.90
N ALA A 535 -14.30 59.32 -53.10
CA ALA A 535 -14.36 58.43 -51.94
C ALA A 535 -14.41 56.98 -52.44
N PHE A 536 -15.22 56.76 -53.48
CA PHE A 536 -15.27 55.48 -54.17
C PHE A 536 -13.94 55.18 -54.83
N GLN A 537 -13.29 56.21 -55.38
CA GLN A 537 -11.99 56.03 -56.04
C GLN A 537 -10.90 55.57 -55.08
N ASN A 538 -10.81 56.21 -53.91
CA ASN A 538 -9.79 55.81 -52.94
C ASN A 538 -10.17 54.57 -52.14
N ALA A 539 -11.47 54.24 -52.12
CA ALA A 539 -11.90 52.97 -51.55
C ALA A 539 -11.50 51.84 -52.48
N TYR A 540 -11.64 52.08 -53.78
CA TYR A 540 -11.23 51.11 -54.79
C TYR A 540 -9.72 50.94 -54.82
N LEU A 541 -8.99 52.04 -54.68
CA LEU A 541 -7.53 51.96 -54.66
C LEU A 541 -7.01 51.36 -53.35
N GLU A 542 -7.77 51.53 -52.28
CA GLU A 542 -7.42 50.94 -50.99
C GLU A 542 -7.65 49.44 -50.97
N LEU A 543 -8.82 49.00 -51.42
CA LEU A 543 -9.13 47.58 -51.51
C LEU A 543 -8.23 46.88 -52.53
N GLY A 544 -8.00 47.55 -53.65
CA GLY A 544 -7.09 47.05 -54.67
C GLY A 544 -5.70 46.90 -54.10
N GLY A 545 -5.27 47.89 -53.31
CA GLY A 545 -3.98 47.85 -52.66
C GLY A 545 -3.89 46.76 -51.61
N LEU A 546 -5.06 46.37 -51.08
CA LEU A 546 -5.12 45.36 -50.02
C LEU A 546 -4.79 43.96 -50.55
N GLY A 547 -4.61 43.86 -51.87
CA GLY A 547 -4.24 42.61 -52.50
C GLY A 547 -5.42 41.98 -53.21
N GLU A 548 -6.61 42.42 -52.84
CA GLU A 548 -7.86 41.87 -53.38
C GLU A 548 -8.15 42.34 -54.80
N ARG A 549 -9.00 41.58 -55.50
CA ARG A 549 -9.46 41.95 -56.83
C ARG A 549 -10.87 42.53 -56.72
N VAL A 550 -11.08 43.71 -57.29
CA VAL A 550 -12.33 44.45 -57.12
C VAL A 550 -13.21 44.43 -58.37
N LEU A 551 -14.52 44.28 -58.19
CA LEU A 551 -15.47 44.35 -59.29
C LEU A 551 -16.57 45.38 -59.08
N GLY A 552 -16.73 46.27 -60.06
CA GLY A 552 -17.84 47.22 -60.06
C GLY A 552 -19.18 46.59 -60.36
N PHE A 553 -20.16 46.85 -59.48
CA PHE A 553 -21.52 46.33 -59.64
C PHE A 553 -22.54 47.46 -59.78
N CYS A 554 -23.28 47.44 -60.89
CA CYS A 554 -24.25 48.50 -61.15
C CYS A 554 -25.57 47.95 -61.69
N HIS A 555 -26.64 48.71 -61.47
CA HIS A 555 -27.93 48.37 -62.04
C HIS A 555 -28.71 49.62 -62.49
N LEU A 556 -29.69 49.39 -63.36
CA LEU A 556 -30.59 50.45 -63.78
C LEU A 556 -31.99 49.90 -64.02
N PHE A 557 -33.01 50.56 -63.47
CA PHE A 557 -34.39 50.20 -63.78
C PHE A 557 -34.60 50.79 -65.16
N LEU A 558 -35.60 50.30 -65.90
CA LEU A 558 -35.84 50.86 -67.22
C LEU A 558 -37.15 51.64 -67.29
N PRO A 559 -37.19 52.67 -68.14
CA PRO A 559 -38.39 53.48 -68.36
C PRO A 559 -39.41 52.66 -69.15
N ASP A 560 -40.17 51.84 -68.44
CA ASP A 560 -41.09 50.89 -69.07
C ASP A 560 -42.15 51.55 -69.97
N GLU A 561 -42.32 52.86 -69.82
CA GLU A 561 -43.17 53.62 -70.74
C GLU A 561 -42.50 53.64 -72.12
N GLN A 562 -41.19 53.77 -72.12
CA GLN A 562 -40.40 53.74 -73.35
C GLN A 562 -40.13 52.30 -73.81
N PHE A 563 -40.01 51.39 -72.84
CA PHE A 563 -39.76 49.98 -73.11
C PHE A 563 -40.86 49.13 -72.51
N PRO A 564 -41.93 48.86 -73.28
CA PRO A 564 -43.14 48.21 -72.78
C PRO A 564 -42.93 46.78 -72.28
N GLU A 565 -43.99 46.18 -71.77
CA GLU A 565 -43.92 44.83 -71.20
C GLU A 565 -43.68 43.75 -72.26
N GLY A 566 -43.98 44.09 -73.52
CA GLY A 566 -43.84 43.14 -74.60
C GLY A 566 -42.65 43.39 -75.51
N PHE A 567 -41.90 44.44 -75.23
CA PHE A 567 -40.75 44.80 -76.06
C PHE A 567 -39.65 43.75 -75.97
N GLN A 568 -39.24 43.23 -77.12
CA GLN A 568 -38.15 42.26 -77.17
C GLN A 568 -36.89 42.98 -77.63
N PHE A 569 -35.97 43.23 -76.71
CA PHE A 569 -34.73 43.91 -77.06
C PHE A 569 -33.66 42.89 -77.36
N ASP A 570 -32.98 43.06 -78.48
CA ASP A 570 -31.86 42.19 -78.79
C ASP A 570 -30.51 42.89 -78.60
N THR A 571 -29.45 42.14 -78.87
CA THR A 571 -28.09 42.57 -78.56
C THR A 571 -27.48 43.37 -79.72
N ASP A 572 -28.32 43.74 -80.68
CA ASP A 572 -27.88 44.50 -81.86
C ASP A 572 -27.56 45.97 -81.59
N ASP A 573 -28.58 46.79 -81.38
CA ASP A 573 -28.39 48.23 -81.19
C ASP A 573 -28.56 48.59 -79.72
N VAL A 574 -28.44 49.87 -79.38
CA VAL A 574 -28.53 50.22 -77.97
C VAL A 574 -30.00 50.21 -77.59
N ASN A 575 -30.36 49.20 -76.81
CA ASN A 575 -31.70 49.07 -76.26
C ASN A 575 -31.83 49.77 -74.92
N PHE A 576 -30.79 49.64 -74.10
CA PHE A 576 -30.81 50.19 -72.77
C PHE A 576 -29.78 51.30 -72.68
N PRO A 577 -30.08 52.31 -71.87
CA PRO A 577 -29.16 53.44 -71.71
C PRO A 577 -27.94 52.99 -70.91
N LEU A 578 -26.94 52.46 -71.62
CA LEU A 578 -25.72 51.97 -70.97
C LEU A 578 -25.03 53.06 -70.16
N ASP A 579 -25.48 54.30 -70.31
CA ASP A 579 -25.00 55.40 -69.47
C ASP A 579 -26.10 55.92 -68.56
N ASN A 580 -25.73 56.87 -67.69
CA ASN A 580 -26.64 57.37 -66.66
C ASN A 580 -27.20 56.26 -65.78
N LEU A 581 -26.45 55.16 -65.65
CA LEU A 581 -26.91 54.05 -64.84
C LEU A 581 -26.71 54.35 -63.37
N CYS A 582 -27.21 53.45 -62.53
CA CYS A 582 -27.07 53.60 -61.09
C CYS A 582 -26.00 52.66 -60.58
N PHE A 583 -24.86 53.24 -60.19
CA PHE A 583 -23.75 52.46 -59.67
C PHE A 583 -24.07 52.09 -58.24
N VAL A 584 -24.00 50.81 -57.92
CA VAL A 584 -24.35 50.40 -56.57
C VAL A 584 -23.11 50.36 -55.69
N GLY A 585 -22.20 49.43 -56.00
CA GLY A 585 -21.00 49.30 -55.21
C GLY A 585 -20.01 48.30 -55.74
N LEU A 586 -18.96 48.08 -54.96
CA LEU A 586 -17.89 47.17 -55.34
C LEU A 586 -17.94 45.91 -54.47
N ILE A 587 -17.54 44.79 -55.05
CA ILE A 587 -17.32 43.58 -54.30
C ILE A 587 -15.91 43.09 -54.62
N SER A 588 -15.10 42.90 -53.58
CA SER A 588 -13.71 42.51 -53.76
C SER A 588 -13.52 41.09 -53.30
N MET A 589 -12.52 40.40 -53.85
CA MET A 589 -12.28 39.00 -53.50
C MET A 589 -10.82 38.59 -53.63
N ILE A 590 -10.42 37.65 -52.78
CA ILE A 590 -9.05 37.14 -52.75
C ILE A 590 -9.16 35.72 -52.24
N ASP A 591 -8.12 34.91 -52.39
CA ASP A 591 -8.10 33.64 -51.68
C ASP A 591 -7.64 33.88 -50.25
N PRO A 592 -8.52 33.63 -49.28
CA PRO A 592 -8.26 33.91 -47.87
C PRO A 592 -7.35 32.86 -47.26
N PRO A 593 -6.71 33.19 -46.13
CA PRO A 593 -5.97 32.21 -45.36
C PRO A 593 -6.95 31.19 -44.80
N ARG A 594 -6.51 29.97 -44.55
CA ARG A 594 -7.35 28.99 -43.86
C ARG A 594 -7.68 29.52 -42.48
N ALA A 595 -8.88 29.20 -41.99
CA ALA A 595 -9.39 29.75 -40.74
C ALA A 595 -8.37 29.64 -39.60
N ALA A 596 -7.75 28.47 -39.50
CA ALA A 596 -6.87 28.18 -38.39
C ALA A 596 -5.51 28.88 -38.48
N VAL A 597 -5.14 29.30 -39.68
CA VAL A 597 -3.78 29.79 -39.95
C VAL A 597 -3.22 30.92 -39.07
N PRO A 598 -3.93 32.06 -38.99
CA PRO A 598 -3.31 33.22 -38.34
C PRO A 598 -2.92 32.95 -36.89
N ASP A 599 -3.84 32.35 -36.14
CA ASP A 599 -3.59 31.99 -34.75
C ASP A 599 -2.37 31.07 -34.64
N ALA A 600 -2.27 30.13 -35.56
CA ALA A 600 -1.19 29.16 -35.58
C ALA A 600 0.17 29.83 -35.78
N VAL A 601 0.26 30.70 -36.77
CA VAL A 601 1.51 31.43 -37.01
C VAL A 601 1.80 32.26 -35.77
N GLY A 602 0.73 32.73 -35.13
CA GLY A 602 0.84 33.43 -33.87
C GLY A 602 1.56 32.60 -32.82
N LYS A 603 1.10 31.37 -32.63
CA LYS A 603 1.67 30.48 -31.61
C LYS A 603 3.11 30.10 -31.94
N CYS A 604 3.38 29.83 -33.21
CA CYS A 604 4.74 29.46 -33.62
C CYS A 604 5.72 30.59 -33.38
N ARG A 605 5.29 31.81 -33.69
CA ARG A 605 6.10 32.97 -33.37
C ARG A 605 6.26 33.08 -31.86
N SER A 606 5.17 32.80 -31.14
CA SER A 606 5.16 32.87 -29.67
C SER A 606 6.17 31.91 -29.05
N ALA A 607 6.37 30.76 -29.70
CA ALA A 607 7.26 29.74 -29.19
C ALA A 607 8.68 30.01 -29.68
N GLY A 608 8.87 31.12 -30.37
CA GLY A 608 10.20 31.54 -30.78
C GLY A 608 10.66 30.94 -32.09
N ILE A 609 9.72 30.33 -32.83
CA ILE A 609 10.04 29.82 -34.16
C ILE A 609 9.91 30.97 -35.17
N LYS A 610 10.90 31.08 -36.06
CA LYS A 610 10.90 32.13 -37.06
C LYS A 610 10.08 31.70 -38.25
N VAL A 611 9.08 32.48 -38.63
CA VAL A 611 8.27 32.13 -39.79
C VAL A 611 8.67 32.91 -41.02
N ILE A 612 9.07 32.18 -42.06
CA ILE A 612 9.42 32.75 -43.34
C ILE A 612 8.41 32.27 -44.38
N MET A 613 7.84 33.20 -45.12
CA MET A 613 6.98 32.80 -46.22
C MET A 613 7.81 32.64 -47.48
N VAL A 614 7.72 31.47 -48.11
CA VAL A 614 8.36 31.25 -49.40
C VAL A 614 7.29 30.89 -50.41
N THR A 615 7.01 31.79 -51.34
CA THR A 615 5.98 31.55 -52.33
C THR A 615 6.45 31.88 -53.74
N GLY A 616 5.82 31.26 -54.73
CA GLY A 616 6.13 31.55 -56.12
C GLY A 616 5.16 32.57 -56.66
N ASP A 617 4.26 33.03 -55.80
CA ASP A 617 3.20 33.94 -56.19
C ASP A 617 3.72 35.36 -56.43
N HIS A 618 2.82 36.27 -56.78
CA HIS A 618 3.17 37.66 -57.06
C HIS A 618 3.36 38.43 -55.76
N PRO A 619 4.38 39.31 -55.72
CA PRO A 619 4.81 39.95 -54.46
C PRO A 619 3.72 40.79 -53.83
N ILE A 620 2.91 41.43 -54.68
CA ILE A 620 1.86 42.32 -54.21
C ILE A 620 0.83 41.58 -53.34
N THR A 621 0.47 40.37 -53.76
CA THR A 621 -0.45 39.54 -53.00
C THR A 621 0.27 38.84 -51.86
N ALA A 622 1.50 38.39 -52.13
CA ALA A 622 2.31 37.70 -51.13
C ALA A 622 2.47 38.52 -49.87
N LYS A 623 2.81 39.79 -50.04
CA LYS A 623 3.00 40.69 -48.90
C LYS A 623 1.70 40.85 -48.12
N ALA A 624 0.60 41.07 -48.83
CA ALA A 624 -0.70 41.25 -48.19
C ALA A 624 -1.11 40.04 -47.35
N ILE A 625 -0.98 38.85 -47.93
CA ILE A 625 -1.33 37.63 -47.21
C ILE A 625 -0.39 37.45 -46.02
N ALA A 626 0.87 37.86 -46.21
CA ALA A 626 1.85 37.78 -45.14
C ALA A 626 1.41 38.63 -43.95
N LYS A 627 1.04 39.87 -44.22
CA LYS A 627 0.57 40.77 -43.18
C LYS A 627 -0.70 40.22 -42.55
N GLY A 628 -1.47 39.49 -43.36
CA GLY A 628 -2.73 38.94 -42.92
C GLY A 628 -2.63 37.76 -41.96
N VAL A 629 -1.63 36.90 -42.19
CA VAL A 629 -1.47 35.73 -41.33
C VAL A 629 -0.49 36.02 -40.20
N GLY A 630 0.12 37.20 -40.22
CA GLY A 630 0.99 37.62 -39.15
C GLY A 630 2.44 37.22 -39.31
N ILE A 631 2.85 36.93 -40.54
CA ILE A 631 4.26 36.65 -40.82
C ILE A 631 5.00 37.97 -40.93
N ILE A 632 4.33 38.97 -41.50
CA ILE A 632 4.75 40.36 -41.34
C ILE A 632 3.80 41.06 -40.39
N SER A 633 4.26 41.39 -39.20
CA SER A 633 3.42 42.04 -38.21
C SER A 633 3.07 43.45 -38.67
N GLU A 634 2.00 43.99 -38.09
CA GLU A 634 1.60 45.36 -38.35
C GLU A 634 2.66 46.33 -37.87
N GLY A 635 2.91 47.38 -38.66
CA GLY A 635 3.84 48.42 -38.25
C GLY A 635 5.28 48.13 -38.62
N ASN A 636 5.55 46.92 -39.09
CA ASN A 636 6.89 46.60 -39.57
C ASN A 636 7.04 46.98 -41.04
N GLU A 637 8.05 47.81 -41.31
CA GLU A 637 8.22 48.35 -42.65
C GLU A 637 9.31 47.66 -43.45
N THR A 638 8.99 47.33 -44.69
CA THR A 638 9.98 46.92 -45.67
C THR A 638 10.77 48.13 -46.12
N VAL A 639 11.91 47.88 -46.73
CA VAL A 639 12.75 48.91 -47.34
C VAL A 639 11.90 49.85 -48.19
N GLU A 640 10.99 49.27 -48.96
CA GLU A 640 10.15 50.02 -49.90
C GLU A 640 9.06 50.85 -49.21
N ASP A 641 8.54 50.36 -48.09
CA ASP A 641 7.56 51.10 -47.31
C ASP A 641 8.19 52.40 -46.81
N ILE A 642 9.43 52.29 -46.37
CA ILE A 642 10.22 53.44 -45.94
C ILE A 642 10.42 54.39 -47.10
N ALA A 643 10.94 53.85 -48.21
CA ALA A 643 11.18 54.68 -49.39
C ALA A 643 9.91 55.41 -49.86
N ALA A 644 8.76 54.76 -49.70
CA ALA A 644 7.49 55.33 -50.13
C ALA A 644 7.00 56.42 -49.18
N ARG A 645 7.01 56.12 -47.89
CA ARG A 645 6.56 57.08 -46.90
C ARG A 645 7.39 58.36 -46.96
N LEU A 646 8.70 58.18 -47.10
CA LEU A 646 9.64 59.30 -47.03
C LEU A 646 9.83 60.01 -48.36
N ASN A 647 9.21 59.49 -49.42
CA ASN A 647 9.28 60.09 -50.76
C ASN A 647 10.70 60.15 -51.35
N ILE A 648 11.50 59.13 -51.11
CA ILE A 648 12.88 59.09 -51.60
C ILE A 648 13.10 57.93 -52.55
N PRO A 649 14.18 58.00 -53.35
CA PRO A 649 14.63 56.82 -54.09
C PRO A 649 14.73 55.62 -53.16
N VAL A 650 14.31 54.46 -53.64
CA VAL A 650 14.34 53.25 -52.84
C VAL A 650 15.76 52.89 -52.45
N SER A 651 16.71 53.23 -53.32
CA SER A 651 18.11 52.92 -53.11
C SER A 651 18.69 53.67 -51.92
N GLN A 652 18.12 54.83 -51.60
CA GLN A 652 18.64 55.69 -50.54
C GLN A 652 18.68 55.03 -49.18
N VAL A 653 17.57 54.42 -48.78
CA VAL A 653 17.36 54.01 -47.39
C VAL A 653 18.29 52.89 -46.91
N ASN A 654 18.79 53.03 -45.69
CA ASN A 654 19.66 52.03 -45.08
C ASN A 654 18.87 50.81 -44.64
N PRO A 655 19.14 49.66 -45.28
CA PRO A 655 18.36 48.42 -45.09
C PRO A 655 18.34 47.91 -43.65
N ARG A 656 19.28 48.36 -42.82
CA ARG A 656 19.24 48.01 -41.40
C ARG A 656 17.98 48.57 -40.76
N ASP A 657 17.51 49.71 -41.29
CA ASP A 657 16.32 50.37 -40.76
C ASP A 657 15.05 49.56 -41.07
N ALA A 658 15.16 48.57 -41.95
CA ALA A 658 14.03 47.73 -42.31
C ALA A 658 14.10 46.36 -41.64
N LYS A 659 13.11 46.04 -40.82
CA LYS A 659 13.04 44.75 -40.15
C LYS A 659 12.50 43.67 -41.09
N ALA A 660 11.56 44.05 -41.94
CA ALA A 660 10.91 43.11 -42.84
C ALA A 660 11.33 43.35 -44.28
N CYS A 661 11.30 42.29 -45.09
CA CYS A 661 11.67 42.41 -46.49
C CYS A 661 10.87 41.45 -47.36
N VAL A 662 10.49 41.93 -48.53
CA VAL A 662 9.89 41.07 -49.54
C VAL A 662 10.91 40.92 -50.67
N VAL A 663 11.47 39.73 -50.79
CA VAL A 663 12.55 39.48 -51.72
C VAL A 663 12.00 38.93 -53.03
N HIS A 664 12.14 39.70 -54.11
CA HIS A 664 11.68 39.25 -55.42
C HIS A 664 12.60 38.15 -55.95
N GLY A 665 12.01 37.09 -56.50
CA GLY A 665 12.77 35.98 -57.02
C GLY A 665 13.72 36.40 -58.11
N SER A 666 13.35 37.47 -58.82
CA SER A 666 14.18 38.08 -59.84
C SER A 666 15.59 38.30 -59.33
N ASP A 667 15.69 38.88 -58.14
CA ASP A 667 16.98 39.15 -57.52
C ASP A 667 17.57 37.87 -56.98
N LEU A 668 16.72 36.98 -56.49
CA LEU A 668 17.15 35.71 -55.90
C LEU A 668 17.99 34.85 -56.85
N LYS A 669 17.85 35.08 -58.15
CA LYS A 669 18.68 34.38 -59.14
C LYS A 669 20.11 34.92 -59.13
N ASP A 670 20.26 36.22 -58.91
CA ASP A 670 21.56 36.88 -58.95
C ASP A 670 22.24 36.89 -57.59
N MET A 671 21.62 36.24 -56.61
CA MET A 671 22.12 36.26 -55.24
C MET A 671 23.20 35.22 -54.94
N THR A 672 24.12 35.59 -54.05
CA THR A 672 25.20 34.71 -53.62
C THR A 672 24.92 34.11 -52.25
N SER A 673 25.85 33.29 -51.77
CA SER A 673 25.70 32.65 -50.47
C SER A 673 25.69 33.68 -49.35
N GLU A 674 26.69 34.56 -49.37
CA GLU A 674 26.82 35.59 -48.34
C GLU A 674 25.62 36.53 -48.36
N GLN A 675 25.09 36.78 -49.55
CA GLN A 675 23.95 37.68 -49.71
C GLN A 675 22.68 37.13 -49.06
N LEU A 676 22.35 35.89 -49.39
CA LEU A 676 21.17 35.24 -48.83
C LEU A 676 21.34 35.05 -47.33
N ASP A 677 22.55 34.70 -46.93
CA ASP A 677 22.89 34.59 -45.51
C ASP A 677 22.60 35.91 -44.81
N ASP A 678 22.95 37.01 -45.45
CA ASP A 678 22.68 38.33 -44.90
C ASP A 678 21.19 38.63 -44.81
N ILE A 679 20.45 38.35 -45.88
CA ILE A 679 19.01 38.59 -45.89
C ILE A 679 18.32 37.85 -44.75
N LEU A 680 18.68 36.57 -44.59
CA LEU A 680 18.10 35.77 -43.53
C LEU A 680 18.55 36.23 -42.15
N LYS A 681 19.78 36.71 -42.05
CA LYS A 681 20.32 37.20 -40.78
C LYS A 681 19.64 38.47 -40.29
N TYR A 682 19.62 39.49 -41.13
CA TYR A 682 19.28 40.84 -40.70
C TYR A 682 17.81 41.25 -40.87
N HIS A 683 16.96 40.28 -41.25
CA HIS A 683 15.52 40.56 -41.33
C HIS A 683 14.71 39.56 -40.53
N THR A 684 13.86 40.06 -39.63
CA THR A 684 13.09 39.20 -38.75
C THR A 684 11.86 38.59 -39.42
N GLU A 685 11.15 39.40 -40.21
CA GLU A 685 9.97 38.94 -40.90
C GLU A 685 10.21 38.91 -42.40
N ILE A 686 10.30 37.72 -42.98
CA ILE A 686 10.71 37.59 -44.38
C ILE A 686 9.72 36.90 -45.30
N VAL A 687 9.53 37.49 -46.49
CA VAL A 687 8.71 36.89 -47.54
C VAL A 687 9.47 36.86 -48.87
N PHE A 688 9.81 35.66 -49.33
CA PHE A 688 10.39 35.46 -50.64
C PHE A 688 9.26 35.19 -51.62
N ALA A 689 9.06 36.11 -52.55
CA ALA A 689 7.96 36.00 -53.47
C ALA A 689 8.50 35.76 -54.87
N ARG A 690 7.68 35.16 -55.74
CA ARG A 690 8.04 34.88 -57.11
C ARG A 690 9.23 33.93 -57.18
N THR A 691 9.24 32.92 -56.32
CA THR A 691 10.41 32.04 -56.19
C THR A 691 10.17 30.64 -56.77
N SER A 692 11.07 30.25 -57.68
CA SER A 692 11.02 28.94 -58.31
C SER A 692 11.27 27.85 -57.26
N PRO A 693 10.77 26.62 -57.53
CA PRO A 693 10.97 25.47 -56.65
C PRO A 693 12.44 25.27 -56.27
N GLN A 694 13.31 25.35 -57.27
CA GLN A 694 14.75 25.24 -57.07
C GLN A 694 15.21 26.27 -56.05
N GLN A 695 14.65 27.47 -56.13
CA GLN A 695 15.00 28.54 -55.21
C GLN A 695 14.41 28.32 -53.82
N LYS A 696 13.24 27.69 -53.74
CA LYS A 696 12.70 27.30 -52.45
C LYS A 696 13.72 26.41 -51.78
N LEU A 697 14.17 25.41 -52.52
CA LEU A 697 15.25 24.53 -52.08
C LEU A 697 16.46 25.35 -51.61
N ILE A 698 16.83 26.36 -52.38
CA ILE A 698 18.00 27.17 -52.05
C ILE A 698 17.83 27.96 -50.75
N ILE A 699 16.60 28.40 -50.50
CA ILE A 699 16.27 29.13 -49.29
C ILE A 699 16.32 28.22 -48.08
N VAL A 700 15.75 27.02 -48.23
CA VAL A 700 15.78 26.03 -47.16
C VAL A 700 17.23 25.68 -46.82
N GLU A 701 18.00 25.30 -47.84
CA GLU A 701 19.42 25.04 -47.67
C GLU A 701 20.14 26.22 -47.04
N GLY A 702 19.64 27.43 -47.34
CA GLY A 702 20.23 28.65 -46.82
C GLY A 702 19.94 28.85 -45.35
N CYS A 703 18.78 28.40 -44.90
CA CYS A 703 18.44 28.46 -43.49
C CYS A 703 19.17 27.36 -42.77
N GLN A 704 19.55 26.33 -43.52
CA GLN A 704 20.32 25.23 -42.95
C GLN A 704 21.81 25.54 -42.88
N ARG A 705 22.27 26.51 -43.67
CA ARG A 705 23.66 26.95 -43.58
C ARG A 705 23.86 27.66 -42.25
N GLN A 706 22.79 28.26 -41.74
CA GLN A 706 22.82 28.92 -40.44
C GLN A 706 22.94 27.90 -39.31
N GLY A 707 22.77 26.62 -39.66
CA GLY A 707 22.87 25.56 -38.69
C GLY A 707 21.61 25.41 -37.85
N ALA A 708 20.47 25.75 -38.45
CA ALA A 708 19.19 25.71 -37.75
C ALA A 708 18.25 24.65 -38.32
N ILE A 709 17.37 24.14 -37.45
CA ILE A 709 16.40 23.13 -37.86
C ILE A 709 15.24 23.80 -38.60
N VAL A 710 15.00 23.36 -39.83
CA VAL A 710 13.97 23.94 -40.68
C VAL A 710 12.81 22.98 -40.91
N ALA A 711 11.59 23.49 -40.77
CA ALA A 711 10.41 22.74 -41.16
C ALA A 711 9.82 23.43 -42.37
N VAL A 712 9.36 22.67 -43.35
CA VAL A 712 8.71 23.25 -44.52
C VAL A 712 7.25 22.79 -44.57
N THR A 713 6.33 23.71 -44.84
CA THR A 713 4.93 23.32 -45.05
C THR A 713 4.47 23.66 -46.46
N GLY A 714 3.81 22.72 -47.12
CA GLY A 714 3.50 22.89 -48.52
C GLY A 714 2.21 22.30 -49.08
N ASP A 715 1.89 22.73 -50.29
CA ASP A 715 0.72 22.27 -51.03
C ASP A 715 1.13 21.50 -52.27
N GLY A 716 1.74 22.19 -53.24
CA GLY A 716 1.89 21.67 -54.58
C GLY A 716 3.27 21.18 -54.93
N VAL A 717 3.48 20.95 -56.22
CA VAL A 717 4.67 20.29 -56.72
C VAL A 717 5.93 21.14 -56.56
N ASN A 718 5.77 22.46 -56.48
CA ASN A 718 6.90 23.37 -56.32
C ASN A 718 7.55 23.25 -54.93
N ASP A 719 6.82 22.69 -53.99
CA ASP A 719 7.36 22.43 -52.66
C ASP A 719 7.94 21.03 -52.58
N SER A 720 7.97 20.32 -53.70
CA SER A 720 8.58 18.99 -53.71
C SER A 720 10.05 19.01 -53.29
N PRO A 721 10.90 19.77 -54.01
CA PRO A 721 12.31 19.73 -53.59
C PRO A 721 12.53 20.35 -52.20
N ALA A 722 11.71 21.34 -51.85
CA ALA A 722 11.83 21.98 -50.55
C ALA A 722 11.44 21.02 -49.43
N SER A 723 10.24 20.45 -49.50
CA SER A 723 9.74 19.57 -48.45
C SER A 723 10.65 18.38 -48.22
N LYS A 724 11.33 17.94 -49.28
CA LYS A 724 12.25 16.81 -49.16
C LYS A 724 13.48 17.20 -48.37
N LYS A 725 14.04 18.37 -48.68
CA LYS A 725 15.31 18.82 -48.13
C LYS A 725 15.22 19.27 -46.67
N ALA A 726 14.03 19.69 -46.26
CA ALA A 726 13.81 20.18 -44.90
C ALA A 726 14.03 19.09 -43.87
N ASP A 727 14.48 19.48 -42.67
CA ASP A 727 14.63 18.55 -41.57
C ASP A 727 13.32 17.84 -41.29
N ILE A 728 12.22 18.57 -41.42
CA ILE A 728 10.91 17.95 -41.52
C ILE A 728 10.04 18.66 -42.56
N GLY A 729 9.53 17.90 -43.53
CA GLY A 729 8.56 18.41 -44.48
C GLY A 729 7.15 18.13 -44.00
N VAL A 730 6.22 19.00 -44.37
CA VAL A 730 4.82 18.77 -44.04
C VAL A 730 3.94 19.03 -45.25
N ALA A 731 3.23 18.02 -45.70
CA ALA A 731 2.32 18.20 -46.82
C ALA A 731 0.92 18.51 -46.33
N MET A 732 0.03 18.80 -47.27
CA MET A 732 -1.37 18.96 -46.96
C MET A 732 -2.11 17.74 -47.53
N GLY A 733 -2.83 17.01 -46.68
CA GLY A 733 -3.41 15.74 -47.07
C GLY A 733 -4.37 15.78 -48.25
N ILE A 734 -5.04 16.93 -48.41
CA ILE A 734 -6.01 17.08 -49.48
C ILE A 734 -5.56 18.13 -50.51
N ALA A 735 -5.31 19.36 -50.07
CA ALA A 735 -4.96 20.43 -50.98
C ALA A 735 -3.49 20.30 -51.41
N GLY A 736 -2.84 19.24 -50.93
CA GLY A 736 -1.50 18.89 -51.38
C GLY A 736 -1.48 18.01 -52.62
N SER A 737 -0.45 18.19 -53.44
CA SER A 737 -0.27 17.36 -54.64
C SER A 737 0.44 16.07 -54.28
N ASP A 738 0.60 15.19 -55.27
CA ASP A 738 1.09 13.84 -55.02
C ASP A 738 2.59 13.76 -54.82
N VAL A 739 3.34 14.49 -55.64
CA VAL A 739 4.80 14.46 -55.56
C VAL A 739 5.29 15.01 -54.23
N SER A 740 4.69 16.11 -53.79
CA SER A 740 5.07 16.75 -52.55
C SER A 740 4.55 15.99 -51.34
N LYS A 741 3.48 15.22 -51.54
CA LYS A 741 3.02 14.36 -50.48
C LYS A 741 4.02 13.22 -50.31
N GLN A 742 4.51 12.71 -51.44
CA GLN A 742 5.53 11.67 -51.42
C GLN A 742 6.82 12.20 -50.79
N ALA A 743 7.08 13.48 -50.99
CA ALA A 743 8.30 14.09 -50.48
C ALA A 743 8.22 14.40 -48.99
N ALA A 744 7.00 14.54 -48.47
CA ALA A 744 6.80 14.97 -47.09
C ALA A 744 7.11 13.89 -46.05
N ASP A 745 7.65 14.32 -44.92
CA ASP A 745 7.93 13.41 -43.81
C ASP A 745 6.72 13.35 -42.88
N MET A 746 5.74 14.23 -43.10
CA MET A 746 4.49 14.23 -42.34
C MET A 746 3.35 14.82 -43.17
N ILE A 747 2.15 14.24 -43.04
CA ILE A 747 0.98 14.65 -43.82
C ILE A 747 -0.16 15.10 -42.93
N LEU A 748 -0.85 16.18 -43.31
CA LEU A 748 -2.03 16.62 -42.57
C LEU A 748 -3.28 16.22 -43.30
N LEU A 749 -3.98 15.22 -42.78
CA LEU A 749 -5.13 14.64 -43.46
C LEU A 749 -6.33 15.57 -43.44
N ASP A 750 -6.50 16.31 -42.35
CA ASP A 750 -7.62 17.22 -42.21
C ASP A 750 -7.28 18.60 -42.76
N ASP A 751 -6.07 18.74 -43.30
CA ASP A 751 -5.58 20.02 -43.80
C ASP A 751 -5.67 21.20 -42.79
N ASN A 752 -5.46 20.94 -41.49
CA ASN A 752 -5.51 21.95 -40.43
C ASN A 752 -4.11 22.48 -40.13
N PHE A 753 -3.90 23.78 -40.31
CA PHE A 753 -2.57 24.35 -40.07
C PHE A 753 -2.24 24.39 -38.59
N ALA A 754 -3.26 24.52 -37.76
CA ALA A 754 -3.06 24.61 -36.31
C ALA A 754 -2.34 23.39 -35.78
N SER A 755 -2.46 22.28 -36.50
CA SER A 755 -1.77 21.04 -36.12
C SER A 755 -0.27 21.25 -35.98
N ILE A 756 0.30 22.08 -36.86
CA ILE A 756 1.73 22.43 -36.78
C ILE A 756 2.07 22.84 -35.35
N VAL A 757 1.27 23.74 -34.78
CA VAL A 757 1.49 24.19 -33.42
C VAL A 757 1.47 23.00 -32.46
N THR A 758 0.40 22.21 -32.51
CA THR A 758 0.32 21.03 -31.62
C THR A 758 1.56 20.19 -31.82
N GLY A 759 1.95 20.03 -33.09
CA GLY A 759 3.16 19.30 -33.42
C GLY A 759 4.35 19.81 -32.62
N VAL A 760 4.62 21.11 -32.70
CA VAL A 760 5.81 21.64 -32.07
C VAL A 760 5.69 21.46 -30.56
N GLU A 761 4.47 21.52 -30.05
CA GLU A 761 4.27 21.27 -28.63
C GLU A 761 4.57 19.83 -28.30
N GLU A 762 3.98 18.91 -29.06
CA GLU A 762 4.09 17.49 -28.77
C GLU A 762 5.54 17.05 -28.77
N GLY A 763 6.24 17.33 -29.87
CA GLY A 763 7.66 17.03 -29.98
C GLY A 763 8.49 17.70 -28.91
N ARG A 764 8.06 18.87 -28.47
CA ARG A 764 8.82 19.58 -27.45
C ARG A 764 8.67 18.87 -26.12
N LEU A 765 7.49 18.28 -25.91
CA LEU A 765 7.23 17.57 -24.67
C LEU A 765 7.92 16.21 -24.65
N ILE A 766 7.78 15.47 -25.75
CA ILE A 766 8.32 14.11 -25.82
C ILE A 766 9.83 14.08 -25.70
N PHE A 767 10.48 15.22 -25.96
CA PHE A 767 11.89 15.33 -25.70
C PHE A 767 12.14 15.11 -24.21
N ASP A 768 11.53 15.97 -23.39
CA ASP A 768 11.71 15.93 -21.94
C ASP A 768 11.44 14.53 -21.41
N ASN A 769 10.28 13.98 -21.75
CA ASN A 769 9.94 12.66 -21.26
C ASN A 769 10.94 11.59 -21.65
N LEU A 770 11.48 11.67 -22.87
CA LEU A 770 12.51 10.72 -23.29
C LEU A 770 13.65 10.74 -22.27
N LYS A 771 14.09 11.96 -21.92
CA LYS A 771 15.16 12.12 -20.93
C LYS A 771 14.82 11.29 -19.72
N LYS A 772 13.63 11.54 -19.18
CA LYS A 772 13.19 10.87 -17.97
C LYS A 772 13.33 9.36 -18.15
N SER A 773 12.69 8.83 -19.18
CA SER A 773 12.73 7.39 -19.43
C SER A 773 14.18 6.93 -19.43
N ILE A 774 14.97 7.57 -20.27
CA ILE A 774 16.37 7.21 -20.42
C ILE A 774 17.05 7.20 -19.06
N ALA A 775 16.93 8.31 -18.34
CA ALA A 775 17.58 8.45 -17.04
C ALA A 775 17.22 7.25 -16.18
N TYR A 776 15.91 6.97 -16.11
CA TYR A 776 15.41 5.88 -15.28
C TYR A 776 16.16 4.61 -15.60
N THR A 777 16.13 4.21 -16.87
CA THR A 777 16.76 2.95 -17.25
C THR A 777 18.27 2.99 -16.98
N LEU A 778 18.88 4.14 -17.26
CA LEU A 778 20.31 4.25 -17.11
C LEU A 778 20.73 4.19 -15.66
N THR A 779 19.80 4.49 -14.76
CA THR A 779 20.14 4.40 -13.34
C THR A 779 20.34 2.94 -12.92
N SER A 780 19.68 2.03 -13.62
CA SER A 780 19.72 0.63 -13.17
C SER A 780 21.03 -0.08 -13.51
N ASN A 781 21.83 0.50 -14.41
CA ASN A 781 23.09 -0.14 -14.78
C ASN A 781 24.17 -0.09 -13.69
N ILE A 782 24.04 0.81 -12.72
CA ILE A 782 24.96 0.77 -11.57
C ILE A 782 24.76 -0.45 -10.66
N PRO A 783 23.54 -0.63 -10.11
CA PRO A 783 23.32 -1.79 -9.24
C PRO A 783 23.29 -3.11 -10.02
N GLU A 784 23.18 -3.02 -11.34
CA GLU A 784 23.32 -4.21 -12.18
C GLU A 784 24.79 -4.59 -12.42
N ILE A 785 25.64 -3.63 -12.79
CA ILE A 785 27.02 -3.94 -13.13
C ILE A 785 27.90 -4.19 -11.90
N THR A 786 27.75 -3.37 -10.86
CA THR A 786 28.61 -3.50 -9.68
C THR A 786 28.74 -4.90 -9.03
N PRO A 787 27.66 -5.70 -9.01
CA PRO A 787 27.82 -7.05 -8.44
C PRO A 787 28.91 -7.87 -9.13
N PHE A 788 28.92 -7.90 -10.45
CA PHE A 788 29.94 -8.64 -11.18
C PHE A 788 31.29 -7.95 -11.09
N LEU A 789 31.28 -6.67 -10.70
CA LEU A 789 32.52 -5.92 -10.54
C LEU A 789 33.25 -6.36 -9.29
N ILE A 790 32.64 -6.11 -8.14
CA ILE A 790 33.28 -6.44 -6.86
C ILE A 790 33.32 -7.95 -6.62
N PHE A 791 32.68 -8.71 -7.51
CA PHE A 791 32.83 -10.15 -7.54
C PHE A 791 34.26 -10.48 -7.97
N ILE A 792 34.72 -9.76 -8.99
CA ILE A 792 36.08 -9.92 -9.52
C ILE A 792 37.10 -9.30 -8.59
N ILE A 793 36.70 -8.25 -7.90
CA ILE A 793 37.62 -7.48 -7.07
C ILE A 793 37.89 -8.12 -5.72
N ALA A 794 36.87 -8.23 -4.89
CA ALA A 794 37.05 -8.73 -3.53
C ALA A 794 36.80 -10.24 -3.38
N ASN A 795 36.53 -10.91 -4.51
CA ASN A 795 36.33 -12.35 -4.53
C ASN A 795 35.24 -12.88 -3.58
N ILE A 796 34.11 -12.20 -3.55
CA ILE A 796 32.90 -12.65 -2.85
C ILE A 796 32.00 -13.45 -3.79
N PRO A 797 31.08 -14.27 -3.24
CA PRO A 797 30.16 -15.01 -4.11
C PRO A 797 29.27 -14.06 -4.89
N LEU A 798 28.96 -14.42 -6.14
CA LEU A 798 28.23 -13.50 -7.01
C LEU A 798 26.84 -13.11 -6.49
N PRO A 799 26.68 -11.82 -6.13
CA PRO A 799 25.45 -11.31 -5.51
C PRO A 799 24.22 -11.29 -6.42
N LEU A 800 24.40 -11.01 -7.71
CA LEU A 800 23.28 -10.83 -8.63
C LEU A 800 23.57 -11.53 -9.95
N GLY A 801 22.67 -12.43 -10.34
CA GLY A 801 22.90 -13.26 -11.51
C GLY A 801 22.57 -12.59 -12.84
N THR A 802 22.60 -13.40 -13.89
CA THR A 802 22.26 -12.92 -15.23
C THR A 802 20.75 -12.97 -15.47
N VAL A 803 20.07 -13.95 -15.01
CA VAL A 803 18.62 -14.07 -15.16
C VAL A 803 17.89 -12.98 -14.40
N THR A 804 18.33 -12.72 -13.17
CA THR A 804 17.76 -11.62 -12.38
C THR A 804 17.90 -10.30 -13.11
N ILE A 805 19.13 -9.99 -13.51
CA ILE A 805 19.42 -8.78 -14.26
C ILE A 805 18.47 -8.63 -15.43
N LEU A 806 18.21 -9.74 -16.11
CA LEU A 806 17.25 -9.71 -17.21
C LEU A 806 15.83 -9.41 -16.74
N CYS A 807 15.42 -10.01 -15.63
CA CYS A 807 14.09 -9.74 -15.08
C CYS A 807 13.92 -8.28 -14.73
N ILE A 808 15.00 -7.61 -14.39
CA ILE A 808 14.93 -6.16 -14.20
C ILE A 808 14.87 -5.41 -15.52
N ASP A 809 15.91 -5.57 -16.34
CA ASP A 809 16.03 -4.83 -17.60
C ASP A 809 14.78 -4.99 -18.48
N LEU A 810 14.44 -6.23 -18.84
CA LEU A 810 13.27 -6.47 -19.67
C LEU A 810 11.97 -6.86 -18.96
N GLY A 811 12.02 -7.25 -17.70
CA GLY A 811 10.80 -7.63 -17.01
C GLY A 811 9.94 -6.61 -16.27
N THR A 812 10.57 -5.93 -15.31
CA THR A 812 9.81 -5.11 -14.37
C THR A 812 9.79 -3.69 -14.89
N ASP A 813 10.99 -3.12 -15.03
CA ASP A 813 11.18 -1.73 -15.42
C ASP A 813 10.47 -1.33 -16.70
N MET A 814 10.06 -2.30 -17.51
CA MET A 814 9.41 -1.99 -18.79
C MET A 814 8.18 -1.10 -18.63
N VAL A 815 7.20 -1.54 -17.86
CA VAL A 815 5.99 -0.74 -17.67
C VAL A 815 6.27 0.66 -17.10
N PRO A 816 7.07 0.76 -16.02
CA PRO A 816 7.41 2.11 -15.55
C PRO A 816 8.10 2.97 -16.61
N ALA A 817 9.09 2.41 -17.29
CA ALA A 817 9.85 3.16 -18.28
C ALA A 817 8.97 3.64 -19.43
N ILE A 818 7.89 2.91 -19.71
CA ILE A 818 6.94 3.37 -20.70
C ILE A 818 6.03 4.43 -20.09
N SER A 819 5.61 4.19 -18.86
CA SER A 819 4.66 5.05 -18.16
C SER A 819 5.22 6.46 -18.08
N LEU A 820 6.53 6.54 -18.03
CA LEU A 820 7.23 7.82 -17.99
C LEU A 820 6.88 8.68 -19.21
N ALA A 821 6.57 8.04 -20.33
CA ALA A 821 6.24 8.76 -21.56
C ALA A 821 4.93 9.51 -21.42
N TYR A 822 4.12 9.11 -20.45
CA TYR A 822 2.83 9.72 -20.24
C TYR A 822 2.92 10.90 -19.31
N GLU A 823 4.14 11.22 -18.89
CA GLU A 823 4.37 12.39 -18.06
C GLU A 823 3.94 13.65 -18.80
N GLN A 824 3.54 14.67 -18.05
CA GLN A 824 3.05 15.89 -18.68
C GLN A 824 4.04 17.04 -18.61
N ALA A 825 3.63 18.18 -19.17
CA ALA A 825 4.43 19.38 -19.20
C ALA A 825 4.70 19.87 -17.79
N GLU A 826 5.97 20.09 -17.46
CA GLU A 826 6.33 20.53 -16.11
C GLU A 826 6.16 22.03 -15.95
N SER A 827 6.05 22.72 -17.07
CA SER A 827 5.78 24.15 -17.10
C SER A 827 5.22 24.43 -18.48
N ASP A 828 5.00 25.69 -18.83
CA ASP A 828 4.52 25.96 -20.18
C ASP A 828 5.70 25.83 -21.11
N ILE A 829 5.64 24.85 -22.01
CA ILE A 829 6.76 24.60 -22.90
C ILE A 829 6.73 25.55 -24.10
N MET A 830 5.52 25.86 -24.56
CA MET A 830 5.38 26.75 -25.69
C MET A 830 5.85 28.17 -25.37
N LYS A 831 6.13 28.41 -24.09
CA LYS A 831 6.76 29.65 -23.67
C LYS A 831 8.24 29.65 -24.04
N ARG A 832 8.94 28.57 -23.69
CA ARG A 832 10.40 28.52 -23.84
C ARG A 832 10.87 28.51 -25.30
N GLN A 833 12.06 29.08 -25.52
CA GLN A 833 12.67 29.14 -26.84
C GLN A 833 12.98 27.76 -27.39
N PRO A 834 13.17 27.64 -28.72
CA PRO A 834 13.53 26.33 -29.25
C PRO A 834 14.90 25.92 -28.76
N ARG A 835 15.12 24.63 -28.55
CA ARG A 835 16.41 24.15 -28.05
C ARG A 835 17.53 24.40 -29.04
N ASN A 836 18.76 24.47 -28.52
CA ASN A 836 19.94 24.58 -29.36
C ASN A 836 20.55 23.20 -29.53
N PRO A 837 20.61 22.71 -30.78
CA PRO A 837 21.16 21.39 -31.07
C PRO A 837 22.60 21.19 -30.58
N LYS A 838 23.41 22.24 -30.58
CA LYS A 838 24.79 22.14 -30.10
C LYS A 838 24.87 22.10 -28.57
N THR A 839 24.11 23.00 -27.93
CA THR A 839 24.15 23.15 -26.47
C THR A 839 23.32 22.11 -25.74
N ASP A 840 22.01 22.23 -25.85
CA ASP A 840 21.08 21.36 -25.12
C ASP A 840 21.06 19.97 -25.73
N LYS A 841 21.38 18.97 -24.94
CA LYS A 841 21.45 17.60 -25.44
C LYS A 841 20.41 16.70 -24.76
N LEU A 842 20.09 15.60 -25.44
CA LEU A 842 19.10 14.66 -24.92
C LEU A 842 19.75 13.98 -23.73
N VAL A 843 20.80 13.22 -24.01
CA VAL A 843 21.60 12.66 -22.93
C VAL A 843 22.89 13.44 -22.82
N ASN A 844 23.06 14.12 -21.68
CA ASN A 844 24.22 14.98 -21.48
C ASN A 844 24.96 14.68 -20.19
N GLU A 845 26.15 15.27 -20.08
CA GLU A 845 27.14 15.04 -19.03
C GLU A 845 26.52 15.09 -17.62
N GLN A 846 25.49 15.93 -17.50
CA GLN A 846 24.70 16.07 -16.29
C GLN A 846 23.90 14.79 -15.97
N LEU A 847 23.16 14.30 -16.96
CA LEU A 847 22.33 13.10 -16.78
C LEU A 847 23.15 11.92 -16.29
N ILE A 848 24.29 11.71 -16.93
CA ILE A 848 25.15 10.60 -16.55
C ILE A 848 25.66 10.86 -15.14
N SER A 849 26.03 12.11 -14.87
CA SER A 849 26.43 12.47 -13.50
C SER A 849 25.37 12.18 -12.44
N MET A 850 24.09 12.12 -12.84
CA MET A 850 23.02 11.74 -11.92
C MET A 850 22.79 10.23 -11.87
N ALA A 851 22.43 9.66 -13.01
CA ALA A 851 22.09 8.23 -13.12
C ALA A 851 23.21 7.30 -12.67
N TYR A 852 24.39 7.44 -13.28
CA TYR A 852 25.52 6.60 -12.90
C TYR A 852 26.15 7.11 -11.61
N GLY A 853 26.30 8.42 -11.51
CA GLY A 853 27.04 9.03 -10.42
C GLY A 853 26.39 8.96 -9.04
N GLN A 854 25.14 9.37 -8.94
CA GLN A 854 24.49 9.52 -7.64
C GLN A 854 23.43 8.46 -7.33
N ILE A 855 22.31 8.48 -8.06
CA ILE A 855 21.18 7.63 -7.74
C ILE A 855 21.51 6.15 -7.92
N GLY A 856 22.14 5.82 -9.03
CA GLY A 856 22.58 4.46 -9.29
C GLY A 856 23.40 3.87 -8.16
N MET A 857 24.24 4.72 -7.57
CA MET A 857 25.12 4.29 -6.48
C MET A 857 24.34 3.93 -5.22
N ILE A 858 23.41 4.80 -4.83
CA ILE A 858 22.55 4.53 -3.69
C ILE A 858 21.80 3.21 -3.92
N GLN A 859 21.36 3.00 -5.16
CA GLN A 859 20.75 1.72 -5.52
C GLN A 859 21.68 0.53 -5.27
N ALA A 860 22.88 0.59 -5.83
CA ALA A 860 23.88 -0.46 -5.65
C ALA A 860 24.07 -0.81 -4.17
N LEU A 861 24.23 0.23 -3.36
CA LEU A 861 24.40 0.06 -1.93
C LEU A 861 23.22 -0.68 -1.31
N GLY A 862 22.01 -0.27 -1.66
CA GLY A 862 20.83 -0.99 -1.21
C GLY A 862 20.92 -2.48 -1.52
N GLY A 863 21.26 -2.78 -2.77
CA GLY A 863 21.40 -4.16 -3.22
C GLY A 863 22.36 -4.98 -2.40
N PHE A 864 23.58 -4.46 -2.27
CA PHE A 864 24.59 -5.16 -1.48
C PHE A 864 24.19 -5.32 -0.02
N PHE A 865 23.51 -4.32 0.52
CA PHE A 865 23.01 -4.43 1.89
C PHE A 865 22.08 -5.64 2.04
N THR A 866 21.10 -5.76 1.15
CA THR A 866 20.22 -6.92 1.17
C THR A 866 21.00 -8.23 1.08
N TYR A 867 21.97 -8.25 0.16
CA TYR A 867 22.86 -9.41 -0.01
C TYR A 867 23.45 -9.81 1.35
N PHE A 868 24.09 -8.87 2.02
CA PHE A 868 24.75 -9.19 3.28
C PHE A 868 23.79 -9.57 4.38
N VAL A 869 22.60 -8.99 4.39
CA VAL A 869 21.61 -9.38 5.38
C VAL A 869 21.28 -10.84 5.21
N ILE A 870 21.02 -11.26 3.97
CA ILE A 870 20.71 -12.66 3.71
C ILE A 870 21.86 -13.60 4.05
N LEU A 871 23.06 -13.29 3.58
CA LEU A 871 24.18 -14.19 3.85
C LEU A 871 24.59 -14.24 5.32
N ALA A 872 24.62 -13.08 5.98
CA ALA A 872 24.92 -13.01 7.40
C ALA A 872 23.89 -13.77 8.23
N GLU A 873 22.63 -13.63 7.86
CA GLU A 873 21.60 -14.37 8.57
C GLU A 873 21.73 -15.88 8.36
N ASN A 874 22.05 -16.28 7.14
CA ASN A 874 22.25 -17.70 6.84
C ASN A 874 23.53 -18.33 7.38
N GLY A 875 24.37 -17.53 8.03
CA GLY A 875 25.57 -18.05 8.65
C GLY A 875 26.90 -17.63 8.06
N PHE A 876 26.88 -16.94 6.92
CA PHE A 876 28.11 -16.38 6.39
C PHE A 876 28.17 -14.89 6.69
N LEU A 877 29.02 -14.52 7.64
CA LEU A 877 29.15 -13.12 8.01
C LEU A 877 29.96 -12.42 6.92
N PRO A 878 29.63 -11.15 6.64
CA PRO A 878 30.14 -10.46 5.45
C PRO A 878 31.67 -10.49 5.33
N ILE A 879 32.34 -10.24 6.45
CA ILE A 879 33.79 -10.18 6.49
C ILE A 879 34.42 -11.50 6.05
N HIS A 880 33.71 -12.59 6.32
CA HIS A 880 34.16 -13.94 6.01
C HIS A 880 33.88 -14.29 4.55
N LEU A 881 33.03 -13.50 3.90
CA LEU A 881 32.66 -13.76 2.51
C LEU A 881 33.76 -13.44 1.51
N LEU A 882 34.84 -12.83 1.99
CA LEU A 882 35.90 -12.36 1.11
C LEU A 882 36.84 -13.48 0.68
N GLY A 883 37.11 -13.57 -0.61
CA GLY A 883 38.00 -14.59 -1.15
C GLY A 883 37.32 -15.94 -1.24
N LEU A 884 36.14 -16.03 -0.66
CA LEU A 884 35.40 -17.27 -0.52
C LEU A 884 35.04 -17.86 -1.89
N ARG A 885 34.76 -16.98 -2.85
CA ARG A 885 34.22 -17.39 -4.15
C ARG A 885 34.98 -18.52 -4.82
N VAL A 886 36.32 -18.48 -4.73
CA VAL A 886 37.17 -19.48 -5.35
C VAL A 886 36.71 -20.88 -4.97
N ASN A 887 36.50 -21.10 -3.68
CA ASN A 887 35.98 -22.38 -3.21
C ASN A 887 34.47 -22.46 -3.35
N TRP A 888 33.81 -21.31 -3.20
CA TRP A 888 32.36 -21.24 -3.23
C TRP A 888 31.86 -21.73 -4.59
N ASP A 889 32.47 -21.22 -5.65
CA ASP A 889 32.09 -21.59 -7.02
C ASP A 889 32.61 -22.95 -7.44
N ASP A 890 33.42 -23.58 -6.60
CA ASP A 890 33.94 -24.91 -6.89
C ASP A 890 32.89 -25.98 -6.62
N ARG A 891 32.51 -26.72 -7.66
CA ARG A 891 31.42 -27.68 -7.58
C ARG A 891 31.72 -28.84 -6.63
N TRP A 892 33.01 -29.14 -6.48
CA TRP A 892 33.42 -30.35 -5.76
C TRP A 892 33.84 -30.15 -4.32
N ILE A 893 33.85 -28.92 -3.84
CA ILE A 893 34.15 -28.72 -2.43
C ILE A 893 32.81 -28.70 -1.70
N ASN A 894 32.53 -29.80 -1.01
CA ASN A 894 31.27 -29.93 -0.28
C ASN A 894 31.37 -29.74 1.24
N ASP A 895 32.57 -29.48 1.73
CA ASP A 895 32.73 -28.99 3.08
C ASP A 895 33.27 -27.57 3.01
N VAL A 896 32.41 -26.60 3.30
CA VAL A 896 32.74 -25.19 3.16
C VAL A 896 32.35 -24.48 4.43
N GLU A 897 33.33 -23.94 5.13
CA GLU A 897 33.07 -23.40 6.46
C GLU A 897 32.42 -22.01 6.44
N ASP A 898 31.27 -21.89 7.08
CA ASP A 898 30.68 -20.58 7.33
C ASP A 898 31.32 -19.96 8.56
N SER A 899 30.75 -18.89 9.08
CA SER A 899 31.32 -18.25 10.27
C SER A 899 31.00 -19.01 11.56
N TYR A 900 30.04 -19.92 11.50
CA TYR A 900 29.68 -20.72 12.67
C TYR A 900 30.33 -22.10 12.70
N GLY A 901 31.15 -22.40 11.68
CA GLY A 901 31.88 -23.65 11.64
C GLY A 901 31.14 -24.78 10.93
N GLN A 902 29.98 -24.48 10.39
CA GLN A 902 29.17 -25.46 9.68
C GLN A 902 29.70 -25.71 8.27
N GLN A 903 29.37 -26.87 7.72
CA GLN A 903 29.88 -27.26 6.41
C GLN A 903 28.79 -27.36 5.34
N TRP A 904 28.92 -26.55 4.30
CA TRP A 904 27.93 -26.49 3.23
C TRP A 904 28.39 -27.27 1.99
N THR A 905 27.45 -27.95 1.35
CA THR A 905 27.74 -28.64 0.08
C THR A 905 27.70 -27.61 -1.05
N TYR A 906 27.72 -28.09 -2.29
CA TYR A 906 27.64 -27.16 -3.42
C TYR A 906 26.23 -26.62 -3.54
N GLU A 907 25.28 -27.50 -3.82
CA GLU A 907 23.89 -27.10 -4.05
C GLU A 907 23.26 -26.28 -2.92
N GLN A 908 23.61 -26.59 -1.68
CA GLN A 908 23.04 -25.86 -0.55
C GLN A 908 23.42 -24.38 -0.62
N ARG A 909 24.72 -24.13 -0.58
CA ARG A 909 25.21 -22.75 -0.58
C ARG A 909 24.86 -22.04 -1.89
N LYS A 910 24.78 -22.80 -2.98
CA LYS A 910 24.40 -22.24 -4.27
C LYS A 910 22.94 -21.84 -4.26
N ILE A 911 22.14 -22.55 -3.49
CA ILE A 911 20.72 -22.20 -3.33
C ILE A 911 20.64 -20.93 -2.51
N VAL A 912 21.52 -20.78 -1.53
CA VAL A 912 21.55 -19.51 -0.83
C VAL A 912 22.02 -18.36 -1.75
N GLU A 913 22.91 -18.67 -2.70
CA GLU A 913 23.36 -17.67 -3.67
C GLU A 913 22.23 -17.26 -4.61
N PHE A 914 21.42 -18.23 -5.04
CA PHE A 914 20.29 -17.96 -5.92
C PHE A 914 19.15 -17.31 -5.14
N THR A 915 19.02 -17.68 -3.88
CA THR A 915 18.03 -17.03 -3.01
C THR A 915 18.67 -15.75 -2.50
N CYS A 916 19.92 -15.52 -2.88
CA CYS A 916 20.51 -14.19 -2.77
C CYS A 916 20.42 -13.37 -4.06
N HIS A 917 20.09 -14.01 -5.18
CA HIS A 917 19.94 -13.26 -6.42
C HIS A 917 18.56 -12.63 -6.46
N THR A 918 17.56 -13.43 -6.09
CA THR A 918 16.18 -13.00 -6.04
C THR A 918 15.92 -11.74 -5.20
N PRO A 919 16.48 -11.66 -3.98
CA PRO A 919 16.29 -10.46 -3.16
C PRO A 919 17.09 -9.28 -3.68
N PHE A 920 18.16 -9.54 -4.43
CA PHE A 920 18.90 -8.44 -5.04
C PHE A 920 18.01 -7.84 -6.11
N PHE A 921 17.33 -8.72 -6.85
CA PHE A 921 16.40 -8.33 -7.90
C PHE A 921 15.20 -7.58 -7.33
N VAL A 922 14.60 -8.14 -6.29
CA VAL A 922 13.50 -7.47 -5.59
C VAL A 922 13.95 -6.10 -5.08
N THR A 923 15.14 -6.06 -4.46
CA THR A 923 15.71 -4.81 -3.96
C THR A 923 15.87 -3.76 -5.07
N ILE A 924 16.34 -4.21 -6.24
CA ILE A 924 16.41 -3.34 -7.40
C ILE A 924 15.05 -2.75 -7.64
N VAL A 925 14.01 -3.60 -7.65
CA VAL A 925 12.65 -3.11 -7.84
C VAL A 925 12.29 -2.04 -6.82
N VAL A 926 12.55 -2.33 -5.55
CA VAL A 926 12.24 -1.40 -4.47
C VAL A 926 12.86 -0.04 -4.69
N VAL A 927 14.13 -0.01 -5.11
CA VAL A 927 14.80 1.27 -5.34
C VAL A 927 14.39 1.92 -6.67
N GLN A 928 13.84 1.11 -7.57
CA GLN A 928 13.30 1.64 -8.82
C GLN A 928 11.91 2.24 -8.62
N TRP A 929 11.30 1.97 -7.47
CA TRP A 929 10.11 2.71 -7.06
C TRP A 929 10.48 4.17 -6.91
N ALA A 930 11.43 4.39 -6.00
CA ALA A 930 11.90 5.73 -5.67
C ALA A 930 12.42 6.40 -6.93
N ASP A 931 13.24 5.67 -7.67
CA ASP A 931 13.82 6.21 -8.89
C ASP A 931 12.75 6.62 -9.88
N LEU A 932 11.73 5.78 -10.04
CA LEU A 932 10.63 6.10 -10.97
C LEU A 932 9.83 7.31 -10.51
N VAL A 933 9.67 7.49 -9.21
CA VAL A 933 8.93 8.67 -8.74
C VAL A 933 9.73 9.98 -8.89
N ILE A 934 11.04 9.92 -8.69
CA ILE A 934 11.85 11.12 -8.87
C ILE A 934 12.23 11.40 -10.33
N CYS A 935 12.20 10.37 -11.17
CA CYS A 935 12.50 10.51 -12.59
C CYS A 935 11.29 11.08 -13.32
N LYS A 936 10.16 11.07 -12.63
CA LYS A 936 8.91 11.62 -13.13
C LYS A 936 9.06 13.11 -13.43
N THR A 937 9.84 13.80 -12.60
CA THR A 937 10.00 15.24 -12.69
C THR A 937 11.47 15.65 -12.72
N ARG A 938 11.82 16.53 -13.66
CA ARG A 938 13.18 17.06 -13.77
C ARG A 938 13.46 18.24 -12.85
N ARG A 939 12.44 19.07 -12.62
CA ARG A 939 12.57 20.29 -11.85
C ARG A 939 11.54 20.36 -10.72
N ASN A 940 10.26 20.29 -11.08
CA ASN A 940 9.16 20.31 -10.11
C ASN A 940 9.31 19.28 -9.01
N SER A 941 8.92 19.66 -7.79
CA SER A 941 8.87 18.72 -6.69
C SER A 941 7.64 17.84 -6.87
N VAL A 942 7.75 16.57 -6.48
CA VAL A 942 6.69 15.60 -6.70
C VAL A 942 5.37 16.05 -6.08
N PHE A 943 5.47 16.92 -5.10
CA PHE A 943 4.27 17.46 -4.46
C PHE A 943 3.50 18.47 -5.30
N GLN A 944 4.07 18.85 -6.44
CA GLN A 944 3.42 19.81 -7.32
C GLN A 944 2.84 19.12 -8.54
N GLN A 945 3.73 18.57 -9.36
CA GLN A 945 3.35 17.84 -10.57
C GLN A 945 2.45 16.67 -10.20
N GLY A 946 2.81 15.99 -9.12
CA GLY A 946 1.94 15.00 -8.52
C GLY A 946 1.82 13.66 -9.22
N MET A 947 1.12 12.74 -8.57
CA MET A 947 0.97 11.35 -8.97
C MET A 947 -0.19 11.10 -9.92
N LYS A 948 -0.72 12.17 -10.52
CA LYS A 948 -1.85 12.09 -11.43
C LYS A 948 -1.65 11.12 -12.61
N ASN A 949 -0.43 10.66 -12.83
CA ASN A 949 -0.17 9.72 -13.92
C ASN A 949 -0.66 8.32 -13.53
N LYS A 950 -1.64 7.81 -14.26
CA LYS A 950 -2.29 6.55 -13.89
C LYS A 950 -1.49 5.33 -14.31
N ILE A 951 -0.94 5.40 -15.52
CA ILE A 951 -0.07 4.34 -16.03
C ILE A 951 1.11 4.13 -15.10
N LEU A 952 1.62 5.21 -14.53
CA LEU A 952 2.76 5.14 -13.62
C LEU A 952 2.41 4.37 -12.34
N ILE A 953 1.29 4.74 -11.74
CA ILE A 953 0.78 4.02 -10.58
C ILE A 953 0.71 2.54 -10.91
N PHE A 954 0.00 2.25 -12.01
CA PHE A 954 -0.16 0.87 -12.43
C PHE A 954 1.18 0.19 -12.58
N GLY A 955 2.14 0.94 -13.09
CA GLY A 955 3.48 0.44 -13.31
C GLY A 955 4.05 -0.03 -12.00
N LEU A 956 3.90 0.79 -10.97
CA LEU A 956 4.37 0.42 -9.65
C LEU A 956 3.73 -0.88 -9.14
N PHE A 957 2.40 -0.94 -9.25
CA PHE A 957 1.67 -2.14 -8.82
C PHE A 957 2.07 -3.42 -9.55
N GLU A 958 2.04 -3.36 -10.88
CA GLU A 958 2.37 -4.50 -11.73
C GLU A 958 3.82 -4.93 -11.52
N GLU A 959 4.70 -3.95 -11.36
CA GLU A 959 6.11 -4.21 -11.12
C GLU A 959 6.30 -5.03 -9.85
N THR A 960 5.79 -4.49 -8.74
CA THR A 960 5.94 -5.18 -7.47
C THR A 960 5.29 -6.55 -7.51
N ALA A 961 4.08 -6.61 -8.05
CA ALA A 961 3.35 -7.86 -8.20
C ALA A 961 4.19 -8.89 -8.93
N LEU A 962 4.84 -8.45 -9.99
CA LEU A 962 5.65 -9.30 -10.86
C LEU A 962 6.84 -9.88 -10.08
N ALA A 963 7.62 -8.99 -9.45
CA ALA A 963 8.76 -9.43 -8.65
C ALA A 963 8.32 -10.46 -7.60
N ALA A 964 7.24 -10.12 -6.90
CA ALA A 964 6.67 -11.00 -5.88
C ALA A 964 6.37 -12.36 -6.47
N PHE A 965 5.80 -12.35 -7.67
CA PHE A 965 5.45 -13.58 -8.36
C PHE A 965 6.66 -14.45 -8.66
N LEU A 966 7.64 -13.87 -9.34
CA LEU A 966 8.85 -14.61 -9.70
C LEU A 966 9.53 -15.19 -8.47
N SER A 967 9.58 -14.44 -7.39
CA SER A 967 10.13 -15.00 -6.16
C SER A 967 9.30 -16.20 -5.71
N TYR A 968 7.99 -15.99 -5.55
CA TYR A 968 7.16 -16.99 -4.88
C TYR A 968 6.46 -18.04 -5.74
N CYS A 969 6.42 -17.88 -7.06
CA CYS A 969 5.73 -18.87 -7.88
C CYS A 969 6.43 -20.22 -7.82
N PRO A 970 5.65 -21.31 -7.72
CA PRO A 970 6.20 -22.67 -7.62
C PRO A 970 7.06 -23.05 -8.83
N GLY A 971 8.24 -23.61 -8.56
CA GLY A 971 9.11 -24.13 -9.60
C GLY A 971 9.95 -23.08 -10.32
N MET A 972 9.96 -21.87 -9.77
CA MET A 972 10.74 -20.79 -10.35
C MET A 972 12.19 -20.92 -9.94
N GLY A 973 12.43 -21.67 -8.87
CA GLY A 973 13.79 -21.98 -8.46
C GLY A 973 14.34 -23.05 -9.37
N VAL A 974 13.44 -23.87 -9.90
CA VAL A 974 13.80 -24.89 -10.86
C VAL A 974 14.05 -24.24 -12.21
N ALA A 975 13.13 -23.38 -12.64
CA ALA A 975 13.21 -22.72 -13.92
C ALA A 975 14.24 -21.59 -14.00
N LEU A 976 14.12 -20.60 -13.12
CA LEU A 976 15.01 -19.45 -13.17
C LEU A 976 16.12 -19.45 -12.13
N ARG A 977 16.17 -20.47 -11.27
CA ARG A 977 16.98 -20.39 -10.07
C ARG A 977 16.63 -19.11 -9.31
N MET A 978 15.32 -18.88 -9.11
CA MET A 978 14.82 -17.80 -8.27
C MET A 978 14.00 -18.40 -7.15
N TYR A 979 14.35 -18.05 -5.91
CA TYR A 979 13.77 -18.71 -4.76
C TYR A 979 12.91 -17.73 -3.94
N PRO A 980 11.93 -18.27 -3.20
CA PRO A 980 11.06 -17.41 -2.39
C PRO A 980 11.85 -16.63 -1.34
N LEU A 981 11.57 -15.34 -1.22
CA LEU A 981 12.18 -14.54 -0.18
C LEU A 981 11.48 -14.77 1.13
N LYS A 982 12.24 -14.94 2.20
CA LYS A 982 11.70 -14.80 3.55
C LYS A 982 11.22 -13.35 3.61
N PRO A 983 10.11 -13.12 4.30
CA PRO A 983 9.43 -11.82 4.28
C PRO A 983 10.30 -10.64 4.71
N THR A 984 11.03 -10.80 5.81
CA THR A 984 11.91 -9.74 6.30
C THR A 984 12.84 -9.18 5.20
N TRP A 985 13.26 -10.06 4.29
CA TRP A 985 14.13 -9.67 3.16
C TRP A 985 13.60 -8.42 2.47
N TRP A 986 12.29 -8.40 2.19
CA TRP A 986 11.68 -7.34 1.39
C TRP A 986 12.01 -5.94 1.89
N PHE A 987 12.27 -5.83 3.19
CA PHE A 987 12.45 -4.50 3.75
C PHE A 987 13.88 -3.97 3.80
N CYS A 988 14.86 -4.82 3.49
CA CYS A 988 16.25 -4.39 3.53
C CYS A 988 16.50 -3.19 2.63
N ALA A 989 15.91 -3.23 1.44
CA ALA A 989 16.08 -2.17 0.45
C ALA A 989 15.42 -0.87 0.89
N PHE A 990 14.40 -0.98 1.75
CA PHE A 990 13.52 0.15 2.05
C PHE A 990 14.16 1.50 2.37
N PRO A 991 15.09 1.55 3.36
CA PRO A 991 15.61 2.87 3.68
C PRO A 991 16.37 3.50 2.50
N TYR A 992 17.04 2.65 1.72
CA TYR A 992 17.78 3.13 0.57
C TYR A 992 16.88 3.83 -0.45
N SER A 993 15.69 3.28 -0.68
CA SER A 993 14.72 3.91 -1.56
C SER A 993 14.30 5.26 -1.03
N LEU A 994 13.97 5.30 0.26
CA LEU A 994 13.56 6.54 0.91
C LEU A 994 14.65 7.60 0.82
N LEU A 995 15.91 7.16 0.93
CA LEU A 995 17.04 8.08 0.77
C LEU A 995 17.02 8.67 -0.63
N ILE A 996 16.92 7.81 -1.63
CA ILE A 996 16.81 8.24 -3.02
C ILE A 996 15.73 9.30 -3.21
N PHE A 997 14.52 9.00 -2.76
CA PHE A 997 13.41 9.95 -2.85
C PHE A 997 13.73 11.27 -2.15
N VAL A 998 14.07 11.18 -0.87
CA VAL A 998 14.33 12.37 -0.09
C VAL A 998 15.49 13.17 -0.67
N TYR A 999 16.49 12.45 -1.18
CA TYR A 999 17.65 13.10 -1.77
C TYR A 999 17.25 13.94 -2.98
N ASP A 1000 16.65 13.29 -3.96
CA ASP A 1000 16.33 13.99 -5.20
C ASP A 1000 15.31 15.09 -4.98
N GLU A 1001 14.45 14.92 -3.99
CA GLU A 1001 13.40 15.90 -3.76
C GLU A 1001 14.00 17.23 -3.34
N VAL A 1002 15.03 17.20 -2.49
CA VAL A 1002 15.66 18.42 -2.04
C VAL A 1002 16.61 18.99 -3.10
N ARG A 1003 17.10 18.12 -3.97
CA ARG A 1003 17.86 18.58 -5.12
C ARG A 1003 16.93 19.39 -6.00
N LYS A 1004 15.71 18.87 -6.19
CA LYS A 1004 14.71 19.52 -7.01
C LYS A 1004 13.96 20.60 -6.24
N LEU A 1005 14.39 20.83 -5.00
CA LEU A 1005 13.94 21.96 -4.21
C LEU A 1005 14.97 23.07 -4.38
N ILE A 1006 16.21 22.76 -4.03
CA ILE A 1006 17.33 23.67 -4.22
C ILE A 1006 17.37 24.24 -5.63
N ILE A 1007 17.10 23.41 -6.63
CA ILE A 1007 17.11 23.86 -8.02
C ILE A 1007 16.01 24.89 -8.27
N ARG A 1008 14.84 24.67 -7.69
CA ARG A 1008 13.76 25.65 -7.81
C ARG A 1008 14.16 26.94 -7.10
N ARG A 1009 14.61 26.80 -5.86
CA ARG A 1009 14.93 27.96 -5.02
C ARG A 1009 16.11 28.77 -5.59
N ARG A 1010 17.19 28.10 -5.96
CA ARG A 1010 18.36 28.79 -6.49
C ARG A 1010 18.58 28.36 -7.92
N PRO A 1011 18.00 29.11 -8.88
CA PRO A 1011 18.27 28.77 -10.28
C PRO A 1011 19.51 29.51 -10.75
N GLY A 1012 20.57 29.47 -9.95
CA GLY A 1012 21.81 30.09 -10.36
C GLY A 1012 22.44 29.29 -11.49
N GLY A 1013 22.78 28.04 -11.23
CA GLY A 1013 22.91 27.53 -9.88
C GLY A 1013 23.83 26.33 -9.91
N TRP A 1014 24.54 26.07 -8.83
CA TRP A 1014 25.53 25.00 -8.82
C TRP A 1014 24.87 23.63 -8.95
N VAL A 1015 23.81 23.41 -8.20
CA VAL A 1015 23.06 22.17 -8.32
C VAL A 1015 22.42 22.10 -9.71
N GLU A 1016 21.97 23.26 -10.21
CA GLU A 1016 21.31 23.28 -11.51
C GLU A 1016 22.33 23.02 -12.61
N LYS A 1017 23.52 23.57 -12.46
CA LYS A 1017 24.56 23.39 -13.48
C LYS A 1017 25.13 21.97 -13.46
N GLU A 1018 25.28 21.40 -12.27
CA GLU A 1018 25.88 20.08 -12.15
C GLU A 1018 24.94 18.91 -12.40
N THR A 1019 23.67 19.08 -12.02
CA THR A 1019 22.72 17.98 -11.98
C THR A 1019 21.59 18.07 -12.99
N TYR A 1020 20.83 19.16 -12.94
CA TYR A 1020 19.63 19.32 -13.75
C TYR A 1020 19.96 19.00 -15.20
N TYR A 1021 19.25 18.01 -15.74
CA TYR A 1021 19.65 17.38 -16.98
C TYR A 1021 18.53 17.41 -18.00
N PHE B 15 36.36 18.68 -32.87
CA PHE B 15 35.21 18.70 -31.97
C PHE B 15 35.59 18.23 -30.55
N ILE B 16 36.29 17.10 -30.49
CA ILE B 16 36.74 16.51 -29.21
C ILE B 16 38.17 16.93 -28.85
N TRP B 17 38.69 17.91 -29.59
CA TRP B 17 40.05 18.44 -29.44
C TRP B 17 40.12 19.48 -28.31
N ASN B 18 39.17 19.36 -27.38
CA ASN B 18 38.99 20.22 -26.23
C ASN B 18 39.93 19.92 -25.06
N SER B 19 40.98 19.13 -25.32
CA SER B 19 41.90 18.64 -24.30
C SER B 19 42.28 19.69 -23.26
N GLU B 20 43.02 20.73 -23.66
CA GLU B 20 43.29 21.83 -22.73
C GLU B 20 43.52 23.15 -23.45
N LYS B 21 43.01 24.23 -22.86
CA LYS B 21 43.14 25.57 -23.44
C LYS B 21 42.90 26.58 -22.33
N LYS B 22 42.70 27.84 -22.68
CA LYS B 22 42.51 28.90 -21.70
C LYS B 22 41.03 29.17 -21.38
N GLU B 23 40.59 28.79 -20.18
CA GLU B 23 41.32 27.83 -19.34
C GLU B 23 40.36 26.74 -18.87
N PHE B 24 40.50 25.55 -19.44
CA PHE B 24 39.73 24.39 -18.97
C PHE B 24 40.46 23.06 -19.24
N LEU B 25 40.63 22.25 -18.20
CA LEU B 25 41.26 20.93 -18.35
C LEU B 25 40.24 19.94 -18.87
N GLY B 26 40.66 19.09 -19.81
CA GLY B 26 39.73 18.25 -20.53
C GLY B 26 38.82 17.42 -19.64
N ARG B 27 37.52 17.63 -19.81
CA ARG B 27 36.99 18.61 -20.76
C ARG B 27 37.00 20.06 -20.22
N THR B 28 36.24 20.31 -19.16
CA THR B 28 36.20 21.65 -18.54
C THR B 28 36.81 21.67 -17.13
N GLY B 29 37.91 22.39 -16.96
CA GLY B 29 38.67 22.34 -15.73
C GLY B 29 38.66 23.52 -14.76
N GLY B 30 37.70 24.43 -14.89
CA GLY B 30 37.61 25.53 -13.96
C GLY B 30 37.28 25.09 -12.54
N SER B 31 36.15 24.40 -12.41
CA SER B 31 35.57 24.05 -11.11
C SER B 31 35.87 22.65 -10.57
N TRP B 32 36.78 21.91 -11.21
CA TRP B 32 36.99 20.49 -10.90
C TRP B 32 37.08 20.17 -9.41
N PHE B 33 37.64 21.11 -8.65
CA PHE B 33 37.71 20.97 -7.20
C PHE B 33 36.32 20.76 -6.60
N LYS B 34 35.43 21.71 -6.85
CA LYS B 34 34.06 21.68 -6.35
C LYS B 34 33.44 20.29 -6.53
N ILE B 35 33.22 19.88 -7.78
CA ILE B 35 32.63 18.57 -8.05
C ILE B 35 33.35 17.44 -7.32
N LEU B 36 34.68 17.44 -7.39
CA LEU B 36 35.41 16.33 -6.78
C LEU B 36 35.13 16.32 -5.29
N LEU B 37 35.20 17.51 -4.69
CA LEU B 37 34.89 17.66 -3.28
C LEU B 37 33.51 17.08 -3.02
N PHE B 38 32.56 17.47 -3.88
CA PHE B 38 31.18 16.99 -3.76
C PHE B 38 31.16 15.47 -3.75
N TYR B 39 31.78 14.85 -4.75
CA TYR B 39 31.71 13.41 -4.85
C TYR B 39 32.44 12.75 -3.70
N VAL B 40 33.41 13.46 -3.13
CA VAL B 40 34.14 12.92 -1.99
C VAL B 40 33.22 12.96 -0.77
N ILE B 41 32.52 14.08 -0.59
CA ILE B 41 31.57 14.19 0.49
C ILE B 41 30.48 13.15 0.30
N PHE B 42 29.81 13.26 -0.85
CA PHE B 42 28.71 12.38 -1.24
C PHE B 42 29.04 10.91 -1.05
N TYR B 43 30.01 10.40 -1.80
CA TYR B 43 30.39 9.00 -1.69
C TYR B 43 30.83 8.64 -0.27
N GLY B 44 31.39 9.62 0.44
CA GLY B 44 31.72 9.40 1.84
C GLY B 44 30.44 9.07 2.58
N CYS B 45 29.48 9.97 2.49
CA CYS B 45 28.20 9.82 3.19
C CYS B 45 27.53 8.51 2.86
N LEU B 46 27.43 8.21 1.57
CA LEU B 46 26.87 6.95 1.11
C LEU B 46 27.53 5.81 1.87
N ALA B 47 28.86 5.78 1.82
CA ALA B 47 29.63 4.72 2.49
C ALA B 47 29.24 4.66 3.96
N GLY B 48 29.19 5.82 4.59
CA GLY B 48 28.84 5.89 5.99
C GLY B 48 27.50 5.21 6.19
N ILE B 49 26.50 5.68 5.44
CA ILE B 49 25.14 5.15 5.55
C ILE B 49 25.14 3.65 5.37
N PHE B 50 25.92 3.18 4.39
CA PHE B 50 25.95 1.75 4.11
C PHE B 50 26.43 1.02 5.36
N ILE B 51 27.57 1.46 5.88
CA ILE B 51 28.14 0.80 7.04
C ILE B 51 27.13 0.87 8.19
N GLY B 52 26.40 1.98 8.24
CA GLY B 52 25.40 2.14 9.28
C GLY B 52 24.44 0.98 9.21
N THR B 53 23.83 0.78 8.05
CA THR B 53 22.83 -0.26 7.89
C THR B 53 23.45 -1.63 8.14
N ILE B 54 24.72 -1.78 7.77
CA ILE B 54 25.36 -3.09 7.89
C ILE B 54 25.67 -3.34 9.36
N GLN B 55 25.83 -2.24 10.10
CA GLN B 55 26.16 -2.33 11.52
C GLN B 55 24.96 -2.77 12.35
N VAL B 56 23.83 -2.11 12.16
CA VAL B 56 22.62 -2.53 12.85
C VAL B 56 22.27 -3.96 12.46
N MET B 57 22.40 -4.27 11.17
CA MET B 57 22.20 -5.64 10.72
C MET B 57 23.08 -6.58 11.53
N LEU B 58 24.32 -6.17 11.75
CA LEU B 58 25.26 -6.99 12.50
C LEU B 58 24.94 -7.06 13.99
N LEU B 59 24.16 -6.10 14.47
CA LEU B 59 23.69 -6.15 15.85
C LEU B 59 22.68 -7.27 15.99
N THR B 60 21.99 -7.58 14.89
CA THR B 60 20.90 -8.55 14.96
C THR B 60 21.25 -10.02 14.68
N ILE B 61 22.53 -10.35 14.57
CA ILE B 61 22.91 -11.76 14.43
C ILE B 61 23.43 -12.34 15.75
N SER B 62 22.96 -13.52 16.12
CA SER B 62 23.40 -14.16 17.36
C SER B 62 24.85 -14.67 17.27
N GLU B 63 25.68 -14.36 18.28
CA GLU B 63 27.12 -14.69 18.28
C GLU B 63 27.37 -16.19 18.41
N PHE B 64 26.31 -16.92 18.72
CA PHE B 64 26.38 -18.33 19.07
C PHE B 64 25.76 -19.21 18.00
N LYS B 65 24.49 -18.97 17.70
CA LYS B 65 23.78 -19.77 16.72
C LYS B 65 23.44 -18.88 15.52
N PRO B 66 23.50 -19.44 14.30
CA PRO B 66 23.10 -18.68 13.11
C PRO B 66 21.59 -18.46 13.11
N THR B 67 21.14 -17.36 12.51
CA THR B 67 19.73 -17.01 12.59
C THR B 67 18.83 -17.89 11.72
N TYR B 68 19.38 -18.49 10.68
CA TYR B 68 18.63 -19.45 9.85
C TYR B 68 19.41 -20.72 9.55
N GLN B 69 18.91 -21.85 10.02
CA GLN B 69 19.53 -23.13 9.70
C GLN B 69 18.82 -23.95 8.63
N ASP B 70 17.67 -23.48 8.14
CA ASP B 70 16.84 -24.33 7.28
C ASP B 70 17.47 -24.69 5.94
N ARG B 71 18.61 -24.07 5.62
CA ARG B 71 19.33 -24.34 4.38
C ARG B 71 20.24 -25.57 4.38
N VAL B 72 20.84 -25.88 5.53
CA VAL B 72 21.72 -27.04 5.66
C VAL B 72 21.00 -28.30 6.16
N ALA B 73 19.67 -28.22 6.22
CA ALA B 73 18.85 -29.21 6.92
C ALA B 73 19.19 -30.71 6.73
N PRO B 74 19.31 -31.21 5.48
CA PRO B 74 19.89 -32.53 5.27
C PRO B 74 21.42 -32.54 5.09
N PRO B 75 22.21 -32.68 6.17
CA PRO B 75 23.67 -32.66 6.04
C PRO B 75 24.17 -33.64 4.98
N GLY B 76 25.31 -33.35 4.35
CA GLY B 76 25.85 -34.23 3.32
C GLY B 76 27.02 -35.12 3.72
N LEU B 77 27.30 -36.13 2.91
CA LEU B 77 28.41 -37.03 3.15
C LEU B 77 29.59 -36.66 2.26
N THR B 78 30.77 -36.53 2.85
CA THR B 78 31.95 -36.11 2.07
C THR B 78 33.10 -37.11 2.15
N GLN B 79 34.05 -36.99 1.22
CA GLN B 79 35.14 -37.95 1.09
C GLN B 79 36.50 -37.36 1.46
N ILE B 80 37.44 -38.22 1.86
CA ILE B 80 38.78 -37.73 2.18
C ILE B 80 39.51 -37.05 1.01
N PRO B 81 39.76 -37.79 -0.11
CA PRO B 81 40.47 -37.09 -1.18
C PRO B 81 39.46 -36.49 -2.15
N GLN B 82 38.91 -35.32 -1.85
CA GLN B 82 37.94 -34.73 -2.77
C GLN B 82 38.60 -34.63 -4.12
N SER B 83 38.00 -35.29 -5.11
CA SER B 83 38.64 -35.43 -6.40
C SER B 83 38.12 -34.37 -7.36
N GLN B 84 38.67 -34.33 -8.57
CA GLN B 84 38.28 -33.30 -9.51
C GLN B 84 36.81 -33.42 -9.81
N LYS B 85 36.37 -34.57 -10.30
CA LYS B 85 34.95 -34.85 -10.23
C LYS B 85 34.78 -36.24 -9.64
N THR B 86 34.55 -36.30 -8.34
CA THR B 86 34.23 -37.52 -7.61
C THR B 86 35.03 -38.75 -8.01
N GLU B 87 36.27 -38.57 -8.46
CA GLU B 87 36.98 -39.67 -9.09
C GLU B 87 38.43 -39.92 -8.66
N ILE B 88 38.68 -41.11 -8.12
CA ILE B 88 40.03 -41.52 -7.83
C ILE B 88 40.51 -42.52 -8.88
N SER B 89 41.39 -42.06 -9.76
CA SER B 89 41.92 -42.89 -10.83
C SER B 89 43.43 -42.90 -10.73
N PHE B 90 44.00 -44.05 -10.42
CA PHE B 90 45.43 -44.08 -10.09
C PHE B 90 46.12 -45.41 -10.36
N ARG B 91 47.43 -45.33 -10.58
CA ARG B 91 48.24 -46.50 -10.84
C ARG B 91 48.84 -47.02 -9.54
N PRO B 92 48.59 -48.30 -9.22
CA PRO B 92 49.07 -48.96 -8.00
C PRO B 92 50.59 -48.89 -7.85
N ASN B 93 51.28 -48.71 -8.97
CA ASN B 93 52.74 -48.68 -8.97
C ASN B 93 53.32 -47.29 -8.75
N ASP B 94 53.04 -46.38 -9.68
CA ASP B 94 53.64 -45.04 -9.64
C ASP B 94 53.34 -44.33 -8.33
N PRO B 95 54.41 -43.97 -7.60
CA PRO B 95 54.29 -43.24 -6.33
C PRO B 95 53.67 -41.87 -6.54
N GLN B 96 53.87 -41.29 -7.72
CA GLN B 96 53.33 -39.97 -8.03
C GLN B 96 51.89 -40.06 -8.53
N SER B 97 51.46 -41.28 -8.85
CA SER B 97 50.09 -41.51 -9.30
C SER B 97 49.07 -41.21 -8.20
N TYR B 98 49.35 -41.70 -7.00
CA TYR B 98 48.43 -41.49 -5.87
C TYR B 98 48.83 -40.33 -4.94
N GLU B 99 49.91 -39.62 -5.24
CA GLU B 99 50.45 -38.61 -4.33
C GLU B 99 49.49 -37.51 -3.92
N SER B 100 48.70 -37.02 -4.86
CA SER B 100 47.71 -35.98 -4.57
C SER B 100 46.72 -36.44 -3.50
N TYR B 101 46.11 -37.59 -3.75
CA TYR B 101 45.18 -38.19 -2.81
C TYR B 101 45.86 -38.36 -1.46
N VAL B 102 46.99 -39.08 -1.46
CA VAL B 102 47.76 -39.37 -0.25
C VAL B 102 48.01 -38.13 0.61
N VAL B 103 48.45 -37.04 -0.03
CA VAL B 103 48.69 -35.80 0.70
C VAL B 103 47.39 -35.18 1.23
N SER B 104 46.33 -35.24 0.43
CA SER B 104 45.02 -34.78 0.89
C SER B 104 44.62 -35.48 2.20
N ILE B 105 44.68 -36.81 2.20
CA ILE B 105 44.36 -37.57 3.40
C ILE B 105 45.30 -37.15 4.53
N VAL B 106 46.60 -37.09 4.20
CA VAL B 106 47.65 -36.75 5.15
C VAL B 106 47.36 -35.47 5.94
N ARG B 107 46.96 -34.42 5.24
CA ARG B 107 46.67 -33.17 5.90
C ARG B 107 45.31 -33.22 6.60
N PHE B 108 44.38 -33.99 6.02
CA PHE B 108 43.05 -34.12 6.61
C PHE B 108 43.13 -34.67 8.03
N LEU B 109 43.87 -35.76 8.19
CA LEU B 109 43.95 -36.45 9.47
C LEU B 109 45.10 -35.94 10.34
N GLU B 110 45.80 -34.92 9.84
CA GLU B 110 46.87 -34.30 10.59
C GLU B 110 46.32 -33.62 11.84
N LYS B 111 45.03 -33.29 11.80
CA LYS B 111 44.34 -32.67 12.93
C LYS B 111 44.02 -33.71 14.00
N TYR B 112 44.03 -34.99 13.61
CA TYR B 112 43.49 -36.05 14.45
C TYR B 112 44.52 -36.83 15.28
N LYS B 113 45.78 -36.51 15.15
CA LYS B 113 46.82 -37.30 15.82
C LYS B 113 46.83 -37.11 17.34
N ASP B 114 47.22 -38.17 18.06
CA ASP B 114 47.12 -38.21 19.51
C ASP B 114 47.94 -37.15 20.24
N LEU B 115 49.04 -36.72 19.61
CA LEU B 115 49.87 -35.68 20.21
C LEU B 115 49.31 -34.30 19.87
N ALA B 116 48.36 -34.28 18.94
CA ALA B 116 47.65 -33.04 18.61
C ALA B 116 46.53 -32.77 19.61
N GLN B 117 45.88 -33.83 20.11
CA GLN B 117 44.95 -33.58 21.20
C GLN B 117 45.71 -33.98 22.45
N LYS B 118 46.42 -33.01 23.01
CA LYS B 118 47.17 -33.21 24.24
C LYS B 118 46.40 -32.78 25.49
N ASP B 119 45.76 -31.62 25.38
CA ASP B 119 45.20 -30.93 26.52
C ASP B 119 44.00 -31.64 27.09
N ASP B 120 43.96 -31.80 28.41
CA ASP B 120 42.77 -32.30 29.07
C ASP B 120 41.88 -31.13 29.47
N MET B 121 42.43 -29.92 29.31
CA MET B 121 41.67 -28.71 29.56
C MET B 121 40.57 -28.57 28.51
N ILE B 122 40.97 -28.64 27.24
CA ILE B 122 40.00 -28.56 26.15
C ILE B 122 39.57 -29.88 25.49
N PHE B 123 40.22 -31.00 25.84
CA PHE B 123 39.83 -32.29 25.26
C PHE B 123 39.24 -33.22 26.30
N GLU B 124 38.35 -34.10 25.85
CA GLU B 124 37.62 -34.98 26.73
C GLU B 124 37.64 -36.38 26.14
N ASP B 125 37.91 -37.38 26.96
CA ASP B 125 37.94 -38.74 26.45
C ASP B 125 36.54 -39.33 26.59
N CYS B 126 35.92 -39.61 25.44
CA CYS B 126 34.60 -40.23 25.41
C CYS B 126 34.73 -41.74 25.23
N GLY B 127 33.61 -42.42 25.01
CA GLY B 127 33.57 -43.86 24.99
C GLY B 127 34.42 -44.56 23.93
N ASN B 128 34.81 -45.80 24.25
CA ASN B 128 35.46 -46.69 23.29
C ASN B 128 34.41 -47.51 22.55
N VAL B 129 33.15 -47.18 22.82
CA VAL B 129 31.99 -47.84 22.24
C VAL B 129 30.98 -46.72 21.99
N PRO B 130 30.15 -46.84 20.93
CA PRO B 130 29.20 -45.74 20.68
C PRO B 130 28.25 -45.50 21.84
N SER B 131 27.95 -44.22 22.08
CA SER B 131 27.24 -43.81 23.29
C SER B 131 26.21 -42.70 23.03
N GLU B 132 25.34 -42.46 24.01
CA GLU B 132 24.28 -41.47 23.89
C GLU B 132 24.85 -40.07 23.66
N LEU B 133 24.08 -39.21 23.00
CA LEU B 133 24.51 -37.87 22.66
C LEU B 133 24.95 -37.10 23.91
N LYS B 134 26.00 -36.30 23.76
CA LYS B 134 26.47 -35.51 24.88
C LYS B 134 25.96 -34.09 24.75
N GLU B 135 25.00 -33.75 25.59
CA GLU B 135 24.38 -32.43 25.60
C GLU B 135 25.17 -31.56 26.55
N ARG B 136 25.68 -30.43 26.06
CA ARG B 136 26.34 -29.50 26.94
C ARG B 136 25.53 -28.21 27.05
N GLY B 137 24.81 -28.06 28.16
CA GLY B 137 24.09 -26.84 28.47
C GLY B 137 23.24 -26.27 27.35
N GLU B 138 23.23 -24.93 27.26
CA GLU B 138 22.54 -24.23 26.20
C GLU B 138 23.61 -23.60 25.31
N TYR B 139 23.19 -22.84 24.31
CA TYR B 139 24.12 -22.32 23.32
C TYR B 139 24.74 -20.96 23.67
N ASN B 140 24.45 -20.47 24.87
CA ASN B 140 25.05 -19.21 25.33
C ASN B 140 26.42 -19.38 25.99
N ASN B 141 26.96 -18.28 26.49
CA ASN B 141 28.30 -18.25 27.08
C ASN B 141 28.33 -18.37 28.60
N GLU B 142 27.17 -18.59 29.22
CA GLU B 142 27.09 -18.77 30.67
C GLU B 142 28.07 -19.86 31.12
N ARG B 143 28.08 -20.97 30.40
CA ARG B 143 29.11 -21.98 30.55
C ARG B 143 30.37 -21.60 29.78
N GLY B 144 31.51 -22.14 30.19
CA GLY B 144 32.74 -21.85 29.49
C GLY B 144 32.82 -22.46 28.11
N GLU B 145 33.98 -22.33 27.46
CA GLU B 145 34.24 -22.98 26.20
C GLU B 145 34.19 -24.49 26.40
N ARG B 146 33.38 -25.18 25.60
CA ARG B 146 33.09 -26.59 25.81
C ARG B 146 34.26 -27.50 25.49
N LYS B 147 34.39 -28.59 26.24
CA LYS B 147 35.39 -29.62 25.93
C LYS B 147 34.99 -30.30 24.63
N VAL B 148 35.96 -30.90 23.96
CA VAL B 148 35.67 -31.63 22.73
C VAL B 148 36.10 -33.10 22.81
N CYS B 149 35.21 -33.99 22.40
CA CYS B 149 35.47 -35.43 22.44
C CYS B 149 36.59 -35.85 21.50
N ARG B 150 37.47 -36.71 22.01
CA ARG B 150 38.66 -37.18 21.29
C ARG B 150 38.31 -38.21 20.22
N PHE B 151 39.06 -38.18 19.12
CA PHE B 151 38.95 -39.21 18.11
C PHE B 151 40.33 -39.74 17.77
N ARG B 152 40.57 -41.01 18.09
CA ARG B 152 41.87 -41.62 17.90
C ARG B 152 41.88 -42.39 16.58
N LEU B 153 42.91 -42.15 15.76
CA LEU B 153 42.94 -42.69 14.40
C LEU B 153 42.88 -44.21 14.35
N GLU B 154 43.17 -44.86 15.48
CA GLU B 154 43.06 -46.30 15.60
C GLU B 154 41.65 -46.79 15.28
N TRP B 155 40.66 -45.92 15.48
CA TRP B 155 39.27 -46.27 15.22
C TRP B 155 39.04 -46.68 13.76
N LEU B 156 39.84 -46.17 12.84
CA LEU B 156 39.86 -46.72 11.50
C LEU B 156 41.09 -47.60 11.33
N GLY B 157 40.87 -48.91 11.30
CA GLY B 157 41.96 -49.87 11.18
C GLY B 157 42.32 -50.11 9.73
N ASN B 158 43.60 -50.34 9.47
CA ASN B 158 44.08 -50.60 8.11
C ASN B 158 43.96 -49.40 7.18
N CYS B 159 43.17 -48.39 7.56
CA CYS B 159 43.17 -47.11 6.86
C CYS B 159 43.64 -45.99 7.80
N SER B 160 44.87 -45.56 7.54
CA SER B 160 45.61 -44.57 8.33
C SER B 160 45.78 -44.91 9.80
N GLY B 161 45.40 -46.12 10.21
CA GLY B 161 46.26 -47.03 10.93
C GLY B 161 47.33 -46.48 11.85
N LEU B 162 47.16 -45.28 12.40
CA LEU B 162 48.30 -44.58 12.97
C LEU B 162 49.49 -44.62 12.00
N ASN B 163 50.62 -45.11 12.49
CA ASN B 163 51.80 -45.38 11.66
C ASN B 163 51.76 -46.80 11.13
N ASP B 164 50.80 -47.58 11.59
CA ASP B 164 50.75 -49.01 11.29
C ASP B 164 49.93 -49.22 10.03
N GLU B 165 50.63 -49.63 8.98
CA GLU B 165 50.12 -49.73 7.62
C GLU B 165 49.44 -48.38 7.23
N THR B 166 48.51 -48.32 6.28
CA THR B 166 48.49 -49.17 5.08
C THR B 166 49.87 -49.33 4.40
N TYR B 167 50.70 -48.27 4.27
CA TYR B 167 50.36 -46.87 4.47
C TYR B 167 50.05 -46.29 3.10
N GLY B 168 50.16 -47.15 2.09
CA GLY B 168 49.87 -46.77 0.72
C GLY B 168 48.43 -46.33 0.61
N TYR B 169 47.73 -46.46 1.74
CA TYR B 169 46.52 -45.72 2.00
C TYR B 169 45.48 -46.15 1.01
N LYS B 170 45.40 -47.46 0.76
CA LYS B 170 44.83 -48.07 -0.44
C LYS B 170 45.75 -48.51 -1.62
N ASP B 171 47.07 -48.33 -1.50
CA ASP B 171 47.96 -48.63 -2.63
C ASP B 171 47.66 -49.97 -3.34
N GLY B 172 47.42 -51.03 -2.57
CA GLY B 172 46.94 -52.28 -3.12
C GLY B 172 45.50 -52.21 -3.61
N LYS B 173 44.59 -51.87 -2.69
CA LYS B 173 43.17 -51.81 -2.99
C LYS B 173 42.55 -50.57 -2.32
N PRO B 174 41.67 -49.86 -3.05
CA PRO B 174 41.18 -48.52 -2.67
C PRO B 174 40.37 -48.39 -1.37
N CYS B 175 40.62 -47.30 -0.64
CA CYS B 175 39.86 -46.98 0.58
C CYS B 175 39.62 -45.47 0.75
N VAL B 176 38.40 -45.13 1.16
CA VAL B 176 37.98 -43.76 1.37
C VAL B 176 37.21 -43.58 2.68
N ILE B 177 37.67 -42.65 3.50
CA ILE B 177 36.94 -42.20 4.69
C ILE B 177 35.78 -41.31 4.28
N ILE B 178 34.61 -41.61 4.82
CA ILE B 178 33.45 -40.74 4.71
C ILE B 178 33.26 -39.97 6.02
N LYS B 179 32.81 -38.73 5.87
CA LYS B 179 32.60 -37.82 7.00
C LYS B 179 31.23 -37.17 6.87
N LEU B 180 30.63 -36.84 8.02
CA LEU B 180 29.35 -36.13 8.05
C LEU B 180 29.57 -34.63 8.18
N ASN B 181 28.77 -33.86 7.43
CA ASN B 181 28.81 -32.40 7.47
C ASN B 181 28.45 -31.84 8.84
N ARG B 182 29.19 -30.83 9.27
CA ARG B 182 28.95 -30.21 10.56
C ARG B 182 27.77 -29.26 10.52
N VAL B 183 26.81 -29.49 11.41
CA VAL B 183 25.71 -28.54 11.59
C VAL B 183 25.54 -28.24 13.07
N LEU B 184 25.55 -26.95 13.41
CA LEU B 184 25.42 -26.52 14.79
C LEU B 184 24.06 -26.94 15.33
N GLY B 185 24.08 -27.66 16.44
CA GLY B 185 22.84 -28.08 17.07
C GLY B 185 22.26 -29.38 16.55
N PHE B 186 22.76 -29.85 15.41
CA PHE B 186 22.21 -31.04 14.78
C PHE B 186 22.44 -32.29 15.63
N LYS B 187 21.37 -33.01 15.91
CA LYS B 187 21.42 -34.22 16.73
C LYS B 187 20.85 -35.40 15.95
N PRO B 188 21.73 -36.16 15.27
CA PRO B 188 21.32 -37.22 14.35
C PRO B 188 20.47 -38.30 15.03
N LYS B 189 19.31 -38.59 14.45
CA LYS B 189 18.48 -39.69 14.90
C LYS B 189 18.59 -40.82 13.90
N PRO B 190 19.21 -41.94 14.31
CA PRO B 190 19.39 -43.12 13.44
C PRO B 190 18.04 -43.78 13.19
N PRO B 191 17.93 -44.56 12.10
CA PRO B 191 16.63 -45.18 11.80
C PRO B 191 16.23 -46.11 12.94
N LYS B 192 14.89 -46.23 13.11
CA LYS B 192 14.40 -47.03 14.22
C LYS B 192 14.93 -48.47 14.17
N ASN B 193 14.82 -49.21 15.28
CA ASN B 193 15.10 -50.66 15.26
C ASN B 193 14.13 -51.44 14.35
N GLU B 194 13.06 -50.76 13.96
CA GLU B 194 12.23 -51.11 12.83
C GLU B 194 12.87 -50.51 11.57
N SER B 195 14.03 -51.05 11.21
CA SER B 195 14.80 -50.51 10.07
C SER B 195 14.33 -51.09 8.75
N LEU B 196 13.68 -50.26 7.93
CA LEU B 196 13.14 -50.69 6.64
C LEU B 196 14.23 -51.10 5.65
N GLU B 197 14.73 -52.33 5.81
CA GLU B 197 15.68 -52.94 4.88
C GLU B 197 16.93 -52.12 4.62
N THR B 198 17.86 -52.14 5.56
CA THR B 198 19.13 -51.44 5.41
C THR B 198 20.31 -52.38 5.13
N TYR B 199 20.08 -53.43 4.34
CA TYR B 199 21.17 -54.33 3.97
C TYR B 199 21.86 -55.05 5.13
N PRO B 200 23.20 -55.14 5.09
CA PRO B 200 23.95 -55.82 6.15
C PRO B 200 24.49 -54.83 7.16
N VAL B 201 23.98 -54.87 8.39
CA VAL B 201 24.44 -53.92 9.40
C VAL B 201 24.41 -54.52 10.80
N MET B 202 25.26 -54.01 11.68
CA MET B 202 25.29 -54.48 13.05
C MET B 202 24.01 -54.14 13.83
N LYS B 203 23.96 -54.56 15.08
CA LYS B 203 22.78 -54.33 15.92
C LYS B 203 22.97 -53.12 16.80
N TYR B 204 23.93 -52.26 16.45
CA TYR B 204 24.23 -51.07 17.23
C TYR B 204 23.49 -49.88 16.69
N ASN B 205 22.20 -50.09 16.35
CA ASN B 205 21.34 -48.99 15.90
C ASN B 205 21.00 -47.92 16.92
N PRO B 206 20.98 -48.29 18.21
CA PRO B 206 20.58 -47.38 19.28
C PRO B 206 21.38 -46.07 19.26
N TYR B 207 22.71 -46.16 19.23
CA TYR B 207 23.55 -44.97 19.26
C TYR B 207 24.57 -44.91 18.13
N VAL B 208 24.12 -45.10 16.89
CA VAL B 208 25.00 -44.91 15.73
C VAL B 208 24.25 -44.50 14.47
N LEU B 209 24.79 -43.52 13.76
CA LEU B 209 24.25 -43.14 12.47
C LEU B 209 24.93 -43.99 11.41
N PRO B 210 24.16 -44.91 10.80
CA PRO B 210 24.70 -45.92 9.89
C PRO B 210 24.98 -45.39 8.49
N VAL B 211 25.86 -46.09 7.76
CA VAL B 211 26.21 -45.75 6.38
C VAL B 211 26.51 -47.05 5.62
N HIS B 212 26.09 -47.13 4.37
CA HIS B 212 26.37 -48.31 3.56
C HIS B 212 26.61 -47.97 2.08
N CYS B 213 27.49 -48.73 1.43
CA CYS B 213 27.88 -48.43 0.03
C CYS B 213 27.36 -49.43 -1.01
N THR B 214 27.04 -48.93 -2.20
CA THR B 214 26.46 -49.74 -3.27
C THR B 214 27.03 -49.29 -4.63
N GLY B 215 27.01 -50.19 -5.62
CA GLY B 215 27.53 -49.90 -6.94
C GLY B 215 26.68 -48.94 -7.75
N LYS B 216 25.45 -49.33 -8.04
CA LYS B 216 24.51 -48.40 -8.64
C LYS B 216 23.34 -48.23 -7.69
N ARG B 217 22.55 -47.20 -7.94
CA ARG B 217 21.52 -46.77 -7.01
C ARG B 217 20.39 -47.77 -6.76
N ASP B 218 19.55 -48.01 -7.76
CA ASP B 218 18.40 -48.89 -7.58
C ASP B 218 17.97 -49.59 -8.86
N GLU B 219 18.92 -49.79 -9.76
CA GLU B 219 18.68 -50.55 -10.98
C GLU B 219 19.77 -51.59 -11.11
N ASP B 220 19.98 -52.09 -12.33
CA ASP B 220 21.07 -53.01 -12.60
C ASP B 220 22.40 -52.35 -12.27
N LYS B 221 23.36 -53.15 -11.84
CA LYS B 221 24.66 -52.63 -11.47
C LYS B 221 25.75 -53.49 -12.06
N GLU B 222 26.86 -52.85 -12.37
CA GLU B 222 28.09 -53.54 -12.73
C GLU B 222 28.81 -53.92 -11.44
N LYS B 223 28.05 -54.52 -10.53
CA LYS B 223 28.58 -54.86 -9.22
C LYS B 223 29.93 -55.58 -9.26
N VAL B 224 30.97 -54.89 -8.82
CA VAL B 224 32.27 -55.51 -8.50
C VAL B 224 32.91 -54.78 -7.32
N GLY B 225 32.66 -55.31 -6.12
CA GLY B 225 33.20 -54.71 -4.91
C GLY B 225 33.07 -55.58 -3.67
N THR B 226 34.12 -55.59 -2.86
CA THR B 226 34.05 -56.12 -1.51
C THR B 226 34.46 -54.99 -0.60
N MET B 227 33.61 -54.66 0.36
CA MET B 227 33.82 -53.47 1.17
C MET B 227 33.97 -53.78 2.65
N GLU B 228 35.02 -53.23 3.26
CA GLU B 228 35.24 -53.38 4.68
C GLU B 228 35.19 -52.02 5.38
N TYR B 229 34.45 -51.95 6.48
CA TYR B 229 34.24 -50.67 7.17
C TYR B 229 34.98 -50.60 8.51
N PHE B 230 35.55 -49.44 8.81
CA PHE B 230 36.17 -49.21 10.12
C PHE B 230 35.51 -48.05 10.84
N GLY B 231 34.83 -48.34 11.94
CA GLY B 231 34.19 -47.31 12.73
C GLY B 231 34.62 -47.35 14.18
N LEU B 232 34.01 -46.50 15.00
CA LEU B 232 34.26 -46.48 16.42
C LEU B 232 33.82 -47.82 16.97
N GLY B 233 34.75 -48.56 17.56
CA GLY B 233 34.42 -49.85 18.15
C GLY B 233 34.02 -50.92 17.15
N GLY B 234 34.01 -50.58 15.87
CA GLY B 234 33.73 -51.54 14.83
C GLY B 234 32.40 -51.36 14.11
N TYR B 235 31.67 -50.30 14.45
CA TYR B 235 30.36 -50.07 13.84
C TYR B 235 30.48 -49.09 12.69
N PRO B 236 29.87 -49.42 11.54
CA PRO B 236 30.07 -48.69 10.30
C PRO B 236 29.36 -47.36 10.31
N GLY B 237 29.68 -46.48 11.26
CA GLY B 237 28.98 -45.22 11.35
C GLY B 237 29.52 -44.21 12.33
N PHE B 238 28.68 -43.22 12.63
CA PHE B 238 29.04 -42.13 13.52
C PHE B 238 28.39 -42.32 14.88
N PRO B 239 29.21 -42.32 15.94
CA PRO B 239 28.72 -42.49 17.31
C PRO B 239 28.02 -41.21 17.73
N LEU B 240 26.95 -41.32 18.51
CA LEU B 240 26.15 -40.14 18.81
C LEU B 240 26.81 -39.19 19.81
N GLN B 241 27.85 -39.67 20.49
CA GLN B 241 28.49 -38.92 21.57
C GLN B 241 29.14 -37.60 21.14
N TYR B 242 29.43 -37.48 19.84
CA TYR B 242 30.07 -36.28 19.32
C TYR B 242 29.06 -35.20 18.95
N TYR B 243 27.79 -35.48 19.18
CA TYR B 243 26.73 -34.53 18.84
C TYR B 243 25.98 -34.07 20.08
N PRO B 244 25.44 -32.84 20.05
CA PRO B 244 25.44 -31.85 18.96
C PRO B 244 26.72 -31.03 18.83
N TYR B 245 26.98 -30.52 17.64
CA TYR B 245 28.10 -29.60 17.42
C TYR B 245 27.74 -28.24 17.98
N TYR B 246 28.68 -27.63 18.72
CA TYR B 246 28.40 -26.35 19.37
C TYR B 246 28.89 -25.11 18.63
N GLY B 247 29.45 -25.30 17.44
CA GLY B 247 29.86 -24.17 16.63
C GLY B 247 31.30 -23.74 16.89
N LYS B 248 31.89 -23.08 15.91
CA LYS B 248 33.31 -22.75 15.93
C LYS B 248 33.73 -21.89 17.12
N LEU B 249 32.81 -21.09 17.65
CA LEU B 249 33.12 -20.25 18.79
C LEU B 249 33.17 -21.05 20.10
N LEU B 250 32.14 -21.84 20.34
CA LEU B 250 32.06 -22.62 21.57
C LEU B 250 32.94 -23.86 21.57
N GLN B 251 33.27 -24.35 20.38
CA GLN B 251 34.12 -25.53 20.25
C GLN B 251 35.14 -25.42 19.13
N PRO B 252 36.13 -24.52 19.27
CA PRO B 252 37.23 -24.60 18.30
C PRO B 252 38.04 -25.85 18.62
N LYS B 253 38.80 -26.35 17.64
CA LYS B 253 39.52 -27.61 17.77
C LYS B 253 38.58 -28.78 18.02
N TYR B 254 37.35 -28.67 17.53
CA TYR B 254 36.37 -29.73 17.65
C TYR B 254 36.58 -30.82 16.60
N LEU B 255 36.85 -32.03 17.07
CA LEU B 255 37.06 -33.15 16.17
C LEU B 255 35.77 -33.93 15.96
N GLN B 256 35.29 -33.94 14.73
CA GLN B 256 34.07 -34.66 14.37
C GLN B 256 34.38 -36.09 13.97
N PRO B 257 33.38 -36.99 14.09
CA PRO B 257 33.57 -38.41 13.76
C PRO B 257 33.97 -38.68 12.31
N LEU B 258 34.83 -39.67 12.09
CA LEU B 258 35.20 -40.12 10.76
C LEU B 258 34.94 -41.61 10.66
N MET B 259 34.52 -42.10 9.48
CA MET B 259 34.33 -43.54 9.30
C MET B 259 34.88 -44.01 7.97
N ALA B 260 35.71 -45.06 7.98
CA ALA B 260 36.39 -45.44 6.74
C ALA B 260 35.77 -46.63 5.99
N VAL B 261 35.87 -46.58 4.66
CA VAL B 261 35.37 -47.66 3.80
C VAL B 261 36.47 -48.13 2.85
N GLN B 262 36.93 -49.37 3.00
CA GLN B 262 37.92 -49.91 2.07
C GLN B 262 37.34 -50.86 1.05
N PHE B 263 37.67 -50.62 -0.22
CA PHE B 263 37.34 -51.52 -1.31
C PHE B 263 38.51 -52.46 -1.51
N THR B 264 38.31 -53.74 -1.20
CA THR B 264 39.38 -54.73 -1.30
C THR B 264 39.32 -55.46 -2.64
N ASN B 265 38.20 -56.12 -2.91
CA ASN B 265 37.97 -56.75 -4.21
C ASN B 265 37.34 -55.76 -5.18
N LEU B 266 38.06 -55.43 -6.26
CA LEU B 266 37.51 -54.60 -7.33
C LEU B 266 38.19 -54.98 -8.63
N THR B 267 37.52 -54.77 -9.76
CA THR B 267 38.14 -55.02 -11.05
C THR B 267 39.04 -53.83 -11.38
N MET B 268 40.34 -54.11 -11.55
CA MET B 268 41.34 -53.04 -11.61
C MET B 268 41.20 -52.05 -12.77
N ASP B 269 41.27 -52.52 -14.00
CA ASP B 269 41.41 -51.62 -15.14
C ASP B 269 40.08 -51.08 -15.66
N THR B 270 39.02 -51.37 -14.93
CA THR B 270 37.70 -50.84 -15.25
C THR B 270 37.24 -49.80 -14.22
N GLU B 271 36.54 -48.77 -14.68
CA GLU B 271 35.95 -47.77 -13.77
C GLU B 271 34.52 -48.14 -13.41
N ILE B 272 34.28 -48.31 -12.11
CA ILE B 272 32.91 -48.52 -11.64
C ILE B 272 32.54 -47.51 -10.55
N ARG B 273 31.27 -47.15 -10.50
CA ARG B 273 30.78 -46.10 -9.61
C ARG B 273 30.24 -46.63 -8.28
N ILE B 274 30.43 -45.84 -7.22
CA ILE B 274 30.06 -46.21 -5.87
C ILE B 274 29.23 -45.10 -5.22
N GLU B 275 28.20 -45.48 -4.49
CA GLU B 275 27.36 -44.52 -3.75
C GLU B 275 27.23 -44.93 -2.29
N CYS B 276 27.51 -44.00 -1.39
CA CYS B 276 27.38 -44.26 0.04
C CYS B 276 26.25 -43.46 0.65
N LYS B 277 25.25 -44.16 1.17
CA LYS B 277 24.09 -43.51 1.76
C LYS B 277 24.18 -43.59 3.27
N ALA B 278 23.80 -42.49 3.93
CA ALA B 278 23.73 -42.46 5.37
C ALA B 278 22.26 -42.44 5.75
N TYR B 279 21.82 -43.39 6.56
CA TYR B 279 20.40 -43.55 6.84
C TYR B 279 20.00 -42.99 8.21
N GLY B 280 18.80 -42.44 8.29
CA GLY B 280 18.26 -41.92 9.54
C GLY B 280 17.06 -41.04 9.29
N GLU B 281 16.29 -40.75 10.34
CA GLU B 281 15.14 -39.87 10.22
C GLU B 281 15.60 -38.42 10.12
N ASN B 282 16.64 -38.08 10.88
CA ASN B 282 17.23 -36.75 10.87
C ASN B 282 17.98 -36.47 9.58
N ILE B 283 18.10 -37.52 8.76
CA ILE B 283 18.86 -37.47 7.52
C ILE B 283 17.92 -37.39 6.33
N GLY B 284 18.37 -36.71 5.27
CA GLY B 284 17.58 -36.60 4.08
C GLY B 284 18.41 -36.58 2.82
N TYR B 285 17.77 -36.83 1.68
CA TYR B 285 18.46 -36.86 0.40
C TYR B 285 17.73 -35.97 -0.60
N SER B 286 18.52 -35.27 -1.42
CA SER B 286 17.98 -34.50 -2.52
C SER B 286 18.49 -35.11 -3.81
N GLU B 287 17.62 -35.19 -4.82
CA GLU B 287 18.02 -35.75 -6.10
C GLU B 287 18.80 -34.74 -6.93
N LYS B 288 18.63 -33.46 -6.63
CA LYS B 288 19.42 -32.42 -7.29
C LYS B 288 20.81 -32.28 -6.67
N ASP B 289 20.89 -32.46 -5.35
CA ASP B 289 22.18 -32.42 -4.68
C ASP B 289 22.63 -33.85 -4.41
N ARG B 290 23.62 -34.31 -5.18
CA ARG B 290 24.07 -35.69 -5.08
C ARG B 290 24.95 -35.87 -3.85
N PHE B 291 25.32 -34.75 -3.24
CA PHE B 291 26.12 -34.77 -2.02
C PHE B 291 25.29 -34.57 -0.75
N GLN B 292 23.98 -34.43 -0.91
CA GLN B 292 23.12 -34.22 0.25
C GLN B 292 22.62 -35.55 0.79
N GLY B 293 23.13 -35.93 1.95
CA GLY B 293 22.76 -37.17 2.61
C GLY B 293 23.44 -38.38 2.00
N ARG B 294 23.94 -38.22 0.78
CA ARG B 294 24.57 -39.32 0.07
C ARG B 294 25.86 -38.89 -0.60
N PHE B 295 26.42 -39.80 -1.38
CA PHE B 295 27.83 -39.74 -1.71
C PHE B 295 28.04 -40.43 -3.05
N ASP B 296 28.97 -39.93 -3.85
CA ASP B 296 29.29 -40.59 -5.12
C ASP B 296 30.78 -40.54 -5.44
N VAL B 297 31.35 -41.71 -5.78
CA VAL B 297 32.76 -41.81 -6.10
C VAL B 297 33.01 -42.78 -7.26
N LYS B 298 33.74 -42.32 -8.27
CA LYS B 298 34.14 -43.19 -9.37
C LYS B 298 35.61 -43.55 -9.19
N ILE B 299 35.92 -44.83 -9.06
CA ILE B 299 37.32 -45.21 -8.89
C ILE B 299 37.82 -46.20 -9.93
N GLU B 300 38.99 -45.91 -10.49
CA GLU B 300 39.64 -46.81 -11.43
C GLU B 300 41.11 -46.96 -11.05
N VAL B 301 41.49 -48.17 -10.66
CA VAL B 301 42.89 -48.42 -10.33
C VAL B 301 43.51 -49.18 -11.48
N LYS B 302 44.29 -48.47 -12.30
CA LYS B 302 44.76 -49.05 -13.55
C LYS B 302 46.23 -49.39 -13.54
N SER B 303 46.54 -50.60 -14.01
CA SER B 303 47.91 -51.07 -14.06
C SER B 303 48.05 -52.07 -15.20
N ASP C 17 12.09 -28.80 15.49
CA ASP C 17 13.43 -28.57 14.94
C ASP C 17 13.51 -27.23 14.23
N PRO C 18 14.59 -26.48 14.47
CA PRO C 18 14.83 -25.20 13.78
C PRO C 18 15.13 -25.39 12.29
N PHE C 19 15.18 -26.64 11.84
CA PHE C 19 15.48 -26.96 10.44
C PHE C 19 14.24 -27.24 9.63
N TYR C 20 13.29 -26.32 9.67
CA TYR C 20 12.06 -26.46 8.91
C TYR C 20 11.55 -25.04 8.74
N TYR C 21 11.16 -24.68 7.53
CA TYR C 21 10.66 -23.34 7.32
C TYR C 21 9.35 -23.40 6.55
N ASP C 22 8.38 -22.62 6.99
CA ASP C 22 7.09 -22.60 6.32
C ASP C 22 7.21 -21.83 5.01
N TYR C 23 8.00 -22.36 4.08
CA TYR C 23 8.17 -21.69 2.81
C TYR C 23 6.85 -21.72 2.05
N GLU C 24 6.09 -22.81 2.21
CA GLU C 24 4.82 -22.95 1.49
C GLU C 24 3.83 -21.83 1.85
N THR C 25 3.92 -21.34 3.07
CA THR C 25 3.03 -20.28 3.56
C THR C 25 3.47 -18.89 3.12
N VAL C 26 4.77 -18.63 3.18
CA VAL C 26 5.30 -17.38 2.66
C VAL C 26 5.11 -17.37 1.16
N ARG C 27 5.22 -18.56 0.54
CA ARG C 27 4.97 -18.71 -0.88
C ARG C 27 3.53 -18.33 -1.16
N ASN C 28 2.62 -18.79 -0.32
CA ASN C 28 1.21 -18.47 -0.46
C ASN C 28 0.90 -17.00 -0.30
N GLY C 29 1.47 -16.40 0.73
CA GLY C 29 1.34 -14.97 0.95
C GLY C 29 1.73 -14.18 -0.27
N GLY C 30 3.01 -14.27 -0.66
CA GLY C 30 3.54 -13.55 -1.79
C GLY C 30 2.70 -13.65 -3.04
N LEU C 31 2.12 -14.83 -3.27
CA LEU C 31 1.28 -15.06 -4.44
C LEU C 31 -0.05 -14.35 -4.32
N ILE C 32 -0.73 -14.57 -3.20
CA ILE C 32 -1.98 -13.88 -2.91
C ILE C 32 -1.79 -12.36 -2.98
N PHE C 33 -0.62 -11.91 -2.54
CA PHE C 33 -0.26 -10.52 -2.66
C PHE C 33 -0.16 -10.12 -4.12
N ALA C 34 0.62 -10.88 -4.88
CA ALA C 34 0.82 -10.57 -6.28
C ALA C 34 -0.52 -10.51 -7.01
N ALA C 35 -1.51 -11.23 -6.47
CA ALA C 35 -2.84 -11.29 -7.09
C ALA C 35 -3.64 -10.01 -6.88
N LEU C 36 -3.68 -9.54 -5.63
CA LEU C 36 -4.34 -8.28 -5.31
C LEU C 36 -3.61 -7.10 -5.91
N ALA C 37 -2.29 -7.11 -5.76
CA ALA C 37 -1.42 -6.04 -6.23
C ALA C 37 -1.61 -5.80 -7.72
N PHE C 38 -1.88 -6.87 -8.46
CA PHE C 38 -2.08 -6.70 -9.88
C PHE C 38 -3.47 -6.16 -10.18
N ILE C 39 -4.50 -6.78 -9.61
CA ILE C 39 -5.86 -6.38 -9.93
C ILE C 39 -6.24 -5.03 -9.31
N VAL C 40 -5.47 -4.56 -8.34
CA VAL C 40 -5.61 -3.18 -7.87
C VAL C 40 -4.91 -2.28 -8.87
N GLY C 41 -3.89 -2.81 -9.52
CA GLY C 41 -3.25 -2.07 -10.58
C GLY C 41 -4.25 -1.87 -11.68
N LEU C 42 -5.04 -2.90 -11.97
CA LEU C 42 -5.98 -2.84 -13.07
C LEU C 42 -7.17 -1.93 -12.81
N ILE C 43 -7.64 -1.90 -11.57
CA ILE C 43 -8.67 -0.94 -11.20
C ILE C 43 -8.16 0.45 -11.54
N ILE C 44 -6.99 0.77 -11.02
CA ILE C 44 -6.33 2.06 -11.25
C ILE C 44 -6.28 2.50 -12.71
N ILE C 45 -5.81 1.65 -13.62
CA ILE C 45 -5.70 2.07 -15.02
C ILE C 45 -7.05 2.13 -15.68
N LEU C 46 -8.06 1.53 -15.06
CA LEU C 46 -9.40 1.65 -15.60
C LEU C 46 -10.24 2.59 -14.73
N SER C 47 -10.14 3.89 -14.99
CA SER C 47 -10.80 4.87 -14.13
C SER C 47 -12.25 5.18 -14.51
N LYS C 48 -12.71 4.62 -15.62
CA LYS C 48 -14.09 4.83 -16.10
C LYS C 48 -14.34 6.32 -16.34
N LYS D 26 -25.93 -9.00 64.39
CA LYS D 26 -25.02 -9.84 65.13
C LYS D 26 -24.57 -11.02 64.27
N GLU D 27 -24.51 -10.82 62.96
CA GLU D 27 -24.15 -11.93 62.08
C GLU D 27 -22.65 -12.21 62.07
N ARG D 28 -21.85 -11.23 62.51
CA ARG D 28 -20.43 -11.44 62.71
C ARG D 28 -20.24 -12.68 63.56
N ASP D 29 -20.88 -12.66 64.73
CA ASP D 29 -20.84 -13.78 65.67
C ASP D 29 -21.26 -15.08 65.01
N MET D 30 -22.28 -15.00 64.15
CA MET D 30 -22.79 -16.21 63.51
C MET D 30 -21.66 -16.85 62.70
N ASP D 31 -21.01 -16.05 61.85
CA ASP D 31 -19.91 -16.58 61.05
C ASP D 31 -18.73 -16.97 61.94
N GLU D 32 -18.59 -16.30 63.08
CA GLU D 32 -17.54 -16.63 64.03
C GLU D 32 -17.74 -18.03 64.60
N LEU D 33 -19.00 -18.46 64.72
CA LEU D 33 -19.27 -19.82 65.15
C LEU D 33 -19.20 -20.79 63.98
N LYS D 34 -19.21 -20.25 62.76
CA LYS D 34 -19.11 -21.10 61.57
C LYS D 34 -17.69 -21.39 61.12
N LYS D 35 -16.72 -20.58 61.56
CA LYS D 35 -15.33 -20.81 61.20
C LYS D 35 -14.66 -21.71 62.23
N GLU D 36 -15.43 -22.09 63.25
CA GLU D 36 -14.99 -23.02 64.28
C GLU D 36 -15.39 -24.43 63.90
N VAL D 37 -14.47 -25.37 64.09
CA VAL D 37 -14.74 -26.78 63.79
C VAL D 37 -15.78 -27.31 64.79
N SER D 38 -16.49 -28.37 64.40
CA SER D 38 -17.73 -28.76 65.08
C SER D 38 -17.61 -29.61 66.35
N MET D 39 -18.76 -29.87 66.97
CA MET D 39 -18.84 -30.77 68.13
C MET D 39 -19.98 -31.77 67.94
N ASP D 40 -20.14 -32.70 68.88
CA ASP D 40 -21.25 -33.65 68.82
C ASP D 40 -21.53 -34.42 70.12
N ASP D 41 -22.62 -35.18 70.10
CA ASP D 41 -23.02 -36.07 71.18
C ASP D 41 -22.68 -37.54 70.91
N HIS D 42 -21.97 -37.78 69.82
CA HIS D 42 -21.80 -39.12 69.24
C HIS D 42 -21.39 -40.24 70.19
N LYS D 43 -20.71 -39.89 71.27
CA LYS D 43 -20.24 -40.91 72.18
C LYS D 43 -21.22 -40.98 73.34
N LEU D 44 -22.11 -41.96 73.27
CA LEU D 44 -23.19 -42.10 74.22
C LEU D 44 -23.61 -43.56 74.24
N SER D 45 -24.01 -44.06 75.41
CA SER D 45 -24.63 -45.37 75.45
C SER D 45 -25.93 -45.19 74.72
N LEU D 46 -26.30 -46.17 73.90
CA LEU D 46 -27.53 -46.11 73.11
C LEU D 46 -28.71 -45.84 74.02
N ASP D 47 -28.64 -46.42 75.21
CA ASP D 47 -29.56 -46.13 76.30
C ASP D 47 -29.63 -44.63 76.53
N GLU D 48 -28.47 -44.00 76.73
CA GLU D 48 -28.42 -42.57 76.98
C GLU D 48 -28.77 -41.74 75.74
N LEU D 49 -28.41 -42.25 74.56
CA LEU D 49 -28.76 -41.60 73.31
C LEU D 49 -30.27 -41.42 73.20
N HIS D 50 -30.99 -42.54 73.27
CA HIS D 50 -32.44 -42.49 73.10
C HIS D 50 -33.10 -41.80 74.29
N ARG D 51 -32.49 -41.94 75.47
CA ARG D 51 -33.02 -41.27 76.65
C ARG D 51 -32.94 -39.76 76.48
N LYS D 52 -31.95 -39.31 75.71
CA LYS D 52 -31.84 -37.89 75.38
C LYS D 52 -32.80 -37.48 74.25
N TYR D 53 -32.87 -38.28 73.20
CA TYR D 53 -33.64 -37.91 72.01
C TYR D 53 -35.11 -38.33 72.10
N GLY D 54 -35.46 -39.06 73.16
CA GLY D 54 -36.83 -39.48 73.36
C GLY D 54 -37.35 -40.37 72.24
N THR D 55 -36.64 -41.47 71.98
CA THR D 55 -36.93 -42.32 70.84
C THR D 55 -36.72 -43.80 71.14
N ASP D 56 -37.44 -44.67 70.44
CA ASP D 56 -37.19 -46.11 70.52
C ASP D 56 -36.21 -46.50 69.44
N LEU D 57 -35.23 -47.33 69.79
CA LEU D 57 -34.15 -47.70 68.87
C LEU D 57 -34.59 -48.76 67.86
N SER D 58 -35.45 -49.67 68.30
CA SER D 58 -36.01 -50.68 67.41
C SER D 58 -37.19 -50.15 66.60
N ARG D 59 -38.02 -49.34 67.27
CA ARG D 59 -39.27 -48.89 66.68
C ARG D 59 -39.29 -47.47 66.08
N GLY D 60 -38.19 -46.74 66.23
CA GLY D 60 -38.18 -45.34 65.83
C GLY D 60 -39.08 -44.55 66.75
N LEU D 61 -39.76 -43.54 66.21
CA LEU D 61 -40.74 -42.79 66.99
C LEU D 61 -42.12 -42.78 66.35
N THR D 62 -43.08 -42.14 67.01
CA THR D 62 -44.47 -42.17 66.57
C THR D 62 -44.74 -41.14 65.47
N PRO D 63 -45.54 -41.51 64.47
CA PRO D 63 -45.93 -40.67 63.33
C PRO D 63 -46.44 -39.29 63.76
N ALA D 64 -47.22 -39.24 64.83
CA ALA D 64 -47.68 -37.97 65.37
C ALA D 64 -46.49 -37.13 65.78
N ARG D 65 -45.58 -37.73 66.55
CA ARG D 65 -44.36 -37.08 66.99
C ARG D 65 -43.54 -36.58 65.81
N ALA D 66 -43.41 -37.41 64.77
CA ALA D 66 -42.63 -37.10 63.59
C ALA D 66 -43.15 -35.87 62.87
N ALA D 67 -44.46 -35.82 62.63
CA ALA D 67 -45.03 -34.66 61.97
C ALA D 67 -45.07 -33.46 62.90
N GLU D 68 -45.01 -33.71 64.20
CA GLU D 68 -45.00 -32.64 65.20
C GLU D 68 -43.68 -31.88 65.15
N ILE D 69 -42.59 -32.61 64.98
CA ILE D 69 -41.26 -32.02 64.88
C ILE D 69 -41.04 -31.41 63.49
N LEU D 70 -41.50 -32.14 62.47
CA LEU D 70 -41.35 -31.73 61.08
C LEU D 70 -41.85 -30.31 60.89
N ALA D 71 -42.95 -30.00 61.55
CA ALA D 71 -43.54 -28.67 61.49
C ALA D 71 -43.15 -27.82 62.70
N ARG D 72 -42.27 -28.37 63.53
CA ARG D 72 -41.78 -27.65 64.71
C ARG D 72 -40.61 -26.74 64.34
N ASP D 73 -39.75 -27.22 63.45
CA ASP D 73 -38.59 -26.44 63.00
C ASP D 73 -38.64 -26.17 61.50
N GLY D 74 -38.12 -27.10 60.72
CA GLY D 74 -38.09 -26.98 59.27
C GLY D 74 -37.75 -28.30 58.62
N PRO D 75 -38.33 -28.53 57.42
CA PRO D 75 -38.11 -29.77 56.67
C PRO D 75 -36.62 -30.04 56.46
N ASN D 76 -36.28 -31.29 56.20
CA ASN D 76 -34.89 -31.65 56.00
C ASN D 76 -34.36 -31.22 54.64
N ALA D 77 -33.80 -30.01 54.59
CA ALA D 77 -33.20 -29.49 53.38
C ALA D 77 -32.51 -28.19 53.72
N LEU D 78 -31.53 -27.83 52.89
CA LEU D 78 -30.80 -26.59 53.09
C LEU D 78 -31.62 -25.45 52.54
N THR D 79 -31.64 -24.33 53.27
CA THR D 79 -32.24 -23.11 52.77
C THR D 79 -31.53 -22.77 51.48
N PRO D 80 -32.33 -22.62 50.39
CA PRO D 80 -31.83 -22.37 49.04
C PRO D 80 -30.84 -21.23 49.09
N PRO D 81 -29.89 -21.16 48.13
CA PRO D 81 -28.81 -20.19 48.28
C PRO D 81 -29.40 -18.81 48.52
N PRO D 82 -28.99 -18.16 49.61
CA PRO D 82 -29.55 -16.89 50.10
C PRO D 82 -29.50 -15.84 49.01
N THR D 83 -28.65 -16.09 48.02
CA THR D 83 -28.48 -15.19 46.90
C THR D 83 -29.46 -15.52 45.77
N THR D 84 -30.27 -14.52 45.42
CA THR D 84 -31.02 -14.55 44.18
C THR D 84 -31.08 -13.13 43.64
N PRO D 85 -29.92 -12.58 43.22
CA PRO D 85 -29.95 -11.19 42.75
C PRO D 85 -30.86 -11.12 41.51
N GLU D 86 -31.88 -10.24 41.53
CA GLU D 86 -32.82 -10.08 40.41
C GLU D 86 -32.09 -9.50 39.22
N TRP D 87 -32.70 -9.60 38.04
CA TRP D 87 -32.11 -9.06 36.81
C TRP D 87 -31.80 -7.57 36.93
N VAL D 88 -32.32 -6.92 37.98
CA VAL D 88 -31.93 -5.57 38.36
C VAL D 88 -30.40 -5.52 38.58
N LYS D 89 -29.79 -6.69 38.76
CA LYS D 89 -28.32 -6.80 38.86
C LYS D 89 -27.58 -6.39 37.57
N PHE D 90 -28.34 -6.18 36.50
CA PHE D 90 -27.84 -5.52 35.29
C PHE D 90 -27.15 -4.25 35.75
N CYS D 91 -27.80 -3.54 36.68
CA CYS D 91 -27.28 -2.31 37.26
C CYS D 91 -25.84 -2.42 37.73
N ARG D 92 -25.47 -3.60 38.25
CA ARG D 92 -24.10 -3.83 38.72
C ARG D 92 -23.11 -3.46 37.62
N GLN D 93 -23.31 -4.04 36.43
CA GLN D 93 -22.41 -3.82 35.31
C GLN D 93 -22.30 -2.36 34.93
N LEU D 94 -23.29 -1.58 35.33
CA LEU D 94 -23.34 -0.18 34.94
C LEU D 94 -22.49 0.71 35.81
N PHE D 95 -21.96 0.19 36.91
CA PHE D 95 -21.16 1.05 37.75
C PHE D 95 -19.68 0.64 37.88
N GLY D 96 -19.38 -0.34 38.73
CA GLY D 96 -18.00 -0.69 39.00
C GLY D 96 -17.22 0.57 39.30
N GLY D 97 -15.96 0.64 38.87
CA GLY D 97 -15.25 1.90 38.90
C GLY D 97 -14.91 2.61 37.59
N PHE D 98 -14.90 1.88 36.48
CA PHE D 98 -14.52 2.49 35.19
C PHE D 98 -15.73 3.17 34.57
N SER D 99 -16.85 2.47 34.61
CA SER D 99 -18.12 3.02 34.15
C SER D 99 -18.47 4.22 35.03
N MET D 100 -17.91 4.24 36.24
CA MET D 100 -18.01 5.41 37.10
C MET D 100 -17.25 6.59 36.51
N LEU D 101 -16.04 6.35 36.03
CA LEU D 101 -15.25 7.40 35.40
C LEU D 101 -16.04 7.99 34.23
N LEU D 102 -16.57 7.13 33.39
CA LEU D 102 -17.37 7.62 32.26
C LEU D 102 -18.66 8.31 32.71
N TRP D 103 -19.20 7.89 33.86
CA TRP D 103 -20.40 8.52 34.40
C TRP D 103 -20.14 9.95 34.85
N ILE D 104 -19.13 10.13 35.70
CA ILE D 104 -18.78 11.46 36.18
C ILE D 104 -18.34 12.33 35.01
N GLY D 105 -17.78 11.71 33.98
CA GLY D 105 -17.47 12.43 32.76
C GLY D 105 -18.75 12.98 32.15
N ALA D 106 -19.69 12.08 31.87
CA ALA D 106 -20.97 12.46 31.26
C ALA D 106 -21.64 13.57 32.05
N ILE D 107 -21.67 13.41 33.36
CA ILE D 107 -22.27 14.39 34.25
C ILE D 107 -21.57 15.73 34.14
N LEU D 108 -20.25 15.73 34.13
CA LEU D 108 -19.51 16.98 33.98
C LEU D 108 -19.85 17.68 32.67
N CYS D 109 -19.96 16.94 31.57
CA CYS D 109 -20.34 17.53 30.27
C CYS D 109 -21.74 18.15 30.34
N PHE D 110 -22.66 17.40 30.94
CA PHE D 110 -24.04 17.87 31.05
C PHE D 110 -24.12 19.15 31.89
N LEU D 111 -23.30 19.20 32.93
CA LEU D 111 -23.21 20.40 33.76
C LEU D 111 -22.65 21.55 32.94
N ALA D 112 -21.62 21.26 32.15
CA ALA D 112 -20.99 22.27 31.31
C ALA D 112 -21.98 22.89 30.35
N TYR D 113 -22.73 22.06 29.64
CA TYR D 113 -23.76 22.53 28.72
C TYR D 113 -24.84 23.32 29.48
N GLY D 114 -25.18 22.83 30.67
CA GLY D 114 -26.09 23.57 31.53
C GLY D 114 -25.60 24.97 31.78
N ILE D 115 -24.30 25.10 32.01
CA ILE D 115 -23.66 26.40 32.23
C ILE D 115 -23.67 27.18 30.93
N GLN D 116 -23.69 26.46 29.82
CA GLN D 116 -23.72 27.08 28.50
C GLN D 116 -25.15 27.44 28.11
N ALA D 117 -26.07 27.20 29.04
CA ALA D 117 -27.42 27.74 28.94
C ALA D 117 -27.42 29.16 29.52
N ALA D 118 -26.24 29.66 29.86
CA ALA D 118 -26.05 31.06 30.20
C ALA D 118 -26.16 31.95 28.98
N THR D 119 -26.30 31.35 27.81
CA THR D 119 -26.33 32.10 26.56
C THR D 119 -27.00 31.34 25.41
N GLU D 120 -26.95 31.91 24.21
CA GLU D 120 -27.36 31.21 23.00
C GLU D 120 -26.14 30.44 22.50
N GLU D 121 -26.21 29.12 22.51
CA GLU D 121 -25.00 28.32 22.52
C GLU D 121 -24.97 27.09 21.60
N GLU D 122 -23.89 26.99 20.85
CA GLU D 122 -23.61 25.90 19.90
C GLU D 122 -23.71 24.41 20.34
N PRO D 123 -23.39 24.09 21.62
CA PRO D 123 -23.34 22.69 22.06
C PRO D 123 -24.53 21.79 21.74
N GLN D 124 -25.61 22.35 21.20
CA GLN D 124 -26.65 21.53 20.60
C GLN D 124 -25.99 20.46 19.72
N ASN D 125 -24.87 20.81 19.09
CA ASN D 125 -23.98 19.82 18.48
C ASN D 125 -22.70 19.43 19.27
N ASP D 126 -22.48 19.99 20.45
CA ASP D 126 -21.18 19.80 21.14
C ASP D 126 -21.20 19.10 22.51
N ASN D 127 -21.57 19.82 23.56
CA ASN D 127 -21.42 19.29 24.93
C ASN D 127 -22.46 18.24 25.33
N LEU D 128 -23.71 18.49 24.96
CA LEU D 128 -24.79 17.54 25.17
C LEU D 128 -24.56 16.29 24.32
N TYR D 129 -24.12 16.50 23.08
CA TYR D 129 -23.71 15.41 22.20
C TYR D 129 -22.72 14.50 22.94
N LEU D 130 -21.72 15.13 23.54
CA LEU D 130 -20.63 14.43 24.19
C LEU D 130 -21.09 13.68 25.43
N GLY D 131 -21.78 14.37 26.33
CA GLY D 131 -22.24 13.74 27.57
C GLY D 131 -23.15 12.56 27.28
N VAL D 132 -24.05 12.76 26.32
CA VAL D 132 -24.92 11.68 25.89
C VAL D 132 -24.10 10.51 25.33
N VAL D 133 -23.05 10.79 24.58
CA VAL D 133 -22.19 9.72 24.09
C VAL D 133 -21.50 8.92 25.20
N LEU D 134 -20.91 9.62 26.16
CA LEU D 134 -20.33 8.98 27.35
C LEU D 134 -21.33 8.03 28.01
N SER D 135 -22.54 8.55 28.20
CA SER D 135 -23.63 7.74 28.77
C SER D 135 -23.88 6.49 27.93
N ALA D 136 -23.93 6.68 26.61
CA ALA D 136 -24.16 5.58 25.68
C ALA D 136 -23.10 4.50 25.81
N VAL D 137 -21.85 4.90 25.97
CA VAL D 137 -20.76 3.95 26.11
C VAL D 137 -20.88 3.17 27.42
N VAL D 138 -21.17 3.86 28.52
CA VAL D 138 -21.35 3.17 29.78
C VAL D 138 -22.45 2.13 29.66
N ILE D 139 -23.60 2.55 29.16
CA ILE D 139 -24.76 1.68 29.05
C ILE D 139 -24.53 0.50 28.12
N ILE D 140 -23.93 0.75 26.96
CA ILE D 140 -23.70 -0.32 25.99
C ILE D 140 -22.66 -1.33 26.46
N THR D 141 -21.50 -0.85 26.92
CA THR D 141 -20.49 -1.76 27.46
C THR D 141 -21.10 -2.55 28.61
N GLY D 142 -21.89 -1.86 29.43
CA GLY D 142 -22.65 -2.50 30.49
C GLY D 142 -23.51 -3.65 29.99
N CYS D 143 -24.29 -3.40 28.95
CA CYS D 143 -25.15 -4.41 28.37
C CYS D 143 -24.36 -5.59 27.84
N PHE D 144 -23.23 -5.31 27.21
CA PHE D 144 -22.43 -6.36 26.62
C PHE D 144 -21.86 -7.30 27.70
N SER D 145 -21.18 -6.71 28.67
CA SER D 145 -20.60 -7.49 29.76
C SER D 145 -21.69 -8.26 30.50
N TYR D 146 -22.81 -7.58 30.71
CA TYR D 146 -23.97 -8.19 31.35
C TYR D 146 -24.41 -9.44 30.61
N TYR D 147 -24.60 -9.29 29.30
CA TYR D 147 -25.03 -10.40 28.47
C TYR D 147 -24.07 -11.56 28.56
N GLN D 148 -22.76 -11.26 28.59
CA GLN D 148 -21.77 -12.32 28.71
C GLN D 148 -21.91 -13.12 30.02
N GLU D 149 -21.85 -12.42 31.14
CA GLU D 149 -21.98 -13.10 32.45
C GLU D 149 -23.29 -13.87 32.54
N ALA D 150 -24.35 -13.27 32.00
CA ALA D 150 -25.65 -13.91 31.93
C ALA D 150 -25.55 -15.24 31.19
N LYS D 151 -24.96 -15.21 30.00
CA LYS D 151 -24.80 -16.40 29.17
C LYS D 151 -24.11 -17.53 29.95
N SER D 152 -23.06 -17.17 30.66
CA SER D 152 -22.37 -18.17 31.51
C SER D 152 -23.32 -18.73 32.58
N SER D 153 -24.08 -17.86 33.22
CA SER D 153 -25.04 -18.32 34.22
C SER D 153 -26.07 -19.29 33.65
N LYS D 154 -26.54 -19.00 32.44
CA LYS D 154 -27.51 -19.87 31.75
C LYS D 154 -26.90 -21.26 31.54
N ILE D 155 -25.73 -21.31 30.91
CA ILE D 155 -25.08 -22.60 30.67
C ILE D 155 -24.78 -23.34 31.98
N MET D 156 -24.64 -22.61 33.08
CA MET D 156 -24.54 -23.26 34.40
C MET D 156 -25.87 -23.82 34.90
N GLU D 157 -26.96 -23.11 34.63
CA GLU D 157 -28.28 -23.57 35.03
C GLU D 157 -28.60 -24.89 34.36
N SER D 158 -28.19 -25.04 33.10
CA SER D 158 -28.46 -26.28 32.38
C SER D 158 -27.86 -27.53 33.04
N PHE D 159 -26.84 -27.33 33.88
CA PHE D 159 -26.15 -28.45 34.53
C PHE D 159 -26.83 -28.93 35.78
N LYS D 160 -27.71 -28.11 36.29
CA LYS D 160 -28.24 -28.42 37.58
C LYS D 160 -29.28 -29.51 37.39
N ASN D 161 -28.98 -30.68 37.95
CA ASN D 161 -29.93 -31.77 37.97
C ASN D 161 -30.03 -32.29 39.39
N MET D 162 -31.16 -32.06 40.04
CA MET D 162 -31.36 -32.54 41.39
C MET D 162 -32.47 -33.57 41.40
N VAL D 163 -32.10 -34.83 41.61
CA VAL D 163 -33.09 -35.89 41.71
C VAL D 163 -33.51 -36.07 43.17
N PRO D 164 -34.82 -36.14 43.40
CA PRO D 164 -35.31 -36.44 44.74
C PRO D 164 -34.92 -37.86 45.13
N GLN D 165 -34.36 -38.02 46.33
CA GLN D 165 -34.05 -39.34 46.84
C GLN D 165 -34.80 -39.55 48.13
N GLN D 166 -35.73 -40.49 48.14
CA GLN D 166 -36.57 -40.68 49.32
C GLN D 166 -35.90 -41.54 50.39
N ALA D 167 -35.90 -41.02 51.62
CA ALA D 167 -35.24 -41.68 52.75
C ALA D 167 -36.08 -42.83 53.28
N LEU D 168 -35.40 -43.82 53.86
CA LEU D 168 -36.11 -44.95 54.45
C LEU D 168 -36.14 -44.83 55.97
N VAL D 169 -37.31 -44.53 56.51
CA VAL D 169 -37.42 -44.36 57.95
C VAL D 169 -38.08 -45.58 58.58
N ILE D 170 -38.08 -45.61 59.91
CA ILE D 170 -38.77 -46.64 60.66
C ILE D 170 -39.54 -45.92 61.77
N ARG D 171 -40.86 -46.01 61.71
CA ARG D 171 -41.69 -45.32 62.68
C ARG D 171 -42.80 -46.25 63.15
N ASN D 172 -43.02 -46.25 64.46
CA ASN D 172 -43.94 -47.19 65.08
C ASN D 172 -43.61 -48.63 64.69
N GLY D 173 -42.32 -48.91 64.57
CA GLY D 173 -41.85 -50.24 64.22
C GLY D 173 -41.95 -50.59 62.74
N GLU D 174 -42.65 -49.76 61.96
CA GLU D 174 -42.84 -50.05 60.54
C GLU D 174 -41.88 -49.30 59.64
N LYS D 175 -41.31 -50.00 58.65
CA LYS D 175 -40.45 -49.35 57.66
C LYS D 175 -41.30 -48.60 56.65
N MET D 176 -41.07 -47.30 56.53
CA MET D 176 -41.79 -46.49 55.56
C MET D 176 -40.81 -45.64 54.76
N SER D 177 -40.99 -45.63 53.44
CA SER D 177 -40.10 -44.86 52.58
C SER D 177 -40.78 -43.53 52.25
N ILE D 178 -40.22 -42.44 52.77
CA ILE D 178 -40.82 -41.12 52.63
C ILE D 178 -39.86 -40.17 51.94
N ASN D 179 -40.40 -39.07 51.42
CA ASN D 179 -39.58 -37.99 50.87
C ASN D 179 -38.58 -37.50 51.91
N ALA D 180 -37.32 -37.42 51.52
CA ALA D 180 -36.23 -37.12 52.45
C ALA D 180 -36.41 -35.81 53.21
N GLU D 181 -37.12 -34.87 52.61
CA GLU D 181 -37.35 -33.57 53.24
C GLU D 181 -38.27 -33.68 54.45
N GLU D 182 -38.93 -34.83 54.59
CA GLU D 182 -39.88 -35.03 55.66
C GLU D 182 -39.27 -35.71 56.89
N VAL D 183 -37.95 -35.95 56.83
CA VAL D 183 -37.25 -36.58 57.95
C VAL D 183 -36.98 -35.60 59.08
N VAL D 184 -37.18 -36.04 60.31
CA VAL D 184 -37.03 -35.18 61.47
C VAL D 184 -35.85 -35.59 62.32
N VAL D 185 -35.67 -34.89 63.44
CA VAL D 185 -34.59 -35.22 64.36
C VAL D 185 -34.95 -36.41 65.24
N GLY D 186 -34.03 -37.37 65.32
CA GLY D 186 -34.16 -38.46 66.25
C GLY D 186 -35.12 -39.58 65.87
N ASP D 187 -35.26 -39.88 64.58
CA ASP D 187 -35.96 -41.10 64.21
C ASP D 187 -35.06 -42.10 63.50
N LEU D 188 -35.35 -43.37 63.69
CA LEU D 188 -34.60 -44.47 63.11
C LEU D 188 -34.62 -44.40 61.59
N VAL D 189 -33.45 -44.55 60.97
CA VAL D 189 -33.30 -44.53 59.52
C VAL D 189 -32.50 -45.74 59.11
N GLU D 190 -32.88 -46.37 57.99
CA GLU D 190 -32.07 -47.46 57.45
C GLU D 190 -31.44 -47.05 56.13
N VAL D 191 -30.13 -47.28 56.03
CA VAL D 191 -29.40 -47.05 54.78
C VAL D 191 -28.79 -48.35 54.27
N LYS D 192 -28.71 -48.44 52.95
CA LYS D 192 -28.39 -49.69 52.28
C LYS D 192 -27.32 -49.41 51.24
N GLY D 193 -26.88 -50.45 50.53
CA GLY D 193 -25.91 -50.27 49.46
C GLY D 193 -26.48 -49.33 48.40
N GLY D 194 -25.78 -48.24 48.16
CA GLY D 194 -26.17 -47.27 47.17
C GLY D 194 -26.99 -46.10 47.70
N ASP D 195 -27.64 -46.28 48.85
CA ASP D 195 -28.47 -45.22 49.42
C ASP D 195 -27.63 -44.02 49.85
N ARG D 196 -28.19 -42.80 49.65
CA ARG D 196 -27.50 -41.60 50.08
C ARG D 196 -27.93 -41.32 51.51
N ILE D 197 -27.02 -40.84 52.35
CA ILE D 197 -27.36 -40.58 53.74
C ILE D 197 -28.23 -39.34 53.85
N PRO D 198 -29.51 -39.51 54.22
CA PRO D 198 -30.52 -38.44 54.17
C PRO D 198 -30.19 -37.25 55.06
N ALA D 199 -29.83 -37.52 56.30
CA ALA D 199 -29.39 -36.48 57.22
C ALA D 199 -28.35 -37.08 58.16
N ASP D 200 -27.77 -36.26 59.02
CA ASP D 200 -26.70 -36.71 59.92
C ASP D 200 -27.21 -37.76 60.90
N LEU D 201 -26.59 -38.94 60.88
CA LEU D 201 -27.06 -40.06 61.71
C LEU D 201 -26.05 -40.40 62.77
N ARG D 202 -26.53 -40.99 63.85
CA ARG D 202 -25.67 -41.63 64.84
C ARG D 202 -25.91 -43.12 64.71
N ILE D 203 -25.00 -43.82 64.04
CA ILE D 203 -25.17 -45.25 63.77
C ILE D 203 -25.38 -46.05 65.05
N ILE D 204 -26.53 -46.71 65.16
CA ILE D 204 -26.76 -47.63 66.28
C ILE D 204 -26.45 -49.08 65.92
N SER D 205 -26.63 -49.45 64.65
CA SER D 205 -26.30 -50.80 64.22
C SER D 205 -25.84 -50.81 62.77
N ALA D 206 -24.94 -51.76 62.46
CA ALA D 206 -24.43 -51.86 61.09
C ALA D 206 -23.97 -53.28 60.74
N ASN D 207 -24.04 -53.59 59.45
CA ASN D 207 -23.48 -54.81 58.91
C ASN D 207 -22.71 -54.51 57.63
N GLY D 208 -21.40 -54.75 57.69
CA GLY D 208 -20.50 -54.57 56.56
C GLY D 208 -20.64 -53.23 55.87
N CYS D 209 -20.94 -52.19 56.66
CA CYS D 209 -21.40 -50.94 56.08
C CYS D 209 -20.27 -49.96 55.82
N LYS D 210 -20.00 -49.72 54.54
CA LYS D 210 -19.01 -48.72 54.14
C LYS D 210 -19.69 -47.55 53.42
N VAL D 211 -19.71 -46.41 54.11
CA VAL D 211 -20.21 -45.15 53.57
C VAL D 211 -19.11 -44.44 52.78
N ASP D 212 -19.49 -43.65 51.77
CA ASP D 212 -18.49 -42.88 51.02
C ASP D 212 -18.45 -41.44 51.50
N ASN D 213 -17.38 -41.11 52.22
CA ASN D 213 -17.20 -39.80 52.81
C ASN D 213 -16.37 -38.88 51.92
N SER D 214 -16.10 -39.33 50.70
CA SER D 214 -15.12 -38.73 49.81
C SER D 214 -15.17 -37.20 49.68
N SER D 215 -16.34 -36.65 49.40
CA SER D 215 -16.44 -35.21 49.21
C SER D 215 -16.55 -34.39 50.50
N LEU D 216 -17.16 -34.95 51.53
CA LEU D 216 -17.36 -34.19 52.77
C LEU D 216 -16.11 -34.04 53.65
N THR D 217 -15.51 -35.15 54.06
CA THR D 217 -14.30 -35.08 54.86
C THR D 217 -13.03 -35.18 54.02
N GLY D 218 -13.16 -35.61 52.78
CA GLY D 218 -12.00 -35.83 51.94
C GLY D 218 -11.40 -37.23 51.98
N GLU D 219 -11.92 -38.10 52.85
CA GLU D 219 -11.39 -39.46 52.96
C GLU D 219 -11.56 -40.20 51.63
N SER D 220 -10.45 -40.70 51.08
CA SER D 220 -10.45 -41.30 49.75
C SER D 220 -11.19 -42.62 49.63
N GLU D 221 -10.77 -43.59 50.43
CA GLU D 221 -11.39 -44.91 50.41
C GLU D 221 -12.64 -44.90 51.28
N PRO D 222 -13.64 -45.72 50.93
CA PRO D 222 -14.87 -45.71 51.70
C PRO D 222 -14.60 -46.10 53.14
N GLN D 223 -15.06 -45.27 54.08
CA GLN D 223 -14.89 -45.57 55.49
C GLN D 223 -16.06 -46.40 55.97
N THR D 224 -15.77 -47.43 56.75
CA THR D 224 -16.80 -48.26 57.32
C THR D 224 -17.45 -47.58 58.52
N ARG D 225 -18.69 -47.96 58.81
CA ARG D 225 -19.42 -47.35 59.94
C ARG D 225 -19.95 -48.42 60.88
N SER D 226 -19.86 -48.15 62.18
CA SER D 226 -20.26 -49.10 63.21
C SER D 226 -20.95 -48.39 64.37
N PRO D 227 -21.66 -49.15 65.22
CA PRO D 227 -22.20 -48.59 66.47
C PRO D 227 -21.11 -47.99 67.37
N ASP D 228 -19.94 -48.61 67.41
CA ASP D 228 -18.90 -48.26 68.38
C ASP D 228 -18.23 -46.91 68.15
N PHE D 229 -17.94 -46.22 69.26
CA PHE D 229 -17.20 -44.96 69.22
C PHE D 229 -15.72 -45.21 68.97
N THR D 230 -15.15 -44.50 67.99
CA THR D 230 -13.78 -44.71 67.58
C THR D 230 -12.90 -43.48 67.83
N ASN D 231 -13.22 -42.37 67.16
CA ASN D 231 -12.41 -41.18 67.27
C ASN D 231 -13.14 -40.01 67.92
N GLU D 232 -12.44 -39.31 68.81
CA GLU D 232 -12.99 -38.15 69.52
C GLU D 232 -13.57 -37.11 68.56
N ASN D 233 -12.89 -36.90 67.44
CA ASN D 233 -13.35 -35.96 66.42
C ASN D 233 -14.43 -36.61 65.59
N PRO D 234 -15.67 -36.11 65.71
CA PRO D 234 -16.88 -36.71 65.14
C PRO D 234 -16.78 -36.93 63.64
N LEU D 235 -15.88 -36.20 62.99
CA LEU D 235 -15.72 -36.36 61.55
C LEU D 235 -15.00 -37.66 61.21
N GLU D 236 -14.06 -38.07 62.06
CA GLU D 236 -13.32 -39.30 61.81
C GLU D 236 -13.93 -40.54 62.47
N THR D 237 -14.91 -40.35 63.35
CA THR D 237 -15.47 -41.49 64.06
C THR D 237 -16.35 -42.34 63.16
N ARG D 238 -16.51 -43.61 63.54
CA ARG D 238 -17.28 -44.55 62.73
C ARG D 238 -18.76 -44.62 63.13
N ASN D 239 -19.11 -44.01 64.26
CA ASN D 239 -20.49 -44.07 64.75
C ASN D 239 -21.40 -42.93 64.27
N ILE D 240 -20.90 -42.10 63.36
CA ILE D 240 -21.70 -41.07 62.72
C ILE D 240 -21.68 -41.19 61.19
N ALA D 241 -22.85 -41.04 60.57
CA ALA D 241 -22.93 -41.00 59.10
C ALA D 241 -23.35 -39.59 58.67
N PHE D 242 -22.98 -39.19 57.47
CA PHE D 242 -23.13 -37.79 57.08
C PHE D 242 -24.04 -37.50 55.88
N PHE D 243 -24.79 -36.40 55.99
CA PHE D 243 -25.61 -35.85 54.92
C PHE D 243 -24.76 -35.69 53.66
N SER D 244 -25.32 -36.13 52.53
CA SER D 244 -24.74 -35.95 51.18
C SER D 244 -23.72 -37.00 50.81
N THR D 245 -23.43 -37.89 51.75
CA THR D 245 -22.54 -39.02 51.49
C THR D 245 -23.36 -40.24 51.10
N ASN D 246 -22.94 -40.92 50.03
CA ASN D 246 -23.60 -42.16 49.63
C ASN D 246 -23.01 -43.34 50.40
N CYS D 247 -23.87 -44.26 50.82
CA CYS D 247 -23.37 -45.48 51.42
C CYS D 247 -22.93 -46.41 50.29
N VAL D 248 -21.65 -46.74 50.24
CA VAL D 248 -21.11 -47.57 49.17
C VAL D 248 -21.65 -48.98 49.26
N GLU D 249 -21.64 -49.55 50.47
CA GLU D 249 -22.14 -50.90 50.63
C GLU D 249 -22.57 -51.25 52.05
N GLY D 250 -23.15 -52.44 52.19
CA GLY D 250 -23.61 -52.93 53.48
C GLY D 250 -24.91 -52.28 53.89
N THR D 251 -25.27 -52.41 55.17
CA THR D 251 -26.45 -51.71 55.66
C THR D 251 -26.23 -51.18 57.06
N ALA D 252 -26.97 -50.14 57.43
CA ALA D 252 -26.85 -49.58 58.77
C ALA D 252 -28.13 -48.88 59.22
N ARG D 253 -28.34 -48.84 60.52
CA ARG D 253 -29.45 -48.11 61.11
C ARG D 253 -28.90 -46.96 61.93
N GLY D 254 -29.67 -45.88 62.05
CA GLY D 254 -29.21 -44.77 62.85
C GLY D 254 -30.28 -43.81 63.30
N ILE D 255 -30.03 -43.12 64.40
CA ILE D 255 -30.93 -42.07 64.86
C ILE D 255 -30.45 -40.73 64.33
N VAL D 256 -31.39 -39.90 63.85
CA VAL D 256 -30.99 -38.67 63.20
C VAL D 256 -30.59 -37.64 64.23
N VAL D 257 -29.31 -37.28 64.21
CA VAL D 257 -28.80 -36.25 65.10
C VAL D 257 -29.06 -34.86 64.53
N TYR D 258 -28.82 -34.70 63.24
CA TYR D 258 -28.96 -33.39 62.61
C TYR D 258 -29.83 -33.37 61.36
N THR D 259 -30.70 -32.38 61.29
CA THR D 259 -31.63 -32.22 60.17
C THR D 259 -31.43 -30.88 59.47
N GLY D 260 -31.37 -30.92 58.14
CA GLY D 260 -31.36 -29.70 57.32
C GLY D 260 -30.11 -28.83 57.36
N ASP D 261 -30.32 -27.54 57.60
CA ASP D 261 -29.22 -26.56 57.65
C ASP D 261 -28.30 -26.83 58.83
N ARG D 262 -28.85 -27.49 59.85
CA ARG D 262 -28.12 -27.76 61.08
C ARG D 262 -27.10 -28.87 60.89
N THR D 263 -27.14 -29.53 59.74
CA THR D 263 -26.22 -30.63 59.46
C THR D 263 -24.83 -30.12 59.18
N VAL D 264 -23.89 -31.04 58.96
CA VAL D 264 -22.50 -30.67 58.77
C VAL D 264 -22.27 -29.96 57.44
N MET D 265 -22.69 -30.60 56.36
CA MET D 265 -22.50 -30.05 55.03
C MET D 265 -23.29 -28.75 54.85
N GLY D 266 -24.32 -28.59 55.69
CA GLY D 266 -25.12 -27.38 55.67
C GLY D 266 -24.41 -26.24 56.35
N ARG D 267 -23.72 -26.54 57.45
CA ARG D 267 -22.91 -25.54 58.13
C ARG D 267 -21.78 -25.10 57.21
N ILE D 268 -21.15 -26.07 56.56
CA ILE D 268 -20.13 -25.74 55.56
C ILE D 268 -20.71 -24.85 54.47
N ALA D 269 -21.86 -25.26 53.94
CA ALA D 269 -22.49 -24.56 52.82
C ALA D 269 -22.85 -23.12 53.16
N THR D 270 -23.30 -22.91 54.40
CA THR D 270 -23.74 -21.60 54.84
C THR D 270 -22.55 -20.71 55.14
N LEU D 271 -21.46 -21.31 55.64
CA LEU D 271 -20.21 -20.59 55.78
C LEU D 271 -19.79 -20.10 54.40
N ALA D 272 -19.84 -21.00 53.43
CA ALA D 272 -19.43 -20.72 52.06
C ALA D 272 -20.27 -19.62 51.42
N SER D 273 -21.57 -19.66 51.67
CA SER D 273 -22.45 -18.60 51.17
C SER D 273 -22.11 -17.29 51.85
N GLY D 274 -21.66 -17.38 53.10
CA GLY D 274 -21.43 -16.20 53.91
C GLY D 274 -20.09 -15.49 53.78
N LEU D 275 -19.23 -15.96 52.89
CA LEU D 275 -17.90 -15.35 52.79
C LEU D 275 -17.82 -14.22 51.76
N GLU D 276 -16.67 -13.57 51.70
CA GLU D 276 -16.48 -12.39 50.87
C GLU D 276 -15.57 -12.70 49.68
N GLY D 277 -15.85 -12.09 48.54
CA GLY D 277 -15.06 -12.32 47.35
C GLY D 277 -13.66 -11.75 47.43
N GLY D 278 -13.57 -10.50 47.87
CA GLY D 278 -12.29 -9.79 47.87
C GLY D 278 -12.06 -9.17 46.51
N GLN D 279 -11.31 -8.07 46.47
CA GLN D 279 -11.06 -7.40 45.20
C GLN D 279 -10.08 -8.20 44.36
N THR D 280 -10.51 -8.54 43.14
CA THR D 280 -9.68 -9.29 42.21
C THR D 280 -8.45 -8.49 41.84
N PRO D 281 -7.44 -9.19 41.34
CA PRO D 281 -6.21 -8.46 41.00
C PRO D 281 -6.39 -7.49 39.83
N ILE D 282 -7.05 -7.93 38.77
CA ILE D 282 -7.20 -7.13 37.56
C ILE D 282 -8.02 -5.87 37.85
N ALA D 283 -9.08 -6.04 38.63
CA ALA D 283 -9.95 -4.94 38.99
C ALA D 283 -9.17 -3.88 39.75
N ALA D 284 -8.30 -4.34 40.64
CA ALA D 284 -7.46 -3.44 41.41
C ALA D 284 -6.52 -2.68 40.50
N GLU D 285 -5.85 -3.41 39.60
CA GLU D 285 -4.94 -2.78 38.65
C GLU D 285 -5.64 -1.67 37.86
N ILE D 286 -6.90 -1.93 37.51
CA ILE D 286 -7.71 -0.93 36.83
C ILE D 286 -8.05 0.25 37.73
N GLU D 287 -8.31 -0.02 39.01
CA GLU D 287 -8.58 1.05 39.98
C GLU D 287 -7.39 2.02 40.00
N HIS D 288 -6.20 1.46 40.18
CA HIS D 288 -4.96 2.23 40.18
C HIS D 288 -4.80 3.01 38.87
N PHE D 289 -5.07 2.32 37.77
CA PHE D 289 -5.06 2.94 36.44
C PHE D 289 -5.89 4.21 36.40
N ILE D 290 -7.13 4.09 36.89
CA ILE D 290 -8.04 5.21 36.96
C ILE D 290 -7.46 6.33 37.81
N HIS D 291 -6.87 5.98 38.96
CA HIS D 291 -6.22 6.98 39.79
C HIS D 291 -5.16 7.80 39.04
N ILE D 292 -4.36 7.12 38.22
CA ILE D 292 -3.41 7.83 37.36
C ILE D 292 -4.12 8.78 36.41
N ILE D 293 -5.04 8.23 35.61
CA ILE D 293 -5.74 9.02 34.60
C ILE D 293 -6.41 10.26 35.17
N THR D 294 -7.19 10.08 36.22
CA THR D 294 -7.86 11.22 36.87
C THR D 294 -6.85 12.15 37.53
N GLY D 295 -5.71 11.61 37.95
CA GLY D 295 -4.66 12.43 38.49
C GLY D 295 -4.20 13.47 37.50
N VAL D 296 -3.76 13.01 36.33
CA VAL D 296 -3.34 13.97 35.31
C VAL D 296 -4.52 14.85 34.89
N ALA D 297 -5.71 14.27 34.94
CA ALA D 297 -6.93 14.98 34.55
C ALA D 297 -7.14 16.25 35.37
N VAL D 298 -7.11 16.12 36.69
CA VAL D 298 -7.33 17.27 37.56
C VAL D 298 -6.11 18.16 37.65
N PHE D 299 -4.92 17.60 37.44
CA PHE D 299 -3.75 18.47 37.41
C PHE D 299 -3.82 19.43 36.23
N LEU D 300 -4.12 18.89 35.05
CA LEU D 300 -4.30 19.71 33.87
C LEU D 300 -5.47 20.68 34.02
N GLY D 301 -6.62 20.15 34.42
CA GLY D 301 -7.81 20.96 34.61
C GLY D 301 -7.61 22.14 35.55
N VAL D 302 -7.03 21.88 36.71
CA VAL D 302 -6.78 22.93 37.70
C VAL D 302 -5.70 23.92 37.26
N SER D 303 -4.53 23.40 36.89
CA SER D 303 -3.42 24.27 36.51
C SER D 303 -3.84 25.20 35.37
N PHE D 304 -4.60 24.65 34.43
CA PHE D 304 -5.10 25.46 33.32
C PHE D 304 -6.27 26.36 33.71
N PHE D 305 -7.00 25.99 34.76
CA PHE D 305 -8.06 26.85 35.25
C PHE D 305 -7.43 28.13 35.79
N ILE D 306 -6.47 27.95 36.67
CA ILE D 306 -5.65 29.05 37.17
C ILE D 306 -5.07 29.86 36.01
N LEU D 307 -4.41 29.18 35.07
CA LEU D 307 -3.76 29.85 33.94
C LEU D 307 -4.74 30.68 33.12
N SER D 308 -5.95 30.17 32.92
CA SER D 308 -6.96 30.87 32.14
C SER D 308 -7.42 32.12 32.86
N LEU D 309 -7.59 32.01 34.18
CA LEU D 309 -7.92 33.19 34.98
C LEU D 309 -6.81 34.23 34.95
N ILE D 310 -5.56 33.76 34.93
CA ILE D 310 -4.39 34.62 34.88
C ILE D 310 -4.34 35.46 33.60
N LEU D 311 -5.20 35.14 32.63
CA LEU D 311 -5.16 35.91 31.40
C LEU D 311 -6.30 36.90 31.25
N GLU D 312 -7.45 36.41 30.80
CA GLU D 312 -8.64 37.25 30.67
C GLU D 312 -9.88 36.55 31.18
N TYR D 313 -10.14 35.40 30.57
CA TYR D 313 -11.46 34.78 30.54
C TYR D 313 -12.13 34.76 31.91
N THR D 314 -13.39 35.15 31.92
CA THR D 314 -14.16 35.23 33.14
C THR D 314 -14.35 33.84 33.72
N TRP D 315 -14.65 33.78 35.01
CA TRP D 315 -14.80 32.53 35.74
C TRP D 315 -15.68 31.54 34.98
N LEU D 316 -16.71 32.06 34.33
CA LEU D 316 -17.59 31.28 33.46
C LEU D 316 -16.75 30.45 32.48
N GLU D 317 -16.03 31.18 31.62
CA GLU D 317 -15.19 30.55 30.61
C GLU D 317 -14.11 29.65 31.21
N ALA D 318 -13.56 30.06 32.35
CA ALA D 318 -12.51 29.29 33.01
C ALA D 318 -13.03 27.95 33.54
N VAL D 319 -14.26 27.96 34.03
CA VAL D 319 -14.92 26.76 34.52
C VAL D 319 -15.27 25.83 33.36
N ILE D 320 -15.76 26.47 32.26
CA ILE D 320 -16.04 25.67 31.06
C ILE D 320 -14.78 24.98 30.56
N PHE D 321 -13.66 25.70 30.60
CA PHE D 321 -12.37 25.15 30.21
C PHE D 321 -11.96 24.05 31.19
N LEU D 322 -12.26 24.24 32.46
CA LEU D 322 -11.89 23.26 33.48
C LEU D 322 -12.61 21.95 33.27
N ILE D 323 -13.93 22.00 33.15
CA ILE D 323 -14.70 20.82 32.85
C ILE D 323 -14.24 20.23 31.53
N GLY D 324 -14.02 21.10 30.54
CA GLY D 324 -13.52 20.69 29.24
C GLY D 324 -12.26 19.83 29.29
N ILE D 325 -11.19 20.36 29.86
CA ILE D 325 -9.91 19.64 29.94
C ILE D 325 -10.01 18.33 30.72
N ILE D 326 -10.82 18.32 31.77
CA ILE D 326 -10.95 17.13 32.58
C ILE D 326 -11.68 16.03 31.81
N VAL D 327 -12.90 16.33 31.38
CA VAL D 327 -13.69 15.41 30.57
C VAL D 327 -12.92 14.89 29.35
N ALA D 328 -12.06 15.73 28.78
CA ALA D 328 -11.28 15.36 27.60
C ALA D 328 -10.23 14.31 27.93
N ASN D 329 -9.81 14.29 29.18
CA ASN D 329 -8.78 13.37 29.63
C ASN D 329 -9.30 11.97 29.78
N VAL D 330 -10.63 11.82 29.79
CA VAL D 330 -11.28 10.55 30.02
C VAL D 330 -11.36 9.74 28.74
N PRO D 331 -10.78 8.53 28.75
CA PRO D 331 -10.86 7.55 27.65
C PRO D 331 -12.20 6.80 27.56
N GLU D 332 -13.06 7.23 26.67
CA GLU D 332 -14.39 6.67 26.55
C GLU D 332 -14.31 5.35 25.82
N GLY D 333 -13.37 5.25 24.89
CA GLY D 333 -13.26 4.08 24.05
C GLY D 333 -12.67 2.91 24.83
N LEU D 334 -11.72 3.22 25.71
CA LEU D 334 -10.94 2.20 26.38
C LEU D 334 -11.74 1.33 27.35
N LEU D 335 -12.96 1.76 27.67
CA LEU D 335 -13.84 0.93 28.49
C LEU D 335 -14.40 -0.20 27.64
N ALA D 336 -14.74 0.12 26.40
CA ALA D 336 -15.18 -0.88 25.44
C ALA D 336 -14.02 -1.82 25.11
N THR D 337 -12.89 -1.24 24.67
CA THR D 337 -11.73 -2.04 24.27
C THR D 337 -11.17 -2.95 25.37
N VAL D 338 -11.31 -2.58 26.64
CA VAL D 338 -10.94 -3.49 27.72
C VAL D 338 -11.97 -4.60 27.84
N THR D 339 -13.25 -4.24 27.87
CA THR D 339 -14.28 -5.26 28.04
C THR D 339 -14.24 -6.30 26.93
N VAL D 340 -14.14 -5.86 25.71
CA VAL D 340 -14.00 -6.75 24.56
C VAL D 340 -12.76 -7.64 24.69
N CYS D 341 -11.64 -7.03 25.09
CA CYS D 341 -10.38 -7.75 25.27
C CYS D 341 -10.59 -8.99 26.16
N LEU D 342 -11.10 -8.71 27.36
CA LEU D 342 -11.37 -9.74 28.34
C LEU D 342 -12.32 -10.79 27.79
N THR D 343 -13.38 -10.33 27.13
CA THR D 343 -14.37 -11.24 26.55
C THR D 343 -13.75 -12.20 25.54
N LEU D 344 -12.85 -11.70 24.70
CA LEU D 344 -12.13 -12.54 23.74
C LEU D 344 -11.37 -13.66 24.45
N THR D 345 -10.54 -13.26 25.41
CA THR D 345 -9.78 -14.29 26.15
C THR D 345 -10.73 -15.34 26.79
N ALA D 346 -11.80 -14.85 27.40
CA ALA D 346 -12.82 -15.72 27.98
C ALA D 346 -13.45 -16.68 26.97
N LYS D 347 -13.65 -16.20 25.74
CA LYS D 347 -14.17 -17.03 24.67
C LYS D 347 -13.22 -18.20 24.42
N ARG D 348 -11.93 -17.92 24.32
CA ARG D 348 -10.98 -19.02 24.14
C ARG D 348 -11.04 -20.01 25.31
N MET D 349 -11.14 -19.46 26.52
CA MET D 349 -11.32 -20.28 27.71
C MET D 349 -12.48 -21.27 27.54
N ALA D 350 -13.63 -20.73 27.13
CA ALA D 350 -14.83 -21.55 26.93
C ALA D 350 -14.64 -22.59 25.83
N ARG D 351 -13.90 -22.22 24.79
CA ARG D 351 -13.59 -23.16 23.71
C ARG D 351 -12.84 -24.35 24.28
N LYS D 352 -12.03 -24.11 25.32
CA LYS D 352 -11.29 -25.20 25.93
C LYS D 352 -12.05 -25.92 27.05
N ASN D 353 -13.34 -25.60 27.20
CA ASN D 353 -14.18 -26.16 28.26
C ASN D 353 -13.75 -25.70 29.64
N CYS D 354 -13.28 -24.46 29.71
CA CYS D 354 -12.97 -23.82 30.97
C CYS D 354 -13.88 -22.60 31.05
N LEU D 355 -14.86 -22.66 31.96
CA LEU D 355 -15.89 -21.64 32.01
C LEU D 355 -15.65 -20.66 33.15
N VAL D 356 -15.80 -19.37 32.88
CA VAL D 356 -15.66 -18.36 33.91
C VAL D 356 -17.01 -17.77 34.31
N LYS D 357 -17.41 -18.01 35.55
CA LYS D 357 -18.66 -17.46 36.08
C LYS D 357 -18.69 -15.95 35.88
N ASN D 358 -17.55 -15.33 36.17
CA ASN D 358 -17.41 -13.89 36.23
C ASN D 358 -16.46 -13.47 35.11
N LEU D 359 -16.60 -12.25 34.62
CA LEU D 359 -15.83 -11.81 33.44
C LEU D 359 -14.38 -11.39 33.71
N GLU D 360 -14.14 -10.77 34.86
CA GLU D 360 -12.79 -10.32 35.19
C GLU D 360 -12.00 -11.46 35.82
N ALA D 361 -12.64 -12.62 35.94
CA ALA D 361 -12.03 -13.78 36.56
C ALA D 361 -11.09 -14.50 35.58
N VAL D 362 -10.98 -13.94 34.38
CA VAL D 362 -10.14 -14.54 33.35
C VAL D 362 -8.65 -14.26 33.59
N GLU D 363 -8.33 -13.12 34.19
CA GLU D 363 -6.94 -12.72 34.39
C GLU D 363 -6.27 -13.38 35.59
N THR D 364 -7.07 -13.63 36.62
CA THR D 364 -6.54 -13.95 37.95
C THR D 364 -5.42 -15.01 38.03
N LEU D 365 -5.53 -16.08 37.25
CA LEU D 365 -4.49 -17.11 37.25
C LEU D 365 -3.12 -16.53 36.92
N GLY D 366 -3.10 -15.61 35.96
CA GLY D 366 -1.86 -14.96 35.55
C GLY D 366 -1.15 -14.25 36.69
N SER D 367 -1.93 -13.79 37.66
CA SER D 367 -1.38 -13.04 38.79
C SER D 367 -1.12 -13.92 40.01
N THR D 368 -1.34 -15.22 39.88
CA THR D 368 -1.32 -16.13 41.03
C THR D 368 0.06 -16.66 41.39
N SER D 369 0.50 -16.42 42.62
CA SER D 369 1.76 -16.97 43.11
C SER D 369 1.61 -18.23 43.99
N THR D 370 0.37 -18.60 44.33
CA THR D 370 0.15 -19.80 45.15
C THR D 370 -1.13 -20.55 44.76
N ILE D 371 -0.99 -21.84 44.48
CA ILE D 371 -2.15 -22.69 44.23
C ILE D 371 -2.33 -23.63 45.39
N CYS D 372 -3.42 -23.47 46.12
CA CYS D 372 -3.85 -24.46 47.11
C CYS D 372 -4.80 -25.44 46.43
N SER D 373 -4.40 -26.71 46.38
CA SER D 373 -5.16 -27.69 45.64
C SER D 373 -5.70 -28.79 46.56
N LYS D 375 -6.95 -32.79 47.20
CA LYS D 375 -6.36 -34.06 46.75
C LYS D 375 -7.33 -34.93 45.96
N THR D 376 -8.29 -35.54 46.64
CA THR D 376 -9.21 -36.47 46.00
C THR D 376 -10.24 -35.76 45.15
N GLY D 377 -10.39 -36.21 43.91
CA GLY D 377 -11.38 -35.66 43.01
C GLY D 377 -10.85 -34.45 42.26
N THR D 378 -9.81 -33.85 42.81
CA THR D 378 -9.17 -32.72 42.19
C THR D 378 -7.85 -33.17 41.57
N LEU D 379 -6.86 -33.40 42.42
CA LEU D 379 -5.57 -33.91 41.97
C LEU D 379 -5.69 -35.37 41.52
N THR D 380 -6.60 -36.11 42.14
CA THR D 380 -6.78 -37.52 41.79
C THR D 380 -8.14 -37.78 41.17
N GLN D 381 -8.38 -39.03 40.78
CA GLN D 381 -9.62 -39.41 40.11
C GLN D 381 -10.72 -39.80 41.10
N ASN D 382 -10.34 -40.01 42.35
CA ASN D 382 -11.29 -40.44 43.37
C ASN D 382 -11.98 -41.74 42.99
N ARG D 383 -11.26 -42.58 42.25
CA ARG D 383 -11.77 -43.87 41.82
C ARG D 383 -10.71 -44.93 42.09
N MET D 384 -11.06 -45.89 42.95
CA MET D 384 -10.14 -46.97 43.30
C MET D 384 -9.71 -47.69 42.03
N THR D 385 -8.40 -47.79 41.81
CA THR D 385 -7.91 -48.38 40.57
C THR D 385 -6.65 -49.22 40.82
N VAL D 386 -6.54 -50.31 40.07
CA VAL D 386 -5.40 -51.20 40.15
C VAL D 386 -4.11 -50.46 39.79
N ALA D 387 -3.14 -50.52 40.70
CA ALA D 387 -1.91 -49.76 40.59
C ALA D 387 -0.71 -50.64 40.23
N HIS D 388 -0.36 -51.57 41.12
CA HIS D 388 0.75 -52.48 40.89
C HIS D 388 0.37 -53.94 41.13
N MET D 389 1.05 -54.86 40.45
CA MET D 389 0.79 -56.28 40.62
C MET D 389 2.08 -57.06 40.85
N TRP D 390 1.94 -58.18 41.57
CA TRP D 390 3.08 -59.00 41.95
C TRP D 390 3.10 -60.28 41.14
N SER D 391 4.05 -60.39 40.22
CA SER D 391 4.21 -61.59 39.41
C SER D 391 5.68 -62.01 39.38
N ASP D 392 5.92 -63.29 39.68
CA ASP D 392 7.27 -63.87 39.65
C ASP D 392 8.24 -63.10 40.53
N ASN D 393 7.81 -62.78 41.75
CA ASN D 393 8.55 -61.90 42.66
C ASN D 393 9.04 -60.64 41.97
N GLN D 394 8.13 -59.97 41.29
CA GLN D 394 8.46 -58.73 40.60
C GLN D 394 7.23 -57.83 40.59
N ILE D 395 7.46 -56.53 40.64
CA ILE D 395 6.36 -55.58 40.66
C ILE D 395 6.18 -54.97 39.27
N HIS D 396 4.97 -55.12 38.73
CA HIS D 396 4.66 -54.53 37.44
C HIS D 396 3.58 -53.48 37.63
N GLU D 397 3.86 -52.24 37.22
CA GLU D 397 2.90 -51.17 37.36
C GLU D 397 1.91 -51.17 36.19
N ALA D 398 0.62 -51.06 36.53
CA ALA D 398 -0.42 -51.02 35.52
C ALA D 398 -0.61 -49.59 35.06
N ASP D 399 -1.51 -49.39 34.10
CA ASP D 399 -1.78 -48.05 33.60
C ASP D 399 -2.93 -47.46 34.40
N THR D 400 -2.60 -46.46 35.21
CA THR D 400 -3.55 -45.91 36.18
C THR D 400 -4.31 -44.71 35.63
N THR D 401 -4.09 -44.39 34.36
CA THR D 401 -4.68 -43.19 33.78
C THR D 401 -6.11 -43.40 33.26
N GLU D 402 -6.92 -42.35 33.46
CA GLU D 402 -8.30 -42.29 33.02
C GLU D 402 -8.46 -42.60 31.52
N ASN D 403 -7.51 -42.13 30.71
CA ASN D 403 -7.57 -42.29 29.27
C ASN D 403 -6.76 -43.47 28.71
N GLN D 404 -6.06 -44.17 29.59
CA GLN D 404 -5.11 -45.22 29.19
C GLN D 404 -3.96 -44.71 28.32
N SER D 405 -3.33 -43.63 28.77
CA SER D 405 -2.21 -43.03 28.04
C SER D 405 -0.84 -43.55 28.52
N GLY D 406 -0.86 -44.53 29.41
CA GLY D 406 0.38 -45.03 29.99
C GLY D 406 0.95 -46.26 29.30
N VAL D 407 1.76 -47.02 30.04
CA VAL D 407 2.43 -48.19 29.51
C VAL D 407 1.79 -49.49 30.02
N SER D 408 1.43 -50.36 29.10
CA SER D 408 0.90 -51.68 29.45
C SER D 408 2.04 -52.61 29.87
N PHE D 409 1.76 -53.47 30.84
CA PHE D 409 2.76 -54.45 31.29
C PHE D 409 2.89 -55.56 30.27
N ASP D 410 3.77 -56.52 30.56
CA ASP D 410 3.95 -57.66 29.66
C ASP D 410 3.00 -58.76 30.12
N LYS D 411 1.96 -58.99 29.32
CA LYS D 411 0.91 -59.93 29.70
C LYS D 411 1.14 -61.32 29.12
N THR D 412 2.28 -61.50 28.47
CA THR D 412 2.64 -62.77 27.85
C THR D 412 2.78 -63.91 28.86
N SER D 413 3.33 -63.60 30.03
CA SER D 413 3.57 -64.62 31.06
C SER D 413 2.28 -65.30 31.48
N ALA D 414 2.37 -66.60 31.80
CA ALA D 414 1.21 -67.40 32.17
C ALA D 414 0.78 -67.11 33.61
N THR D 415 1.72 -66.66 34.43
CA THR D 415 1.45 -66.34 35.82
C THR D 415 0.40 -65.21 35.90
N TRP D 416 0.56 -64.21 35.04
CA TRP D 416 -0.42 -63.15 34.92
C TRP D 416 -1.77 -63.67 34.47
N LEU D 417 -1.75 -64.68 33.60
CA LEU D 417 -3.00 -65.26 33.10
C LEU D 417 -3.77 -65.90 34.26
N ALA D 418 -3.07 -66.74 35.01
CA ALA D 418 -3.65 -67.37 36.20
C ALA D 418 -4.19 -66.34 37.16
N LEU D 419 -3.36 -65.36 37.50
CA LEU D 419 -3.75 -64.27 38.39
C LEU D 419 -5.02 -63.56 37.93
N SER D 420 -5.02 -63.17 36.65
CA SER D 420 -6.12 -62.43 36.05
C SER D 420 -7.41 -63.22 36.12
N ARG D 421 -7.31 -64.53 35.89
CA ARG D 421 -8.48 -65.39 36.03
C ARG D 421 -8.96 -65.43 37.48
N ILE D 422 -8.02 -65.48 38.43
CA ILE D 422 -8.39 -65.44 39.85
C ILE D 422 -9.18 -64.18 40.21
N ALA D 423 -8.66 -63.03 39.79
CA ALA D 423 -9.27 -61.75 40.10
C ALA D 423 -10.61 -61.56 39.39
N GLY D 424 -10.68 -62.00 38.15
CA GLY D 424 -11.89 -61.85 37.36
C GLY D 424 -13.01 -62.75 37.85
N LEU D 425 -12.65 -63.96 38.26
CA LEU D 425 -13.63 -64.96 38.67
C LEU D 425 -14.18 -64.82 40.08
N CYS D 426 -13.31 -64.54 41.06
CA CYS D 426 -13.82 -64.36 42.40
C CYS D 426 -14.11 -62.87 42.57
N ASN D 427 -15.38 -62.53 42.41
CA ASN D 427 -15.88 -61.18 42.64
C ASN D 427 -17.39 -61.15 42.70
N ARG D 428 -17.93 -60.10 43.31
CA ARG D 428 -19.35 -59.80 43.19
C ARG D 428 -19.54 -58.71 42.15
N ALA D 429 -18.42 -58.28 41.57
CA ALA D 429 -18.43 -57.17 40.62
C ALA D 429 -18.91 -57.59 39.24
N VAL D 430 -19.92 -56.90 38.74
CA VAL D 430 -20.43 -57.10 37.39
C VAL D 430 -20.84 -55.75 36.81
N PHE D 431 -20.63 -55.57 35.51
CA PHE D 431 -21.03 -54.33 34.84
C PHE D 431 -22.55 -54.19 34.85
N GLN D 432 -23.03 -52.96 34.93
CA GLN D 432 -24.47 -52.73 34.95
C GLN D 432 -25.09 -52.76 33.56
N ALA D 433 -26.41 -52.61 33.51
CA ALA D 433 -27.18 -52.83 32.28
C ALA D 433 -26.74 -51.96 31.12
N ASN D 434 -26.56 -50.67 31.38
CA ASN D 434 -26.27 -49.72 30.30
C ASN D 434 -24.80 -49.38 30.01
N GLN D 435 -23.86 -50.11 30.61
CA GLN D 435 -22.47 -49.81 30.32
C GLN D 435 -21.95 -50.78 29.26
N GLU D 436 -21.93 -50.28 28.02
CA GLU D 436 -21.35 -50.97 26.89
C GLU D 436 -20.51 -50.00 26.07
N ASN D 437 -21.18 -49.00 25.51
CA ASN D 437 -20.56 -47.95 24.71
C ASN D 437 -19.57 -47.12 25.52
N LEU D 438 -19.83 -46.97 26.81
CA LEU D 438 -18.96 -46.21 27.70
C LEU D 438 -17.55 -46.79 27.73
N PRO D 439 -16.55 -45.92 27.98
CA PRO D 439 -15.20 -46.43 28.21
C PRO D 439 -15.17 -47.26 29.49
N ILE D 440 -14.42 -48.36 29.47
CA ILE D 440 -14.42 -49.35 30.55
C ILE D 440 -14.13 -48.75 31.94
N LEU D 441 -13.38 -47.67 31.98
CA LEU D 441 -13.03 -47.03 33.25
C LEU D 441 -14.15 -46.16 33.83
N LYS D 442 -14.54 -45.13 33.10
CA LYS D 442 -15.56 -44.18 33.57
C LYS D 442 -16.96 -44.78 33.65
N ARG D 443 -17.10 -46.02 33.19
CA ARG D 443 -18.39 -46.71 33.24
C ARG D 443 -18.71 -47.23 34.64
N ALA D 444 -19.99 -47.21 34.99
CA ALA D 444 -20.42 -47.61 36.33
C ALA D 444 -20.33 -49.12 36.54
N VAL D 445 -20.18 -49.51 37.81
CA VAL D 445 -20.07 -50.91 38.19
C VAL D 445 -20.78 -51.15 39.52
N ALA D 446 -21.54 -52.23 39.61
CA ALA D 446 -22.17 -52.59 40.88
C ALA D 446 -21.27 -53.56 41.63
N GLY D 447 -20.70 -53.09 42.74
CA GLY D 447 -19.82 -53.92 43.54
C GLY D 447 -19.03 -53.14 44.58
N ASP D 448 -18.03 -53.79 45.16
CA ASP D 448 -17.19 -53.18 46.18
C ASP D 448 -16.22 -52.20 45.51
N ALA D 449 -15.42 -51.51 46.32
CA ALA D 449 -14.37 -50.64 45.79
C ALA D 449 -13.32 -51.45 45.03
N SER D 450 -12.69 -52.36 45.76
CA SER D 450 -11.61 -53.18 45.23
C SER D 450 -12.11 -54.06 44.09
N GLU D 451 -13.31 -54.61 44.27
CA GLU D 451 -13.91 -55.47 43.26
C GLU D 451 -14.17 -54.71 41.97
N SER D 452 -14.54 -53.44 42.09
CA SER D 452 -14.74 -52.60 40.92
C SER D 452 -13.41 -52.36 40.20
N ALA D 453 -12.40 -51.98 40.97
CA ALA D 453 -11.06 -51.77 40.40
C ALA D 453 -10.56 -53.00 39.65
N LEU D 454 -10.66 -54.16 40.31
CA LEU D 454 -10.21 -55.42 39.73
C LEU D 454 -11.01 -55.81 38.50
N LEU D 455 -12.33 -55.67 38.57
CA LEU D 455 -13.20 -55.99 37.44
C LEU D 455 -12.81 -55.16 36.22
N LYS D 456 -12.70 -53.86 36.40
CA LYS D 456 -12.31 -52.98 35.30
C LYS D 456 -10.94 -53.35 34.76
N CYS D 457 -10.02 -53.70 35.68
CA CYS D 457 -8.66 -54.08 35.27
C CYS D 457 -8.61 -55.32 34.39
N ILE D 458 -9.34 -56.36 34.79
CA ILE D 458 -9.36 -57.59 34.00
C ILE D 458 -10.09 -57.39 32.67
N GLU D 459 -11.22 -56.68 32.73
CA GLU D 459 -11.99 -56.39 31.52
C GLU D 459 -11.16 -55.57 30.54
N LEU D 460 -10.18 -54.84 31.06
CA LEU D 460 -9.29 -54.06 30.23
C LEU D 460 -8.15 -54.90 29.66
N CYS D 461 -7.27 -55.36 30.54
CA CYS D 461 -6.02 -55.99 30.11
C CYS D 461 -6.17 -57.39 29.51
N CYS D 462 -7.03 -58.21 30.12
CA CYS D 462 -7.12 -59.61 29.73
C CYS D 462 -8.26 -59.90 28.74
N GLY D 463 -8.97 -58.86 28.31
CA GLY D 463 -10.15 -59.04 27.50
C GLY D 463 -11.36 -59.12 28.41
N SER D 464 -12.48 -59.65 27.91
CA SER D 464 -13.74 -59.60 28.65
C SER D 464 -13.82 -60.59 29.82
N VAL D 465 -14.49 -60.17 30.88
CA VAL D 465 -14.73 -61.02 32.06
C VAL D 465 -16.11 -61.67 31.99
N LYS D 466 -16.85 -61.40 30.92
CA LYS D 466 -18.22 -61.91 30.81
C LYS D 466 -18.20 -63.40 30.52
N GLU D 467 -17.75 -63.74 29.31
CA GLU D 467 -17.60 -65.12 28.90
C GLU D 467 -16.54 -65.80 29.77
N MET D 468 -15.64 -65.00 30.33
CA MET D 468 -14.56 -65.51 31.16
C MET D 468 -15.09 -65.96 32.52
N ARG D 469 -15.99 -65.18 33.11
CA ARG D 469 -16.55 -65.56 34.41
C ARG D 469 -17.63 -66.63 34.25
N GLU D 470 -18.32 -66.65 33.12
CA GLU D 470 -19.31 -67.70 32.91
C GLU D 470 -18.69 -68.96 32.29
N ARG D 471 -17.41 -68.88 31.95
CA ARG D 471 -16.68 -70.05 31.44
C ARG D 471 -16.56 -71.09 32.55
N TYR D 472 -16.06 -70.64 33.69
CA TYR D 472 -15.98 -71.47 34.89
C TYR D 472 -17.29 -71.29 35.65
N THR D 473 -17.91 -72.37 36.07
CA THR D 473 -19.17 -72.28 36.80
C THR D 473 -18.96 -72.36 38.31
N LYS D 474 -19.40 -71.31 39.00
CA LYS D 474 -19.24 -71.23 40.45
C LYS D 474 -20.16 -72.21 41.16
N ILE D 475 -19.57 -73.06 42.01
CA ILE D 475 -20.34 -74.06 42.74
C ILE D 475 -20.84 -73.49 44.06
N VAL D 476 -19.93 -73.30 45.02
CA VAL D 476 -20.27 -72.69 46.29
C VAL D 476 -19.18 -71.68 46.68
N GLU D 477 -19.59 -70.51 47.15
CA GLU D 477 -18.64 -69.44 47.49
C GLU D 477 -18.77 -68.98 48.93
N ILE D 478 -17.66 -68.55 49.52
CA ILE D 478 -17.67 -67.94 50.84
C ILE D 478 -17.37 -66.45 50.72
N PRO D 479 -18.40 -65.62 50.91
CA PRO D 479 -18.24 -64.16 50.92
C PRO D 479 -17.32 -63.71 52.04
N PHE D 480 -16.82 -62.48 51.98
CA PHE D 480 -15.80 -61.98 52.90
C PHE D 480 -16.18 -62.13 54.39
N ASN D 481 -15.18 -62.36 55.22
CA ASN D 481 -15.38 -62.56 56.65
C ASN D 481 -14.80 -61.41 57.50
N SER D 482 -14.89 -61.56 58.81
CA SER D 482 -14.43 -60.54 59.75
C SER D 482 -13.15 -60.96 60.47
N THR D 483 -13.28 -61.88 61.42
CA THR D 483 -12.14 -62.43 62.12
C THR D 483 -11.23 -63.10 61.11
N ASN D 484 -11.85 -63.76 60.14
CA ASN D 484 -11.16 -64.56 59.15
C ASN D 484 -10.55 -63.84 57.94
N LYS D 485 -11.23 -62.80 57.45
CA LYS D 485 -10.72 -61.97 56.36
C LYS D 485 -10.37 -62.73 55.07
N TYR D 486 -11.31 -63.52 54.55
CA TYR D 486 -11.04 -64.27 53.32
C TYR D 486 -12.30 -64.53 52.48
N GLN D 487 -12.12 -64.50 51.16
CA GLN D 487 -13.23 -64.77 50.25
C GLN D 487 -12.83 -65.82 49.23
N LEU D 488 -13.52 -67.01 49.28
CA LEU D 488 -13.19 -68.09 48.36
C LEU D 488 -14.39 -68.54 47.54
N SER D 489 -14.12 -69.20 46.42
CA SER D 489 -15.15 -69.75 45.56
C SER D 489 -14.55 -70.88 44.74
N ILE D 490 -15.37 -71.86 44.36
CA ILE D 490 -14.85 -73.00 43.61
C ILE D 490 -15.60 -73.23 42.29
N HIS D 491 -14.84 -73.44 41.22
CA HIS D 491 -15.42 -73.57 39.89
C HIS D 491 -14.97 -74.85 39.20
N LYS D 492 -15.64 -75.18 38.09
CA LYS D 492 -15.28 -76.34 37.30
C LYS D 492 -14.21 -75.98 36.28
N ASN D 493 -13.62 -76.99 35.66
CA ASN D 493 -12.55 -76.78 34.69
C ASN D 493 -13.04 -76.54 33.27
N PRO D 494 -12.49 -75.50 32.63
CA PRO D 494 -12.78 -75.16 31.24
C PRO D 494 -11.70 -75.63 30.27
N ASN D 495 -10.48 -75.87 30.74
CA ASN D 495 -9.43 -76.36 29.86
C ASN D 495 -9.75 -77.76 29.40
N THR D 496 -8.98 -78.24 28.43
CA THR D 496 -9.28 -79.52 27.81
C THR D 496 -8.40 -80.65 28.35
N ALA D 497 -7.27 -80.28 28.96
CA ALA D 497 -6.29 -81.27 29.38
C ALA D 497 -6.69 -81.99 30.66
N GLU D 498 -6.71 -81.24 31.75
CA GLU D 498 -6.89 -81.76 33.09
C GLU D 498 -8.28 -81.28 33.55
N PRO D 499 -9.15 -82.20 33.96
CA PRO D 499 -10.50 -81.79 34.37
C PRO D 499 -10.74 -81.63 35.87
N ARG D 500 -9.74 -81.20 36.63
CA ARG D 500 -9.94 -81.03 38.08
C ARG D 500 -10.64 -79.70 38.40
N HIS D 501 -11.26 -79.66 39.57
CA HIS D 501 -11.98 -78.47 40.02
C HIS D 501 -10.99 -77.36 40.41
N LEU D 502 -11.31 -76.13 40.03
CA LEU D 502 -10.46 -74.99 40.35
C LEU D 502 -10.97 -74.20 41.56
N LEU D 503 -10.10 -73.98 42.53
CA LEU D 503 -10.45 -73.22 43.72
C LEU D 503 -9.69 -71.89 43.73
N VAL D 504 -10.38 -70.82 44.15
CA VAL D 504 -9.78 -69.49 44.20
C VAL D 504 -10.16 -68.71 45.47
N MET D 505 -9.14 -67.97 45.99
CA MET D 505 -9.39 -67.16 47.18
C MET D 505 -8.56 -65.87 47.21
N LYS D 506 -9.19 -64.79 47.69
CA LYS D 506 -8.48 -63.53 47.92
C LYS D 506 -8.66 -63.04 49.35
N GLY D 507 -7.65 -62.36 49.88
CA GLY D 507 -7.72 -61.81 51.23
C GLY D 507 -6.47 -61.07 51.65
N ALA D 508 -6.50 -60.47 52.83
CA ALA D 508 -5.37 -59.72 53.37
C ALA D 508 -4.09 -60.57 53.35
N PRO D 509 -2.97 -59.96 52.93
CA PRO D 509 -1.69 -60.64 52.73
C PRO D 509 -1.20 -61.49 53.90
N GLU D 510 -1.36 -61.02 55.13
CA GLU D 510 -0.87 -61.78 56.28
C GLU D 510 -1.71 -63.02 56.57
N ARG D 511 -3.03 -62.89 56.46
CA ARG D 511 -3.94 -64.01 56.68
C ARG D 511 -3.77 -65.10 55.62
N ILE D 512 -3.71 -64.65 54.37
CA ILE D 512 -3.55 -65.57 53.25
C ILE D 512 -2.13 -66.17 53.26
N LEU D 513 -1.17 -65.43 53.79
CA LEU D 513 0.17 -65.96 54.01
C LEU D 513 0.12 -67.05 55.08
N ASP D 514 -0.79 -66.88 56.04
CA ASP D 514 -0.99 -67.90 57.06
C ASP D 514 -1.55 -69.18 56.44
N ARG D 515 -2.43 -69.03 55.45
CA ARG D 515 -3.04 -70.21 54.82
C ARG D 515 -2.38 -70.73 53.54
N CYS D 516 -1.26 -70.14 53.12
CA CYS D 516 -0.63 -70.54 51.86
C CYS D 516 0.72 -71.22 52.00
N SER D 517 1.00 -72.20 51.14
CA SER D 517 2.28 -72.90 51.19
C SER D 517 3.00 -72.82 49.87
N SER D 518 2.40 -73.39 48.84
CA SER D 518 2.98 -73.41 47.51
C SER D 518 2.97 -72.02 46.87
N ILE D 519 4.00 -71.74 46.08
CA ILE D 519 4.07 -70.51 45.30
C ILE D 519 4.29 -70.87 43.83
N LEU D 520 3.71 -70.08 42.94
CA LEU D 520 3.78 -70.35 41.50
C LEU D 520 4.75 -69.40 40.80
N ILE D 521 5.53 -69.94 39.86
CA ILE D 521 6.40 -69.10 39.02
C ILE D 521 6.44 -69.58 37.57
N HIS D 522 6.14 -68.66 36.65
CA HIS D 522 6.24 -68.90 35.21
C HIS D 522 5.45 -70.11 34.71
N GLY D 523 4.43 -70.51 35.45
CA GLY D 523 3.62 -71.66 35.05
C GLY D 523 3.96 -72.98 35.70
N LYS D 524 4.92 -72.98 36.62
CA LYS D 524 5.23 -74.19 37.40
C LYS D 524 5.42 -73.89 38.89
N GLU D 525 5.02 -74.83 39.73
CA GLU D 525 4.92 -74.59 41.17
C GLU D 525 6.24 -74.71 41.94
N GLN D 526 6.14 -74.53 43.26
CA GLN D 526 7.27 -74.47 44.18
C GLN D 526 6.72 -74.36 45.60
N PRO D 527 7.48 -74.80 46.60
CA PRO D 527 7.10 -74.50 47.99
C PRO D 527 7.65 -73.14 48.41
N LEU D 528 7.39 -72.72 49.65
CA LEU D 528 7.90 -71.42 50.10
C LEU D 528 9.21 -71.49 50.88
N ASP D 529 10.20 -70.75 50.39
CA ASP D 529 11.46 -70.57 51.09
C ASP D 529 11.51 -69.16 51.63
N GLU D 530 12.06 -69.00 52.84
CA GLU D 530 12.03 -67.73 53.55
C GLU D 530 12.72 -66.59 52.80
N GLU D 531 13.60 -66.94 51.87
CA GLU D 531 14.26 -65.94 51.04
C GLU D 531 13.23 -65.20 50.21
N LEU D 532 12.49 -65.94 49.39
CA LEU D 532 11.47 -65.36 48.52
C LEU D 532 10.16 -65.11 49.28
N LYS D 533 9.98 -65.81 50.39
CA LYS D 533 8.83 -65.57 51.26
C LYS D 533 8.95 -64.17 51.84
N ASP D 534 10.16 -63.83 52.29
CA ASP D 534 10.42 -62.49 52.81
C ASP D 534 10.65 -61.47 51.70
N ALA D 535 10.93 -61.95 50.48
CA ALA D 535 10.92 -61.09 49.32
C ALA D 535 9.49 -60.60 49.07
N PHE D 536 8.54 -61.54 49.21
CA PHE D 536 7.12 -61.22 49.15
C PHE D 536 6.73 -60.32 50.33
N GLN D 537 7.33 -60.57 51.49
CA GLN D 537 7.03 -59.75 52.67
C GLN D 537 7.46 -58.29 52.51
N ASN D 538 8.67 -58.07 52.01
CA ASN D 538 9.14 -56.70 51.82
C ASN D 538 8.58 -56.04 50.56
N ALA D 539 8.10 -56.86 49.61
CA ALA D 539 7.38 -56.31 48.47
C ALA D 539 6.01 -55.83 48.92
N TYR D 540 5.38 -56.59 49.82
CA TYR D 540 4.10 -56.20 50.40
C TYR D 540 4.24 -54.96 51.29
N LEU D 541 5.31 -54.91 52.07
CA LEU D 541 5.53 -53.74 52.92
C LEU D 541 5.95 -52.52 52.11
N GLU D 542 6.59 -52.75 50.96
CA GLU D 542 6.97 -51.65 50.08
C GLU D 542 5.77 -51.07 49.34
N LEU D 543 4.95 -51.94 48.76
CA LEU D 543 3.73 -51.48 48.08
C LEU D 543 2.74 -50.87 49.07
N GLY D 544 2.63 -51.49 50.24
CA GLY D 544 1.80 -50.96 51.31
C GLY D 544 2.28 -49.59 51.72
N GLY D 545 3.60 -49.44 51.83
CA GLY D 545 4.20 -48.17 52.17
C GLY D 545 4.02 -47.13 51.07
N LEU D 546 3.81 -47.60 49.85
CA LEU D 546 3.65 -46.71 48.69
C LEU D 546 2.31 -45.98 48.73
N GLY D 547 1.47 -46.32 49.70
CA GLY D 547 0.18 -45.68 49.88
C GLY D 547 -0.96 -46.54 49.39
N GLU D 548 -0.62 -47.54 48.57
CA GLU D 548 -1.59 -48.43 47.97
C GLU D 548 -2.13 -49.47 48.94
N ARG D 549 -3.30 -50.02 48.60
CA ARG D 549 -3.90 -51.11 49.38
C ARG D 549 -3.65 -52.43 48.65
N VAL D 550 -3.11 -53.41 49.37
CA VAL D 550 -2.68 -54.67 48.78
C VAL D 550 -3.61 -55.85 49.09
N LEU D 551 -3.85 -56.69 48.09
CA LEU D 551 -4.65 -57.90 48.29
C LEU D 551 -3.93 -59.16 47.85
N GLY D 552 -3.85 -60.14 48.75
CA GLY D 552 -3.32 -61.45 48.45
C GLY D 552 -4.24 -62.29 47.58
N PHE D 553 -3.70 -62.82 46.48
CA PHE D 553 -4.45 -63.65 45.54
C PHE D 553 -3.85 -65.06 45.45
N CYS D 554 -4.67 -66.07 45.74
CA CYS D 554 -4.19 -67.44 45.72
C CYS D 554 -5.18 -68.39 45.07
N HIS D 555 -4.66 -69.50 44.55
CA HIS D 555 -5.51 -70.56 44.02
C HIS D 555 -4.96 -71.95 44.33
N LEU D 556 -5.84 -72.94 44.23
CA LEU D 556 -5.43 -74.33 44.36
C LEU D 556 -6.27 -75.22 43.45
N PHE D 557 -5.62 -76.10 42.69
CA PHE D 557 -6.34 -77.11 41.93
C PHE D 557 -6.75 -78.14 42.97
N LEU D 558 -7.75 -78.96 42.67
CA LEU D 558 -8.16 -79.96 43.64
C LEU D 558 -7.85 -81.37 43.18
N PRO D 559 -7.57 -82.26 44.14
CA PRO D 559 -7.30 -83.67 43.85
C PRO D 559 -8.59 -84.37 43.45
N ASP D 560 -8.95 -84.25 42.18
CA ASP D 560 -10.24 -84.73 41.68
C ASP D 560 -10.46 -86.23 41.89
N GLU D 561 -9.39 -86.96 42.19
CA GLU D 561 -9.51 -88.36 42.60
C GLU D 561 -10.20 -88.42 43.96
N GLN D 562 -9.85 -87.49 44.83
CA GLN D 562 -10.48 -87.38 46.14
C GLN D 562 -11.81 -86.62 46.07
N PHE D 563 -11.91 -85.70 45.12
CA PHE D 563 -13.13 -84.91 44.93
C PHE D 563 -13.64 -85.09 43.51
N PRO D 564 -14.50 -86.08 43.28
CA PRO D 564 -14.93 -86.48 41.93
C PRO D 564 -15.71 -85.39 41.18
N GLU D 565 -16.06 -85.69 39.94
CA GLU D 565 -16.76 -84.73 39.08
C GLU D 565 -18.18 -84.45 39.54
N GLY D 566 -18.73 -85.35 40.34
CA GLY D 566 -20.09 -85.22 40.81
C GLY D 566 -20.23 -84.81 42.27
N PHE D 567 -19.10 -84.64 42.95
CA PHE D 567 -19.11 -84.28 44.36
C PHE D 567 -19.67 -82.88 44.58
N GLN D 568 -20.68 -82.78 45.43
CA GLN D 568 -21.29 -81.50 45.75
C GLN D 568 -20.79 -80.98 47.09
N PHE D 569 -20.07 -79.87 47.02
CA PHE D 569 -19.41 -79.26 48.16
C PHE D 569 -20.41 -78.54 49.07
N ASP D 570 -19.92 -77.98 50.17
CA ASP D 570 -20.81 -77.42 51.20
C ASP D 570 -20.25 -76.13 51.79
N THR D 571 -21.13 -75.18 52.09
CA THR D 571 -20.71 -73.88 52.62
C THR D 571 -20.69 -73.81 54.16
N ASP D 572 -21.25 -74.82 54.80
CA ASP D 572 -21.32 -74.83 56.27
C ASP D 572 -20.08 -75.41 56.93
N ASP D 573 -19.24 -76.08 56.14
CA ASP D 573 -18.00 -76.67 56.65
C ASP D 573 -16.98 -76.87 55.54
N VAL D 574 -15.91 -77.60 55.84
CA VAL D 574 -14.79 -77.74 54.91
C VAL D 574 -14.80 -79.07 54.14
N ASN D 575 -15.11 -78.98 52.84
CA ASN D 575 -14.99 -80.12 51.94
C ASN D 575 -13.71 -80.10 51.11
N PHE D 576 -12.93 -79.02 51.23
CA PHE D 576 -11.73 -78.84 50.43
C PHE D 576 -10.63 -78.10 51.21
N PRO D 577 -9.35 -78.43 50.94
CA PRO D 577 -8.23 -77.90 51.72
C PRO D 577 -8.05 -76.38 51.66
N LEU D 578 -7.95 -75.75 52.82
CA LEU D 578 -7.69 -74.32 52.91
C LEU D 578 -6.21 -74.00 53.19
N ASP D 579 -5.41 -75.03 53.44
CA ASP D 579 -3.98 -74.86 53.61
C ASP D 579 -3.23 -75.59 52.52
N ASN D 580 -1.90 -75.43 52.51
CA ASN D 580 -1.06 -75.95 51.44
C ASN D 580 -1.50 -75.46 50.06
N LEU D 581 -2.13 -74.29 50.01
CA LEU D 581 -2.60 -73.75 48.75
C LEU D 581 -1.44 -73.14 47.98
N CYS D 582 -1.72 -72.74 46.75
CA CYS D 582 -0.71 -72.13 45.91
C CYS D 582 -0.94 -70.62 45.85
N PHE D 583 -0.05 -69.88 46.52
CA PHE D 583 -0.11 -68.43 46.55
C PHE D 583 0.40 -67.91 45.21
N VAL D 584 -0.39 -67.09 44.54
CA VAL D 584 0.03 -66.59 43.25
C VAL D 584 0.76 -65.26 43.38
N GLY D 585 0.03 -64.24 43.81
CA GLY D 585 0.63 -62.93 43.96
C GLY D 585 -0.28 -61.89 44.56
N LEU D 586 0.21 -60.66 44.58
CA LEU D 586 -0.53 -59.54 45.14
C LEU D 586 -1.00 -58.60 44.04
N ILE D 587 -2.14 -57.97 44.26
CA ILE D 587 -2.59 -56.88 43.41
C ILE D 587 -2.90 -55.70 44.31
N SER D 588 -2.27 -54.57 44.03
CA SER D 588 -2.42 -53.38 44.86
C SER D 588 -3.21 -52.33 44.12
N MET D 589 -3.89 -51.46 44.85
CA MET D 589 -4.72 -50.43 44.22
C MET D 589 -4.84 -49.16 45.06
N ILE D 590 -4.98 -48.03 44.36
CA ILE D 590 -5.10 -46.72 44.99
C ILE D 590 -5.93 -45.89 44.01
N ASP D 591 -6.47 -44.76 44.45
CA ASP D 591 -7.01 -43.81 43.49
C ASP D 591 -5.87 -42.99 42.89
N PRO D 592 -5.66 -43.15 41.58
CA PRO D 592 -4.55 -42.50 40.88
C PRO D 592 -4.82 -41.03 40.61
N PRO D 593 -3.76 -40.26 40.39
CA PRO D 593 -3.92 -38.88 39.95
C PRO D 593 -4.56 -38.87 38.57
N ARG D 594 -5.26 -37.79 38.24
CA ARG D 594 -5.77 -37.64 36.88
C ARG D 594 -4.58 -37.57 35.94
N ALA D 595 -4.75 -38.14 34.75
CA ALA D 595 -3.65 -38.27 33.79
C ALA D 595 -2.89 -36.96 33.59
N ALA D 596 -3.64 -35.87 33.46
CA ALA D 596 -3.05 -34.58 33.12
C ALA D 596 -2.33 -33.92 34.29
N VAL D 597 -2.65 -34.35 35.51
CA VAL D 597 -2.18 -33.65 36.72
C VAL D 597 -0.68 -33.41 36.88
N PRO D 598 0.15 -34.48 36.84
CA PRO D 598 1.56 -34.31 37.22
C PRO D 598 2.28 -33.27 36.36
N ASP D 599 2.09 -33.37 35.04
CA ASP D 599 2.68 -32.43 34.09
C ASP D 599 2.24 -31.01 34.41
N ALA D 600 0.96 -30.86 34.76
CA ALA D 600 0.39 -29.55 35.06
C ALA D 600 1.04 -28.91 36.28
N VAL D 601 1.15 -29.68 37.37
CA VAL D 601 1.80 -29.18 38.57
C VAL D 601 3.24 -28.84 38.23
N GLY D 602 3.81 -29.64 37.32
CA GLY D 602 5.12 -29.36 36.79
C GLY D 602 5.21 -27.98 36.17
N LYS D 603 4.28 -27.65 35.28
CA LYS D 603 4.28 -26.37 34.60
C LYS D 603 4.06 -25.21 35.56
N CYS D 604 3.15 -25.40 36.52
CA CYS D 604 2.84 -24.35 37.48
C CYS D 604 4.05 -24.04 38.35
N ARG D 605 4.74 -25.08 38.77
CA ARG D 605 5.99 -24.90 39.49
C ARG D 605 7.00 -24.20 38.58
N SER D 606 7.00 -24.59 37.31
CA SER D 606 7.94 -24.04 36.33
C SER D 606 7.74 -22.54 36.14
N ALA D 607 6.49 -22.10 36.28
CA ALA D 607 6.16 -20.70 36.10
C ALA D 607 6.33 -19.94 37.40
N GLY D 608 6.82 -20.61 38.43
CA GLY D 608 7.12 -19.97 39.69
C GLY D 608 5.95 -19.88 40.65
N ILE D 609 4.87 -20.60 40.33
CA ILE D 609 3.75 -20.67 41.24
C ILE D 609 4.02 -21.73 42.30
N LYS D 610 3.75 -21.39 43.56
CA LYS D 610 3.97 -22.33 44.66
C LYS D 610 2.78 -23.24 44.81
N VAL D 611 3.00 -24.54 44.75
CA VAL D 611 1.89 -25.48 44.92
C VAL D 611 1.85 -26.06 46.32
N ILE D 612 0.72 -25.83 46.99
CA ILE D 612 0.46 -26.37 48.32
C ILE D 612 -0.71 -27.33 48.22
N MET D 613 -0.53 -28.54 48.74
CA MET D 613 -1.65 -29.46 48.82
C MET D 613 -2.38 -29.25 50.13
N VAL D 614 -3.69 -29.02 50.06
CA VAL D 614 -4.53 -28.97 51.25
C VAL D 614 -5.60 -30.03 51.14
N THR D 615 -5.51 -31.07 51.97
CA THR D 615 -6.48 -32.16 51.91
C THR D 615 -6.96 -32.54 53.30
N GLY D 616 -8.16 -33.12 53.36
CA GLY D 616 -8.70 -33.60 54.61
C GLY D 616 -8.38 -35.07 54.78
N ASP D 617 -7.67 -35.63 53.80
CA ASP D 617 -7.38 -37.06 53.78
C ASP D 617 -6.31 -37.44 54.81
N HIS D 618 -5.97 -38.72 54.85
CA HIS D 618 -4.98 -39.24 55.79
C HIS D 618 -3.56 -38.94 55.31
N PRO D 619 -2.67 -38.57 56.25
CA PRO D 619 -1.35 -38.03 55.89
C PRO D 619 -0.50 -39.03 55.10
N ILE D 620 -0.65 -40.31 55.43
CA ILE D 620 0.15 -41.35 54.80
C ILE D 620 -0.11 -41.43 53.30
N THR D 621 -1.37 -41.28 52.90
CA THR D 621 -1.73 -41.27 51.49
C THR D 621 -1.47 -39.89 50.88
N ALA D 622 -1.77 -38.84 51.64
CA ALA D 622 -1.57 -37.47 51.19
C ALA D 622 -0.14 -37.21 50.74
N LYS D 623 0.82 -37.65 51.55
CA LYS D 623 2.22 -37.48 51.22
C LYS D 623 2.59 -38.23 49.95
N ALA D 624 2.13 -39.47 49.85
CA ALA D 624 2.44 -40.30 48.68
C ALA D 624 1.91 -39.67 47.38
N ILE D 625 0.66 -39.25 47.40
CA ILE D 625 0.06 -38.60 46.24
C ILE D 625 0.78 -37.30 45.93
N ALA D 626 1.23 -36.61 46.98
CA ALA D 626 1.98 -35.38 46.81
C ALA D 626 3.28 -35.63 46.06
N LYS D 627 4.03 -36.63 46.50
CA LYS D 627 5.27 -37.01 45.83
C LYS D 627 4.99 -37.47 44.40
N GLY D 628 3.80 -38.05 44.20
CA GLY D 628 3.42 -38.56 42.90
C GLY D 628 3.07 -37.50 41.87
N VAL D 629 2.44 -36.42 42.31
CA VAL D 629 2.06 -35.36 41.38
C VAL D 629 3.12 -34.27 41.31
N GLY D 630 4.14 -34.40 42.16
CA GLY D 630 5.27 -33.49 42.12
C GLY D 630 5.12 -32.24 42.97
N ILE D 631 4.23 -32.29 43.94
CA ILE D 631 4.10 -31.19 44.90
C ILE D 631 5.20 -31.31 45.93
N ILE D 632 5.53 -32.55 46.30
CA ILE D 632 6.79 -32.84 46.99
C ILE D 632 7.72 -33.53 46.00
N SER D 633 8.78 -32.83 45.61
CA SER D 633 9.73 -33.40 44.66
C SER D 633 10.50 -34.53 45.29
N GLU D 634 11.09 -35.37 44.44
CA GLU D 634 11.93 -36.46 44.91
C GLU D 634 13.17 -35.90 45.60
N GLY D 635 13.58 -36.56 46.68
CA GLY D 635 14.79 -36.17 47.38
C GLY D 635 14.61 -35.08 48.41
N ASN D 636 13.42 -34.49 48.44
CA ASN D 636 13.10 -33.51 49.47
C ASN D 636 12.56 -34.19 50.72
N GLU D 637 13.21 -33.94 51.85
CA GLU D 637 12.87 -34.62 53.08
C GLU D 637 12.05 -33.78 54.04
N THR D 638 11.00 -34.39 54.57
CA THR D 638 10.26 -33.84 55.70
C THR D 638 11.08 -34.02 56.96
N VAL D 639 10.73 -33.26 57.99
CA VAL D 639 11.34 -33.37 59.31
C VAL D 639 11.41 -34.83 59.76
N GLU D 640 10.32 -35.56 59.49
CA GLU D 640 10.21 -36.96 59.91
C GLU D 640 11.06 -37.92 59.08
N ASP D 641 11.27 -37.59 57.80
CA ASP D 641 12.14 -38.41 56.94
C ASP D 641 13.56 -38.34 57.48
N ILE D 642 13.96 -37.15 57.91
CA ILE D 642 15.25 -36.94 58.54
C ILE D 642 15.35 -37.72 59.83
N ALA D 643 14.36 -37.53 60.70
CA ALA D 643 14.34 -38.24 61.98
C ALA D 643 14.42 -39.76 61.81
N ALA D 644 13.81 -40.26 60.73
CA ALA D 644 13.78 -41.69 60.45
C ALA D 644 15.12 -42.19 59.91
N ARG D 645 15.65 -41.47 58.92
CA ARG D 645 16.91 -41.82 58.26
C ARG D 645 18.12 -41.75 59.20
N LEU D 646 18.02 -40.89 60.21
CA LEU D 646 19.10 -40.70 61.17
C LEU D 646 18.90 -41.46 62.50
N ASN D 647 17.76 -42.12 62.64
CA ASN D 647 17.44 -42.90 63.84
C ASN D 647 17.39 -42.08 65.13
N ILE D 648 16.87 -40.87 65.06
CA ILE D 648 16.79 -40.00 66.23
C ILE D 648 15.35 -39.65 66.57
N PRO D 649 15.12 -39.19 67.82
CA PRO D 649 13.83 -38.57 68.15
C PRO D 649 13.47 -37.52 67.11
N VAL D 650 12.21 -37.48 66.73
CA VAL D 650 11.73 -36.54 65.73
C VAL D 650 11.95 -35.10 66.21
N SER D 651 11.85 -34.91 67.52
CA SER D 651 11.99 -33.59 68.13
C SER D 651 13.38 -33.01 67.96
N GLN D 652 14.37 -33.89 67.83
CA GLN D 652 15.77 -33.47 67.76
C GLN D 652 16.07 -32.56 66.58
N VAL D 653 15.65 -32.96 65.39
CA VAL D 653 16.12 -32.33 64.15
C VAL D 653 15.68 -30.87 63.97
N ASN D 654 16.61 -30.05 63.48
CA ASN D 654 16.34 -28.64 63.22
C ASN D 654 15.49 -28.49 61.96
N PRO D 655 14.26 -27.98 62.12
CA PRO D 655 13.27 -27.88 61.04
C PRO D 655 13.73 -27.06 59.84
N ARG D 656 14.75 -26.21 60.01
CA ARG D 656 15.31 -25.48 58.88
C ARG D 656 15.91 -26.45 57.88
N ASP D 657 16.40 -27.58 58.39
CA ASP D 657 17.01 -28.60 57.54
C ASP D 657 15.98 -29.30 56.65
N ALA D 658 14.70 -29.11 56.96
CA ALA D 658 13.62 -29.72 56.19
C ALA D 658 12.95 -28.71 55.25
N LYS D 659 13.02 -28.98 53.95
CA LYS D 659 12.39 -28.13 52.96
C LYS D 659 10.90 -28.40 52.86
N ALA D 660 10.52 -29.66 53.01
CA ALA D 660 9.13 -30.07 52.87
C ALA D 660 8.53 -30.46 54.21
N CYS D 661 7.22 -30.31 54.33
CA CYS D 661 6.54 -30.66 55.57
C CYS D 661 5.13 -31.16 55.31
N VAL D 662 4.74 -32.18 56.07
CA VAL D 662 3.36 -32.64 56.07
C VAL D 662 2.76 -32.25 57.41
N VAL D 663 1.84 -31.28 57.38
CA VAL D 663 1.27 -30.73 58.59
C VAL D 663 -0.03 -31.41 58.94
N HIS D 664 -0.05 -32.13 60.05
CA HIS D 664 -1.26 -32.81 60.51
C HIS D 664 -2.26 -31.78 61.01
N GLY D 665 -3.53 -31.95 60.64
CA GLY D 665 -4.58 -31.03 61.03
C GLY D 665 -4.73 -30.94 62.54
N SER D 666 -4.38 -32.05 63.19
CA SER D 666 -4.37 -32.15 64.64
C SER D 666 -3.64 -30.96 65.25
N ASP D 667 -2.44 -30.69 64.72
CA ASP D 667 -1.64 -29.57 65.19
C ASP D 667 -2.22 -28.25 64.68
N LEU D 668 -2.78 -28.28 63.47
CA LEU D 668 -3.33 -27.08 62.84
C LEU D 668 -4.43 -26.42 63.67
N LYS D 669 -5.07 -27.19 64.55
CA LYS D 669 -6.03 -26.61 65.49
C LYS D 669 -5.36 -25.76 66.58
N ASP D 670 -4.18 -26.19 67.02
CA ASP D 670 -3.47 -25.53 68.11
C ASP D 670 -2.53 -24.44 67.60
N MET D 671 -2.57 -24.19 66.29
CA MET D 671 -1.65 -23.25 65.65
C MET D 671 -2.08 -21.79 65.73
N THR D 672 -1.10 -20.90 65.82
CA THR D 672 -1.36 -19.46 65.85
C THR D 672 -1.05 -18.81 64.50
N SER D 673 -1.24 -17.50 64.42
CA SER D 673 -1.00 -16.77 63.19
C SER D 673 0.48 -16.82 62.81
N GLU D 674 1.33 -16.49 63.77
CA GLU D 674 2.78 -16.46 63.54
C GLU D 674 3.30 -17.85 63.18
N GLN D 675 2.69 -18.87 63.77
CA GLN D 675 3.09 -20.26 63.53
C GLN D 675 2.82 -20.70 62.10
N LEU D 676 1.59 -20.48 61.64
CA LEU D 676 1.21 -20.83 60.28
C LEU D 676 1.98 -19.99 59.27
N ASP D 677 2.17 -18.71 59.61
CA ASP D 677 2.99 -17.82 58.80
C ASP D 677 4.38 -18.40 58.64
N ASP D 678 4.93 -18.93 59.73
CA ASP D 678 6.25 -19.55 59.69
C ASP D 678 6.27 -20.81 58.82
N ILE D 679 5.28 -21.68 59.00
CA ILE D 679 5.20 -22.91 58.21
C ILE D 679 5.19 -22.59 56.71
N LEU D 680 4.35 -21.64 56.33
CA LEU D 680 4.24 -21.25 54.94
C LEU D 680 5.52 -20.56 54.45
N LYS D 681 6.17 -19.81 55.33
CA LYS D 681 7.40 -19.11 54.97
C LYS D 681 8.56 -20.05 54.69
N TYR D 682 8.86 -20.91 55.65
CA TYR D 682 10.12 -21.66 55.66
C TYR D 682 10.08 -23.05 55.03
N HIS D 683 8.95 -23.39 54.40
CA HIS D 683 8.86 -24.66 53.68
C HIS D 683 8.40 -24.47 52.24
N THR D 684 9.18 -24.99 51.30
CA THR D 684 8.90 -24.80 49.88
C THR D 684 7.81 -25.73 49.36
N GLU D 685 7.85 -26.99 49.78
CA GLU D 685 6.85 -27.97 49.35
C GLU D 685 6.00 -28.39 50.53
N ILE D 686 4.72 -27.99 50.52
CA ILE D 686 3.86 -28.18 51.69
C ILE D 686 2.58 -28.99 51.45
N VAL D 687 2.32 -29.91 52.36
CA VAL D 687 1.07 -30.67 52.36
C VAL D 687 0.39 -30.62 53.72
N PHE D 688 -0.77 -29.97 53.78
CA PHE D 688 -1.60 -29.97 54.97
C PHE D 688 -2.59 -31.11 54.86
N ALA D 689 -2.47 -32.10 55.72
CA ALA D 689 -3.32 -33.28 55.62
C ALA D 689 -4.23 -33.31 56.83
N ARG D 690 -5.35 -34.02 56.68
CA ARG D 690 -6.33 -34.16 57.76
C ARG D 690 -6.90 -32.82 58.17
N THR D 691 -7.17 -31.96 57.19
CA THR D 691 -7.59 -30.59 57.48
C THR D 691 -9.07 -30.32 57.21
N SER D 692 -9.76 -29.83 58.23
CA SER D 692 -11.17 -29.48 58.12
C SER D 692 -11.36 -28.33 57.13
N PRO D 693 -12.56 -28.21 56.54
CA PRO D 693 -12.89 -27.12 55.61
C PRO D 693 -12.57 -25.74 56.18
N GLN D 694 -12.95 -25.53 57.44
CA GLN D 694 -12.66 -24.28 58.14
C GLN D 694 -11.17 -24.01 58.11
N GLN D 695 -10.38 -25.07 58.30
CA GLN D 695 -8.93 -24.94 58.28
C GLN D 695 -8.38 -24.71 56.89
N LYS D 696 -9.04 -25.27 55.87
CA LYS D 696 -8.67 -24.96 54.50
C LYS D 696 -8.77 -23.47 54.33
N LEU D 697 -9.93 -22.93 54.73
CA LEU D 697 -10.16 -21.50 54.75
C LEU D 697 -9.04 -20.77 55.49
N ILE D 698 -8.62 -21.29 56.64
CA ILE D 698 -7.58 -20.64 57.44
C ILE D 698 -6.23 -20.63 56.74
N ILE D 699 -5.95 -21.68 55.97
CA ILE D 699 -4.72 -21.80 55.22
C ILE D 699 -4.70 -20.82 54.07
N VAL D 700 -5.83 -20.74 53.37
CA VAL D 700 -5.96 -19.78 52.27
C VAL D 700 -5.77 -18.35 52.79
N GLU D 701 -6.54 -18.00 53.82
CA GLU D 701 -6.40 -16.71 54.48
C GLU D 701 -4.96 -16.49 54.94
N GLY D 702 -4.28 -17.57 55.30
CA GLY D 702 -2.91 -17.50 55.77
C GLY D 702 -1.92 -17.21 54.66
N CYS D 703 -2.21 -17.70 53.47
CA CYS D 703 -1.39 -17.41 52.31
C CYS D 703 -1.69 -16.00 51.85
N GLN D 704 -2.88 -15.52 52.19
CA GLN D 704 -3.28 -14.16 51.86
C GLN D 704 -2.72 -13.13 52.84
N ARG D 705 -2.36 -13.58 54.04
CA ARG D 705 -1.70 -12.70 55.00
C ARG D 705 -0.31 -12.33 54.50
N GLN D 706 0.26 -13.24 53.70
CA GLN D 706 1.57 -13.00 53.10
C GLN D 706 1.46 -11.94 52.00
N GLY D 707 0.22 -11.60 51.64
CA GLY D 707 -0.02 -10.59 50.61
C GLY D 707 0.14 -11.15 49.21
N ALA D 708 -0.16 -12.43 49.05
CA ALA D 708 0.00 -13.10 47.77
C ALA D 708 -1.33 -13.54 47.17
N ILE D 709 -1.37 -13.62 45.84
CA ILE D 709 -2.57 -14.04 45.14
C ILE D 709 -2.71 -15.56 45.18
N VAL D 710 -3.82 -16.04 45.71
CA VAL D 710 -4.06 -17.46 45.90
C VAL D 710 -5.15 -17.99 44.98
N ALA D 711 -4.89 -19.11 44.33
CA ALA D 711 -5.90 -19.82 43.57
C ALA D 711 -6.19 -21.11 44.31
N VAL D 712 -7.45 -21.50 44.40
CA VAL D 712 -7.82 -22.77 45.02
C VAL D 712 -8.48 -23.68 44.00
N THR D 713 -8.06 -24.94 43.96
CA THR D 713 -8.74 -25.91 43.09
C THR D 713 -9.39 -27.02 43.91
N GLY D 714 -10.64 -27.35 43.58
CA GLY D 714 -11.40 -28.24 44.43
C GLY D 714 -12.42 -29.18 43.80
N ASP D 715 -12.87 -30.13 44.61
CA ASP D 715 -13.87 -31.11 44.21
C ASP D 715 -15.15 -30.94 45.03
N GLY D 716 -15.08 -31.20 46.33
CA GLY D 716 -16.26 -31.38 47.15
C GLY D 716 -16.60 -30.23 48.05
N VAL D 717 -17.53 -30.50 48.97
CA VAL D 717 -18.12 -29.46 49.79
C VAL D 717 -17.13 -28.84 50.78
N ASN D 718 -16.08 -29.58 51.14
CA ASN D 718 -15.08 -29.10 52.08
C ASN D 718 -14.23 -27.96 51.49
N ASP D 719 -14.25 -27.86 50.16
CA ASP D 719 -13.56 -26.78 49.48
C ASP D 719 -14.49 -25.59 49.24
N SER D 720 -15.72 -25.70 49.75
CA SER D 720 -16.65 -24.58 49.62
C SER D 720 -16.12 -23.29 50.26
N PRO D 721 -15.80 -23.29 51.57
CA PRO D 721 -15.34 -22.02 52.13
C PRO D 721 -13.99 -21.59 51.57
N ALA D 722 -13.16 -22.56 51.19
CA ALA D 722 -11.86 -22.25 50.60
C ALA D 722 -12.01 -21.61 49.23
N SER D 723 -12.71 -22.28 48.33
CA SER D 723 -12.87 -21.81 46.96
C SER D 723 -13.49 -20.42 46.90
N LYS D 724 -14.33 -20.11 47.87
CA LYS D 724 -14.99 -18.82 47.93
C LYS D 724 -14.00 -17.72 48.30
N LYS D 725 -13.17 -18.01 49.30
CA LYS D 725 -12.27 -17.02 49.88
C LYS D 725 -11.07 -16.70 48.99
N ALA D 726 -10.71 -17.65 48.13
CA ALA D 726 -9.55 -17.50 47.25
C ALA D 726 -9.75 -16.36 46.26
N ASP D 727 -8.65 -15.73 45.85
CA ASP D 727 -8.69 -14.69 44.83
C ASP D 727 -9.32 -15.25 43.56
N ILE D 728 -9.00 -16.50 43.26
CA ILE D 728 -9.78 -17.25 42.29
C ILE D 728 -10.00 -18.70 42.73
N GLY D 729 -11.26 -19.11 42.80
CA GLY D 729 -11.59 -20.50 43.05
C GLY D 729 -11.79 -21.24 41.74
N VAL D 730 -11.50 -22.54 41.75
CA VAL D 730 -11.74 -23.35 40.57
C VAL D 730 -12.39 -24.66 40.98
N ALA D 731 -13.59 -24.90 40.45
CA ALA D 731 -14.27 -26.16 40.73
C ALA D 731 -13.97 -27.18 39.64
N MET D 732 -14.46 -28.39 39.86
CA MET D 732 -14.41 -29.43 38.84
C MET D 732 -15.83 -29.63 38.31
N GLY D 733 -16.02 -29.46 37.01
CA GLY D 733 -17.37 -29.45 36.44
C GLY D 733 -18.20 -30.70 36.67
N ILE D 734 -17.53 -31.85 36.80
CA ILE D 734 -18.22 -33.11 37.02
C ILE D 734 -17.94 -33.70 38.40
N ALA D 735 -16.66 -33.93 38.73
CA ALA D 735 -16.30 -34.56 39.99
C ALA D 735 -16.39 -33.55 41.14
N GLY D 736 -16.81 -32.33 40.81
CA GLY D 736 -17.11 -31.33 41.81
C GLY D 736 -18.54 -31.38 42.33
N SER D 737 -18.72 -31.01 43.59
CA SER D 737 -20.05 -30.97 44.20
C SER D 737 -20.73 -29.65 43.89
N ASP D 738 -21.98 -29.51 44.33
CA ASP D 738 -22.79 -28.36 43.94
C ASP D 738 -22.47 -27.09 44.70
N VAL D 739 -22.26 -27.21 46.01
CA VAL D 739 -21.97 -26.04 46.84
C VAL D 739 -20.65 -25.38 46.45
N SER D 740 -19.65 -26.21 46.20
CA SER D 740 -18.33 -25.71 45.83
C SER D 740 -18.30 -25.23 44.38
N LYS D 741 -19.20 -25.75 43.56
CA LYS D 741 -19.34 -25.25 42.20
C LYS D 741 -19.95 -23.85 42.26
N GLN D 742 -20.94 -23.69 43.14
CA GLN D 742 -21.56 -22.39 43.36
C GLN D 742 -20.55 -21.40 43.92
N ALA D 743 -19.60 -21.92 44.71
CA ALA D 743 -18.61 -21.06 45.35
C ALA D 743 -17.49 -20.67 44.40
N ALA D 744 -17.30 -21.45 43.35
CA ALA D 744 -16.17 -21.24 42.43
C ALA D 744 -16.34 -20.05 41.51
N ASP D 745 -15.23 -19.38 41.22
CA ASP D 745 -15.24 -18.26 40.27
C ASP D 745 -14.94 -18.77 38.86
N MET D 746 -14.55 -20.04 38.76
CA MET D 746 -14.32 -20.69 37.47
C MET D 746 -14.56 -22.20 37.56
N ILE D 747 -15.14 -22.78 36.52
CA ILE D 747 -15.50 -24.20 36.49
C ILE D 747 -14.81 -24.93 35.34
N LEU D 748 -14.32 -26.14 35.61
CA LEU D 748 -13.74 -26.95 34.54
C LEU D 748 -14.72 -28.03 34.10
N LEU D 749 -15.30 -27.86 32.93
CA LEU D 749 -16.37 -28.75 32.47
C LEU D 749 -15.86 -30.12 32.06
N ASP D 750 -14.64 -30.15 31.50
CA ASP D 750 -14.05 -31.41 31.07
C ASP D 750 -13.26 -32.06 32.19
N ASP D 751 -13.28 -31.42 33.36
CA ASP D 751 -12.52 -31.86 34.53
C ASP D 751 -11.08 -32.07 34.17
N ASN D 752 -10.68 -31.27 33.20
CA ASN D 752 -9.32 -31.32 32.77
C ASN D 752 -8.53 -30.39 33.66
N PHE D 753 -7.61 -30.96 34.41
CA PHE D 753 -6.81 -30.16 35.31
C PHE D 753 -5.80 -29.33 34.53
N ALA D 754 -5.38 -29.84 33.38
CA ALA D 754 -4.39 -29.16 32.57
C ALA D 754 -4.85 -27.77 32.18
N SER D 755 -6.18 -27.59 32.15
CA SER D 755 -6.74 -26.28 31.84
C SER D 755 -6.20 -25.20 32.76
N ILE D 756 -6.00 -25.56 34.04
CA ILE D 756 -5.41 -24.62 35.01
C ILE D 756 -4.16 -23.99 34.41
N VAL D 757 -3.28 -24.82 33.88
CA VAL D 757 -2.06 -24.34 33.25
C VAL D 757 -2.36 -23.36 32.12
N THR D 758 -3.23 -23.77 31.19
CA THR D 758 -3.58 -22.89 30.08
C THR D 758 -4.09 -21.58 30.67
N GLY D 759 -4.91 -21.70 31.72
CA GLY D 759 -5.47 -20.55 32.40
C GLY D 759 -4.37 -19.59 32.79
N VAL D 760 -3.38 -20.09 33.54
CA VAL D 760 -2.35 -19.19 34.04
C VAL D 760 -1.57 -18.60 32.87
N GLU D 761 -1.45 -19.36 31.78
CA GLU D 761 -0.80 -18.81 30.60
C GLU D 761 -1.64 -17.70 30.01
N GLU D 762 -2.91 -18.00 29.78
CA GLU D 762 -3.81 -17.06 29.11
C GLU D 762 -3.85 -15.73 29.85
N GLY D 763 -4.18 -15.79 31.13
CA GLY D 763 -4.22 -14.60 31.97
C GLY D 763 -2.89 -13.88 32.03
N ARG D 764 -1.80 -14.63 31.91
CA ARG D 764 -0.48 -14.01 31.97
C ARG D 764 -0.24 -13.22 30.69
N LEU D 765 -0.79 -13.73 29.60
CA LEU D 765 -0.62 -13.09 28.31
C LEU D 765 -1.50 -11.85 28.20
N ILE D 766 -2.78 -12.01 28.55
CA ILE D 766 -3.76 -10.94 28.42
C ILE D 766 -3.40 -9.72 29.27
N PHE D 767 -2.57 -9.93 30.28
CA PHE D 767 -2.06 -8.80 31.04
C PHE D 767 -1.26 -7.91 30.10
N ASP D 768 -0.21 -8.49 29.50
CA ASP D 768 0.67 -7.75 28.60
C ASP D 768 -0.12 -7.01 27.53
N ASN D 769 -0.96 -7.75 26.81
CA ASN D 769 -1.75 -7.14 25.75
C ASN D 769 -2.62 -5.98 26.23
N LEU D 770 -3.20 -6.10 27.43
CA LEU D 770 -3.98 -4.99 27.98
C LEU D 770 -3.13 -3.74 28.00
N LYS D 771 -1.90 -3.88 28.51
CA LYS D 771 -0.95 -2.77 28.58
C LYS D 771 -0.90 -2.11 27.22
N LYS D 772 -0.61 -2.93 26.21
CA LYS D 772 -0.47 -2.43 24.85
C LYS D 772 -1.69 -1.62 24.47
N SER D 773 -2.88 -2.24 24.57
CA SER D 773 -4.12 -1.57 24.20
C SER D 773 -4.19 -0.24 24.91
N ILE D 774 -4.05 -0.30 26.23
CA ILE D 774 -4.15 0.88 27.06
C ILE D 774 -3.19 1.94 26.55
N ALA D 775 -1.92 1.57 26.43
CA ALA D 775 -0.89 2.51 26.00
C ALA D 775 -1.35 3.19 24.73
N TYR D 776 -1.78 2.38 23.76
CA TYR D 776 -2.19 2.88 22.46
C TYR D 776 -3.22 3.98 22.65
N THR D 777 -4.31 3.67 23.33
CA THR D 777 -5.38 4.63 23.49
C THR D 777 -4.89 5.86 24.25
N LEU D 778 -4.07 5.62 25.27
CA LEU D 778 -3.62 6.72 26.11
C LEU D 778 -2.69 7.64 25.37
N THR D 779 -2.08 7.15 24.29
CA THR D 779 -1.21 8.01 23.51
C THR D 779 -2.03 9.08 22.78
N SER D 780 -3.29 8.77 22.47
CA SER D 780 -4.06 9.70 21.65
C SER D 780 -4.56 10.93 22.43
N ASN D 781 -4.52 10.87 23.75
CA ASN D 781 -4.99 12.01 24.54
C ASN D 781 -4.08 13.23 24.49
N ILE D 782 -2.82 13.07 24.11
CA ILE D 782 -1.96 14.24 23.89
C ILE D 782 -2.38 15.08 22.67
N PRO D 783 -2.41 14.47 21.46
CA PRO D 783 -2.80 15.25 20.29
C PRO D 783 -4.29 15.59 20.28
N GLU D 784 -5.07 14.94 21.14
CA GLU D 784 -6.46 15.33 21.35
C GLU D 784 -6.63 16.54 22.27
N ILE D 785 -5.96 16.52 23.42
CA ILE D 785 -6.14 17.62 24.39
C ILE D 785 -5.39 18.89 24.01
N THR D 786 -4.15 18.77 23.52
CA THR D 786 -3.36 19.96 23.19
C THR D 786 -4.00 21.05 22.29
N PRO D 787 -4.80 20.65 21.29
CA PRO D 787 -5.45 21.69 20.48
C PRO D 787 -6.29 22.66 21.31
N PHE D 788 -7.13 22.15 22.20
CA PHE D 788 -7.95 23.02 23.03
C PHE D 788 -7.11 23.72 24.08
N LEU D 789 -5.90 23.21 24.31
CA LEU D 789 -4.99 23.83 25.27
C LEU D 789 -4.40 25.11 24.70
N ILE D 790 -3.63 24.99 23.63
CA ILE D 790 -2.97 26.15 23.04
C ILE D 790 -3.96 27.05 22.31
N PHE D 791 -5.22 26.60 22.22
CA PHE D 791 -6.31 27.45 21.78
C PHE D 791 -6.55 28.52 22.83
N ILE D 792 -6.54 28.11 24.09
CA ILE D 792 -6.73 29.00 25.24
C ILE D 792 -5.48 29.84 25.49
N ILE D 793 -4.33 29.26 25.19
CA ILE D 793 -3.05 29.89 25.49
C ILE D 793 -2.66 30.97 24.49
N ALA D 794 -2.42 30.59 23.24
CA ALA D 794 -1.94 31.52 22.23
C ALA D 794 -3.05 32.16 21.39
N ASN D 795 -4.29 31.85 21.72
CA ASN D 795 -5.45 32.43 21.04
C ASN D 795 -5.49 32.25 19.52
N ILE D 796 -5.17 31.05 19.06
CA ILE D 796 -5.31 30.66 17.67
C ILE D 796 -6.68 30.01 17.43
N PRO D 797 -7.14 29.95 16.16
CA PRO D 797 -8.42 29.29 15.90
C PRO D 797 -8.34 27.81 16.25
N LEU D 798 -9.45 27.26 16.77
CA LEU D 798 -9.43 25.88 17.26
C LEU D 798 -9.09 24.84 16.20
N PRO D 799 -7.92 24.17 16.35
CA PRO D 799 -7.37 23.22 15.39
C PRO D 799 -8.13 21.92 15.23
N LEU D 800 -8.70 21.42 16.32
CA LEU D 800 -9.35 20.12 16.30
C LEU D 800 -10.64 20.15 17.12
N GLY D 801 -11.73 19.75 16.48
CA GLY D 801 -13.04 19.89 17.08
C GLY D 801 -13.41 18.77 18.04
N THR D 802 -14.67 18.78 18.45
CA THR D 802 -15.21 17.76 19.34
C THR D 802 -15.70 16.55 18.56
N VAL D 803 -16.28 16.72 17.42
CA VAL D 803 -16.73 15.64 16.58
C VAL D 803 -15.57 14.81 16.04
N THR D 804 -14.53 15.50 15.57
CA THR D 804 -13.32 14.83 15.11
C THR D 804 -12.73 13.97 16.21
N ILE D 805 -12.50 14.58 17.37
CA ILE D 805 -11.98 13.87 18.53
C ILE D 805 -12.78 12.61 18.79
N LEU D 806 -14.10 12.70 18.67
CA LEU D 806 -14.93 11.53 18.82
C LEU D 806 -14.70 10.48 17.74
N CYS D 807 -14.56 10.92 16.49
CA CYS D 807 -14.25 10.01 15.41
C CYS D 807 -12.95 9.26 15.66
N ILE D 808 -12.01 9.88 16.33
CA ILE D 808 -10.81 9.15 16.72
C ILE D 808 -11.06 8.18 17.88
N ASP D 809 -11.53 8.72 19.00
CA ASP D 809 -11.70 7.94 20.23
C ASP D 809 -12.59 6.72 20.00
N LEU D 810 -13.81 6.95 19.54
CA LEU D 810 -14.74 5.86 19.28
C LEU D 810 -14.87 5.35 17.84
N GLY D 811 -14.38 6.10 16.86
CA GLY D 811 -14.47 5.64 15.47
C GLY D 811 -13.39 4.78 14.85
N THR D 812 -12.17 5.28 14.84
CA THR D 812 -11.11 4.65 14.07
C THR D 812 -10.35 3.70 14.96
N ASP D 813 -9.77 4.26 16.03
CA ASP D 813 -8.92 3.54 16.96
C ASP D 813 -9.53 2.27 17.53
N MET D 814 -10.85 2.13 17.45
CA MET D 814 -11.52 0.97 18.03
C MET D 814 -10.98 -0.36 17.52
N VAL D 815 -11.04 -0.56 16.21
CA VAL D 815 -10.54 -1.82 15.64
C VAL D 815 -9.07 -2.09 15.97
N PRO D 816 -8.16 -1.10 15.77
CA PRO D 816 -6.78 -1.34 16.20
C PRO D 816 -6.63 -1.70 17.68
N ALA D 817 -7.30 -0.94 18.54
CA ALA D 817 -7.19 -1.13 19.98
C ALA D 817 -7.69 -2.50 20.40
N ILE D 818 -8.64 -3.06 19.65
CA ILE D 818 -9.08 -4.43 19.90
C ILE D 818 -8.07 -5.42 19.32
N SER D 819 -7.59 -5.12 18.12
CA SER D 819 -6.67 -6.00 17.40
C SER D 819 -5.43 -6.26 18.24
N LEU D 820 -5.09 -5.28 19.07
CA LEU D 820 -3.97 -5.40 19.97
C LEU D 820 -4.11 -6.58 20.93
N ALA D 821 -5.35 -6.94 21.24
CA ALA D 821 -5.63 -8.05 22.14
C ALA D 821 -5.22 -9.38 21.54
N TYR D 822 -5.09 -9.40 20.22
CA TYR D 822 -4.75 -10.63 19.50
C TYR D 822 -3.25 -10.80 19.38
N GLU D 823 -2.50 -9.87 19.98
CA GLU D 823 -1.06 -9.96 20.02
C GLU D 823 -0.63 -11.21 20.76
N GLN D 824 0.54 -11.74 20.40
CA GLN D 824 0.99 -12.99 20.99
C GLN D 824 2.08 -12.81 22.03
N ALA D 825 2.52 -13.93 22.60
CA ALA D 825 3.58 -13.95 23.59
C ALA D 825 4.88 -13.43 22.97
N GLU D 826 5.50 -12.45 23.62
CA GLU D 826 6.73 -11.86 23.10
C GLU D 826 7.96 -12.70 23.47
N SER D 827 7.78 -13.59 24.43
CA SER D 827 8.80 -14.55 24.84
C SER D 827 8.04 -15.67 25.53
N ASP D 828 8.75 -16.61 26.14
CA ASP D 828 8.03 -17.66 26.85
C ASP D 828 7.59 -17.05 28.17
N ILE D 829 6.28 -16.95 28.36
CA ILE D 829 5.75 -16.34 29.57
C ILE D 829 5.73 -17.33 30.72
N MET D 830 5.47 -18.59 30.41
CA MET D 830 5.42 -19.62 31.44
C MET D 830 6.79 -19.85 32.06
N LYS D 831 7.81 -19.25 31.47
CA LYS D 831 9.14 -19.24 32.06
C LYS D 831 9.19 -18.26 33.23
N ARG D 832 8.72 -17.04 33.01
CA ARG D 832 8.88 -15.97 33.99
C ARG D 832 8.07 -16.18 35.27
N GLN D 833 8.58 -15.66 36.38
CA GLN D 833 7.93 -15.76 37.68
C GLN D 833 6.60 -15.03 37.70
N PRO D 834 5.73 -15.36 38.67
CA PRO D 834 4.47 -14.62 38.75
C PRO D 834 4.75 -13.17 39.12
N ARG D 835 3.94 -12.26 38.61
CA ARG D 835 4.11 -10.85 38.87
C ARG D 835 3.91 -10.51 40.35
N ASN D 836 4.52 -9.42 40.78
CA ASN D 836 4.32 -8.91 42.13
C ASN D 836 3.27 -7.80 42.10
N PRO D 837 2.14 -8.02 42.79
CA PRO D 837 1.05 -7.03 42.82
C PRO D 837 1.48 -5.64 43.29
N LYS D 838 2.43 -5.56 44.21
CA LYS D 838 2.91 -4.27 44.69
C LYS D 838 3.85 -3.59 43.70
N THR D 839 4.76 -4.37 43.13
CA THR D 839 5.79 -3.83 42.24
C THR D 839 5.29 -3.63 40.81
N ASP D 840 5.05 -4.74 40.12
CA ASP D 840 4.67 -4.69 38.71
C ASP D 840 3.22 -4.25 38.56
N LYS D 841 3.01 -3.17 37.82
CA LYS D 841 1.67 -2.62 37.68
C LYS D 841 1.19 -2.68 36.24
N LEU D 842 -0.12 -2.63 36.06
CA LEU D 842 -0.70 -2.67 34.73
C LEU D 842 -0.37 -1.36 34.06
N VAL D 843 -0.92 -0.28 34.59
CA VAL D 843 -0.54 1.04 34.16
C VAL D 843 0.39 1.67 35.19
N ASN D 844 1.63 1.90 34.78
CA ASN D 844 2.63 2.41 35.69
C ASN D 844 3.35 3.65 35.17
N GLU D 845 4.09 4.26 36.07
CA GLU D 845 4.75 5.55 35.90
C GLU D 845 5.57 5.62 34.60
N GLN D 846 6.04 4.45 34.16
CA GLN D 846 6.76 4.31 32.90
C GLN D 846 5.83 4.47 31.69
N LEU D 847 4.69 3.78 31.70
CA LEU D 847 3.74 3.83 30.59
C LEU D 847 3.30 5.25 30.32
N ILE D 848 2.96 5.97 31.38
CA ILE D 848 2.51 7.34 31.21
C ILE D 848 3.66 8.17 30.66
N SER D 849 4.86 7.90 31.14
CA SER D 849 6.05 8.60 30.66
C SER D 849 6.30 8.36 29.16
N MET D 850 5.77 7.25 28.63
CA MET D 850 5.82 6.98 27.19
C MET D 850 4.66 7.62 26.44
N ALA D 851 3.44 7.19 26.77
CA ALA D 851 2.23 7.62 26.07
C ALA D 851 1.99 9.12 26.10
N TYR D 852 1.95 9.70 27.30
CA TYR D 852 1.77 11.15 27.41
C TYR D 852 3.07 11.88 27.13
N GLY D 853 4.18 11.36 27.67
CA GLY D 853 5.46 12.04 27.61
C GLY D 853 6.13 12.14 26.26
N GLN D 854 6.26 11.01 25.57
CA GLN D 854 7.04 10.96 24.34
C GLN D 854 6.21 10.82 23.05
N ILE D 855 5.57 9.67 22.88
CA ILE D 855 4.89 9.38 21.61
C ILE D 855 3.73 10.32 21.35
N GLY D 856 2.91 10.54 22.38
CA GLY D 856 1.79 11.45 22.28
C GLY D 856 2.20 12.83 21.82
N MET D 857 3.36 13.27 22.26
CA MET D 857 3.88 14.58 21.91
C MET D 857 4.23 14.70 20.42
N ILE D 858 4.96 13.70 19.92
CA ILE D 858 5.28 13.62 18.51
C ILE D 858 4.00 13.64 17.67
N GLN D 859 2.99 12.92 18.15
CA GLN D 859 1.67 12.98 17.52
C GLN D 859 1.11 14.41 17.46
N ALA D 860 1.04 15.06 18.62
CA ALA D 860 0.53 16.43 18.70
C ALA D 860 1.22 17.34 17.70
N LEU D 861 2.55 17.25 17.65
CA LEU D 861 3.33 18.04 16.71
C LEU D 861 2.92 17.78 15.27
N GLY D 862 2.78 16.50 14.91
CA GLY D 862 2.27 16.16 13.59
C GLY D 862 0.96 16.87 13.27
N GLY D 863 0.03 16.79 14.23
CA GLY D 863 -1.28 17.41 14.07
C GLY D 863 -1.19 18.89 13.79
N PHE D 864 -0.49 19.61 14.66
CA PHE D 864 -0.35 21.05 14.49
C PHE D 864 0.34 21.42 13.18
N PHE D 865 1.31 20.60 12.78
CA PHE D 865 1.98 20.82 11.50
C PHE D 865 0.97 20.79 10.34
N THR D 866 0.14 19.76 10.31
CA THR D 866 -0.90 19.69 9.29
C THR D 866 -1.80 20.93 9.32
N TYR D 867 -2.21 21.31 10.54
CA TYR D 867 -3.01 22.51 10.76
C TYR D 867 -2.38 23.69 10.05
N PHE D 868 -1.12 23.98 10.35
CA PHE D 868 -0.47 25.16 9.78
C PHE D 868 -0.26 25.05 8.28
N VAL D 869 -0.03 23.85 7.77
CA VAL D 869 0.09 23.69 6.33
C VAL D 869 -1.20 24.14 5.66
N ILE D 870 -2.33 23.64 6.18
CA ILE D 870 -3.62 24.03 5.62
C ILE D 870 -3.91 25.53 5.73
N LEU D 871 -3.73 26.10 6.93
CA LEU D 871 -4.04 27.52 7.09
C LEU D 871 -3.09 28.44 6.33
N ALA D 872 -1.80 28.13 6.36
CA ALA D 872 -0.81 28.90 5.61
C ALA D 872 -1.08 28.83 4.11
N GLU D 873 -1.43 27.65 3.62
CA GLU D 873 -1.77 27.52 2.21
C GLU D 873 -3.02 28.33 1.85
N ASN D 874 -4.02 28.29 2.72
CA ASN D 874 -5.25 29.04 2.48
C ASN D 874 -5.16 30.56 2.67
N GLY D 875 -3.99 31.04 3.07
CA GLY D 875 -3.76 32.46 3.19
C GLY D 875 -3.55 33.03 4.58
N PHE D 876 -3.72 32.20 5.60
CA PHE D 876 -3.39 32.63 6.95
C PHE D 876 -2.06 32.04 7.36
N LEU D 877 -1.02 32.86 7.39
CA LEU D 877 0.29 32.39 7.77
C LEU D 877 0.32 32.22 9.29
N PRO D 878 1.05 31.20 9.78
CA PRO D 878 0.94 30.76 11.16
C PRO D 878 1.14 31.88 12.18
N ILE D 879 2.15 32.71 11.95
CA ILE D 879 2.50 33.80 12.85
C ILE D 879 1.34 34.78 13.01
N HIS D 880 0.54 34.90 11.96
CA HIS D 880 -0.58 35.82 11.92
C HIS D 880 -1.81 35.21 12.62
N LEU D 881 -1.77 33.90 12.84
CA LEU D 881 -2.90 33.18 13.44
C LEU D 881 -3.06 33.45 14.93
N LEU D 882 -2.09 34.14 15.52
CA LEU D 882 -2.08 34.36 16.96
C LEU D 882 -3.01 35.49 17.40
N GLY D 883 -3.83 35.23 18.40
CA GLY D 883 -4.76 36.21 18.92
C GLY D 883 -5.98 36.37 18.03
N LEU D 884 -5.91 35.73 16.87
CA LEU D 884 -6.93 35.86 15.83
C LEU D 884 -8.29 35.35 16.30
N ARG D 885 -8.27 34.29 17.11
CA ARG D 885 -9.47 33.57 17.50
C ARG D 885 -10.61 34.47 17.99
N VAL D 886 -10.26 35.49 18.77
CA VAL D 886 -11.23 36.41 19.35
C VAL D 886 -12.16 36.93 18.26
N ASN D 887 -11.58 37.39 17.17
CA ASN D 887 -12.36 37.85 16.02
C ASN D 887 -12.80 36.69 15.13
N TRP D 888 -11.96 35.66 15.08
CA TRP D 888 -12.21 34.51 14.23
C TRP D 888 -13.53 33.84 14.66
N ASP D 889 -13.66 33.61 15.95
CA ASP D 889 -14.85 32.96 16.49
C ASP D 889 -16.06 33.89 16.59
N ASP D 890 -15.87 35.17 16.25
CA ASP D 890 -16.97 36.14 16.27
C ASP D 890 -17.82 36.00 15.00
N ARG D 891 -19.09 35.68 15.19
CA ARG D 891 -19.99 35.38 14.08
C ARG D 891 -20.24 36.58 13.18
N TRP D 892 -20.12 37.77 13.76
CA TRP D 892 -20.52 38.99 13.06
C TRP D 892 -19.40 39.79 12.42
N ILE D 893 -18.16 39.35 12.58
CA ILE D 893 -17.09 40.04 11.88
C ILE D 893 -16.88 39.31 10.57
N ASN D 894 -17.35 39.92 9.48
CA ASN D 894 -17.24 39.33 8.16
C ASN D 894 -16.15 39.91 7.26
N ASP D 895 -15.41 40.88 7.78
CA ASP D 895 -14.16 41.30 7.14
C ASP D 895 -13.02 40.96 8.09
N VAL D 896 -12.27 39.91 7.74
CA VAL D 896 -11.21 39.38 8.59
C VAL D 896 -9.95 39.22 7.76
N GLU D 897 -8.92 39.97 8.10
CA GLU D 897 -7.75 40.04 7.24
C GLU D 897 -6.83 38.82 7.41
N ASP D 898 -6.57 38.14 6.29
CA ASP D 898 -5.52 37.12 6.28
C ASP D 898 -4.18 37.79 6.08
N SER D 899 -3.14 37.00 5.79
CA SER D 899 -1.82 37.57 5.59
C SER D 899 -1.66 38.24 4.22
N TYR D 900 -2.57 37.95 3.30
CA TYR D 900 -2.53 38.57 1.97
C TYR D 900 -3.44 39.78 1.82
N GLY D 901 -4.15 40.15 2.89
CA GLY D 901 -4.98 41.33 2.89
C GLY D 901 -6.42 41.07 2.47
N GLN D 902 -6.75 39.80 2.24
CA GLN D 902 -8.08 39.41 1.85
C GLN D 902 -9.04 39.38 3.03
N GLN D 903 -10.35 39.51 2.75
CA GLN D 903 -11.35 39.58 3.80
C GLN D 903 -12.30 38.38 3.80
N TRP D 904 -12.29 37.64 4.91
CA TRP D 904 -13.10 36.43 5.05
C TRP D 904 -14.36 36.69 5.86
N THR D 905 -15.47 36.07 5.45
CA THR D 905 -16.70 36.13 6.22
C THR D 905 -16.63 35.12 7.36
N TYR D 906 -17.75 34.88 8.04
CA TYR D 906 -17.75 33.90 9.11
C TYR D 906 -17.69 32.49 8.53
N GLU D 907 -18.72 32.12 7.78
CA GLU D 907 -18.83 30.76 7.24
C GLU D 907 -17.63 30.32 6.39
N GLN D 908 -17.03 31.24 5.65
CA GLN D 908 -15.89 30.90 4.81
C GLN D 908 -14.72 30.39 5.66
N ARG D 909 -14.26 31.26 6.56
CA ARG D 909 -13.11 30.92 7.40
C ARG D 909 -13.45 29.77 8.35
N LYS D 910 -14.71 29.67 8.74
CA LYS D 910 -15.14 28.57 9.60
C LYS D 910 -15.12 27.26 8.84
N ILE D 911 -15.34 27.33 7.53
CA ILE D 911 -15.24 26.15 6.69
C ILE D 911 -13.79 25.75 6.56
N VAL D 912 -12.90 26.73 6.51
CA VAL D 912 -11.49 26.38 6.56
C VAL D 912 -11.08 25.79 7.92
N GLU D 913 -11.73 26.23 8.99
CA GLU D 913 -11.49 25.67 10.32
C GLU D 913 -11.98 24.22 10.43
N PHE D 914 -13.13 23.94 9.84
CA PHE D 914 -13.69 22.58 9.82
C PHE D 914 -12.94 21.70 8.84
N THR D 915 -12.47 22.30 7.74
CA THR D 915 -11.65 21.57 6.81
C THR D 915 -10.22 21.59 7.36
N CYS D 916 -10.03 22.25 8.49
CA CYS D 916 -8.83 22.08 9.30
C CYS D 916 -9.01 21.07 10.44
N HIS D 917 -10.25 20.70 10.74
CA HIS D 917 -10.48 19.70 11.78
C HIS D 917 -10.28 18.32 11.20
N THR D 918 -10.86 18.13 10.02
CA THR D 918 -10.76 16.87 9.28
C THR D 918 -9.33 16.36 9.04
N PRO D 919 -8.41 17.24 8.59
CA PRO D 919 -7.03 16.79 8.40
C PRO D 919 -6.30 16.58 9.71
N PHE D 920 -6.75 17.22 10.79
CA PHE D 920 -6.13 16.99 12.07
C PHE D 920 -6.52 15.58 12.50
N PHE D 921 -7.78 15.23 12.25
CA PHE D 921 -8.31 13.90 12.53
C PHE D 921 -7.61 12.82 11.68
N VAL D 922 -7.52 13.07 10.38
CA VAL D 922 -6.79 12.19 9.49
C VAL D 922 -5.34 12.03 9.96
N THR D 923 -4.70 13.15 10.30
CA THR D 923 -3.33 13.14 10.80
C THR D 923 -3.18 12.26 12.05
N ILE D 924 -4.15 12.40 12.96
CA ILE D 924 -4.20 11.53 14.13
C ILE D 924 -4.15 10.10 13.66
N VAL D 925 -5.00 9.76 12.70
CA VAL D 925 -5.00 8.39 12.17
C VAL D 925 -3.62 7.97 11.67
N VAL D 926 -3.00 8.83 10.87
CA VAL D 926 -1.70 8.54 10.30
C VAL D 926 -0.67 8.23 11.38
N VAL D 927 -0.67 9.01 12.45
CA VAL D 927 0.29 8.76 13.53
C VAL D 927 -0.11 7.60 14.43
N GLN D 928 -1.38 7.23 14.40
CA GLN D 928 -1.86 6.04 15.11
C GLN D 928 -1.54 4.77 14.33
N TRP D 929 -1.16 4.89 13.06
CA TRP D 929 -0.57 3.77 12.33
C TRP D 929 0.71 3.37 13.04
N ALA D 930 1.62 4.34 13.11
CA ALA D 930 2.94 4.15 13.71
C ALA D 930 2.78 3.69 15.13
N ASP D 931 1.92 4.39 15.87
CA ASP D 931 1.70 4.06 17.26
C ASP D 931 1.19 2.64 17.42
N LEU D 932 0.26 2.23 16.56
CA LEU D 932 -0.29 0.88 16.64
C LEU D 932 0.77 -0.18 16.33
N VAL D 933 1.68 0.12 15.41
CA VAL D 933 2.72 -0.85 15.09
C VAL D 933 3.77 -0.99 16.19
N ILE D 934 4.10 0.13 16.85
CA ILE D 934 5.07 0.05 17.94
C ILE D 934 4.46 -0.39 19.28
N CYS D 935 3.15 -0.21 19.41
CA CYS D 935 2.45 -0.62 20.63
C CYS D 935 2.21 -2.12 20.60
N LYS D 936 2.40 -2.70 19.42
CA LYS D 936 2.28 -4.13 19.20
C LYS D 936 3.26 -4.91 20.08
N THR D 937 4.45 -4.33 20.26
CA THR D 937 5.52 -5.00 20.99
C THR D 937 6.10 -4.11 22.08
N ARG D 938 6.24 -4.67 23.28
CA ARG D 938 6.84 -3.94 24.40
C ARG D 938 8.38 -3.97 24.41
N ARG D 939 8.94 -5.08 23.94
CA ARG D 939 10.38 -5.31 23.97
C ARG D 939 10.93 -5.67 22.60
N ASN D 940 10.39 -6.75 22.02
CA ASN D 940 10.81 -7.20 20.69
C ASN D 940 10.74 -6.11 19.64
N SER D 941 11.70 -6.11 18.72
CA SER D 941 11.64 -5.22 17.57
C SER D 941 10.62 -5.78 16.58
N VAL D 942 9.92 -4.90 15.90
CA VAL D 942 8.82 -5.30 15.01
C VAL D 942 9.31 -6.28 13.94
N PHE D 943 10.61 -6.27 13.68
CA PHE D 943 11.17 -7.19 12.69
C PHE D 943 11.27 -8.63 13.19
N GLN D 944 10.98 -8.85 14.47
CA GLN D 944 11.05 -10.19 15.04
C GLN D 944 9.65 -10.77 15.23
N GLN D 945 8.90 -10.14 16.13
CA GLN D 945 7.53 -10.54 16.43
C GLN D 945 6.69 -10.46 15.16
N GLY D 946 6.89 -9.40 14.41
CA GLY D 946 6.33 -9.29 13.07
C GLY D 946 4.86 -8.99 12.94
N MET D 947 4.43 -8.81 11.69
CA MET D 947 3.09 -8.36 11.33
C MET D 947 2.09 -9.50 11.14
N LYS D 948 2.45 -10.69 11.63
CA LYS D 948 1.60 -11.87 11.52
C LYS D 948 0.18 -11.70 12.07
N ASN D 949 -0.09 -10.61 12.79
CA ASN D 949 -1.42 -10.37 13.34
C ASN D 949 -2.34 -9.86 12.23
N LYS D 950 -3.37 -10.63 11.90
CA LYS D 950 -4.23 -10.33 10.75
C LYS D 950 -5.26 -9.26 11.08
N ILE D 951 -5.84 -9.36 12.28
CA ILE D 951 -6.81 -8.37 12.73
C ILE D 951 -6.17 -6.99 12.76
N LEU D 952 -4.89 -6.93 13.11
CA LEU D 952 -4.17 -5.66 13.18
C LEU D 952 -4.04 -5.02 11.80
N ILE D 953 -3.60 -5.83 10.82
CA ILE D 953 -3.53 -5.38 9.43
C ILE D 953 -4.88 -4.81 9.03
N PHE D 954 -5.91 -5.62 9.22
CA PHE D 954 -7.27 -5.22 8.88
C PHE D 954 -7.62 -3.90 9.56
N GLY D 955 -7.19 -3.77 10.80
CA GLY D 955 -7.44 -2.58 11.58
C GLY D 955 -6.87 -1.38 10.88
N LEU D 956 -5.64 -1.48 10.41
CA LEU D 956 -5.03 -0.41 9.65
C LEU D 956 -5.84 -0.04 8.41
N PHE D 957 -6.19 -1.07 7.62
CA PHE D 957 -6.98 -0.84 6.40
C PHE D 957 -8.34 -0.17 6.64
N GLU D 958 -9.10 -0.74 7.56
CA GLU D 958 -10.44 -0.25 7.89
C GLU D 958 -10.37 1.15 8.47
N GLU D 959 -9.36 1.39 9.31
CA GLU D 959 -9.13 2.69 9.92
C GLU D 959 -8.94 3.76 8.85
N THR D 960 -7.94 3.55 7.99
CA THR D 960 -7.65 4.51 6.95
C THR D 960 -8.85 4.70 6.03
N ALA D 961 -9.45 3.59 5.63
CA ALA D 961 -10.64 3.62 4.79
C ALA D 961 -11.73 4.51 5.40
N LEU D 962 -11.91 4.36 6.71
CA LEU D 962 -12.93 5.06 7.46
C LEU D 962 -12.68 6.56 7.45
N ALA D 963 -11.47 6.95 7.86
CA ALA D 963 -11.08 8.36 7.84
C ALA D 963 -11.30 8.98 6.46
N ALA D 964 -10.80 8.28 5.44
CA ALA D 964 -10.97 8.71 4.05
C ALA D 964 -12.44 8.93 3.73
N PHE D 965 -13.29 8.00 4.19
CA PHE D 965 -14.71 8.09 3.96
C PHE D 965 -15.33 9.34 4.58
N LEU D 966 -15.11 9.52 5.88
CA LEU D 966 -15.67 10.68 6.58
C LEU D 966 -15.23 11.99 5.95
N SER D 967 -13.97 12.07 5.55
CA SER D 967 -13.54 13.27 4.83
C SER D 967 -14.34 13.44 3.54
N TYR D 968 -14.33 12.40 2.69
CA TYR D 968 -14.85 12.55 1.34
C TYR D 968 -16.30 12.20 1.07
N CYS D 969 -17.00 11.57 2.01
CA CYS D 969 -18.40 11.22 1.75
C CYS D 969 -19.26 12.47 1.61
N PRO D 970 -20.18 12.48 0.64
CA PRO D 970 -21.05 13.63 0.39
C PRO D 970 -21.92 14.01 1.59
N GLY D 971 -21.95 15.30 1.92
CA GLY D 971 -22.82 15.82 2.97
C GLY D 971 -22.30 15.62 4.38
N MET D 972 -21.03 15.22 4.49
CA MET D 972 -20.41 15.02 5.79
C MET D 972 -19.99 16.36 6.37
N GLY D 973 -19.86 17.35 5.51
CA GLY D 973 -19.58 18.70 5.94
C GLY D 973 -20.85 19.32 6.47
N VAL D 974 -21.97 18.83 5.95
CA VAL D 974 -23.27 19.26 6.44
C VAL D 974 -23.57 18.57 7.77
N ALA D 975 -23.35 17.25 7.80
CA ALA D 975 -23.63 16.45 9.00
C ALA D 975 -22.62 16.64 10.13
N LEU D 976 -21.35 16.38 9.86
CA LEU D 976 -20.31 16.46 10.89
C LEU D 976 -19.45 17.71 10.88
N ARG D 977 -19.70 18.60 9.92
CA ARG D 977 -18.75 19.67 9.62
C ARG D 977 -17.36 19.06 9.38
N MET D 978 -17.31 18.03 8.54
CA MET D 978 -16.07 17.42 8.09
C MET D 978 -15.99 17.55 6.58
N TYR D 979 -14.90 18.12 6.10
CA TYR D 979 -14.80 18.49 4.70
C TYR D 979 -13.72 17.68 3.99
N PRO D 980 -13.85 17.51 2.66
CA PRO D 980 -12.87 16.71 1.90
C PRO D 980 -11.49 17.33 1.98
N LEU D 981 -10.48 16.50 2.23
CA LEU D 981 -9.10 16.98 2.22
C LEU D 981 -8.62 17.08 0.79
N LYS D 982 -7.93 18.17 0.48
CA LYS D 982 -7.10 18.23 -0.70
C LYS D 982 -6.04 17.15 -0.49
N PRO D 983 -5.65 16.46 -1.56
CA PRO D 983 -4.80 15.27 -1.45
C PRO D 983 -3.47 15.49 -0.75
N THR D 984 -2.78 16.56 -1.09
CA THR D 984 -1.49 16.88 -0.47
C THR D 984 -1.57 16.86 1.08
N TRP D 985 -2.72 17.27 1.61
CA TRP D 985 -2.95 17.27 3.06
C TRP D 985 -2.52 15.95 3.70
N TRP D 986 -2.94 14.84 3.07
CA TRP D 986 -2.75 13.52 3.66
C TRP D 986 -1.30 13.25 4.06
N PHE D 987 -0.37 13.91 3.40
CA PHE D 987 1.03 13.57 3.64
C PHE D 987 1.74 14.41 4.71
N CYS D 988 1.08 15.46 5.21
CA CYS D 988 1.71 16.32 6.21
C CYS D 988 2.11 15.54 7.44
N ALA D 989 1.24 14.63 7.85
CA ALA D 989 1.48 13.82 9.03
C ALA D 989 2.62 12.83 8.84
N PHE D 990 2.87 12.46 7.58
CA PHE D 990 3.75 11.33 7.26
C PHE D 990 5.11 11.26 7.98
N PRO D 991 5.93 12.31 7.91
CA PRO D 991 7.24 12.18 8.54
C PRO D 991 7.12 11.96 10.05
N TYR D 992 6.12 12.57 10.66
CA TYR D 992 5.92 12.42 12.10
C TYR D 992 5.65 10.98 12.51
N SER D 993 4.87 10.27 11.70
CA SER D 993 4.62 8.85 11.94
C SER D 993 5.91 8.06 11.85
N LEU D 994 6.66 8.29 10.77
CA LEU D 994 7.93 7.61 10.57
C LEU D 994 8.88 7.87 11.74
N LEU D 995 8.87 9.09 12.26
CA LEU D 995 9.68 9.41 13.42
C LEU D 995 9.28 8.54 14.60
N ILE D 996 7.98 8.50 14.88
CA ILE D 996 7.43 7.65 15.93
C ILE D 996 7.91 6.20 15.80
N PHE D 997 7.74 5.62 14.62
CA PHE D 997 8.18 4.26 14.36
C PHE D 997 9.68 4.09 14.59
N VAL D 998 10.48 4.89 13.90
CA VAL D 998 11.93 4.81 14.01
C VAL D 998 12.39 5.04 15.43
N TYR D 999 11.73 5.98 16.12
CA TYR D 999 12.09 6.27 17.51
C TYR D 999 11.90 5.07 18.41
N ASP D 1000 10.68 4.54 18.43
CA ASP D 1000 10.38 3.46 19.36
C ASP D 1000 11.17 2.20 19.02
N GLU D 1001 11.48 2.02 17.74
CA GLU D 1001 12.17 0.82 17.30
C GLU D 1001 13.57 0.75 17.91
N VAL D 1002 14.25 1.89 17.96
CA VAL D 1002 15.60 1.93 18.52
C VAL D 1002 15.56 1.93 20.04
N ARG D 1003 14.45 2.40 20.62
CA ARG D 1003 14.25 2.29 22.04
C ARG D 1003 14.15 0.81 22.38
N LYS D 1004 13.41 0.09 21.55
CA LYS D 1004 13.19 -1.35 21.73
C LYS D 1004 14.36 -2.16 21.16
N LEU D 1005 15.36 -1.45 20.68
CA LEU D 1005 16.64 -2.07 20.31
C LEU D 1005 17.56 -1.93 21.51
N ILE D 1006 17.78 -0.68 21.91
CA ILE D 1006 18.59 -0.37 23.09
C ILE D 1006 18.16 -1.19 24.30
N ILE D 1007 16.85 -1.37 24.48
CA ILE D 1007 16.35 -2.16 25.60
C ILE D 1007 16.76 -3.63 25.49
N ARG D 1008 16.72 -4.18 24.29
CA ARG D 1008 17.19 -5.54 24.08
C ARG D 1008 18.69 -5.62 24.34
N ARG D 1009 19.44 -4.71 23.74
CA ARG D 1009 20.90 -4.73 23.82
C ARG D 1009 21.39 -4.47 25.25
N ARG D 1010 20.89 -3.42 25.89
CA ARG D 1010 21.30 -3.15 27.26
C ARG D 1010 20.10 -3.34 28.17
N PRO D 1011 20.00 -4.52 28.82
CA PRO D 1011 18.92 -4.72 29.79
C PRO D 1011 19.43 -4.33 31.17
N GLY D 1012 20.11 -3.20 31.26
CA GLY D 1012 20.57 -2.74 32.55
C GLY D 1012 19.39 -2.30 33.40
N GLY D 1013 18.66 -1.29 32.94
CA GLY D 1013 19.13 -0.39 31.90
C GLY D 1013 18.37 0.91 32.01
N TRP D 1014 18.97 2.01 31.58
CA TRP D 1014 18.35 3.32 31.81
C TRP D 1014 17.09 3.48 30.98
N VAL D 1015 17.18 3.08 29.71
CA VAL D 1015 16.01 3.10 28.85
C VAL D 1015 14.98 2.09 29.36
N GLU D 1016 15.45 0.96 29.87
CA GLU D 1016 14.55 -0.07 30.36
C GLU D 1016 13.88 0.38 31.64
N LYS D 1017 14.62 1.07 32.50
CA LYS D 1017 14.05 1.54 33.75
C LYS D 1017 13.09 2.72 33.55
N GLU D 1018 13.43 3.60 32.62
CA GLU D 1018 12.60 4.79 32.38
C GLU D 1018 11.37 4.57 31.50
N THR D 1019 11.49 3.68 30.54
CA THR D 1019 10.49 3.55 29.48
C THR D 1019 9.72 2.23 29.51
N TYR D 1020 10.45 1.11 29.43
CA TYR D 1020 9.83 -0.20 29.29
C TYR D 1020 8.76 -0.35 30.36
N TYR D 1021 7.53 -0.61 29.90
CA TYR D 1021 6.36 -0.48 30.75
C TYR D 1021 5.54 -1.77 30.77
N TRP E 17 2.67 8.66 51.37
CA TRP E 17 3.45 9.48 52.29
C TRP E 17 4.94 9.39 51.99
N ASN E 18 5.22 9.22 50.70
CA ASN E 18 6.56 9.06 50.14
C ASN E 18 7.24 10.38 49.84
N SER E 19 6.68 11.47 50.35
CA SER E 19 7.11 12.83 50.04
C SER E 19 8.63 13.00 49.98
N GLU E 20 9.32 12.88 51.11
CA GLU E 20 10.79 12.88 51.09
C GLU E 20 11.38 12.08 52.23
N LYS E 21 12.48 11.38 51.95
CA LYS E 21 13.17 10.55 52.93
C LYS E 21 14.59 10.30 52.42
N LYS E 22 15.30 9.36 53.04
CA LYS E 22 16.67 9.06 52.66
C LYS E 22 16.78 7.92 51.63
N GLU E 23 17.14 8.27 50.39
CA GLU E 23 17.07 9.64 49.90
C GLU E 23 16.35 9.66 48.56
N PHE E 24 15.11 10.16 48.56
CA PHE E 24 14.36 10.36 47.32
C PHE E 24 13.33 11.49 47.43
N LEU E 25 13.39 12.46 46.53
CA LEU E 25 12.41 13.56 46.51
C LEU E 25 11.13 13.08 45.83
N GLY E 26 9.99 13.45 46.40
CA GLY E 26 8.72 12.89 45.98
C GLY E 26 8.45 12.98 44.50
N ARG E 27 8.25 11.82 43.87
CA ARG E 27 8.33 10.54 44.57
C ARG E 27 9.75 10.01 44.77
N THR E 28 10.46 9.73 43.68
CA THR E 28 11.86 9.26 43.75
C THR E 28 12.86 10.27 43.18
N GLY E 29 13.72 10.81 44.04
CA GLY E 29 14.60 11.90 43.65
C GLY E 29 16.09 11.68 43.46
N GLY E 30 16.52 10.43 43.30
CA GLY E 30 17.92 10.17 43.04
C GLY E 30 18.38 10.70 41.70
N SER E 31 17.72 10.26 40.64
CA SER E 31 18.15 10.52 39.26
C SER E 31 17.47 11.68 38.52
N TRP E 32 16.68 12.49 39.24
CA TRP E 32 15.83 13.50 38.60
C TRP E 32 16.53 14.33 37.52
N PHE E 33 17.82 14.59 37.73
CA PHE E 33 18.62 15.29 36.75
C PHE E 33 18.58 14.57 35.40
N LYS E 34 18.94 13.29 35.40
CA LYS E 34 18.96 12.48 34.19
C LYS E 34 17.69 12.65 33.38
N ILE E 35 16.55 12.22 33.93
CA ILE E 35 15.28 12.33 33.23
C ILE E 35 14.99 13.74 32.75
N LEU E 36 15.20 14.73 33.61
CA LEU E 36 14.89 16.10 33.22
C LEU E 36 15.74 16.51 32.04
N LEU E 37 17.02 16.20 32.11
CA LEU E 37 17.95 16.42 31.01
C LEU E 37 17.41 15.76 29.76
N PHE E 38 17.00 14.50 29.89
CA PHE E 38 16.44 13.76 28.79
C PHE E 38 15.27 14.50 28.17
N TYR E 39 14.30 14.89 28.98
CA TYR E 39 13.12 15.57 28.45
C TYR E 39 13.47 16.93 27.86
N VAL E 40 14.54 17.53 28.36
CA VAL E 40 14.99 18.80 27.82
C VAL E 40 15.59 18.58 26.43
N ILE E 41 16.43 17.56 26.31
CA ILE E 41 17.00 17.20 25.03
C ILE E 41 15.88 16.81 24.09
N PHE E 42 15.11 15.80 24.47
CA PHE E 42 13.99 15.27 23.73
C PHE E 42 13.04 16.34 23.23
N TYR E 43 12.38 17.04 24.15
CA TYR E 43 11.46 18.10 23.77
C TYR E 43 12.14 19.17 22.94
N GLY E 44 13.42 19.41 23.21
CA GLY E 44 14.19 20.30 22.36
C GLY E 44 14.16 19.81 20.92
N CYS E 45 14.59 18.57 20.73
CA CYS E 45 14.68 17.95 19.41
C CYS E 45 13.33 17.97 18.71
N LEU E 46 12.28 17.55 19.42
CA LEU E 46 10.94 17.58 18.88
C LEU E 46 10.65 18.96 18.34
N ALA E 47 10.86 19.99 19.18
CA ALA E 47 10.61 21.37 18.78
C ALA E 47 11.39 21.72 17.53
N GLY E 48 12.67 21.33 17.52
CA GLY E 48 13.51 21.58 16.38
C GLY E 48 12.88 21.00 15.13
N ILE E 49 12.59 19.70 15.18
CA ILE E 49 11.97 18.98 14.07
C ILE E 49 10.69 19.68 13.59
N PHE E 50 9.87 20.09 14.55
CA PHE E 50 8.63 20.75 14.23
C PHE E 50 8.93 21.99 13.40
N ILE E 51 9.81 22.85 13.93
CA ILE E 51 10.14 24.08 13.24
C ILE E 51 10.73 23.76 11.88
N GLY E 52 11.45 22.64 11.78
CA GLY E 52 12.00 22.23 10.50
C GLY E 52 10.89 22.06 9.50
N THR E 53 9.93 21.21 9.83
CA THR E 53 8.82 20.93 8.91
C THR E 53 8.05 22.21 8.60
N ILE E 54 7.90 23.08 9.60
CA ILE E 54 7.14 24.31 9.40
C ILE E 54 7.92 25.25 8.50
N GLN E 55 9.24 25.12 8.51
CA GLN E 55 10.11 25.98 7.73
C GLN E 55 10.08 25.61 6.27
N VAL E 56 10.24 24.33 5.96
CA VAL E 56 10.11 23.93 4.56
C VAL E 56 8.70 24.25 4.04
N MET E 57 7.70 23.97 4.89
CA MET E 57 6.33 24.35 4.55
C MET E 57 6.30 25.82 4.17
N LEU E 58 6.97 26.65 4.96
CA LEU E 58 6.98 28.08 4.70
C LEU E 58 7.80 28.47 3.48
N LEU E 59 8.68 27.57 3.03
CA LEU E 59 9.40 27.79 1.78
C LEU E 59 8.44 27.64 0.63
N THR E 60 7.41 26.82 0.84
CA THR E 60 6.48 26.55 -0.27
C THR E 60 5.26 27.46 -0.44
N ILE E 61 5.18 28.57 0.30
CA ILE E 61 4.09 29.52 0.09
C ILE E 61 4.56 30.72 -0.73
N SER E 62 3.79 31.09 -1.75
CA SER E 62 4.14 32.22 -2.60
C SER E 62 4.01 33.51 -1.84
N GLU E 63 5.07 34.29 -1.94
CA GLU E 63 5.15 35.53 -1.20
C GLU E 63 4.15 36.54 -1.74
N PHE E 64 3.56 36.22 -2.89
CA PHE E 64 2.72 37.14 -3.64
C PHE E 64 1.25 36.74 -3.64
N LYS E 65 0.97 35.53 -4.13
CA LYS E 65 -0.39 35.04 -4.22
C LYS E 65 -0.54 33.87 -3.25
N PRO E 66 -1.71 33.74 -2.60
CA PRO E 66 -1.95 32.57 -1.74
C PRO E 66 -2.11 31.32 -2.58
N THR E 67 -1.76 30.16 -2.03
CA THR E 67 -1.75 28.94 -2.82
C THR E 67 -3.15 28.40 -3.13
N TYR E 68 -4.14 28.74 -2.30
CA TYR E 68 -5.53 28.36 -2.57
C TYR E 68 -6.50 29.51 -2.36
N GLN E 69 -7.17 29.93 -3.43
CA GLN E 69 -8.20 30.96 -3.31
C GLN E 69 -9.65 30.45 -3.35
N ASP E 70 -9.85 29.15 -3.55
CA ASP E 70 -11.20 28.64 -3.80
C ASP E 70 -12.17 28.79 -2.64
N ARG E 71 -11.65 29.19 -1.48
CA ARG E 71 -12.48 29.40 -0.29
C ARG E 71 -13.18 30.75 -0.19
N VAL E 72 -12.57 31.81 -0.72
CA VAL E 72 -13.17 33.15 -0.72
C VAL E 72 -13.97 33.46 -1.99
N ALA E 73 -14.16 32.44 -2.83
CA ALA E 73 -14.66 32.61 -4.19
C ALA E 73 -15.84 33.60 -4.43
N PRO E 74 -16.95 33.47 -3.68
CA PRO E 74 -17.95 34.54 -3.70
C PRO E 74 -17.73 35.63 -2.64
N PRO E 75 -17.00 36.72 -2.94
CA PRO E 75 -16.75 37.76 -1.93
C PRO E 75 -18.04 38.25 -1.27
N GLY E 76 -17.97 38.71 -0.02
CA GLY E 76 -19.15 39.20 0.66
C GLY E 76 -19.32 40.71 0.77
N LEU E 77 -20.52 41.15 1.12
CA LEU E 77 -20.80 42.57 1.29
C LEU E 77 -20.82 42.91 2.77
N THR E 78 -20.08 43.97 3.15
CA THR E 78 -20.00 44.32 4.56
C THR E 78 -20.46 45.76 4.84
N GLN E 79 -20.74 46.05 6.12
CA GLN E 79 -21.31 47.34 6.51
C GLN E 79 -20.33 48.19 7.32
N ILE E 80 -20.52 49.51 7.31
CA ILE E 80 -19.68 50.39 8.11
C ILE E 80 -19.73 50.14 9.62
N PRO E 81 -20.92 50.28 10.25
CA PRO E 81 -20.90 50.04 11.70
C PRO E 81 -21.28 48.59 11.97
N GLN E 82 -20.33 47.66 11.87
CA GLN E 82 -20.67 46.27 12.13
C GLN E 82 -21.29 46.19 13.51
N SER E 83 -22.53 45.70 13.56
CA SER E 83 -23.30 45.78 14.78
C SER E 83 -23.21 44.46 15.52
N GLN E 84 -23.81 44.39 16.70
CA GLN E 84 -23.70 43.18 17.50
C GLN E 84 -24.29 42.00 16.74
N LYS E 85 -25.56 42.10 16.36
CA LYS E 85 -26.04 41.21 15.33
C LYS E 85 -26.77 42.05 14.29
N THR E 86 -26.04 42.40 13.23
CA THR E 86 -26.59 43.10 12.06
C THR E 86 -27.58 44.22 12.36
N GLU E 87 -27.45 44.89 13.51
CA GLU E 87 -28.53 45.77 13.96
C GLU E 87 -28.14 47.16 14.47
N ILE E 88 -28.63 48.19 13.78
CA ILE E 88 -28.47 49.54 14.27
C ILE E 88 -29.77 50.02 14.90
N SER E 89 -29.78 50.12 16.22
CA SER E 89 -30.96 50.54 16.95
C SER E 89 -30.57 51.72 17.82
N PHE E 90 -31.12 52.90 17.52
CA PHE E 90 -30.62 54.10 18.17
C PHE E 90 -31.64 55.23 18.27
N ARG E 91 -31.44 56.10 19.26
CA ARG E 91 -32.31 57.24 19.49
C ARG E 91 -31.76 58.47 18.77
N PRO E 92 -32.58 59.08 17.91
CA PRO E 92 -32.22 60.26 17.12
C PRO E 92 -31.74 61.42 17.98
N ASN E 93 -32.14 61.43 19.24
CA ASN E 93 -31.80 62.50 20.16
C ASN E 93 -30.49 62.29 20.90
N ASP E 94 -30.44 61.23 21.71
CA ASP E 94 -29.28 60.97 22.57
C ASP E 94 -27.99 60.88 21.77
N PRO E 95 -27.04 61.78 22.07
CA PRO E 95 -25.72 61.78 21.40
C PRO E 95 -24.96 60.50 21.70
N GLN E 96 -25.21 59.89 22.85
CA GLN E 96 -24.53 58.66 23.24
C GLN E 96 -25.23 57.43 22.66
N SER E 97 -26.43 57.64 22.14
CA SER E 97 -27.18 56.56 21.51
C SER E 97 -26.50 56.04 20.25
N TYR E 98 -26.06 56.97 19.39
CA TYR E 98 -25.39 56.61 18.14
C TYR E 98 -23.85 56.63 18.19
N GLU E 99 -23.28 56.97 19.34
CA GLU E 99 -21.83 57.19 19.45
C GLU E 99 -20.96 56.01 18.99
N SER E 100 -21.35 54.80 19.33
CA SER E 100 -20.59 53.61 18.93
C SER E 100 -20.49 53.52 17.42
N TYR E 101 -21.65 53.58 16.76
CA TYR E 101 -21.72 53.56 15.31
C TYR E 101 -20.86 54.69 14.74
N VAL E 102 -21.16 55.91 15.16
CA VAL E 102 -20.45 57.11 14.70
C VAL E 102 -18.94 56.97 14.75
N VAL E 103 -18.42 56.48 15.87
CA VAL E 103 -16.97 56.28 16.00
C VAL E 103 -16.48 55.17 15.06
N SER E 104 -17.24 54.09 14.94
CA SER E 104 -16.90 53.03 13.99
C SER E 104 -16.69 53.60 12.58
N ILE E 105 -17.68 54.36 12.10
CA ILE E 105 -17.58 54.99 10.79
C ILE E 105 -16.36 55.90 10.77
N VAL E 106 -16.22 56.72 11.81
CA VAL E 106 -15.15 57.70 11.94
C VAL E 106 -13.76 57.10 11.72
N ARG E 107 -13.49 55.97 12.36
CA ARG E 107 -12.20 55.32 12.20
C ARG E 107 -12.11 54.59 10.87
N PHE E 108 -13.24 54.08 10.39
CA PHE E 108 -13.27 53.38 9.10
C PHE E 108 -12.79 54.27 7.98
N LEU E 109 -13.34 55.47 7.90
CA LEU E 109 -13.04 56.38 6.80
C LEU E 109 -11.88 57.32 7.12
N GLU E 110 -11.27 57.12 8.29
CA GLU E 110 -10.10 57.88 8.68
C GLU E 110 -8.93 57.57 7.75
N LYS E 111 -8.99 56.41 7.10
CA LYS E 111 -7.98 56.00 6.14
C LYS E 111 -8.17 56.72 4.81
N TYR E 112 -9.37 57.25 4.59
CA TYR E 112 -9.77 57.74 3.28
C TYR E 112 -9.61 59.24 3.03
N LYS E 113 -9.17 59.98 4.04
CA LYS E 113 -9.12 61.44 3.92
C LYS E 113 -8.03 61.94 2.97
N ASP E 114 -8.30 63.06 2.32
CA ASP E 114 -7.45 63.56 1.23
C ASP E 114 -6.02 63.89 1.66
N LEU E 115 -5.84 64.25 2.91
CA LEU E 115 -4.51 64.54 3.42
C LEU E 115 -3.81 63.26 3.84
N ALA E 116 -4.57 62.18 3.89
CA ALA E 116 -4.01 60.86 4.15
C ALA E 116 -3.42 60.25 2.88
N GLN E 117 -4.04 60.51 1.74
CA GLN E 117 -3.38 60.10 0.51
C GLN E 117 -2.74 61.36 -0.04
N LYS E 118 -1.51 61.60 0.40
CA LYS E 118 -0.72 62.73 -0.05
C LYS E 118 0.20 62.41 -1.21
N ASP E 119 0.85 61.25 -1.10
CA ASP E 119 1.98 60.90 -1.94
C ASP E 119 1.52 60.60 -3.36
N ASP E 120 2.23 61.16 -4.34
CA ASP E 120 2.00 60.78 -5.73
C ASP E 120 2.93 59.63 -6.09
N MET E 121 3.85 59.33 -5.19
CA MET E 121 4.76 58.22 -5.37
C MET E 121 3.97 56.93 -5.26
N ILE E 122 3.22 56.77 -4.18
CA ILE E 122 2.39 55.58 -4.01
C ILE E 122 0.90 55.71 -4.33
N PHE E 123 0.41 56.92 -4.60
CA PHE E 123 -1.01 57.09 -4.94
C PHE E 123 -1.20 57.55 -6.37
N GLU E 124 -2.32 57.17 -6.94
CA GLU E 124 -2.60 57.43 -8.34
C GLU E 124 -4.02 57.95 -8.47
N ASP E 125 -4.21 59.01 -9.24
CA ASP E 125 -5.54 59.56 -9.42
C ASP E 125 -6.20 58.87 -10.59
N CYS E 126 -7.26 58.12 -10.30
CA CYS E 126 -8.03 57.44 -11.34
C CYS E 126 -9.25 58.28 -11.71
N GLY E 127 -10.14 57.70 -12.53
CA GLY E 127 -11.25 58.44 -13.08
C GLY E 127 -12.26 59.05 -12.11
N ASN E 128 -12.90 60.14 -12.56
CA ASN E 128 -14.02 60.74 -11.86
C ASN E 128 -15.33 60.09 -12.31
N VAL E 129 -15.18 59.06 -13.13
CA VAL E 129 -16.30 58.33 -13.70
C VAL E 129 -15.83 56.87 -13.74
N PRO E 130 -16.76 55.91 -13.57
CA PRO E 130 -16.30 54.51 -13.57
C PRO E 130 -15.59 54.11 -14.85
N SER E 131 -14.55 53.28 -14.72
CA SER E 131 -13.64 53.00 -15.82
C SER E 131 -13.19 51.54 -15.85
N GLU E 132 -12.61 51.12 -16.97
CA GLU E 132 -12.15 49.74 -17.17
C GLU E 132 -11.12 49.33 -16.12
N LEU E 133 -11.07 48.04 -15.81
CA LEU E 133 -10.17 47.52 -14.79
C LEU E 133 -8.72 47.91 -15.06
N LYS E 134 -7.98 48.22 -14.02
CA LYS E 134 -6.58 48.59 -14.18
C LYS E 134 -5.71 47.39 -13.86
N GLU E 135 -5.13 46.81 -14.91
CA GLU E 135 -4.28 45.64 -14.79
C GLU E 135 -2.86 46.14 -14.61
N ARG E 136 -2.20 45.72 -13.53
CA ARG E 136 -0.81 46.07 -13.37
C ARG E 136 0.06 44.82 -13.44
N GLY E 137 0.71 44.61 -14.58
CA GLY E 137 1.65 43.54 -14.77
C GLY E 137 1.21 42.16 -14.32
N GLU E 138 2.14 41.41 -13.74
CA GLU E 138 1.87 40.11 -13.17
C GLU E 138 2.02 40.24 -11.66
N TYR E 139 1.87 39.13 -10.94
CA TYR E 139 1.86 39.19 -9.49
C TYR E 139 3.24 39.06 -8.83
N ASN E 140 4.29 39.04 -9.63
CA ASN E 140 5.65 39.00 -9.10
C ASN E 140 6.23 40.37 -8.76
N ASN E 141 7.49 40.38 -8.34
CA ASN E 141 8.16 41.60 -7.91
C ASN E 141 9.03 42.27 -8.98
N GLU E 142 8.99 41.75 -10.20
CA GLU E 142 9.74 42.33 -11.31
C GLU E 142 9.43 43.82 -11.44
N ARG E 143 8.14 44.15 -11.36
CA ARG E 143 7.70 45.53 -11.23
C ARG E 143 7.79 45.98 -9.78
N GLY E 144 7.87 47.29 -9.55
CA GLY E 144 7.94 47.80 -8.21
C GLY E 144 6.63 47.65 -7.44
N GLU E 145 6.59 48.21 -6.23
CA GLU E 145 5.36 48.27 -5.46
C GLU E 145 4.34 49.11 -6.22
N ARG E 146 3.15 48.55 -6.43
CA ARG E 146 2.15 49.17 -7.30
C ARG E 146 1.53 50.43 -6.70
N LYS E 147 1.19 51.39 -7.55
CA LYS E 147 0.45 52.57 -7.11
C LYS E 147 -0.95 52.14 -6.73
N VAL E 148 -1.62 52.94 -5.90
CA VAL E 148 -2.99 52.64 -5.53
C VAL E 148 -3.95 53.77 -5.89
N CYS E 149 -5.08 53.41 -6.51
CA CYS E 149 -6.08 54.39 -6.92
C CYS E 149 -6.74 55.12 -5.73
N ARG E 150 -6.87 56.44 -5.88
CA ARG E 150 -7.42 57.29 -4.83
C ARG E 150 -8.92 57.17 -4.71
N PHE E 151 -9.42 57.30 -3.49
CA PHE E 151 -10.86 57.39 -3.26
C PHE E 151 -11.16 58.60 -2.37
N ARG E 152 -11.86 59.57 -2.93
CA ARG E 152 -12.16 60.80 -2.23
C ARG E 152 -13.55 60.72 -1.62
N LEU E 153 -13.66 61.06 -0.33
CA LEU E 153 -14.91 60.85 0.41
C LEU E 153 -16.10 61.59 -0.19
N GLU E 154 -15.81 62.59 -1.03
CA GLU E 154 -16.85 63.32 -1.73
C GLU E 154 -17.73 62.39 -2.57
N TRP E 155 -17.17 61.26 -2.98
CA TRP E 155 -17.89 60.30 -3.79
C TRP E 155 -19.16 59.78 -3.11
N LEU E 156 -19.17 59.77 -1.78
CA LEU E 156 -20.42 59.56 -1.06
C LEU E 156 -20.92 60.89 -0.53
N GLY E 157 -21.97 61.42 -1.15
CA GLY E 157 -22.52 62.71 -0.76
C GLY E 157 -23.51 62.55 0.36
N ASN E 158 -23.54 63.54 1.25
CA ASN E 158 -24.45 63.57 2.38
C ASN E 158 -24.18 62.46 3.41
N CYS E 159 -23.39 61.46 3.03
CA CYS E 159 -22.87 60.51 4.01
C CYS E 159 -21.35 60.63 4.10
N SER E 160 -20.91 61.23 5.20
CA SER E 160 -19.50 61.51 5.46
C SER E 160 -18.80 62.46 4.49
N GLY E 161 -19.49 62.90 3.44
CA GLY E 161 -19.58 64.32 3.13
C GLY E 161 -18.38 65.21 3.40
N LEU E 162 -17.18 64.66 3.40
CA LEU E 162 -16.03 65.35 4.01
C LEU E 162 -16.43 65.90 5.38
N ASN E 163 -16.23 67.21 5.55
CA ASN E 163 -16.70 67.91 6.74
C ASN E 163 -18.11 68.45 6.53
N ASP E 164 -18.61 68.31 5.31
CA ASP E 164 -19.88 68.92 4.94
C ASP E 164 -21.01 67.93 5.21
N GLU E 165 -21.82 68.28 6.20
CA GLU E 165 -22.85 67.43 6.78
C GLU E 165 -22.22 66.05 7.15
N THR E 166 -22.98 64.95 7.25
CA THR E 166 -24.36 64.93 7.73
C THR E 166 -24.60 65.80 8.98
N TYR E 167 -23.71 65.81 9.99
CA TYR E 167 -22.60 64.88 10.19
C TYR E 167 -23.08 63.81 11.16
N GLY E 168 -24.34 63.96 11.58
CA GLY E 168 -24.97 63.02 12.49
C GLY E 168 -25.01 61.66 11.84
N TYR E 169 -24.56 61.63 10.58
CA TYR E 169 -24.11 60.42 9.94
C TYR E 169 -25.27 59.49 9.81
N LYS E 170 -26.43 60.04 9.42
CA LYS E 170 -27.78 59.47 9.66
C LYS E 170 -28.63 59.95 10.85
N ASP E 171 -28.14 60.89 11.67
CA ASP E 171 -28.87 61.30 12.88
C ASP E 171 -30.38 61.51 12.66
N GLY E 172 -30.74 62.19 11.58
CA GLY E 172 -32.14 62.28 11.19
C GLY E 172 -32.71 60.98 10.65
N LYS E 173 -32.08 60.46 9.59
CA LYS E 173 -32.53 59.23 8.94
C LYS E 173 -31.32 58.38 8.58
N PRO E 174 -31.41 57.05 8.80
CA PRO E 174 -30.28 56.11 8.75
C PRO E 174 -29.55 55.91 7.41
N CYS E 175 -28.23 55.81 7.48
CA CYS E 175 -27.39 55.54 6.31
C CYS E 175 -26.20 54.61 6.63
N VAL E 176 -25.96 53.67 5.71
CA VAL E 176 -24.88 52.69 5.84
C VAL E 176 -24.11 52.52 4.54
N ILE E 177 -22.79 52.68 4.61
CA ILE E 177 -21.88 52.34 3.54
C ILE E 177 -21.72 50.83 3.43
N ILE E 178 -21.87 50.31 2.22
CA ILE E 178 -21.53 48.94 1.92
C ILE E 178 -20.18 48.89 1.19
N LYS E 179 -19.44 47.82 1.49
CA LYS E 179 -18.10 47.62 0.95
C LYS E 179 -17.99 46.20 0.43
N LEU E 180 -17.17 46.00 -0.60
CA LEU E 180 -16.88 44.67 -1.13
C LEU E 180 -15.62 44.09 -0.51
N ASN E 181 -15.67 42.79 -0.22
CA ASN E 181 -14.54 42.05 0.36
C ASN E 181 -13.34 41.99 -0.58
N ARG E 182 -12.16 42.18 -0.03
CA ARG E 182 -10.94 42.16 -0.82
C ARG E 182 -10.52 40.75 -1.16
N VAL E 183 -10.34 40.48 -2.45
CA VAL E 183 -9.75 39.22 -2.88
C VAL E 183 -8.65 39.49 -3.89
N LEU E 184 -7.47 38.94 -3.62
CA LEU E 184 -6.31 39.15 -4.47
C LEU E 184 -6.59 38.55 -5.84
N GLY E 185 -6.43 39.37 -6.87
CA GLY E 185 -6.63 38.92 -8.23
C GLY E 185 -8.06 38.97 -8.73
N PHE E 186 -9.01 39.16 -7.82
CA PHE E 186 -10.42 39.14 -8.19
C PHE E 186 -10.78 40.30 -9.11
N LYS E 187 -11.39 39.97 -10.25
CA LYS E 187 -11.77 40.96 -11.25
C LYS E 187 -13.27 40.88 -11.50
N PRO E 188 -14.07 41.68 -10.79
CA PRO E 188 -15.54 41.59 -10.84
C PRO E 188 -16.12 41.79 -12.24
N LYS E 189 -16.94 40.84 -12.67
CA LYS E 189 -17.67 40.98 -13.92
C LYS E 189 -19.13 41.29 -13.60
N PRO E 190 -19.58 42.50 -13.93
CA PRO E 190 -20.96 42.93 -13.68
C PRO E 190 -21.90 42.18 -14.59
N PRO E 191 -23.20 42.09 -14.22
CA PRO E 191 -24.13 41.34 -15.07
C PRO E 191 -24.21 41.97 -16.45
N LYS E 192 -24.49 41.10 -17.46
CA LYS E 192 -24.51 41.59 -18.83
C LYS E 192 -25.50 42.73 -19.03
N ASN E 193 -25.42 43.48 -20.14
CA ASN E 193 -26.46 44.46 -20.52
C ASN E 193 -27.82 43.78 -20.82
N GLU E 194 -27.76 42.47 -20.92
CA GLU E 194 -28.90 41.57 -20.79
C GLU E 194 -29.10 41.27 -19.31
N SER E 195 -29.48 42.29 -18.54
CA SER E 195 -29.62 42.15 -17.09
C SER E 195 -30.98 41.61 -16.70
N LEU E 196 -31.00 40.37 -16.22
CA LEU E 196 -32.24 39.69 -15.85
C LEU E 196 -32.94 40.36 -14.65
N GLU E 197 -33.65 41.45 -14.93
CA GLU E 197 -34.48 42.14 -13.94
C GLU E 197 -33.75 42.55 -12.66
N THR E 198 -32.97 43.63 -12.74
CA THR E 198 -32.26 44.14 -11.58
C THR E 198 -32.85 45.44 -11.02
N TYR E 199 -34.18 45.53 -10.95
CA TYR E 199 -34.81 46.69 -10.33
C TYR E 199 -34.45 48.02 -11.01
N PRO E 200 -34.33 49.09 -10.22
CA PRO E 200 -34.03 50.42 -10.76
C PRO E 200 -32.55 50.71 -10.75
N VAL E 201 -31.94 50.80 -11.93
CA VAL E 201 -30.50 51.00 -11.99
C VAL E 201 -30.07 51.82 -13.19
N MET E 202 -28.96 52.53 -13.06
CA MET E 202 -28.45 53.33 -14.16
C MET E 202 -27.99 52.48 -15.35
N LYS E 203 -27.56 53.14 -16.42
CA LYS E 203 -27.11 52.46 -17.63
C LYS E 203 -25.60 52.36 -17.63
N TYR E 204 -25.01 52.36 -16.44
CA TYR E 204 -23.56 52.30 -16.29
C TYR E 204 -23.10 50.90 -15.95
N ASN E 205 -23.70 49.90 -16.60
CA ASN E 205 -23.30 48.50 -16.41
C ASN E 205 -21.91 48.08 -16.90
N PRO E 206 -21.46 48.66 -17.98
CA PRO E 206 -20.20 48.31 -18.65
C PRO E 206 -19.08 48.23 -17.61
N TYR E 207 -18.94 49.26 -16.79
CA TYR E 207 -17.84 49.30 -15.85
C TYR E 207 -18.23 49.56 -14.39
N VAL E 208 -19.27 48.87 -13.90
CA VAL E 208 -19.67 48.99 -12.49
C VAL E 208 -20.31 47.73 -11.93
N LEU E 209 -19.88 47.34 -10.73
CA LEU E 209 -20.52 46.25 -10.03
C LEU E 209 -21.66 46.82 -9.23
N PRO E 210 -22.90 46.49 -9.63
CA PRO E 210 -24.11 47.08 -9.07
C PRO E 210 -24.52 46.50 -7.72
N VAL E 211 -25.30 47.25 -6.95
CA VAL E 211 -25.83 46.82 -5.66
C VAL E 211 -27.22 47.45 -5.46
N HIS E 212 -28.16 46.69 -4.89
CA HIS E 212 -29.49 47.23 -4.63
C HIS E 212 -30.11 46.65 -3.34
N CYS E 213 -30.88 47.47 -2.62
CA CYS E 213 -31.43 47.08 -1.32
C CYS E 213 -32.94 46.82 -1.30
N THR E 214 -33.36 45.85 -0.51
CA THR E 214 -34.77 45.43 -0.44
C THR E 214 -35.16 45.11 1.01
N GLY E 215 -36.45 45.19 1.33
CA GLY E 215 -36.95 44.94 2.67
C GLY E 215 -36.92 43.47 3.07
N LYS E 216 -37.67 42.65 2.35
CA LYS E 216 -37.55 41.22 2.53
C LYS E 216 -37.09 40.60 1.23
N ARG E 217 -36.65 39.36 1.30
CA ARG E 217 -35.97 38.70 0.19
C ARG E 217 -36.80 38.49 -1.06
N ASP E 218 -37.80 37.62 -0.98
CA ASP E 218 -38.60 37.26 -2.17
C ASP E 218 -40.01 36.84 -1.82
N GLU E 219 -40.52 37.32 -0.69
CA GLU E 219 -41.89 37.08 -0.31
C GLU E 219 -42.52 38.41 0.06
N ASP E 220 -43.61 38.36 0.83
CA ASP E 220 -44.22 39.58 1.34
C ASP E 220 -43.24 40.35 2.20
N LYS E 221 -43.37 41.67 2.19
CA LYS E 221 -42.46 42.52 2.93
C LYS E 221 -43.23 43.57 3.69
N GLU E 222 -42.69 43.96 4.84
CA GLU E 222 -43.17 45.10 5.57
C GLU E 222 -42.51 46.34 4.99
N LYS E 223 -42.54 46.44 3.67
CA LYS E 223 -41.87 47.51 2.96
C LYS E 223 -42.14 48.90 3.55
N VAL E 224 -41.12 49.49 4.17
CA VAL E 224 -41.09 50.91 4.51
C VAL E 224 -39.68 51.45 4.38
N GLY E 225 -39.37 52.00 3.20
CA GLY E 225 -38.06 52.56 2.94
C GLY E 225 -37.97 53.38 1.68
N THR E 226 -37.25 54.51 1.77
CA THR E 226 -36.82 55.25 0.59
C THR E 226 -35.31 55.30 0.67
N MET E 227 -34.66 54.86 -0.40
CA MET E 227 -33.21 54.69 -0.36
C MET E 227 -32.49 55.53 -1.40
N GLU E 228 -31.48 56.27 -0.96
CA GLU E 228 -30.66 57.05 -1.86
C GLU E 228 -29.21 56.54 -1.83
N TYR E 229 -28.63 56.37 -3.01
CA TYR E 229 -27.31 55.78 -3.12
C TYR E 229 -26.25 56.81 -3.55
N PHE E 230 -25.07 56.75 -2.95
CA PHE E 230 -23.94 57.58 -3.39
C PHE E 230 -22.77 56.73 -3.83
N GLY E 231 -22.44 56.80 -5.12
CA GLY E 231 -21.32 56.07 -5.66
C GLY E 231 -20.35 56.97 -6.40
N LEU E 232 -19.34 56.35 -7.01
CA LEU E 232 -18.38 57.09 -7.83
C LEU E 232 -19.15 57.68 -9.00
N GLY E 233 -19.14 59.01 -9.11
CA GLY E 233 -19.80 59.68 -10.20
C GLY E 233 -21.32 59.56 -10.19
N GLY E 234 -21.87 58.89 -9.18
CA GLY E 234 -23.30 58.79 -9.03
C GLY E 234 -23.90 57.42 -9.29
N TYR E 235 -23.05 56.43 -9.56
CA TYR E 235 -23.54 55.09 -9.86
C TYR E 235 -23.49 54.22 -8.62
N PRO E 236 -24.59 53.50 -8.36
CA PRO E 236 -24.77 52.78 -7.09
C PRO E 236 -23.91 51.53 -7.02
N GLY E 237 -22.61 51.67 -7.15
CA GLY E 237 -21.75 50.50 -7.14
C GLY E 237 -20.25 50.75 -7.08
N PHE E 238 -19.51 49.69 -7.41
CA PHE E 238 -18.06 49.72 -7.39
C PHE E 238 -17.49 49.85 -8.80
N PRO E 239 -16.68 50.89 -9.03
CA PRO E 239 -16.04 51.11 -10.32
C PRO E 239 -14.97 50.06 -10.55
N LEU E 240 -14.80 49.61 -11.78
CA LEU E 240 -13.89 48.50 -12.02
C LEU E 240 -12.42 48.87 -11.93
N GLN E 241 -12.13 50.17 -11.96
CA GLN E 241 -10.76 50.67 -12.01
C GLN E 241 -9.90 50.28 -10.81
N TYR E 242 -10.56 49.94 -9.67
CA TYR E 242 -9.84 49.58 -8.46
C TYR E 242 -9.48 48.11 -8.42
N TYR E 243 -9.82 47.39 -9.47
CA TYR E 243 -9.55 45.96 -9.53
C TYR E 243 -8.59 45.62 -10.65
N PRO E 244 -7.80 44.55 -10.49
CA PRO E 244 -7.73 43.59 -9.38
C PRO E 244 -6.92 44.09 -8.18
N TYR E 245 -7.21 43.55 -7.00
CA TYR E 245 -6.41 43.81 -5.79
C TYR E 245 -5.11 43.03 -5.87
N TYR E 246 -4.00 43.68 -5.59
CA TYR E 246 -2.70 43.05 -5.70
C TYR E 246 -2.10 42.47 -4.40
N GLY E 247 -2.87 42.53 -3.32
CA GLY E 247 -2.43 41.95 -2.07
C GLY E 247 -1.64 42.90 -1.20
N LYS E 248 -1.61 42.61 0.10
CA LYS E 248 -1.04 43.52 1.10
C LYS E 248 0.44 43.83 0.86
N LEU E 249 1.16 42.91 0.23
CA LEU E 249 2.58 43.13 -0.02
C LEU E 249 2.79 44.10 -1.19
N LEU E 250 2.12 43.84 -2.31
CA LEU E 250 2.30 44.66 -3.50
C LEU E 250 1.54 45.99 -3.44
N GLN E 251 0.51 46.04 -2.60
CA GLN E 251 -0.28 47.26 -2.43
C GLN E 251 -0.67 47.55 -0.99
N PRO E 252 0.30 47.86 -0.13
CA PRO E 252 -0.12 48.37 1.17
C PRO E 252 -0.68 49.77 0.99
N LYS E 253 -1.50 50.23 1.93
CA LYS E 253 -2.20 51.50 1.80
C LYS E 253 -3.13 51.51 0.59
N TYR E 254 -3.63 50.33 0.22
CA TYR E 254 -4.56 50.21 -0.89
C TYR E 254 -5.98 50.55 -0.47
N LEU E 255 -6.55 51.58 -1.08
CA LEU E 255 -7.90 51.99 -0.76
C LEU E 255 -8.90 51.35 -1.72
N GLN E 256 -9.79 50.51 -1.17
CA GLN E 256 -10.81 49.84 -1.96
C GLN E 256 -12.07 50.68 -2.05
N PRO E 257 -12.90 50.47 -3.09
CA PRO E 257 -14.13 51.25 -3.30
C PRO E 257 -15.14 51.13 -2.17
N LEU E 258 -15.83 52.23 -1.87
CA LEU E 258 -16.92 52.24 -0.90
C LEU E 258 -18.17 52.81 -1.57
N MET E 259 -19.35 52.30 -1.21
CA MET E 259 -20.58 52.86 -1.76
C MET E 259 -21.65 53.02 -0.69
N ALA E 260 -22.25 54.20 -0.59
CA ALA E 260 -23.16 54.45 0.54
C ALA E 260 -24.66 54.33 0.21
N VAL E 261 -25.43 53.88 1.19
CA VAL E 261 -26.88 53.75 1.05
C VAL E 261 -27.59 54.46 2.21
N GLN E 262 -28.33 55.52 1.90
CA GLN E 262 -29.10 56.20 2.95
C GLN E 262 -30.57 55.88 2.93
N PHE E 263 -31.09 55.52 4.10
CA PHE E 263 -32.53 55.33 4.29
C PHE E 263 -33.11 56.64 4.79
N THR E 264 -33.92 57.29 3.96
CA THR E 264 -34.49 58.59 4.31
C THR E 264 -35.89 58.42 4.91
N ASN E 265 -36.79 57.83 4.14
CA ASN E 265 -38.11 57.48 4.63
C ASN E 265 -38.08 56.11 5.31
N LEU E 266 -38.38 56.07 6.60
CA LEU E 266 -38.55 54.80 7.33
C LEU E 266 -39.50 55.03 8.50
N THR E 267 -40.18 53.97 8.92
CA THR E 267 -41.04 54.08 10.10
C THR E 267 -40.16 54.00 11.35
N MET E 268 -40.19 55.05 12.15
CA MET E 268 -39.21 55.23 13.23
C MET E 268 -39.20 54.15 14.31
N ASP E 269 -40.32 53.98 15.02
CA ASP E 269 -40.31 53.18 16.23
C ASP E 269 -40.51 51.69 15.97
N THR E 270 -40.51 51.31 14.70
CA THR E 270 -40.59 49.91 14.32
C THR E 270 -39.27 49.41 13.72
N GLU E 271 -38.94 48.14 13.99
CA GLU E 271 -37.75 47.53 13.41
C GLU E 271 -38.12 46.78 12.13
N ILE E 272 -37.49 47.18 11.02
CA ILE E 272 -37.66 46.44 9.78
C ILE E 272 -36.30 46.04 9.18
N ARG E 273 -36.28 44.90 8.50
CA ARG E 273 -35.04 44.34 7.99
C ARG E 273 -34.74 44.72 6.54
N ILE E 274 -33.45 44.83 6.24
CA ILE E 274 -32.96 45.27 4.95
C ILE E 274 -31.90 44.29 4.42
N GLU E 275 -31.95 43.99 3.13
CA GLU E 275 -30.96 43.14 2.48
C GLU E 275 -30.39 43.82 1.24
N CYS E 276 -29.07 43.87 1.15
CA CYS E 276 -28.41 44.46 -0.01
C CYS E 276 -27.66 43.41 -0.81
N LYS E 277 -28.09 43.24 -2.05
CA LYS E 277 -27.48 42.23 -2.93
C LYS E 277 -26.59 42.91 -3.94
N ALA E 278 -25.44 42.30 -4.21
CA ALA E 278 -24.53 42.78 -5.24
C ALA E 278 -24.60 41.80 -6.39
N TYR E 279 -24.90 42.29 -7.59
CA TYR E 279 -25.15 41.40 -8.71
C TYR E 279 -23.97 41.33 -9.67
N GLY E 280 -23.77 40.16 -10.26
CA GLY E 280 -22.73 39.96 -11.26
C GLY E 280 -22.49 38.49 -11.49
N GLU E 281 -21.77 38.17 -12.57
CA GLU E 281 -21.44 36.77 -12.86
C GLU E 281 -20.30 36.30 -11.95
N ASN E 282 -19.36 37.20 -11.69
CA ASN E 282 -18.23 36.92 -10.80
C ASN E 282 -18.67 36.86 -9.35
N ILE E 283 -19.93 37.19 -9.12
CA ILE E 283 -20.49 37.28 -7.78
C ILE E 283 -21.38 36.06 -7.50
N GLY E 284 -21.43 35.64 -6.24
CA GLY E 284 -22.26 34.51 -5.88
C GLY E 284 -22.84 34.65 -4.49
N TYR E 285 -23.88 33.87 -4.22
CA TYR E 285 -24.54 33.91 -2.93
C TYR E 285 -24.68 32.51 -2.34
N SER E 286 -24.47 32.42 -1.03
CA SER E 286 -24.69 31.17 -0.30
C SER E 286 -25.84 31.39 0.66
N GLU E 287 -26.72 30.40 0.77
CA GLU E 287 -27.85 30.51 1.68
C GLU E 287 -27.44 30.26 3.12
N LYS E 288 -26.33 29.54 3.30
CA LYS E 288 -25.78 29.33 4.64
C LYS E 288 -24.99 30.53 5.13
N ASP E 289 -24.29 31.19 4.21
CA ASP E 289 -23.56 32.41 4.57
C ASP E 289 -24.36 33.61 4.11
N ARG E 290 -24.96 34.31 5.07
CA ARG E 290 -25.84 35.42 4.75
C ARG E 290 -25.02 36.66 4.39
N PHE E 291 -23.72 36.58 4.63
CA PHE E 291 -22.81 37.65 4.28
C PHE E 291 -22.05 37.41 2.99
N GLN E 292 -22.33 36.29 2.33
CA GLN E 292 -21.63 35.97 1.09
C GLN E 292 -22.41 36.50 -0.11
N GLY E 293 -21.87 37.55 -0.72
CA GLY E 293 -22.49 38.16 -1.89
C GLY E 293 -23.61 39.10 -1.52
N ARG E 294 -24.15 38.91 -0.31
CA ARG E 294 -25.27 39.71 0.14
C ARG E 294 -25.08 40.21 1.56
N PHE E 295 -26.13 40.82 2.10
CA PHE E 295 -25.99 41.71 3.21
C PHE E 295 -27.29 41.74 4.00
N ASP E 296 -27.22 41.87 5.32
CA ASP E 296 -28.43 41.97 6.13
C ASP E 296 -28.28 42.95 7.28
N VAL E 297 -29.24 43.86 7.41
CA VAL E 297 -29.20 44.86 8.47
C VAL E 297 -30.60 45.13 9.04
N LYS E 298 -30.73 45.04 10.36
CA LYS E 298 -31.98 45.40 11.02
C LYS E 298 -31.82 46.76 11.69
N ILE E 299 -32.62 47.73 11.28
CA ILE E 299 -32.50 49.05 11.89
C ILE E 299 -33.78 49.57 12.52
N GLU E 300 -33.65 50.07 13.75
CA GLU E 300 -34.77 50.69 14.45
C GLU E 300 -34.33 52.02 15.03
N VAL E 301 -34.92 53.10 14.56
CA VAL E 301 -34.59 54.42 15.09
C VAL E 301 -35.75 54.85 15.97
N LYS E 302 -35.56 54.75 17.28
CA LYS E 302 -36.66 54.93 18.20
C LYS E 302 -36.60 56.23 18.98
N SER E 303 -37.73 56.93 19.02
CA SER E 303 -37.81 58.20 19.73
C SER E 303 -39.23 58.40 20.21
N ASP F 17 -10.36 30.51 -14.02
CA ASP F 17 -10.26 31.18 -12.73
C ASP F 17 -9.66 30.27 -11.66
N PRO F 18 -8.72 30.81 -10.87
CA PRO F 18 -8.13 30.06 -9.75
C PRO F 18 -9.12 29.78 -8.62
N PHE F 19 -10.34 30.28 -8.77
CA PHE F 19 -11.39 30.12 -7.77
C PHE F 19 -12.35 28.99 -8.10
N TYR F 20 -11.80 27.81 -8.39
CA TYR F 20 -12.62 26.65 -8.67
C TYR F 20 -11.74 25.47 -8.31
N TYR F 21 -12.29 24.50 -7.60
CA TYR F 21 -11.50 23.35 -7.23
C TYR F 21 -12.27 22.08 -7.55
N ASP F 22 -11.59 21.11 -8.14
CA ASP F 22 -12.24 19.86 -8.50
C ASP F 22 -12.43 19.04 -7.24
N TYR F 23 -13.26 19.53 -6.33
CA TYR F 23 -13.50 18.80 -5.10
C TYR F 23 -14.24 17.52 -5.42
N GLU F 24 -15.12 17.55 -6.42
CA GLU F 24 -15.90 16.38 -6.78
C GLU F 24 -15.03 15.20 -7.19
N THR F 25 -13.88 15.50 -7.79
CA THR F 25 -12.95 14.48 -8.25
C THR F 25 -12.07 13.92 -7.13
N VAL F 26 -11.59 14.80 -6.26
CA VAL F 26 -10.86 14.36 -5.08
C VAL F 26 -11.81 13.60 -4.17
N ARG F 27 -13.07 14.04 -4.15
CA ARG F 27 -14.13 13.36 -3.42
C ARG F 27 -14.26 11.97 -3.97
N ASN F 28 -14.28 11.86 -5.29
CA ASN F 28 -14.39 10.57 -5.94
C ASN F 28 -13.21 9.65 -5.67
N GLY F 29 -12.00 10.19 -5.79
CA GLY F 29 -10.82 9.44 -5.45
C GLY F 29 -10.91 8.83 -4.06
N GLY F 30 -10.97 9.70 -3.05
CA GLY F 30 -11.02 9.28 -1.66
C GLY F 30 -12.02 8.18 -1.38
N LEU F 31 -13.15 8.25 -2.06
CA LEU F 31 -14.22 7.27 -1.87
C LEU F 31 -13.86 5.94 -2.52
N ILE F 32 -13.47 5.99 -3.79
CA ILE F 32 -13.00 4.80 -4.49
C ILE F 32 -11.86 4.15 -3.72
N PHE F 33 -11.02 4.97 -3.12
CA PHE F 33 -9.97 4.48 -2.26
C PHE F 33 -10.54 3.77 -1.05
N ALA F 34 -11.44 4.45 -0.34
CA ALA F 34 -12.03 3.86 0.84
C ALA F 34 -12.69 2.53 0.50
N ALA F 35 -13.12 2.37 -0.73
CA ALA F 35 -13.78 1.15 -1.16
C ALA F 35 -12.83 -0.03 -1.30
N LEU F 36 -11.71 0.19 -1.98
CA LEU F 36 -10.69 -0.84 -2.12
C LEU F 36 -10.01 -1.13 -0.80
N ALA F 37 -9.66 -0.05 -0.09
CA ALA F 37 -8.97 -0.12 1.19
C ALA F 37 -9.73 -1.00 2.17
N PHE F 38 -11.05 -0.95 2.09
CA PHE F 38 -11.85 -1.75 2.99
C PHE F 38 -11.88 -3.20 2.54
N ILE F 39 -12.20 -3.43 1.26
CA ILE F 39 -12.35 -4.81 0.79
C ILE F 39 -11.02 -5.53 0.66
N VAL F 40 -9.92 -4.79 0.66
CA VAL F 40 -8.62 -5.42 0.81
C VAL F 40 -8.41 -5.78 2.29
N GLY F 41 -8.95 -4.96 3.17
CA GLY F 41 -8.95 -5.30 4.58
C GLY F 41 -9.68 -6.61 4.77
N LEU F 42 -10.80 -6.78 4.09
CA LEU F 42 -11.62 -7.97 4.24
C LEU F 42 -10.98 -9.24 3.68
N ILE F 43 -10.29 -9.11 2.56
CA ILE F 43 -9.53 -10.24 2.02
C ILE F 43 -8.58 -10.69 3.12
N ILE F 44 -7.81 -9.75 3.66
CA ILE F 44 -6.83 -10.00 4.71
C ILE F 44 -7.39 -10.79 5.91
N ILE F 45 -8.49 -10.34 6.50
CA ILE F 45 -9.01 -11.06 7.66
C ILE F 45 -9.65 -12.39 7.29
N LEU F 46 -9.92 -12.60 6.01
CA LEU F 46 -10.41 -13.90 5.60
C LEU F 46 -9.32 -14.66 4.84
N SER F 47 -8.46 -15.37 5.58
CA SER F 47 -7.30 -16.03 4.96
C SER F 47 -7.59 -17.44 4.44
N LYS F 48 -8.79 -17.95 4.69
CA LYS F 48 -9.18 -19.29 4.24
C LYS F 48 -8.24 -20.34 4.82
#